data_3SEZ
#
_entry.id   3SEZ
#
_cell.length_a   178.407
_cell.length_b   178.407
_cell.length_c   216.303
_cell.angle_alpha   90.00
_cell.angle_beta   90.00
_cell.angle_gamma   90.00
#
_symmetry.space_group_name_H-M   'P 41 21 2'
#
loop_
_entity.id
_entity.type
_entity.pdbx_description
1 polymer 'Glutamine-dependent NAD(+) synthetase'
2 non-polymer "ADENOSINE-5'-TRIPHOSPHATE"
3 non-polymer 'NICOTINIC ACID ADENINE DINUCLEOTIDE'
4 water water
#
_entity_poly.entity_id   1
_entity_poly.type   'polypeptide(L)'
_entity_poly.pdbx_seq_one_letter_code
;SMNFYSAYQHGFVRVAACTHHTTIGDPAANAASVLDMARACHDDGAALAVFPELTLSGYSIEDVLLQDSLLDAVEDALLD
LVTESADLLPVLVVGAPLRHRHRIYNTAVVIHRGAVLGVVPKSYLPTYREFYERRQMAPGDGERGTIRIGGADVAFGTDL
LFAASDLPGFVLHVEIAEDMFVPMPPSAEAALAGATVLANLSGSPITIGRAEDRRLLARSASARCLAAYVYAAAGEGEST
TDLAWDGQTMIWENGALLAESERFPKGVRRSVADVDTELLRSERLRMGTFDDNRRHHRELTESFRRIDFALDPPAGDIGL
LREVERFPFVPADPQRLQQDCYEAYNIQVSGLEQRLRALDYPKVVIGVSGGLDSTHALIVATHAMDREGRPRSDILAFAL
PGFATGEHTKNNAIKLARALGVTFSEIDIGDTARLMLHTIGHPYSVGEKVYDVTFENVQAGLRTDYLFRIANQRGGIVLG
TGDLSELALGWSTYGVGDQMSHYNVNAGVPKTLIQHLIRWVISAGEFGEKVGEVLQSVLDTEITPELIPTGEEELQSSEA
KVGPFALQDFSLFQVLRYGFRPSKIAFLAWHAWNDAERGNWPPGFPKSERPSYSLAEIRHWLQIFVQRFYSFSQFKRSAL
PNGPKVSHGGALSPRGDWRAPSDMSARIWLDQIDREVPKG
;
_entity_poly.pdbx_strand_id   A,B,C,D
#
# COMPACT_ATOMS: atom_id res chain seq x y z
N MET A 2 -32.50 6.93 40.01
CA MET A 2 -31.35 7.79 40.38
C MET A 2 -31.65 8.79 41.53
N ASN A 3 -30.68 9.64 41.82
CA ASN A 3 -30.74 10.56 42.96
C ASN A 3 -30.36 11.99 42.47
N PHE A 4 -31.41 12.67 41.98
CA PHE A 4 -31.32 13.87 41.13
C PHE A 4 -30.73 15.13 41.77
N TYR A 5 -30.81 15.24 43.09
CA TYR A 5 -30.32 16.45 43.73
C TYR A 5 -28.86 16.38 44.18
N SER A 6 -28.17 15.30 43.77
CA SER A 6 -26.78 15.06 44.10
C SER A 6 -25.79 15.64 43.09
N ALA A 7 -24.96 16.57 43.51
CA ALA A 7 -23.98 17.17 42.60
C ALA A 7 -23.00 16.16 42.01
N TYR A 8 -22.72 15.09 42.74
CA TYR A 8 -21.77 14.10 42.25
C TYR A 8 -22.38 13.29 41.12
N GLN A 9 -23.65 12.96 41.27
CA GLN A 9 -24.35 12.25 40.22
C GLN A 9 -24.58 13.07 38.97
N HIS A 10 -24.34 14.37 39.03
CA HIS A 10 -24.39 15.20 37.82
C HIS A 10 -23.02 15.58 37.26
N GLY A 11 -21.93 14.96 37.75
CA GLY A 11 -20.62 15.16 37.15
C GLY A 11 -19.75 16.23 37.82
N PHE A 12 -20.20 16.75 38.95
CA PHE A 12 -19.35 17.68 39.70
C PHE A 12 -18.45 16.91 40.60
N VAL A 13 -17.28 17.49 40.87
CA VAL A 13 -16.37 17.03 41.92
C VAL A 13 -16.03 18.26 42.80
N ARG A 14 -16.20 18.08 44.12
CA ARG A 14 -16.00 19.17 45.10
C ARG A 14 -14.55 19.26 45.56
N VAL A 15 -13.92 20.40 45.29
CA VAL A 15 -12.51 20.59 45.64
C VAL A 15 -12.28 21.74 46.64
N ALA A 16 -11.19 21.63 47.42
CA ALA A 16 -10.87 22.62 48.46
C ALA A 16 -9.42 23.07 48.39
N ALA A 17 -9.20 24.38 48.46
CA ALA A 17 -7.86 24.89 48.63
C ALA A 17 -7.77 25.51 50.01
N CYS A 18 -6.95 24.92 50.86
CA CYS A 18 -6.88 25.32 52.26
C CYS A 18 -5.62 26.11 52.63
N THR A 19 -5.76 27.11 53.48
CA THR A 19 -4.58 27.74 54.08
C THR A 19 -4.65 27.54 55.58
N HIS A 20 -3.70 26.79 56.13
CA HIS A 20 -3.70 26.43 57.56
C HIS A 20 -2.88 27.43 58.35
N HIS A 21 -2.77 27.15 59.65
CA HIS A 21 -1.92 27.95 60.51
C HIS A 21 -0.52 27.31 60.59
N THR A 22 0.47 27.98 60.01
CA THR A 22 1.82 27.53 60.12
C THR A 22 2.39 27.71 61.52
N THR A 23 3.01 26.65 62.04
CA THR A 23 3.91 26.77 63.18
C THR A 23 5.28 26.34 62.71
N ILE A 24 6.12 27.29 62.31
CA ILE A 24 7.38 26.91 61.68
C ILE A 24 8.18 26.01 62.59
N GLY A 25 8.80 24.97 62.03
CA GLY A 25 9.61 24.08 62.82
C GLY A 25 8.88 23.13 63.75
N ASP A 26 7.58 23.02 63.61
CA ASP A 26 6.79 22.18 64.51
C ASP A 26 5.74 21.33 63.76
N PRO A 27 6.18 20.23 63.13
CA PRO A 27 5.33 19.44 62.25
C PRO A 27 4.09 18.89 62.95
N ALA A 28 4.18 18.49 64.21
CA ALA A 28 3.01 17.94 64.88
C ALA A 28 1.92 18.99 64.86
N ALA A 29 2.33 20.24 65.07
CA ALA A 29 1.34 21.33 65.16
C ALA A 29 0.73 21.56 63.79
N ASN A 30 1.57 21.63 62.77
CA ASN A 30 1.08 21.81 61.42
C ASN A 30 0.13 20.68 61.02
N ALA A 31 0.49 19.45 61.39
CA ALA A 31 -0.36 18.30 61.07
C ALA A 31 -1.71 18.37 61.79
N ALA A 32 -1.71 18.78 63.05
CA ALA A 32 -2.97 18.97 63.77
C ALA A 32 -3.86 20.01 63.08
N SER A 33 -3.26 21.06 62.52
CA SER A 33 -4.05 22.06 61.83
C SER A 33 -4.57 21.46 60.55
N VAL A 34 -3.68 20.78 59.82
CA VAL A 34 -4.09 20.14 58.58
C VAL A 34 -5.22 19.14 58.83
N LEU A 35 -5.12 18.35 59.90
CA LEU A 35 -6.09 17.30 60.17
C LEU A 35 -7.44 17.92 60.42
N ASP A 36 -7.42 19.05 61.10
CA ASP A 36 -8.64 19.72 61.46
C ASP A 36 -9.35 20.32 60.24
N MET A 37 -8.60 21.01 59.39
CA MET A 37 -9.12 21.45 58.11
C MET A 37 -9.58 20.28 57.21
N ALA A 38 -8.83 19.16 57.20
CA ALA A 38 -9.28 18.05 56.35
C ALA A 38 -10.60 17.48 56.83
N ARG A 39 -10.80 17.46 58.15
CA ARG A 39 -12.07 16.97 58.65
C ARG A 39 -13.24 17.88 58.23
N ALA A 40 -12.96 19.17 58.12
CA ALA A 40 -13.98 20.12 57.69
C ALA A 40 -14.31 19.81 56.26
N CYS A 41 -13.27 19.56 55.47
CA CYS A 41 -13.45 19.25 54.05
C CYS A 41 -14.26 17.96 53.88
N HIS A 42 -13.92 16.96 54.68
CA HIS A 42 -14.72 15.76 54.75
C HIS A 42 -16.19 16.04 55.00
N ASP A 43 -16.46 16.80 56.06
CA ASP A 43 -17.82 17.20 56.40
C ASP A 43 -18.53 17.88 55.23
N ASP A 44 -17.78 18.61 54.42
CA ASP A 44 -18.32 19.34 53.27
C ASP A 44 -18.50 18.45 52.04
N GLY A 45 -18.10 17.18 52.15
CA GLY A 45 -18.14 16.25 51.03
C GLY A 45 -17.09 16.52 49.95
N ALA A 46 -16.04 17.25 50.30
CA ALA A 46 -14.96 17.51 49.35
C ALA A 46 -14.20 16.23 48.91
N ALA A 47 -13.78 16.23 47.66
CA ALA A 47 -13.07 15.09 47.13
C ALA A 47 -11.57 15.35 47.18
N LEU A 48 -11.19 16.60 47.40
CA LEU A 48 -9.81 17.04 47.28
C LEU A 48 -9.57 18.22 48.23
N ALA A 49 -8.41 18.20 48.88
CA ALA A 49 -8.01 19.31 49.75
C ALA A 49 -6.53 19.57 49.54
N VAL A 50 -6.21 20.73 48.97
CA VAL A 50 -4.83 21.13 48.70
C VAL A 50 -4.29 22.12 49.76
N PHE A 51 -3.10 21.85 50.32
CA PHE A 51 -2.55 22.75 51.34
C PHE A 51 -1.36 23.55 50.86
N PRO A 52 -0.80 24.42 51.70
CA PRO A 52 0.32 25.20 51.15
C PRO A 52 1.63 24.45 51.03
N GLU A 53 2.52 25.00 50.22
CA GLU A 53 3.87 24.43 50.01
C GLU A 53 4.56 24.08 51.35
N LEU A 54 5.23 22.94 51.44
CA LEU A 54 5.96 22.61 52.66
C LEU A 54 5.13 22.68 53.95
N THR A 55 3.84 22.39 53.81
CA THR A 55 2.91 22.40 54.93
C THR A 55 3.43 21.94 56.27
N LEU A 56 4.16 20.83 56.25
CA LEU A 56 4.44 20.12 57.48
C LEU A 56 5.63 20.72 58.24
N SER A 57 6.38 21.57 57.57
CA SER A 57 7.59 22.10 58.19
C SER A 57 7.49 23.61 58.28
N GLY A 58 6.72 24.19 57.37
CA GLY A 58 6.77 25.62 57.16
C GLY A 58 7.76 25.89 56.05
N TYR A 59 7.37 26.71 55.09
CA TYR A 59 8.17 26.92 53.91
C TYR A 59 9.35 27.79 54.19
N SER A 60 9.19 28.65 55.17
CA SER A 60 10.15 29.73 55.38
C SER A 60 11.33 29.40 56.32
N ILE A 61 11.44 28.17 56.81
CA ILE A 61 12.43 27.90 57.83
C ILE A 61 13.90 27.73 57.35
N GLU A 62 14.16 27.91 56.06
CA GLU A 62 15.56 27.93 55.55
C GLU A 62 16.47 26.76 56.02
N ASP A 63 17.68 27.03 56.52
CA ASP A 63 18.58 25.92 56.86
C ASP A 63 18.05 25.02 57.96
N VAL A 64 16.99 25.44 58.63
CA VAL A 64 16.34 24.52 59.57
C VAL A 64 15.75 23.28 58.85
N LEU A 65 15.54 23.40 57.54
CA LEU A 65 15.08 22.25 56.73
C LEU A 65 16.06 21.09 56.77
N LEU A 66 17.35 21.43 56.89
CA LEU A 66 18.45 20.45 56.93
C LEU A 66 18.73 19.81 58.29
N GLN A 67 17.93 20.11 59.30
CA GLN A 67 18.17 19.56 60.63
C GLN A 67 17.52 18.21 60.81
N ASP A 68 18.30 17.24 61.26
CA ASP A 68 17.78 15.89 61.42
C ASP A 68 16.48 15.83 62.21
N SER A 69 16.38 16.61 63.28
CA SER A 69 15.23 16.49 64.15
C SER A 69 13.98 17.03 63.48
N LEU A 70 14.18 18.00 62.60
CA LEU A 70 13.08 18.60 61.86
C LEU A 70 12.57 17.58 60.83
N LEU A 71 13.50 17.00 60.06
CA LEU A 71 13.14 15.99 59.08
C LEU A 71 12.51 14.77 59.72
N ASP A 72 13.04 14.32 60.87
CA ASP A 72 12.47 13.15 61.55
C ASP A 72 11.04 13.47 62.01
N ALA A 73 10.83 14.68 62.53
CA ALA A 73 9.51 15.05 63.01
C ALA A 73 8.48 15.15 61.89
N VAL A 74 8.91 15.73 60.75
CA VAL A 74 8.09 15.74 59.53
C VAL A 74 7.63 14.31 59.16
N GLU A 75 8.57 13.38 59.05
CA GLU A 75 8.13 11.98 58.77
C GLU A 75 7.11 11.48 59.78
N ASP A 76 7.36 11.64 61.06
CA ASP A 76 6.46 11.11 62.08
C ASP A 76 5.07 11.67 61.88
N ALA A 77 5.01 12.94 61.50
CA ALA A 77 3.74 13.66 61.43
C ALA A 77 2.95 13.20 60.18
N LEU A 78 3.67 13.07 59.07
CA LEU A 78 3.11 12.49 57.86
C LEU A 78 2.44 11.17 58.13
N LEU A 79 3.10 10.28 58.84
CA LEU A 79 2.55 8.96 59.05
C LEU A 79 1.27 9.02 59.88
N ASP A 80 1.17 9.97 60.81
CA ASP A 80 -0.07 10.16 61.58
C ASP A 80 -1.22 10.68 60.70
N LEU A 81 -0.92 11.66 59.86
CA LEU A 81 -1.90 12.12 58.88
C LEU A 81 -2.42 10.94 58.09
N VAL A 82 -1.50 10.19 57.49
CA VAL A 82 -1.89 9.10 56.63
C VAL A 82 -2.83 8.18 57.40
N THR A 83 -2.47 7.88 58.63
CA THR A 83 -3.31 6.99 59.43
C THR A 83 -4.69 7.60 59.71
N GLU A 84 -4.71 8.88 60.12
CA GLU A 84 -5.99 9.65 60.27
C GLU A 84 -6.82 9.67 58.97
N SER A 85 -6.12 9.68 57.85
CA SER A 85 -6.78 9.78 56.57
C SER A 85 -7.61 8.55 56.20
N ALA A 86 -7.56 7.49 57.00
CA ALA A 86 -8.32 6.29 56.67
C ALA A 86 -9.79 6.58 56.79
N ASP A 87 -10.11 7.60 57.58
CA ASP A 87 -11.50 7.92 57.85
C ASP A 87 -11.99 9.19 57.14
N LEU A 88 -11.17 9.70 56.22
CA LEU A 88 -11.47 10.97 55.56
C LEU A 88 -11.83 10.77 54.12
N LEU A 89 -12.86 11.47 53.65
CA LEU A 89 -13.31 11.29 52.27
C LEU A 89 -12.30 11.76 51.22
N PRO A 90 -11.77 12.97 51.38
CA PRO A 90 -10.97 13.59 50.32
C PRO A 90 -9.57 13.09 50.22
N VAL A 91 -9.03 13.22 49.02
CA VAL A 91 -7.62 13.09 48.75
C VAL A 91 -6.99 14.37 49.34
N LEU A 92 -6.02 14.21 50.24
CA LEU A 92 -5.30 15.33 50.84
C LEU A 92 -3.99 15.45 50.10
N VAL A 93 -3.66 16.67 49.71
CA VAL A 93 -2.38 16.95 49.11
C VAL A 93 -1.61 17.87 50.07
N VAL A 94 -0.63 17.29 50.78
CA VAL A 94 0.09 18.05 51.82
C VAL A 94 1.59 18.10 51.60
N GLY A 95 2.15 19.29 51.81
CA GLY A 95 3.55 19.57 51.53
C GLY A 95 4.48 19.10 52.65
N ALA A 96 5.68 18.67 52.28
CA ALA A 96 6.63 18.11 53.22
C ALA A 96 8.01 18.07 52.58
N PRO A 97 9.04 18.45 53.34
CA PRO A 97 10.42 18.29 52.88
C PRO A 97 10.79 16.83 53.14
N LEU A 98 11.19 16.08 52.11
CA LEU A 98 11.40 14.65 52.31
C LEU A 98 12.76 14.15 51.81
N ARG A 99 13.35 13.21 52.54
CA ARG A 99 14.63 12.63 52.15
C ARG A 99 14.41 11.58 51.07
N HIS A 100 15.18 11.71 49.98
CA HIS A 100 15.24 10.69 48.96
C HIS A 100 16.64 10.60 48.30
N ARG A 101 17.17 9.38 48.16
CA ARG A 101 18.57 9.21 47.74
C ARG A 101 19.55 10.08 48.55
N HIS A 102 20.06 11.17 47.95
CA HIS A 102 21.11 12.01 48.53
C HIS A 102 20.57 13.27 49.23
N ARG A 103 19.36 13.70 48.87
CA ARG A 103 18.92 15.03 49.29
C ARG A 103 17.53 15.13 49.91
N ILE A 104 17.11 16.34 50.21
CA ILE A 104 15.70 16.51 50.53
C ILE A 104 15.05 17.17 49.36
N TYR A 105 13.85 16.70 49.05
CA TYR A 105 13.09 17.26 47.95
C TYR A 105 11.95 18.06 48.55
N ASN A 106 11.52 19.09 47.84
CA ASN A 106 10.36 19.87 48.22
C ASN A 106 9.16 19.14 47.65
N THR A 107 8.43 18.43 48.49
CA THR A 107 7.40 17.55 47.93
C THR A 107 5.96 17.86 48.30
N ALA A 108 5.07 17.29 47.50
CA ALA A 108 3.67 17.26 47.86
C ALA A 108 3.31 15.79 48.02
N VAL A 109 2.73 15.44 49.17
CA VAL A 109 2.39 14.05 49.45
C VAL A 109 0.88 13.79 49.23
N VAL A 110 0.54 13.01 48.20
CA VAL A 110 -0.86 12.76 47.86
C VAL A 110 -1.36 11.60 48.72
N ILE A 111 -2.36 11.89 49.54
CA ILE A 111 -2.74 10.96 50.61
C ILE A 111 -4.20 10.63 50.50
N HIS A 112 -4.54 9.34 50.55
CA HIS A 112 -5.94 8.94 50.40
C HIS A 112 -6.33 7.68 51.16
N ARG A 113 -7.37 7.80 51.98
CA ARG A 113 -7.97 6.68 52.69
C ARG A 113 -6.93 5.72 53.27
N GLY A 114 -5.95 6.28 53.98
CA GLY A 114 -5.00 5.46 54.70
C GLY A 114 -3.71 5.05 53.97
N ALA A 115 -3.54 5.50 52.73
CA ALA A 115 -2.33 5.20 51.97
C ALA A 115 -1.77 6.43 51.31
N VAL A 116 -0.48 6.38 50.95
CA VAL A 116 0.13 7.43 50.17
C VAL A 116 0.06 6.98 48.72
N LEU A 117 -0.49 7.82 47.87
CA LEU A 117 -0.77 7.45 46.49
C LEU A 117 0.45 7.76 45.64
N GLY A 118 1.21 8.76 46.09
CA GLY A 118 2.29 9.28 45.29
C GLY A 118 2.95 10.42 46.03
N VAL A 119 4.17 10.74 45.67
CA VAL A 119 4.89 11.85 46.21
C VAL A 119 5.47 12.61 45.04
N VAL A 120 5.20 13.90 44.98
CA VAL A 120 5.57 14.72 43.83
C VAL A 120 6.53 15.83 44.21
N PRO A 121 7.72 15.82 43.62
CA PRO A 121 8.71 16.84 43.98
C PRO A 121 8.54 18.12 43.16
N LYS A 122 8.79 19.27 43.75
CA LYS A 122 8.79 20.51 42.99
C LYS A 122 9.82 20.34 41.86
N SER A 123 9.59 20.93 40.71
CA SER A 123 10.51 20.73 39.60
C SER A 123 11.47 21.87 39.48
N TYR A 124 11.01 23.09 39.74
CA TYR A 124 11.87 24.22 39.56
C TYR A 124 12.00 24.99 40.84
N LEU A 125 13.22 25.05 41.36
CA LEU A 125 13.54 25.66 42.66
C LEU A 125 14.18 27.04 42.51
N PRO A 126 13.41 28.10 42.78
CA PRO A 126 13.94 29.46 42.59
C PRO A 126 15.06 29.80 43.52
N THR A 127 16.12 30.34 42.95
CA THR A 127 17.28 30.77 43.69
C THR A 127 17.66 32.10 43.11
N TYR A 128 16.92 33.10 43.55
CA TYR A 128 17.00 34.48 43.03
C TYR A 128 16.11 35.37 43.90
N ARG A 129 16.37 36.69 43.85
CA ARG A 129 15.72 37.65 44.78
C ARG A 129 15.52 37.10 46.19
N GLU A 130 14.27 36.93 46.61
CA GLU A 130 14.05 36.46 48.01
C GLU A 130 14.10 34.93 48.17
N PHE A 131 14.39 34.22 47.08
CA PHE A 131 14.34 32.76 47.09
C PHE A 131 15.72 32.07 47.12
N TYR A 132 15.88 31.14 48.06
CA TYR A 132 17.12 30.40 48.19
C TYR A 132 16.96 28.87 48.10
N GLU A 133 15.94 28.41 47.39
CA GLU A 133 15.49 26.98 47.54
C GLU A 133 16.53 25.92 47.12
N ARG A 134 17.34 26.22 46.11
CA ARG A 134 18.41 25.30 45.73
C ARG A 134 19.43 25.00 46.86
N ARG A 135 19.66 25.96 47.75
CA ARG A 135 20.56 25.75 48.87
C ARG A 135 20.18 24.56 49.73
N GLN A 136 18.90 24.41 50.07
CA GLN A 136 18.48 23.28 50.89
C GLN A 136 17.86 22.08 50.13
N MET A 137 17.40 22.30 48.92
CA MET A 137 16.55 21.27 48.34
C MET A 137 16.93 20.94 46.91
N ALA A 138 16.76 19.67 46.54
CA ALA A 138 17.03 19.24 45.15
C ALA A 138 15.84 19.47 44.21
N PRO A 139 16.13 19.83 42.96
CA PRO A 139 15.13 19.82 41.88
C PRO A 139 14.53 18.42 41.66
N GLY A 140 13.23 18.37 41.37
CA GLY A 140 12.48 17.14 41.07
C GLY A 140 12.39 16.80 39.59
N ASP A 141 12.75 17.73 38.70
CA ASP A 141 12.46 17.49 37.28
C ASP A 141 13.15 16.25 36.74
N GLY A 142 12.38 15.32 36.22
CA GLY A 142 12.97 14.08 35.74
C GLY A 142 13.32 12.99 36.76
N GLU A 143 12.91 13.19 38.02
CA GLU A 143 12.92 12.06 39.01
C GLU A 143 11.73 11.14 38.74
N ARG A 144 12.00 9.84 38.84
CA ARG A 144 11.01 8.81 38.65
C ARG A 144 11.20 7.74 39.69
N GLY A 145 10.59 6.61 39.50
CA GLY A 145 10.81 5.57 40.47
C GLY A 145 9.90 5.63 41.65
N THR A 146 10.39 5.07 42.75
CA THR A 146 9.61 5.10 43.97
C THR A 146 10.38 5.71 45.12
N ILE A 147 9.67 5.92 46.23
CA ILE A 147 10.29 6.43 47.46
C ILE A 147 9.68 5.66 48.62
N ARG A 148 10.41 5.61 49.73
CA ARG A 148 9.98 4.79 50.85
C ARG A 148 9.35 5.67 51.90
N ILE A 149 8.06 5.46 52.15
CA ILE A 149 7.36 6.23 53.17
C ILE A 149 6.63 5.22 54.03
N GLY A 150 7.00 5.16 55.31
CA GLY A 150 6.35 4.24 56.21
C GLY A 150 6.20 2.83 55.67
N GLY A 151 7.34 2.18 55.42
CA GLY A 151 7.30 0.80 54.98
C GLY A 151 6.52 0.48 53.72
N ALA A 152 6.28 1.47 52.87
CA ALA A 152 5.76 1.20 51.54
C ALA A 152 6.59 1.89 50.46
N ASP A 153 6.63 1.30 49.27
CA ASP A 153 7.31 1.96 48.17
C ASP A 153 6.23 2.62 47.36
N VAL A 154 6.28 3.94 47.24
CA VAL A 154 5.23 4.62 46.51
C VAL A 154 5.82 5.44 45.38
N ALA A 155 5.03 5.59 44.33
CA ALA A 155 5.42 6.36 43.18
C ALA A 155 5.97 7.72 43.53
N PHE A 156 7.01 8.10 42.81
CA PHE A 156 7.74 9.33 43.09
C PHE A 156 8.08 9.97 41.77
N GLY A 157 7.76 11.24 41.60
CA GLY A 157 8.24 11.93 40.42
C GLY A 157 7.28 12.95 39.87
N THR A 158 7.71 13.61 38.80
CA THR A 158 6.98 14.70 38.21
C THR A 158 5.86 14.25 37.27
N ASP A 159 5.95 12.99 36.84
CA ASP A 159 5.07 12.35 35.85
C ASP A 159 3.89 11.57 36.43
N LEU A 160 3.29 12.02 37.53
CA LEU A 160 2.19 11.24 38.11
C LEU A 160 0.76 11.81 37.86
N LEU A 161 -0.21 10.91 37.70
CA LEU A 161 -1.61 11.26 37.56
C LEU A 161 -2.41 10.40 38.51
N PHE A 162 -3.32 11.02 39.24
CA PHE A 162 -4.15 10.30 40.18
C PHE A 162 -5.58 10.29 39.70
N ALA A 163 -6.08 9.11 39.35
CA ALA A 163 -7.35 9.00 38.65
C ALA A 163 -8.37 8.29 39.49
N ALA A 164 -9.53 8.94 39.62
CA ALA A 164 -10.62 8.34 40.36
C ALA A 164 -11.28 7.33 39.45
N SER A 165 -11.27 6.09 39.89
CA SER A 165 -11.72 4.97 39.10
C SER A 165 -13.24 4.96 39.00
N ASP A 166 -13.91 5.60 39.96
CA ASP A 166 -15.36 5.71 39.96
C ASP A 166 -15.82 7.12 39.65
N LEU A 167 -14.97 7.90 38.98
CA LEU A 167 -15.27 9.30 38.74
C LEU A 167 -14.28 9.83 37.72
N PRO A 168 -14.38 9.35 36.52
CA PRO A 168 -13.39 9.44 35.44
C PRO A 168 -13.15 10.86 34.96
N GLY A 169 -14.00 11.78 35.36
CA GLY A 169 -13.81 13.17 34.99
C GLY A 169 -12.76 13.82 35.86
N PHE A 170 -12.41 13.13 36.94
CA PHE A 170 -11.52 13.62 37.97
C PHE A 170 -10.15 12.93 37.81
N VAL A 171 -9.22 13.62 37.17
CA VAL A 171 -7.87 13.11 37.05
C VAL A 171 -6.96 14.21 37.52
N LEU A 172 -6.34 13.99 38.69
CA LEU A 172 -5.52 14.95 39.43
C LEU A 172 -4.03 14.95 39.06
N HIS A 173 -3.48 16.12 38.85
CA HIS A 173 -2.04 16.33 38.70
C HIS A 173 -1.68 17.33 39.80
N VAL A 174 -0.49 17.17 40.37
CA VAL A 174 0.06 18.16 41.30
C VAL A 174 1.39 18.81 40.85
N GLU A 175 1.48 20.12 41.00
CA GLU A 175 2.79 20.83 40.86
C GLU A 175 2.99 21.79 42.03
N ILE A 176 4.09 22.53 42.03
CA ILE A 176 4.39 23.30 43.22
C ILE A 176 4.89 24.67 42.88
N ALA A 177 4.12 25.65 43.33
CA ALA A 177 4.55 27.04 43.31
C ALA A 177 5.20 27.44 42.00
N GLU A 178 6.52 27.67 42.02
CA GLU A 178 7.32 28.08 40.83
C GLU A 178 7.00 27.24 39.59
N ASP A 179 6.61 25.98 39.79
CA ASP A 179 6.33 25.10 38.64
C ASP A 179 5.40 25.75 37.60
N MET A 180 4.44 26.56 38.04
CA MET A 180 3.45 27.11 37.11
C MET A 180 3.85 28.40 36.43
N PHE A 181 5.06 28.87 36.75
CA PHE A 181 5.55 30.15 36.27
C PHE A 181 6.56 30.01 35.13
N VAL A 182 6.93 28.79 34.77
CA VAL A 182 7.95 28.65 33.73
C VAL A 182 7.32 28.50 32.37
N PRO A 183 8.03 28.85 31.31
CA PRO A 183 7.40 28.73 29.98
C PRO A 183 6.62 27.38 29.72
N MET A 184 7.19 26.26 30.12
CA MET A 184 6.57 24.97 29.91
C MET A 184 6.35 24.24 31.23
N PRO A 185 5.25 24.51 31.88
CA PRO A 185 5.03 23.96 33.24
C PRO A 185 4.70 22.50 33.15
N PRO A 186 5.07 21.72 34.17
CA PRO A 186 4.68 20.31 34.29
C PRO A 186 3.17 20.14 34.14
N SER A 187 2.37 21.09 34.67
CA SER A 187 0.91 20.95 34.60
C SER A 187 0.37 20.92 33.14
N ALA A 188 0.98 21.66 32.24
CA ALA A 188 0.53 21.68 30.86
C ALA A 188 0.72 20.33 30.12
N GLU A 189 1.85 19.66 30.35
CA GLU A 189 2.03 18.27 29.84
C GLU A 189 1.05 17.34 30.52
N ALA A 190 0.82 17.52 31.81
CA ALA A 190 -0.14 16.70 32.50
C ALA A 190 -1.58 16.80 31.95
N ALA A 191 -2.02 18.01 31.64
CA ALA A 191 -3.39 18.14 31.17
C ALA A 191 -3.52 17.43 29.83
N LEU A 192 -2.54 17.61 28.95
CA LEU A 192 -2.47 16.87 27.69
C LEU A 192 -2.53 15.38 27.92
N ALA A 193 -2.04 14.91 29.05
CA ALA A 193 -1.94 13.48 29.28
C ALA A 193 -3.20 12.95 29.91
N GLY A 194 -4.02 13.87 30.36
CA GLY A 194 -5.32 13.50 30.89
C GLY A 194 -5.74 14.14 32.20
N ALA A 195 -4.86 14.93 32.79
CA ALA A 195 -5.18 15.57 34.04
C ALA A 195 -6.27 16.59 33.76
N THR A 196 -7.31 16.62 34.61
CA THR A 196 -8.41 17.58 34.50
C THR A 196 -8.46 18.59 35.65
N VAL A 197 -8.03 18.15 36.83
CA VAL A 197 -7.86 19.01 38.00
C VAL A 197 -6.39 19.21 38.34
N LEU A 198 -5.90 20.44 38.22
CA LEU A 198 -4.50 20.73 38.43
C LEU A 198 -4.27 21.41 39.78
N ALA A 199 -3.63 20.72 40.72
CA ALA A 199 -3.28 21.31 42.04
C ALA A 199 -1.93 22.03 42.14
N ASN A 200 -1.89 23.11 42.92
CA ASN A 200 -0.65 23.84 43.13
C ASN A 200 -0.52 24.20 44.59
N LEU A 201 0.51 23.64 45.25
CA LEU A 201 0.79 24.07 46.60
C LEU A 201 1.89 25.14 46.53
N SER A 202 1.64 26.26 47.23
CA SER A 202 2.47 27.45 47.14
C SER A 202 2.87 28.01 48.52
N GLY A 203 4.04 28.62 48.59
CA GLY A 203 4.46 29.32 49.78
C GLY A 203 4.18 30.77 49.47
N SER A 204 5.01 31.31 48.58
CA SER A 204 4.70 32.54 47.90
C SER A 204 4.65 33.71 48.83
N PRO A 205 5.82 34.11 49.33
CA PRO A 205 5.85 35.33 50.12
C PRO A 205 5.11 36.45 49.33
N ILE A 206 4.35 37.29 50.03
CA ILE A 206 3.51 38.27 49.36
C ILE A 206 4.24 39.57 49.15
N THR A 207 3.85 40.26 48.09
CA THR A 207 4.56 41.43 47.62
C THR A 207 3.56 42.24 46.80
N ILE A 208 3.82 43.53 46.69
CA ILE A 208 2.93 44.37 45.90
C ILE A 208 2.83 43.79 44.49
N GLY A 209 1.58 43.58 44.06
CA GLY A 209 1.32 43.05 42.73
C GLY A 209 1.49 41.55 42.54
N ARG A 210 1.89 40.84 43.57
CA ARG A 210 2.12 39.41 43.40
C ARG A 210 0.84 38.57 43.27
N ALA A 211 -0.22 39.00 43.95
CA ALA A 211 -1.50 38.29 43.88
C ALA A 211 -2.03 38.32 42.44
N GLU A 212 -1.79 39.44 41.75
CA GLU A 212 -2.11 39.54 40.32
C GLU A 212 -1.34 38.51 39.51
N ASP A 213 -0.03 38.39 39.71
CA ASP A 213 0.79 37.40 39.04
C ASP A 213 0.22 36.03 39.27
N ARG A 214 -0.03 35.70 40.53
CA ARG A 214 -0.56 34.38 40.83
C ARG A 214 -1.81 34.16 40.03
N ARG A 215 -2.71 35.15 40.02
CA ARG A 215 -3.96 34.98 39.26
C ARG A 215 -3.78 34.87 37.76
N LEU A 216 -2.91 35.70 37.20
CA LEU A 216 -2.66 35.70 35.77
C LEU A 216 -2.29 34.29 35.31
N LEU A 217 -1.37 33.67 36.05
CA LEU A 217 -0.90 32.35 35.70
C LEU A 217 -1.83 31.21 36.08
N ALA A 218 -2.53 31.29 37.21
CA ALA A 218 -3.45 30.22 37.57
C ALA A 218 -4.65 30.26 36.58
N ARG A 219 -5.05 31.46 36.24
CA ARG A 219 -6.20 31.62 35.38
C ARG A 219 -5.84 31.20 33.97
N SER A 220 -4.76 31.74 33.43
CA SER A 220 -4.39 31.34 32.07
C SER A 220 -4.16 29.84 31.98
N ALA A 221 -3.60 29.22 33.04
CA ALA A 221 -3.38 27.76 33.02
C ALA A 221 -4.71 27.02 32.90
N SER A 222 -5.69 27.45 33.70
CA SER A 222 -6.96 26.76 33.73
C SER A 222 -7.63 26.91 32.37
N ALA A 223 -7.34 28.01 31.68
CA ALA A 223 -7.96 28.32 30.38
C ALA A 223 -7.26 27.55 29.26
N ARG A 224 -5.94 27.69 29.16
CA ARG A 224 -5.17 27.03 28.13
C ARG A 224 -5.19 25.51 28.29
N CYS A 225 -5.41 25.02 29.49
CA CYS A 225 -5.35 23.57 29.70
C CYS A 225 -6.71 22.95 29.89
N LEU A 226 -7.76 23.76 29.69
CA LEU A 226 -9.12 23.28 29.82
C LEU A 226 -9.29 22.51 31.12
N ALA A 227 -8.90 23.12 32.22
CA ALA A 227 -8.92 22.42 33.49
C ALA A 227 -9.37 23.32 34.64
N ALA A 228 -9.60 22.65 35.78
CA ALA A 228 -9.67 23.29 37.09
C ALA A 228 -8.24 23.46 37.58
N TYR A 229 -7.95 24.61 38.18
CA TYR A 229 -6.66 24.88 38.80
C TYR A 229 -6.89 25.26 40.24
N VAL A 230 -6.41 24.44 41.16
CA VAL A 230 -6.68 24.62 42.59
C VAL A 230 -5.43 25.07 43.31
N TYR A 231 -5.47 26.26 43.93
CA TYR A 231 -4.24 26.93 44.44
C TYR A 231 -4.32 27.38 45.90
N ALA A 232 -3.24 27.14 46.65
CA ALA A 232 -3.23 27.36 48.10
C ALA A 232 -1.88 27.91 48.52
N ALA A 233 -1.86 29.12 49.07
CA ALA A 233 -0.62 29.77 49.52
C ALA A 233 -0.49 29.84 51.05
N ALA A 234 0.71 30.05 51.51
CA ALA A 234 0.94 30.01 52.94
C ALA A 234 0.50 31.31 53.58
N GLY A 235 0.09 31.24 54.85
CA GLY A 235 -0.35 32.41 55.56
C GLY A 235 0.30 32.75 56.90
N GLU A 236 -0.53 33.04 57.89
CA GLU A 236 -0.07 33.36 59.26
C GLU A 236 0.72 32.21 59.81
N GLY A 237 1.80 32.52 60.52
CA GLY A 237 2.63 31.51 61.12
C GLY A 237 4.01 31.43 60.50
N GLU A 238 4.06 31.55 59.17
CA GLU A 238 5.34 31.63 58.40
C GLU A 238 6.21 32.76 58.96
N SER A 239 7.54 32.59 58.93
CA SER A 239 8.45 33.56 59.49
C SER A 239 8.41 34.89 58.79
N THR A 240 8.37 35.98 59.55
CA THR A 240 8.48 37.32 58.98
C THR A 240 9.87 37.95 59.22
N THR A 241 10.89 37.12 59.26
CA THR A 241 12.27 37.58 59.24
C THR A 241 12.58 38.49 58.06
N ASP A 242 12.13 38.15 56.85
CA ASP A 242 12.34 39.04 55.71
C ASP A 242 11.14 39.17 54.78
N LEU A 243 10.06 38.48 55.15
CA LEU A 243 8.90 38.33 54.28
C LEU A 243 7.56 38.31 55.03
N ALA A 244 6.49 38.69 54.30
CA ALA A 244 5.12 38.57 54.77
C ALA A 244 4.39 37.63 53.90
N TRP A 245 3.26 37.14 54.41
CA TRP A 245 2.46 36.12 53.75
C TRP A 245 1.00 36.46 53.79
N ASP A 246 0.26 36.13 52.73
CA ASP A 246 -1.15 36.53 52.66
C ASP A 246 -2.22 35.44 52.69
N GLY A 247 -1.83 34.17 52.68
CA GLY A 247 -2.76 33.07 52.86
C GLY A 247 -3.75 32.87 51.72
N GLN A 248 -3.47 33.45 50.55
CA GLN A 248 -4.44 33.41 49.45
C GLN A 248 -4.78 32.01 48.98
N THR A 249 -6.06 31.75 48.77
CA THR A 249 -6.45 30.52 48.10
C THR A 249 -7.47 30.82 47.01
N MET A 250 -7.41 30.05 45.95
CA MET A 250 -8.33 30.24 44.82
C MET A 250 -8.53 28.94 43.99
N ILE A 251 -9.63 28.88 43.28
CA ILE A 251 -9.97 27.73 42.46
C ILE A 251 -10.46 28.26 41.12
N TRP A 252 -9.79 27.88 40.05
CA TRP A 252 -10.17 28.35 38.72
C TRP A 252 -10.75 27.21 37.91
N GLU A 253 -11.57 27.54 36.91
CA GLU A 253 -12.11 26.49 36.00
C GLU A 253 -12.24 27.10 34.63
N ASN A 254 -11.35 26.66 33.76
CA ASN A 254 -11.35 27.09 32.38
C ASN A 254 -11.40 28.62 32.18
N GLY A 255 -10.76 29.33 33.09
CA GLY A 255 -10.61 30.76 32.92
C GLY A 255 -11.49 31.53 33.86
N ALA A 256 -12.32 30.81 34.59
CA ALA A 256 -13.33 31.44 35.47
C ALA A 256 -13.05 31.16 36.92
N LEU A 257 -13.21 32.19 37.75
CA LEU A 257 -13.00 32.05 39.19
C LEU A 257 -14.17 31.36 39.83
N LEU A 258 -13.99 30.17 40.36
CA LEU A 258 -15.06 29.52 41.10
C LEU A 258 -15.13 30.00 42.55
N ALA A 259 -13.99 30.39 43.14
CA ALA A 259 -13.90 30.66 44.58
C ALA A 259 -12.55 31.25 44.90
N GLU A 260 -12.50 32.04 45.95
CA GLU A 260 -11.24 32.52 46.51
C GLU A 260 -11.46 32.92 47.95
N SER A 261 -10.38 33.11 48.68
CA SER A 261 -10.56 33.38 50.08
C SER A 261 -9.97 34.73 50.43
N GLU A 262 -10.27 35.18 51.64
CA GLU A 262 -9.84 36.48 52.12
C GLU A 262 -8.31 36.52 52.20
N ARG A 263 -7.72 37.58 51.66
CA ARG A 263 -6.30 37.81 51.80
C ARG A 263 -5.92 38.37 53.19
N PHE A 264 -4.77 37.96 53.71
CA PHE A 264 -4.32 38.34 55.06
C PHE A 264 -5.38 38.00 56.09
N PRO A 265 -5.90 36.78 56.05
CA PRO A 265 -6.93 36.44 57.02
C PRO A 265 -6.37 36.33 58.43
N LYS A 266 -7.22 36.52 59.42
CA LYS A 266 -6.94 36.08 60.79
C LYS A 266 -7.58 34.70 60.91
N GLY A 267 -6.77 33.68 61.02
CA GLY A 267 -7.31 32.34 61.10
C GLY A 267 -7.21 31.61 59.76
N VAL A 268 -7.59 30.34 59.76
CA VAL A 268 -7.50 29.52 58.57
C VAL A 268 -8.69 29.79 57.64
N ARG A 269 -8.48 29.61 56.35
CA ARG A 269 -9.47 29.86 55.34
C ARG A 269 -9.44 28.72 54.34
N ARG A 270 -10.59 28.48 53.70
CA ARG A 270 -10.74 27.48 52.63
C ARG A 270 -11.49 28.10 51.48
N SER A 271 -11.10 27.76 50.27
CA SER A 271 -11.97 27.98 49.14
C SER A 271 -12.55 26.60 48.82
N VAL A 272 -13.87 26.50 48.75
CA VAL A 272 -14.51 25.26 48.42
C VAL A 272 -15.47 25.46 47.24
N ALA A 273 -15.35 24.66 46.19
CA ALA A 273 -16.21 24.83 45.01
C ALA A 273 -16.54 23.51 44.34
N ASP A 274 -17.67 23.49 43.64
CA ASP A 274 -17.97 22.36 42.79
C ASP A 274 -17.46 22.56 41.37
N VAL A 275 -16.46 21.75 40.98
CA VAL A 275 -15.90 21.72 39.63
C VAL A 275 -16.78 20.87 38.70
N ASP A 276 -17.09 21.42 37.54
CA ASP A 276 -17.97 20.71 36.63
C ASP A 276 -17.09 19.90 35.67
N THR A 277 -16.94 18.60 35.93
CA THR A 277 -16.02 17.82 35.12
C THR A 277 -16.61 17.66 33.70
N GLU A 278 -17.94 17.71 33.60
CA GLU A 278 -18.59 17.59 32.28
C GLU A 278 -18.30 18.79 31.40
N LEU A 279 -18.19 19.96 32.03
CA LEU A 279 -17.85 21.17 31.27
C LEU A 279 -16.45 21.02 30.65
N LEU A 280 -15.48 20.59 31.47
CA LEU A 280 -14.11 20.35 31.03
C LEU A 280 -14.08 19.22 29.98
N ARG A 281 -14.75 18.11 30.30
CA ARG A 281 -14.99 17.08 29.29
C ARG A 281 -15.48 17.69 27.97
N SER A 282 -16.51 18.54 28.01
CA SER A 282 -17.16 18.97 26.77
C SER A 282 -16.26 19.86 25.98
N GLU A 283 -15.51 20.69 26.71
CA GLU A 283 -14.65 21.71 26.02
C GLU A 283 -13.58 20.94 25.24
N ARG A 284 -13.02 19.93 25.89
CA ARG A 284 -12.00 19.07 25.31
C ARG A 284 -12.47 18.23 24.11
N LEU A 285 -13.67 17.64 24.20
CA LEU A 285 -14.29 16.96 23.06
C LEU A 285 -14.33 17.80 21.81
N ARG A 286 -14.43 19.11 21.96
CA ARG A 286 -14.75 19.99 20.86
C ARG A 286 -13.52 20.70 20.32
N MET A 287 -12.59 20.98 21.21
CA MET A 287 -11.38 21.65 20.77
C MET A 287 -10.33 20.59 20.33
N GLY A 288 -10.42 20.14 19.09
CA GLY A 288 -9.51 19.14 18.62
C GLY A 288 -8.05 19.55 18.62
N THR A 289 -7.79 20.84 18.51
CA THR A 289 -6.40 21.26 18.50
C THR A 289 -5.69 20.95 19.84
N PHE A 290 -6.47 20.73 20.89
CA PHE A 290 -5.94 20.33 22.20
C PHE A 290 -5.37 18.91 22.10
N ASP A 291 -6.17 17.94 21.67
CA ASP A 291 -5.66 16.60 21.35
C ASP A 291 -4.51 16.60 20.33
N ASP A 292 -4.61 17.48 19.32
CA ASP A 292 -3.52 17.66 18.34
C ASP A 292 -2.19 17.98 19.03
N ASN A 293 -2.22 18.90 20.00
CA ASN A 293 -1.03 19.27 20.77
C ASN A 293 -0.49 18.04 21.48
N ARG A 294 -1.36 17.33 22.20
CA ARG A 294 -0.97 16.06 22.79
C ARG A 294 -0.24 15.13 21.82
N ARG A 295 -0.85 14.79 20.69
CA ARG A 295 -0.20 13.89 19.73
C ARG A 295 1.17 14.40 19.28
N HIS A 296 1.31 15.71 19.15
CA HIS A 296 2.59 16.28 18.79
C HIS A 296 3.68 16.08 19.89
N HIS A 297 3.27 16.02 21.16
CA HIS A 297 4.12 15.70 22.28
C HIS A 297 3.78 14.31 22.80
N ARG A 298 3.55 13.38 21.88
CA ARG A 298 3.18 12.01 22.26
C ARG A 298 4.08 11.38 23.31
N GLU A 299 5.37 11.40 23.07
CA GLU A 299 6.29 10.64 23.96
C GLU A 299 6.28 11.28 25.33
N LEU A 300 6.47 12.59 25.38
CA LEU A 300 6.25 13.37 26.58
C LEU A 300 4.93 13.04 27.31
N THR A 301 3.84 12.81 26.58
CA THR A 301 2.52 12.67 27.23
C THR A 301 2.08 11.26 27.56
N GLU A 302 2.65 10.26 26.91
CA GLU A 302 2.16 8.90 27.29
C GLU A 302 2.98 8.25 28.40
N SER A 303 4.06 8.91 28.79
CA SER A 303 4.92 8.39 29.80
C SER A 303 4.39 8.60 31.23
N PHE A 304 3.29 9.34 31.38
CA PHE A 304 2.76 9.56 32.73
C PHE A 304 2.30 8.23 33.31
N ARG A 305 2.27 8.15 34.62
CA ARG A 305 1.89 6.93 35.32
C ARG A 305 0.61 7.25 36.02
N ARG A 306 -0.36 6.35 35.91
CA ARG A 306 -1.71 6.61 36.34
C ARG A 306 -1.94 5.80 37.60
N ILE A 307 -2.06 6.49 38.74
CA ILE A 307 -2.37 5.82 40.01
C ILE A 307 -3.87 5.87 40.25
N ASP A 308 -4.48 4.71 40.46
CA ASP A 308 -5.92 4.67 40.66
C ASP A 308 -6.29 4.73 42.12
N PHE A 309 -7.44 5.36 42.37
CA PHE A 309 -8.09 5.32 43.68
C PHE A 309 -9.61 5.39 43.52
N ALA A 310 -10.32 4.90 44.52
CA ALA A 310 -11.76 4.93 44.49
C ALA A 310 -12.21 5.98 45.50
N LEU A 311 -12.82 7.04 44.99
CA LEU A 311 -13.29 8.17 45.80
C LEU A 311 -14.47 7.73 46.68
N ASP A 312 -15.47 7.15 46.03
CA ASP A 312 -16.74 6.75 46.65
C ASP A 312 -17.41 7.97 47.32
N PRO A 313 -17.75 8.98 46.51
CA PRO A 313 -18.25 10.24 47.05
C PRO A 313 -19.64 10.06 47.60
N PRO A 314 -20.11 11.06 48.35
CA PRO A 314 -21.44 10.97 48.95
C PRO A 314 -22.49 10.99 47.85
N ALA A 315 -23.49 10.14 48.02
CA ALA A 315 -24.55 10.00 47.02
C ALA A 315 -25.73 11.00 47.10
N GLY A 316 -25.89 11.67 48.23
CA GLY A 316 -27.07 12.46 48.49
C GLY A 316 -27.00 13.93 48.14
N ASP A 317 -27.95 14.69 48.67
CA ASP A 317 -28.01 16.11 48.43
C ASP A 317 -26.98 16.85 49.30
N ILE A 318 -25.99 17.45 48.66
CA ILE A 318 -25.03 18.24 49.39
C ILE A 318 -24.95 19.62 48.76
N GLY A 319 -26.06 20.08 48.19
CA GLY A 319 -26.12 21.40 47.60
C GLY A 319 -25.23 21.48 46.38
N LEU A 320 -25.01 22.69 45.88
CA LEU A 320 -24.14 22.86 44.73
C LEU A 320 -23.33 24.10 45.03
N LEU A 321 -22.07 23.91 45.39
CA LEU A 321 -21.21 25.03 45.73
C LEU A 321 -20.72 25.69 44.46
N ARG A 322 -21.64 26.33 43.75
CA ARG A 322 -21.35 26.83 42.44
C ARG A 322 -22.37 27.87 42.07
N GLU A 323 -21.89 28.95 41.50
CA GLU A 323 -22.79 30.00 40.99
C GLU A 323 -23.32 29.68 39.59
N VAL A 324 -24.62 29.52 39.46
CA VAL A 324 -25.19 29.29 38.12
C VAL A 324 -26.02 30.50 37.66
N GLU A 325 -25.50 31.29 36.73
CA GLU A 325 -26.23 32.45 36.15
C GLU A 325 -27.62 32.04 35.61
N ARG A 326 -28.66 32.83 35.89
CA ARG A 326 -29.96 32.58 35.28
C ARG A 326 -29.91 32.79 33.77
N PHE A 327 -29.01 33.65 33.32
CA PHE A 327 -28.97 34.07 31.91
C PHE A 327 -27.61 33.87 31.33
N PRO A 328 -27.33 32.67 30.85
CA PRO A 328 -26.01 32.34 30.28
C PRO A 328 -25.53 33.35 29.23
N PHE A 329 -26.50 33.95 28.54
CA PHE A 329 -26.25 34.98 27.53
C PHE A 329 -26.31 36.42 28.08
N VAL A 330 -26.80 36.58 29.30
CA VAL A 330 -26.87 37.89 29.94
C VAL A 330 -26.18 37.96 31.33
N PRO A 331 -24.90 38.36 31.37
CA PRO A 331 -24.18 38.44 32.64
C PRO A 331 -24.88 39.37 33.64
N ALA A 332 -24.97 38.93 34.89
CA ALA A 332 -25.55 39.73 35.95
C ALA A 332 -24.67 40.92 36.35
N ASP A 333 -23.34 40.76 36.27
CA ASP A 333 -22.45 41.88 36.59
C ASP A 333 -22.54 43.02 35.60
N PRO A 334 -22.90 44.20 36.08
CA PRO A 334 -23.18 45.32 35.20
C PRO A 334 -21.99 45.72 34.30
N GLN A 335 -20.75 45.65 34.81
CA GLN A 335 -19.59 46.06 34.00
C GLN A 335 -19.52 45.14 32.81
N ARG A 336 -19.65 43.86 33.12
CA ARG A 336 -19.59 42.78 32.15
C ARG A 336 -20.74 42.81 31.13
N LEU A 337 -21.98 43.01 31.61
CA LEU A 337 -23.13 43.09 30.72
C LEU A 337 -22.88 44.22 29.77
N GLN A 338 -22.37 45.33 30.30
CA GLN A 338 -22.08 46.48 29.46
C GLN A 338 -21.06 46.13 28.37
N GLN A 339 -19.98 45.47 28.75
CA GLN A 339 -18.99 45.02 27.78
C GLN A 339 -19.64 44.17 26.68
N ASP A 340 -20.49 43.23 27.09
CA ASP A 340 -21.14 42.29 26.20
C ASP A 340 -22.00 43.00 25.16
N CYS A 341 -22.76 43.97 25.63
CA CYS A 341 -23.66 44.74 24.78
C CYS A 341 -22.87 45.53 23.75
N TYR A 342 -21.88 46.30 24.22
CA TYR A 342 -20.94 46.98 23.33
C TYR A 342 -20.46 46.04 22.20
N GLU A 343 -20.05 44.84 22.57
CA GLU A 343 -19.52 43.89 21.57
C GLU A 343 -20.62 43.38 20.64
N ALA A 344 -21.71 42.85 21.20
CA ALA A 344 -22.86 42.41 20.39
C ALA A 344 -23.24 43.48 19.36
N TYR A 345 -23.39 44.72 19.82
CA TYR A 345 -23.85 45.78 18.93
C TYR A 345 -22.89 46.04 17.80
N ASN A 346 -21.61 46.18 18.13
CA ASN A 346 -20.60 46.40 17.12
C ASN A 346 -20.42 45.26 16.14
N ILE A 347 -20.69 44.04 16.60
CA ILE A 347 -20.59 42.85 15.77
C ILE A 347 -21.71 42.92 14.74
N GLN A 348 -22.93 43.08 15.23
CA GLN A 348 -24.08 43.29 14.36
C GLN A 348 -23.85 44.36 13.30
N VAL A 349 -23.45 45.54 13.73
CA VAL A 349 -23.20 46.64 12.81
C VAL A 349 -22.11 46.34 11.77
N SER A 350 -20.89 46.03 12.22
CA SER A 350 -19.80 45.76 11.26
C SER A 350 -20.09 44.59 10.33
N GLY A 351 -20.91 43.65 10.80
CA GLY A 351 -21.38 42.55 9.96
C GLY A 351 -22.18 43.09 8.80
N LEU A 352 -23.09 44.00 9.12
CA LEU A 352 -23.95 44.56 8.11
C LEU A 352 -23.19 45.55 7.23
N GLU A 353 -22.32 46.34 7.82
CA GLU A 353 -21.50 47.30 6.99
C GLU A 353 -20.80 46.57 5.82
N GLN A 354 -20.25 45.39 6.10
CA GLN A 354 -19.43 44.72 5.11
C GLN A 354 -20.34 44.22 3.98
N ARG A 355 -21.52 43.76 4.36
CA ARG A 355 -22.47 43.32 3.38
C ARG A 355 -22.81 44.46 2.43
N LEU A 356 -23.13 45.62 3.01
CA LEU A 356 -23.46 46.82 2.24
C LEU A 356 -22.30 47.27 1.34
N ARG A 357 -21.09 47.23 1.87
CA ARG A 357 -19.94 47.71 1.12
C ARG A 357 -19.84 46.83 -0.12
N ALA A 358 -20.10 45.55 0.05
CA ALA A 358 -19.89 44.58 -1.00
C ALA A 358 -20.97 44.69 -2.05
N LEU A 359 -22.16 45.06 -1.62
CA LEU A 359 -23.26 45.28 -2.56
C LEU A 359 -23.26 46.70 -3.10
N ASP A 360 -22.13 47.40 -3.00
CA ASP A 360 -22.09 48.79 -3.45
C ASP A 360 -23.24 49.67 -2.89
N TYR A 361 -23.60 49.45 -1.62
CA TYR A 361 -24.54 50.29 -0.88
C TYR A 361 -25.97 50.27 -1.40
N PRO A 362 -26.59 49.10 -1.37
CA PRO A 362 -28.02 49.03 -1.71
C PRO A 362 -28.80 49.75 -0.65
N LYS A 363 -30.10 49.93 -0.87
CA LYS A 363 -30.99 50.42 0.16
C LYS A 363 -31.28 49.25 1.09
N VAL A 364 -31.79 49.55 2.28
CA VAL A 364 -32.06 48.53 3.27
C VAL A 364 -33.56 48.48 3.44
N VAL A 365 -34.15 47.34 3.20
CA VAL A 365 -35.59 47.21 3.35
C VAL A 365 -35.85 46.41 4.62
N ILE A 366 -36.72 46.93 5.47
CA ILE A 366 -36.97 46.28 6.74
C ILE A 366 -38.41 46.52 7.19
N GLY A 367 -39.05 45.42 7.59
CA GLY A 367 -40.40 45.44 8.12
C GLY A 367 -40.33 45.75 9.61
N VAL A 368 -40.99 46.83 10.01
CA VAL A 368 -41.00 47.27 11.39
C VAL A 368 -42.38 47.15 12.03
N SER A 369 -42.48 46.30 13.04
CA SER A 369 -43.75 45.97 13.65
C SER A 369 -43.89 46.64 15.01
N GLY A 370 -42.88 47.39 15.42
CA GLY A 370 -42.85 47.90 16.78
C GLY A 370 -42.40 46.88 17.82
N GLY A 371 -42.08 45.65 17.42
CA GLY A 371 -41.64 44.65 18.37
C GLY A 371 -40.19 44.88 18.78
N LEU A 372 -39.68 44.13 19.75
CA LEU A 372 -38.25 44.23 20.13
C LEU A 372 -37.25 43.92 19.00
N ASP A 373 -37.38 42.76 18.33
CA ASP A 373 -36.42 42.39 17.31
C ASP A 373 -36.30 43.40 16.18
N SER A 374 -37.43 43.80 15.59
CA SER A 374 -37.41 44.69 14.44
C SER A 374 -36.91 46.08 14.84
N THR A 375 -37.26 46.51 16.05
CA THR A 375 -36.79 47.79 16.58
C THR A 375 -35.27 47.77 16.61
N HIS A 376 -34.71 46.78 17.29
CA HIS A 376 -33.26 46.72 17.44
C HIS A 376 -32.56 46.68 16.09
N ALA A 377 -33.12 45.91 15.14
CA ALA A 377 -32.55 45.82 13.81
C ALA A 377 -32.50 47.18 13.11
N LEU A 378 -33.61 47.91 13.14
CA LEU A 378 -33.66 49.27 12.58
C LEU A 378 -32.52 50.15 13.11
N ILE A 379 -32.30 50.10 14.42
CA ILE A 379 -31.21 50.81 15.05
C ILE A 379 -29.87 50.37 14.47
N VAL A 380 -29.64 49.06 14.47
CA VAL A 380 -28.43 48.49 13.90
C VAL A 380 -28.23 48.99 12.46
N ALA A 381 -29.31 48.96 11.67
CA ALA A 381 -29.24 49.43 10.30
C ALA A 381 -28.83 50.89 10.24
N THR A 382 -29.36 51.67 11.15
CA THR A 382 -29.13 53.10 11.11
C THR A 382 -27.67 53.38 11.38
N HIS A 383 -27.13 52.72 12.38
CA HIS A 383 -25.73 52.92 12.74
C HIS A 383 -24.80 52.52 11.62
N ALA A 384 -25.09 51.37 11.00
CA ALA A 384 -24.31 50.88 9.85
C ALA A 384 -24.25 51.96 8.78
N MET A 385 -25.41 52.54 8.47
CA MET A 385 -25.50 53.53 7.43
C MET A 385 -24.72 54.77 7.83
N ASP A 386 -24.89 55.21 9.07
CA ASP A 386 -24.13 56.34 9.57
C ASP A 386 -22.61 56.10 9.39
N ARG A 387 -22.10 55.03 9.97
CA ARG A 387 -20.67 54.74 9.86
C ARG A 387 -20.16 54.68 8.41
N GLU A 388 -21.01 54.26 7.47
CA GLU A 388 -20.62 54.17 6.02
C GLU A 388 -20.92 55.46 5.23
N GLY A 389 -21.35 56.49 5.95
CA GLY A 389 -21.61 57.76 5.32
C GLY A 389 -22.72 57.65 4.31
N ARG A 390 -23.73 56.87 4.65
CA ARG A 390 -24.93 56.73 3.81
C ARG A 390 -26.11 57.52 4.38
N PRO A 391 -26.92 58.12 3.49
CA PRO A 391 -28.11 58.86 3.94
C PRO A 391 -29.07 57.91 4.65
N ARG A 392 -29.65 58.32 5.78
CA ARG A 392 -30.64 57.48 6.45
C ARG A 392 -31.91 57.23 5.60
N SER A 393 -32.18 58.13 4.66
CA SER A 393 -33.31 57.96 3.78
C SER A 393 -33.15 56.76 2.83
N ASP A 394 -32.02 56.05 2.94
CA ASP A 394 -31.76 54.87 2.10
C ASP A 394 -32.21 53.59 2.81
N ILE A 395 -32.54 53.73 4.09
CA ILE A 395 -33.23 52.71 4.86
C ILE A 395 -34.73 52.89 4.61
N LEU A 396 -35.37 51.86 4.07
CA LEU A 396 -36.79 51.90 3.76
C LEU A 396 -37.61 51.04 4.71
N ALA A 397 -38.17 51.66 5.74
CA ALA A 397 -38.93 50.95 6.76
C ALA A 397 -40.40 50.81 6.39
N PHE A 398 -40.98 49.65 6.69
CA PHE A 398 -42.35 49.38 6.35
C PHE A 398 -43.15 48.81 7.49
N ALA A 399 -44.30 49.42 7.74
CA ALA A 399 -45.33 48.80 8.51
C ALA A 399 -46.21 48.03 7.53
N LEU A 400 -46.55 46.81 7.92
CA LEU A 400 -47.31 45.92 7.06
C LEU A 400 -48.51 45.34 7.79
N PRO A 401 -49.51 46.20 8.05
CA PRO A 401 -50.71 45.84 8.80
C PRO A 401 -51.47 44.68 8.16
N GLY A 402 -51.91 43.74 8.99
CA GLY A 402 -52.69 42.60 8.55
C GLY A 402 -54.19 42.57 8.84
N PHE A 403 -54.62 41.50 9.50
CA PHE A 403 -56.02 41.07 9.51
C PHE A 403 -56.63 41.02 8.06
N LYS A 410 -46.12 49.52 17.78
CA LYS A 410 -46.90 49.61 16.54
C LYS A 410 -46.89 51.04 16.00
N ASN A 411 -47.42 51.98 16.77
CA ASN A 411 -47.17 53.39 16.50
C ASN A 411 -45.75 53.67 16.94
N ASN A 412 -45.27 52.86 17.88
CA ASN A 412 -43.87 52.88 18.25
C ASN A 412 -43.06 52.80 16.99
N ALA A 413 -43.53 52.00 16.05
CA ALA A 413 -42.79 51.74 14.80
C ALA A 413 -42.65 53.01 13.95
N ILE A 414 -43.76 53.67 13.65
CA ILE A 414 -43.67 54.89 12.85
C ILE A 414 -42.98 56.04 13.63
N LYS A 415 -43.24 56.11 14.93
CA LYS A 415 -42.57 57.10 15.78
C LYS A 415 -41.05 56.92 15.71
N LEU A 416 -40.60 55.67 15.79
CA LEU A 416 -39.18 55.40 15.78
C LEU A 416 -38.58 55.79 14.45
N ALA A 417 -39.22 55.33 13.38
CA ALA A 417 -38.72 55.54 12.02
C ALA A 417 -38.63 57.02 11.75
N ARG A 418 -39.62 57.74 12.26
CA ARG A 418 -39.74 59.18 12.08
C ARG A 418 -38.66 59.93 12.86
N ALA A 419 -38.49 59.58 14.13
CA ALA A 419 -37.42 60.16 14.96
C ALA A 419 -36.03 59.88 14.40
N LEU A 420 -35.84 58.68 13.85
CA LEU A 420 -34.59 58.30 13.23
C LEU A 420 -34.39 59.03 11.92
N GLY A 421 -35.48 59.25 11.18
CA GLY A 421 -35.38 59.96 9.92
C GLY A 421 -35.07 59.10 8.73
N VAL A 422 -35.46 57.82 8.78
CA VAL A 422 -35.41 56.90 7.64
C VAL A 422 -36.68 57.09 6.81
N THR A 423 -36.75 56.44 5.65
CA THR A 423 -37.95 56.51 4.86
C THR A 423 -39.02 55.54 5.37
N PHE A 424 -40.17 56.08 5.74
CA PHE A 424 -41.25 55.26 6.27
C PHE A 424 -42.46 55.16 5.35
N SER A 425 -43.09 54.01 5.35
CA SER A 425 -44.15 53.78 4.42
C SER A 425 -45.06 52.70 4.97
N GLU A 426 -46.34 52.78 4.68
CA GLU A 426 -47.26 51.70 5.11
C GLU A 426 -47.82 50.97 3.92
N ILE A 427 -47.95 49.65 4.06
CA ILE A 427 -48.58 48.84 3.03
C ILE A 427 -49.47 47.82 3.72
N ASP A 428 -50.76 47.91 3.46
CA ASP A 428 -51.71 47.02 4.07
C ASP A 428 -51.78 45.77 3.21
N ILE A 429 -51.52 44.64 3.84
CA ILE A 429 -51.39 43.39 3.08
C ILE A 429 -52.69 42.60 3.15
N GLY A 430 -53.64 43.15 3.90
CA GLY A 430 -54.94 42.52 4.10
C GLY A 430 -55.69 42.09 2.86
N ASP A 431 -55.79 42.95 1.86
CA ASP A 431 -56.50 42.59 0.63
C ASP A 431 -55.78 41.50 -0.15
N THR A 432 -54.45 41.55 -0.11
CA THR A 432 -53.72 40.62 -0.92
C THR A 432 -53.92 39.27 -0.26
N ALA A 433 -54.02 39.32 1.07
CA ALA A 433 -54.19 38.14 1.89
C ALA A 433 -55.50 37.48 1.65
N ARG A 434 -56.57 38.27 1.68
CA ARG A 434 -57.92 37.82 1.35
C ARG A 434 -57.93 37.16 0.00
N LEU A 435 -57.37 37.84 -1.00
CA LEU A 435 -57.35 37.31 -2.36
C LEU A 435 -56.66 35.95 -2.38
N MET A 436 -55.59 35.84 -1.61
CA MET A 436 -54.83 34.61 -1.53
C MET A 436 -55.59 33.52 -0.76
N LEU A 437 -56.23 33.88 0.34
CA LEU A 437 -56.98 32.90 1.12
C LEU A 437 -58.15 32.36 0.32
N HIS A 438 -58.76 33.22 -0.47
CA HIS A 438 -59.85 32.80 -1.29
C HIS A 438 -59.38 31.91 -2.43
N THR A 439 -58.27 32.30 -3.07
CA THR A 439 -57.77 31.54 -4.19
C THR A 439 -57.42 30.09 -3.81
N ILE A 440 -57.08 29.91 -2.53
CA ILE A 440 -56.68 28.60 -1.98
C ILE A 440 -57.87 27.85 -1.37
N GLY A 441 -59.01 28.52 -1.29
CA GLY A 441 -60.20 27.91 -0.74
C GLY A 441 -60.17 27.74 0.76
N HIS A 442 -59.56 28.70 1.46
CA HIS A 442 -59.54 28.67 2.92
C HIS A 442 -60.85 29.16 3.54
N PRO A 443 -61.42 28.42 4.52
CA PRO A 443 -62.73 28.73 5.10
C PRO A 443 -62.94 30.18 5.54
N TYR A 444 -61.84 30.89 5.81
CA TYR A 444 -61.92 32.27 6.26
C TYR A 444 -62.50 33.16 5.19
N SER A 445 -62.12 32.91 3.93
CA SER A 445 -62.66 33.64 2.79
C SER A 445 -64.19 33.53 2.58
N VAL A 446 -64.82 32.55 3.22
CA VAL A 446 -66.27 32.46 3.20
C VAL A 446 -66.84 32.69 4.59
N GLY A 447 -66.08 33.40 5.40
CA GLY A 447 -66.64 33.85 6.66
C GLY A 447 -66.15 33.21 7.94
N GLU A 448 -65.76 31.93 7.93
CA GLU A 448 -65.48 31.30 9.26
C GLU A 448 -64.20 31.80 9.89
N LYS A 449 -64.27 31.94 11.20
CA LYS A 449 -63.17 32.46 11.98
C LYS A 449 -62.15 31.30 12.29
N VAL A 450 -61.61 30.70 11.22
CA VAL A 450 -60.66 29.60 11.33
C VAL A 450 -59.27 30.23 11.36
N TYR A 451 -58.79 30.52 12.57
CA TYR A 451 -57.53 31.21 12.70
C TYR A 451 -56.49 30.14 12.66
N ASP A 452 -56.48 29.55 11.48
CA ASP A 452 -55.47 28.62 11.06
C ASP A 452 -54.13 29.25 11.16
N VAL A 453 -53.22 28.36 11.39
CA VAL A 453 -51.87 28.38 10.96
C VAL A 453 -51.65 28.78 9.47
N THR A 454 -52.42 28.23 8.53
CA THR A 454 -52.33 28.63 7.13
C THR A 454 -52.65 30.12 7.03
N PHE A 455 -53.66 30.50 7.80
CA PHE A 455 -54.18 31.84 7.81
C PHE A 455 -53.16 32.80 8.40
N GLU A 456 -52.44 32.34 9.39
CA GLU A 456 -51.33 33.12 9.98
C GLU A 456 -50.12 33.20 9.07
N ASN A 457 -49.84 32.08 8.41
CA ASN A 457 -48.74 32.02 7.48
C ASN A 457 -48.99 32.84 6.21
N VAL A 458 -50.23 32.85 5.68
CA VAL A 458 -50.53 33.67 4.52
C VAL A 458 -50.08 35.12 4.78
N GLN A 459 -50.40 35.63 5.96
CA GLN A 459 -50.00 37.00 6.29
C GLN A 459 -48.50 37.12 6.46
N ALA A 460 -47.93 36.23 7.26
CA ALA A 460 -46.48 36.27 7.50
C ALA A 460 -45.72 36.18 6.18
N GLY A 461 -46.14 35.23 5.33
CA GLY A 461 -45.56 35.05 4.01
C GLY A 461 -45.70 36.28 3.16
N LEU A 462 -46.90 36.89 3.17
CA LEU A 462 -47.11 38.01 2.29
C LEU A 462 -46.23 39.19 2.65
N ARG A 463 -45.98 39.35 3.94
CA ARG A 463 -45.07 40.40 4.39
C ARG A 463 -43.71 40.24 3.75
N THR A 464 -43.16 39.04 3.83
CA THR A 464 -41.81 38.80 3.29
C THR A 464 -41.86 38.93 1.76
N ASP A 465 -42.93 38.40 1.15
CA ASP A 465 -43.07 38.47 -0.29
C ASP A 465 -43.02 39.94 -0.72
N TYR A 466 -43.81 40.77 -0.05
CA TYR A 466 -43.80 42.20 -0.37
C TYR A 466 -42.41 42.82 -0.25
N LEU A 467 -41.80 42.60 0.91
CA LEU A 467 -40.49 43.17 1.17
C LEU A 467 -39.46 42.75 0.11
N PHE A 468 -39.48 41.48 -0.29
CA PHE A 468 -38.54 41.01 -1.30
C PHE A 468 -38.78 41.71 -2.63
N ARG A 469 -40.05 41.87 -3.00
CA ARG A 469 -40.39 42.52 -4.25
C ARG A 469 -40.05 44.00 -4.27
N ILE A 470 -40.30 44.68 -3.15
CA ILE A 470 -39.88 46.04 -2.97
C ILE A 470 -38.36 46.14 -3.14
N ALA A 471 -37.63 45.26 -2.44
CA ALA A 471 -36.18 45.17 -2.57
C ALA A 471 -35.73 45.04 -4.02
N ASN A 472 -36.37 44.14 -4.79
CA ASN A 472 -36.05 44.02 -6.22
C ASN A 472 -36.32 45.32 -6.95
N GLN A 473 -37.42 45.97 -6.57
CA GLN A 473 -37.88 47.12 -7.28
C GLN A 473 -37.01 48.32 -6.98
N ARG A 474 -36.68 48.49 -5.70
CA ARG A 474 -36.12 49.76 -5.24
C ARG A 474 -34.60 49.69 -5.05
N GLY A 475 -34.02 48.56 -5.45
CA GLY A 475 -32.59 48.34 -5.41
C GLY A 475 -32.00 48.19 -4.01
N GLY A 476 -32.63 47.34 -3.20
CA GLY A 476 -32.24 47.15 -1.81
C GLY A 476 -32.17 45.70 -1.44
N ILE A 477 -31.78 45.40 -0.20
CA ILE A 477 -31.80 44.03 0.29
C ILE A 477 -32.73 43.96 1.49
N VAL A 478 -33.37 42.81 1.72
CA VAL A 478 -34.23 42.69 2.88
C VAL A 478 -33.48 42.30 4.14
N LEU A 479 -33.50 43.15 5.16
CA LEU A 479 -32.91 42.84 6.48
C LEU A 479 -33.71 41.81 7.23
N GLY A 480 -33.07 40.73 7.63
CA GLY A 480 -33.75 39.76 8.44
C GLY A 480 -33.86 40.33 9.83
N THR A 481 -34.74 39.74 10.61
CA THR A 481 -35.03 40.33 11.88
C THR A 481 -35.08 39.32 13.01
N GLY A 482 -35.21 38.03 12.70
CA GLY A 482 -35.43 37.01 13.70
C GLY A 482 -34.20 36.74 14.56
N ASP A 483 -34.44 36.40 15.81
CA ASP A 483 -33.37 36.25 16.78
C ASP A 483 -33.00 34.78 17.00
N LEU A 484 -31.87 34.58 17.68
CA LEU A 484 -31.27 33.26 17.85
C LEU A 484 -32.20 32.28 18.58
N SER A 485 -32.95 32.81 19.56
CA SER A 485 -33.88 31.98 20.29
C SER A 485 -34.97 31.42 19.37
N GLU A 486 -35.39 32.23 18.41
CA GLU A 486 -36.43 31.80 17.44
C GLU A 486 -35.85 30.78 16.46
N LEU A 487 -34.59 30.97 16.09
CA LEU A 487 -33.87 29.98 15.28
C LEU A 487 -33.79 28.66 15.99
N ALA A 488 -33.69 28.75 17.30
CA ALA A 488 -33.47 27.57 18.10
C ALA A 488 -34.71 26.72 18.19
N LEU A 489 -35.86 27.38 18.35
CA LEU A 489 -37.11 26.65 18.56
C LEU A 489 -37.88 26.43 17.27
N GLY A 490 -37.37 26.99 16.16
CA GLY A 490 -38.09 26.94 14.89
C GLY A 490 -39.38 27.73 14.95
N TRP A 491 -39.36 28.82 15.71
CA TRP A 491 -40.48 29.73 15.87
C TRP A 491 -40.38 30.85 14.82
N SER A 492 -40.84 30.55 13.61
CA SER A 492 -40.70 31.45 12.47
C SER A 492 -41.40 30.76 11.31
N THR A 493 -41.75 31.53 10.30
CA THR A 493 -42.42 30.97 9.13
C THR A 493 -41.35 30.73 8.09
N TYR A 494 -41.19 29.46 7.71
CA TYR A 494 -40.04 29.05 6.90
C TYR A 494 -40.29 29.30 5.41
N GLY A 495 -39.25 29.79 4.73
CA GLY A 495 -39.27 29.88 3.27
C GLY A 495 -39.74 31.22 2.78
N VAL A 496 -41.04 31.34 2.52
CA VAL A 496 -41.65 32.65 2.35
C VAL A 496 -42.24 33.01 3.72
N GLY A 497 -41.64 33.99 4.38
CA GLY A 497 -41.91 34.21 5.79
C GLY A 497 -40.66 34.78 6.45
N ASP A 498 -40.81 35.16 7.71
CA ASP A 498 -39.81 35.93 8.44
C ASP A 498 -38.50 35.16 8.65
N GLN A 499 -38.49 33.87 8.34
CA GLN A 499 -37.24 33.16 8.45
C GLN A 499 -36.27 33.61 7.34
N MET A 500 -36.82 34.04 6.21
CA MET A 500 -36.02 34.30 5.00
C MET A 500 -35.60 35.78 4.88
N SER A 501 -34.42 36.07 4.32
CA SER A 501 -34.03 37.47 4.14
C SER A 501 -32.72 37.50 3.39
N HIS A 502 -32.16 38.70 3.17
CA HIS A 502 -30.85 38.81 2.48
C HIS A 502 -29.66 38.92 3.43
N TYR A 503 -29.94 39.34 4.65
CA TYR A 503 -28.95 39.46 5.70
C TYR A 503 -29.67 39.59 7.01
N ASN A 504 -29.40 38.70 7.96
CA ASN A 504 -30.05 38.77 9.26
C ASN A 504 -29.12 39.22 10.39
N VAL A 505 -29.21 40.48 10.80
CA VAL A 505 -28.32 40.95 11.88
C VAL A 505 -28.62 40.39 13.26
N ASN A 506 -29.81 39.85 13.47
CA ASN A 506 -30.24 39.34 14.78
C ASN A 506 -30.00 37.85 14.99
N ALA A 507 -29.67 37.14 13.90
CA ALA A 507 -29.52 35.68 13.88
C ALA A 507 -28.74 35.06 15.05
N GLY A 508 -27.72 35.78 15.53
CA GLY A 508 -26.92 35.28 16.62
C GLY A 508 -27.21 35.88 17.97
N VAL A 509 -28.22 36.73 18.04
CA VAL A 509 -28.54 37.38 19.31
C VAL A 509 -29.72 36.68 19.91
N PRO A 510 -29.53 36.08 21.08
CA PRO A 510 -30.70 35.42 21.69
C PRO A 510 -31.66 36.46 22.30
N LYS A 511 -32.93 36.09 22.40
CA LYS A 511 -33.97 37.02 22.82
C LYS A 511 -33.68 37.64 24.19
N THR A 512 -33.13 36.86 25.13
CA THR A 512 -32.82 37.37 26.47
C THR A 512 -31.84 38.55 26.42
N LEU A 513 -31.03 38.61 25.38
CA LEU A 513 -30.02 39.66 25.26
C LEU A 513 -30.54 40.90 24.56
N ILE A 514 -31.50 40.73 23.67
CA ILE A 514 -32.04 41.84 22.86
C ILE A 514 -32.51 43.02 23.72
N GLN A 515 -33.35 42.74 24.71
CA GLN A 515 -33.83 43.83 25.55
C GLN A 515 -32.68 44.62 26.17
N HIS A 516 -31.56 43.92 26.46
CA HIS A 516 -30.41 44.60 27.07
C HIS A 516 -29.58 45.39 26.10
N LEU A 517 -29.55 44.97 24.84
CA LEU A 517 -28.97 45.80 23.78
C LEU A 517 -29.78 47.08 23.57
N ILE A 518 -31.09 46.98 23.61
CA ILE A 518 -31.92 48.16 23.45
C ILE A 518 -31.61 49.19 24.58
N ARG A 519 -31.58 48.75 25.83
CA ARG A 519 -31.17 49.66 26.91
C ARG A 519 -29.78 50.23 26.72
N TRP A 520 -28.84 49.39 26.29
CA TRP A 520 -27.49 49.85 26.07
C TRP A 520 -27.49 51.02 25.10
N VAL A 521 -28.28 50.90 24.04
CA VAL A 521 -28.36 51.96 23.04
C VAL A 521 -29.05 53.21 23.58
N ILE A 522 -30.04 53.01 24.44
CA ILE A 522 -30.64 54.12 25.14
C ILE A 522 -29.61 54.77 26.05
N SER A 523 -29.03 53.96 26.96
CA SER A 523 -28.09 54.46 27.97
C SER A 523 -26.91 55.21 27.38
N ALA A 524 -26.43 54.74 26.23
CA ALA A 524 -25.33 55.43 25.57
C ALA A 524 -25.82 56.76 24.98
N GLY A 525 -27.03 56.76 24.43
CA GLY A 525 -27.70 57.97 24.00
C GLY A 525 -27.18 58.61 22.74
N GLU A 526 -26.50 57.84 21.89
CA GLU A 526 -25.84 58.39 20.69
C GLU A 526 -26.86 58.87 19.69
N PHE A 527 -28.02 58.19 19.59
CA PHE A 527 -29.15 58.70 18.80
C PHE A 527 -29.85 59.62 19.77
N GLY A 528 -30.40 60.71 19.27
CA GLY A 528 -30.93 61.72 20.17
C GLY A 528 -31.76 61.29 21.38
N GLU A 529 -32.15 62.27 22.17
CA GLU A 529 -33.09 62.11 23.31
C GLU A 529 -34.48 61.65 22.82
N LYS A 530 -34.92 62.20 21.70
CA LYS A 530 -36.18 61.79 21.11
C LYS A 530 -36.18 60.30 20.71
N VAL A 531 -35.14 59.83 20.04
CA VAL A 531 -35.04 58.41 19.73
C VAL A 531 -35.08 57.51 20.99
N GLY A 532 -34.34 57.92 22.03
CA GLY A 532 -34.32 57.19 23.29
C GLY A 532 -35.71 57.02 23.86
N GLU A 533 -36.51 58.08 23.78
CA GLU A 533 -37.88 58.00 24.33
C GLU A 533 -38.73 56.96 23.61
N VAL A 534 -38.70 56.94 22.29
CA VAL A 534 -39.43 55.88 21.58
C VAL A 534 -38.90 54.49 21.96
N LEU A 535 -37.57 54.34 21.98
CA LEU A 535 -36.98 53.05 22.28
C LEU A 535 -37.44 52.62 23.66
N GLN A 536 -37.42 53.58 24.58
CA GLN A 536 -37.88 53.34 25.95
C GLN A 536 -39.33 52.88 25.92
N SER A 537 -40.11 53.54 25.08
CA SER A 537 -41.48 53.15 24.87
C SER A 537 -41.57 51.71 24.39
N VAL A 538 -40.77 51.36 23.39
CA VAL A 538 -40.83 50.03 22.84
C VAL A 538 -40.60 49.03 23.95
N LEU A 539 -39.62 49.33 24.80
CA LEU A 539 -39.30 48.45 25.90
C LEU A 539 -40.48 48.31 26.84
N ASP A 540 -40.95 49.45 27.31
CA ASP A 540 -42.05 49.49 28.26
C ASP A 540 -43.31 48.80 27.74
N THR A 541 -43.54 48.90 26.44
CA THR A 541 -44.71 48.27 25.83
C THR A 541 -44.51 46.77 25.64
N GLU A 542 -43.32 46.38 25.19
CA GLU A 542 -43.10 44.95 24.83
C GLU A 542 -42.81 44.06 26.05
N SER A 558 -47.49 33.29 22.99
CA SER A 558 -46.42 32.64 22.24
C SER A 558 -45.44 32.00 23.21
N GLU A 559 -45.05 32.78 24.20
CA GLU A 559 -44.37 32.25 25.42
C GLU A 559 -45.20 31.09 25.97
N ALA A 560 -46.45 31.03 25.53
CA ALA A 560 -47.39 30.02 25.98
C ALA A 560 -47.33 28.73 25.17
N LYS A 561 -46.84 28.78 23.92
CA LYS A 561 -46.65 27.49 23.24
C LYS A 561 -45.23 26.96 23.30
N VAL A 562 -44.23 27.84 23.29
CA VAL A 562 -42.82 27.39 23.40
C VAL A 562 -42.14 27.65 24.77
N GLY A 563 -42.86 28.26 25.70
CA GLY A 563 -42.34 28.51 27.04
C GLY A 563 -41.64 29.84 27.16
N PRO A 564 -41.27 30.22 28.41
CA PRO A 564 -40.49 31.42 28.71
C PRO A 564 -39.11 31.36 28.07
N PHE A 565 -38.80 32.35 27.24
CA PHE A 565 -37.48 32.41 26.62
C PHE A 565 -36.29 32.43 27.57
N ALA A 566 -36.50 32.82 28.83
CA ALA A 566 -35.39 32.82 29.78
C ALA A 566 -34.98 31.37 30.02
N LEU A 567 -35.94 30.46 30.04
CA LEU A 567 -35.70 29.06 30.26
C LEU A 567 -35.15 28.41 28.96
N GLN A 568 -35.75 28.72 27.81
CA GLN A 568 -35.25 28.13 26.59
C GLN A 568 -33.90 28.66 26.17
N ASP A 569 -33.59 29.90 26.54
CA ASP A 569 -32.28 30.43 26.26
C ASP A 569 -31.25 29.76 27.17
N PHE A 570 -31.66 29.42 28.40
CA PHE A 570 -30.80 28.70 29.32
C PHE A 570 -30.45 27.32 28.77
N SER A 571 -31.48 26.58 28.38
CA SER A 571 -31.26 25.27 27.74
C SER A 571 -30.42 25.38 26.47
N LEU A 572 -30.71 26.38 25.64
CA LEU A 572 -29.97 26.54 24.40
C LEU A 572 -28.46 26.61 24.63
N PHE A 573 -28.05 27.41 25.63
CA PHE A 573 -26.63 27.59 25.92
C PHE A 573 -26.00 26.27 26.32
N GLN A 574 -26.64 25.55 27.24
CA GLN A 574 -26.11 24.28 27.70
C GLN A 574 -25.94 23.31 26.54
N VAL A 575 -26.98 23.17 25.71
CA VAL A 575 -26.91 22.26 24.59
C VAL A 575 -25.90 22.69 23.53
N LEU A 576 -25.97 23.94 23.13
CA LEU A 576 -25.17 24.41 22.02
C LEU A 576 -23.68 24.51 22.36
N ARG A 577 -23.36 24.83 23.61
CA ARG A 577 -21.96 25.01 23.99
C ARG A 577 -21.29 23.70 24.44
N TYR A 578 -22.03 22.91 25.21
CA TYR A 578 -21.49 21.77 25.96
C TYR A 578 -22.11 20.46 25.57
N GLY A 579 -23.30 20.49 24.97
CA GLY A 579 -23.97 19.26 24.63
C GLY A 579 -24.41 18.46 25.85
N PHE A 580 -24.61 19.15 26.97
CA PHE A 580 -25.00 18.51 28.21
C PHE A 580 -26.30 17.74 28.04
N ARG A 581 -26.40 16.59 28.69
CA ARG A 581 -27.64 15.82 28.68
C ARG A 581 -28.81 16.53 29.39
N PRO A 582 -30.04 16.19 29.03
CA PRO A 582 -31.18 16.90 29.61
C PRO A 582 -31.20 16.97 31.14
N SER A 583 -30.97 15.86 31.81
CA SER A 583 -31.03 15.90 33.28
C SER A 583 -30.01 16.88 33.89
N LYS A 584 -28.86 17.02 33.25
CA LYS A 584 -27.83 17.95 33.69
C LYS A 584 -28.31 19.39 33.51
N ILE A 585 -28.97 19.63 32.40
CA ILE A 585 -29.53 20.94 32.13
C ILE A 585 -30.62 21.28 33.17
N ALA A 586 -31.50 20.34 33.45
CA ALA A 586 -32.53 20.53 34.43
C ALA A 586 -32.00 20.80 35.83
N PHE A 587 -30.99 20.03 36.25
CA PHE A 587 -30.30 20.32 37.52
C PHE A 587 -29.76 21.75 37.56
N LEU A 588 -29.05 22.16 36.51
CA LEU A 588 -28.49 23.51 36.47
C LEU A 588 -29.57 24.60 36.52
N ALA A 589 -30.58 24.47 35.69
CA ALA A 589 -31.65 25.47 35.61
C ALA A 589 -32.39 25.59 36.93
N TRP A 590 -32.60 24.47 37.59
CA TRP A 590 -33.27 24.46 38.86
C TRP A 590 -32.43 25.16 39.94
N HIS A 591 -31.14 24.86 39.99
CA HIS A 591 -30.30 25.62 40.92
C HIS A 591 -30.29 27.13 40.59
N ALA A 592 -30.39 27.51 39.32
CA ALA A 592 -30.37 28.92 38.98
C ALA A 592 -31.70 29.63 39.27
N TRP A 593 -32.81 28.93 39.01
CA TRP A 593 -34.11 29.57 38.84
C TRP A 593 -35.19 29.29 39.87
N ASN A 594 -35.05 28.24 40.68
CA ASN A 594 -36.15 27.85 41.57
C ASN A 594 -36.42 28.90 42.63
N ASP A 595 -35.40 29.69 42.97
CA ASP A 595 -35.52 30.62 44.11
C ASP A 595 -35.15 32.04 43.72
N ALA A 596 -36.17 32.93 43.66
CA ALA A 596 -35.96 34.24 43.07
C ALA A 596 -35.07 35.16 43.94
N GLU A 597 -34.92 34.82 45.22
CA GLU A 597 -34.11 35.63 46.16
C GLU A 597 -32.67 35.20 46.06
N ARG A 598 -32.45 34.02 45.51
CA ARG A 598 -31.10 33.47 45.36
C ARG A 598 -30.38 33.94 44.11
N GLY A 599 -29.06 34.04 44.21
CA GLY A 599 -28.27 34.51 43.09
C GLY A 599 -28.58 35.93 42.65
N ASN A 600 -28.10 36.30 41.47
CA ASN A 600 -28.22 37.67 41.02
C ASN A 600 -29.00 37.82 39.76
N TRP A 601 -29.64 38.98 39.64
CA TRP A 601 -30.38 39.29 38.43
C TRP A 601 -29.57 40.34 37.70
N PRO A 602 -29.55 40.25 36.37
CA PRO A 602 -28.87 41.29 35.60
C PRO A 602 -29.58 42.56 35.94
N PRO A 603 -29.02 43.71 35.57
CA PRO A 603 -29.77 44.95 35.84
C PRO A 603 -31.03 45.03 35.00
N GLY A 604 -32.10 45.61 35.51
CA GLY A 604 -33.27 45.84 34.69
C GLY A 604 -34.43 44.92 34.97
N PHE A 605 -34.44 44.28 36.13
CA PHE A 605 -35.57 43.45 36.49
C PHE A 605 -36.29 43.98 37.72
N PRO A 606 -37.36 44.75 37.51
CA PRO A 606 -38.08 45.18 38.71
C PRO A 606 -38.63 43.96 39.43
N LYS A 607 -38.90 44.10 40.71
CA LYS A 607 -39.25 43.00 41.57
C LYS A 607 -40.40 42.13 41.15
N SER A 608 -41.25 42.63 40.28
CA SER A 608 -42.39 41.80 39.86
C SER A 608 -42.12 41.06 38.55
N GLU A 609 -40.95 41.34 37.96
CA GLU A 609 -40.45 40.52 36.81
C GLU A 609 -39.37 39.51 37.24
N ARG A 610 -39.44 39.06 38.48
CA ARG A 610 -38.47 38.09 38.95
C ARG A 610 -39.15 36.79 39.31
N PRO A 611 -39.49 36.00 38.28
CA PRO A 611 -40.25 34.77 38.47
C PRO A 611 -39.31 33.72 38.98
N SER A 612 -39.82 32.72 39.68
CA SER A 612 -39.07 31.53 39.98
C SER A 612 -39.76 30.36 39.29
N TYR A 613 -39.00 29.35 38.88
CA TYR A 613 -39.59 28.18 38.21
C TYR A 613 -39.43 26.93 39.05
N SER A 614 -40.44 26.08 39.08
CA SER A 614 -40.36 24.82 39.80
C SER A 614 -39.67 23.78 38.91
N LEU A 615 -39.35 22.63 39.49
CA LEU A 615 -38.73 21.58 38.68
C LEU A 615 -39.77 21.13 37.64
N ALA A 616 -41.02 21.02 38.06
CA ALA A 616 -42.09 20.60 37.14
C ALA A 616 -42.11 21.49 35.90
N GLU A 617 -41.97 22.80 36.11
CA GLU A 617 -41.96 23.74 34.95
C GLU A 617 -40.74 23.57 34.08
N ILE A 618 -39.58 23.45 34.73
CA ILE A 618 -38.31 23.41 34.05
C ILE A 618 -38.26 22.15 33.22
N ARG A 619 -38.74 21.07 33.83
CA ARG A 619 -38.91 19.78 33.13
C ARG A 619 -39.82 19.89 31.90
N HIS A 620 -40.98 20.51 32.11
CA HIS A 620 -41.99 20.66 31.06
C HIS A 620 -41.46 21.39 29.83
N TRP A 621 -40.83 22.55 30.06
CA TRP A 621 -40.26 23.32 28.97
C TRP A 621 -39.05 22.66 28.35
N LEU A 622 -38.28 21.92 29.16
CA LEU A 622 -37.14 21.19 28.62
C LEU A 622 -37.58 20.11 27.62
N GLN A 623 -38.69 19.42 27.94
CA GLN A 623 -39.26 18.48 26.98
C GLN A 623 -39.58 19.19 25.69
N ILE A 624 -40.28 20.31 25.78
CA ILE A 624 -40.58 21.07 24.58
C ILE A 624 -39.28 21.43 23.85
N PHE A 625 -38.30 21.89 24.61
CA PHE A 625 -37.05 22.31 23.98
C PHE A 625 -36.31 21.23 23.19
N VAL A 626 -36.11 20.05 23.79
CA VAL A 626 -35.30 19.03 23.14
C VAL A 626 -36.02 18.54 21.90
N GLN A 627 -37.34 18.37 22.00
CA GLN A 627 -38.16 18.04 20.86
C GLN A 627 -38.01 19.07 19.75
N ARG A 628 -38.26 20.33 20.04
CA ARG A 628 -38.21 21.34 19.00
C ARG A 628 -36.80 21.55 18.48
N PHE A 629 -35.81 21.56 19.38
CA PHE A 629 -34.44 21.86 18.97
C PHE A 629 -33.71 20.73 18.21
N TYR A 630 -33.85 19.48 18.67
CA TYR A 630 -33.11 18.36 18.02
C TYR A 630 -33.81 17.77 16.79
N SER A 631 -35.13 17.90 16.74
CA SER A 631 -35.97 17.23 15.74
C SER A 631 -36.71 18.16 14.78
N PHE A 632 -37.69 18.91 15.28
CA PHE A 632 -38.50 19.73 14.42
C PHE A 632 -37.83 20.87 13.67
N SER A 633 -36.97 21.63 14.32
CA SER A 633 -36.60 22.95 13.83
C SER A 633 -35.40 23.04 12.93
N GLN A 634 -34.62 21.97 12.82
CA GLN A 634 -33.35 22.07 12.13
C GLN A 634 -33.51 22.48 10.64
N PHE A 635 -34.48 21.92 9.93
CA PHE A 635 -34.66 22.28 8.50
C PHE A 635 -34.79 23.82 8.28
N LYS A 636 -35.37 24.52 9.26
CA LYS A 636 -35.44 25.99 9.22
C LYS A 636 -34.09 26.70 9.31
N ARG A 637 -33.24 26.18 10.17
CA ARG A 637 -31.85 26.65 10.29
C ARG A 637 -31.04 26.25 9.08
N SER A 638 -31.46 25.18 8.40
CA SER A 638 -30.60 24.53 7.44
C SER A 638 -30.33 25.41 6.25
N ALA A 639 -31.32 26.25 5.92
CA ALA A 639 -31.25 27.16 4.80
C ALA A 639 -31.39 28.56 5.35
N LEU A 640 -30.29 29.05 5.89
CA LEU A 640 -30.29 30.26 6.70
C LEU A 640 -29.53 31.36 6.02
N PRO A 641 -30.13 32.55 5.93
CA PRO A 641 -29.44 33.71 5.33
C PRO A 641 -28.18 34.06 6.12
N ASN A 642 -27.24 34.77 5.50
CA ASN A 642 -26.01 35.17 6.19
C ASN A 642 -26.27 36.17 7.34
N GLY A 643 -25.33 36.22 8.28
CA GLY A 643 -25.40 37.06 9.46
C GLY A 643 -24.27 36.64 10.39
N PRO A 644 -23.86 37.53 11.33
CA PRO A 644 -22.67 37.29 12.20
C PRO A 644 -22.93 36.48 13.48
N LYS A 645 -22.06 35.52 13.78
CA LYS A 645 -22.00 34.99 15.16
C LYS A 645 -21.77 36.14 16.18
N VAL A 646 -22.43 36.05 17.33
CA VAL A 646 -22.28 37.08 18.36
C VAL A 646 -21.75 36.52 19.68
N SER A 647 -22.42 35.49 20.20
CA SER A 647 -22.17 34.96 21.53
C SER A 647 -21.12 33.87 21.52
N HIS A 648 -20.22 33.90 22.50
CA HIS A 648 -19.29 32.80 22.71
C HIS A 648 -20.06 31.50 22.96
N GLY A 649 -21.32 31.59 23.35
CA GLY A 649 -22.11 30.38 23.52
C GLY A 649 -22.33 29.65 22.20
N GLY A 650 -22.24 30.41 21.11
CA GLY A 650 -22.50 29.87 19.80
C GLY A 650 -23.62 30.61 19.07
N ALA A 651 -23.64 30.39 17.76
CA ALA A 651 -24.75 30.81 16.92
C ALA A 651 -25.23 29.52 16.27
N LEU A 652 -26.24 29.60 15.39
CA LEU A 652 -26.87 28.42 14.88
C LEU A 652 -26.82 28.25 13.36
N SER A 653 -25.85 28.88 12.71
CA SER A 653 -25.64 28.70 11.28
C SER A 653 -25.17 27.29 10.91
N PRO A 654 -25.82 26.70 9.92
CA PRO A 654 -25.47 25.33 9.53
C PRO A 654 -24.12 25.37 8.80
N ARG A 655 -23.61 26.57 8.57
CA ARG A 655 -22.28 26.73 8.00
C ARG A 655 -21.23 27.02 9.08
N GLY A 656 -21.65 27.12 10.34
CA GLY A 656 -20.72 27.38 11.43
C GLY A 656 -20.83 26.40 12.62
N ASP A 657 -21.45 26.85 13.70
CA ASP A 657 -21.53 26.12 14.96
C ASP A 657 -22.43 24.93 15.01
N TRP A 658 -23.43 24.87 14.14
CA TRP A 658 -24.39 23.79 14.32
C TRP A 658 -24.70 23.02 13.05
N ARG A 659 -23.96 21.93 12.86
CA ARG A 659 -24.17 21.00 11.74
C ARG A 659 -24.98 19.81 12.26
N ALA A 660 -26.24 19.72 11.82
CA ALA A 660 -27.07 18.60 12.25
C ALA A 660 -28.07 18.19 11.20
N PRO A 661 -28.65 17.00 11.40
CA PRO A 661 -29.63 16.46 10.46
C PRO A 661 -30.98 17.18 10.53
N SER A 662 -31.64 17.32 9.38
CA SER A 662 -32.98 17.86 9.31
C SER A 662 -34.03 16.79 9.49
N ASP A 663 -33.63 15.52 9.61
CA ASP A 663 -34.61 14.42 9.58
C ASP A 663 -34.44 13.40 10.69
N MET A 664 -34.17 13.92 11.89
CA MET A 664 -33.83 13.11 13.06
C MET A 664 -34.88 13.28 14.12
N SER A 665 -35.19 12.19 14.82
CA SER A 665 -36.09 12.28 15.96
C SER A 665 -35.32 12.62 17.24
N ALA A 666 -36.04 13.14 18.23
CA ALA A 666 -35.42 13.45 19.53
C ALA A 666 -35.77 12.43 20.59
N ARG A 667 -36.06 11.20 20.18
CA ARG A 667 -36.53 10.20 21.13
C ARG A 667 -35.62 10.02 22.34
N ILE A 668 -34.32 9.86 22.13
CA ILE A 668 -33.42 9.56 23.25
C ILE A 668 -33.32 10.67 24.28
N TRP A 669 -33.44 11.93 23.85
CA TRP A 669 -33.44 13.03 24.81
C TRP A 669 -34.69 13.06 25.65
N LEU A 670 -35.84 12.91 25.01
CA LEU A 670 -37.11 12.78 25.72
C LEU A 670 -37.08 11.60 26.70
N ASP A 671 -36.42 10.51 26.32
CA ASP A 671 -36.45 9.33 27.17
C ASP A 671 -35.58 9.58 28.39
N GLN A 672 -34.47 10.26 28.16
CA GLN A 672 -33.54 10.62 29.25
C GLN A 672 -34.28 11.49 30.28
N ILE A 673 -35.11 12.42 29.81
CA ILE A 673 -35.87 13.26 30.72
C ILE A 673 -36.83 12.42 31.54
N ASP A 674 -37.51 11.50 30.90
CA ASP A 674 -38.39 10.55 31.56
C ASP A 674 -37.71 9.73 32.65
N ARG A 675 -36.54 9.17 32.33
CA ARG A 675 -35.89 8.24 33.24
C ARG A 675 -35.15 8.95 34.37
N GLU A 676 -34.70 10.18 34.11
CA GLU A 676 -33.73 10.87 35.01
C GLU A 676 -34.28 12.06 35.80
N VAL A 677 -35.14 12.87 35.18
CA VAL A 677 -35.67 14.06 35.84
C VAL A 677 -36.98 13.81 36.56
N PRO A 678 -37.00 14.01 37.89
CA PRO A 678 -38.20 13.80 38.72
C PRO A 678 -39.38 14.59 38.18
N LYS A 679 -40.60 14.10 38.40
CA LYS A 679 -41.80 14.70 37.85
C LYS A 679 -42.04 16.13 38.32
N GLY A 680 -41.58 16.44 39.53
CA GLY A 680 -41.81 17.76 40.08
C GLY A 680 -41.03 18.02 41.34
N MET B 2 -13.64 -38.54 10.18
CA MET B 2 -13.96 -37.13 9.93
C MET B 2 -15.37 -36.86 9.43
N ASN B 3 -15.67 -35.60 9.11
CA ASN B 3 -17.02 -35.17 8.72
C ASN B 3 -16.95 -34.38 7.40
N PHE B 4 -17.05 -35.13 6.31
CA PHE B 4 -16.58 -34.73 4.98
C PHE B 4 -17.38 -33.68 4.25
N TYR B 5 -18.66 -33.53 4.62
CA TYR B 5 -19.50 -32.55 3.95
C TYR B 5 -19.50 -31.19 4.63
N SER B 6 -18.59 -31.01 5.61
CA SER B 6 -18.50 -29.77 6.40
C SER B 6 -17.52 -28.76 5.79
N ALA B 7 -18.03 -27.61 5.38
CA ALA B 7 -17.17 -26.54 4.83
C ALA B 7 -16.05 -26.12 5.78
N TYR B 8 -16.30 -26.19 7.08
CA TYR B 8 -15.32 -25.69 8.03
C TYR B 8 -14.18 -26.68 8.11
N GLN B 9 -14.53 -27.97 8.08
CA GLN B 9 -13.51 -28.99 8.12
C GLN B 9 -12.69 -29.05 6.86
N HIS B 10 -13.10 -28.31 5.83
CA HIS B 10 -12.27 -28.17 4.63
C HIS B 10 -11.52 -26.84 4.50
N GLY B 11 -11.53 -26.04 5.54
CA GLY B 11 -10.71 -24.83 5.54
C GLY B 11 -11.43 -23.55 5.13
N PHE B 12 -12.74 -23.65 4.94
CA PHE B 12 -13.51 -22.44 4.68
C PHE B 12 -13.89 -21.81 5.98
N VAL B 13 -14.07 -20.49 5.89
CA VAL B 13 -14.64 -19.69 6.97
C VAL B 13 -15.76 -18.82 6.36
N ARG B 14 -16.95 -18.89 6.96
CA ARG B 14 -18.14 -18.19 6.44
C ARG B 14 -18.27 -16.73 6.96
N VAL B 15 -18.27 -15.76 6.05
CA VAL B 15 -18.25 -14.38 6.46
C VAL B 15 -19.44 -13.60 5.89
N ALA B 16 -19.87 -12.55 6.59
CA ALA B 16 -21.04 -11.79 6.20
C ALA B 16 -20.76 -10.30 6.28
N ALA B 17 -21.19 -9.59 5.24
CA ALA B 17 -21.16 -8.15 5.26
C ALA B 17 -22.61 -7.65 5.27
N CYS B 18 -22.98 -6.96 6.33
CA CYS B 18 -24.37 -6.62 6.58
C CYS B 18 -24.64 -5.12 6.40
N THR B 19 -25.79 -4.78 5.81
CA THR B 19 -26.25 -3.40 5.84
C THR B 19 -27.59 -3.33 6.56
N HIS B 20 -27.60 -2.65 7.71
CA HIS B 20 -28.79 -2.62 8.58
C HIS B 20 -29.66 -1.40 8.34
N HIS B 21 -30.70 -1.29 9.14
CA HIS B 21 -31.54 -0.13 8.96
C HIS B 21 -31.11 0.96 9.94
N THR B 22 -30.60 2.06 9.41
CA THR B 22 -30.17 3.14 10.27
C THR B 22 -31.36 3.91 10.81
N THR B 23 -31.39 4.09 12.11
CA THR B 23 -32.21 5.13 12.71
C THR B 23 -31.31 6.15 13.34
N ILE B 24 -31.03 7.23 12.62
CA ILE B 24 -30.03 8.18 13.10
C ILE B 24 -30.40 8.73 14.48
N GLY B 25 -29.41 8.85 15.34
CA GLY B 25 -29.63 9.36 16.67
C GLY B 25 -30.34 8.44 17.64
N ASP B 26 -30.45 7.16 17.30
CA ASP B 26 -31.24 6.25 18.14
C ASP B 26 -30.58 4.87 18.25
N PRO B 27 -29.53 4.80 19.09
CA PRO B 27 -28.67 3.62 19.24
C PRO B 27 -29.42 2.35 19.61
N ALA B 28 -30.43 2.42 20.49
CA ALA B 28 -31.19 1.23 20.84
C ALA B 28 -31.81 0.62 19.62
N ALA B 29 -32.25 1.48 18.70
CA ALA B 29 -32.94 1.02 17.51
C ALA B 29 -31.92 0.38 16.57
N ASN B 30 -30.80 1.05 16.38
CA ASN B 30 -29.75 0.48 15.54
C ASN B 30 -29.29 -0.89 16.09
N ALA B 31 -29.15 -0.97 17.41
CA ALA B 31 -28.67 -2.19 18.03
C ALA B 31 -29.66 -3.33 17.82
N ALA B 32 -30.94 -3.04 17.98
CA ALA B 32 -32.00 -4.00 17.68
C ALA B 32 -31.92 -4.53 16.26
N SER B 33 -31.61 -3.66 15.30
CA SER B 33 -31.46 -4.08 13.90
C SER B 33 -30.21 -4.94 13.76
N VAL B 34 -29.11 -4.47 14.36
CA VAL B 34 -27.87 -5.23 14.35
C VAL B 34 -28.07 -6.62 14.98
N LEU B 35 -28.71 -6.66 16.15
CA LEU B 35 -28.95 -7.91 16.85
C LEU B 35 -29.67 -8.91 15.97
N ASP B 36 -30.61 -8.39 15.21
CA ASP B 36 -31.45 -9.23 14.42
C ASP B 36 -30.72 -9.79 13.22
N MET B 37 -29.90 -8.95 12.61
CA MET B 37 -29.06 -9.42 11.52
C MET B 37 -28.00 -10.38 12.02
N ALA B 38 -27.46 -10.13 13.21
CA ALA B 38 -26.45 -11.01 13.78
C ALA B 38 -27.01 -12.40 14.06
N ARG B 39 -28.26 -12.47 14.49
CA ARG B 39 -28.90 -13.75 14.72
C ARG B 39 -29.08 -14.53 13.42
N ALA B 40 -29.39 -13.80 12.35
CA ALA B 40 -29.47 -14.41 11.05
C ALA B 40 -28.13 -15.03 10.67
N CYS B 41 -27.05 -14.29 10.92
CA CYS B 41 -25.72 -14.73 10.57
C CYS B 41 -25.36 -15.97 11.36
N HIS B 42 -25.76 -15.96 12.63
CA HIS B 42 -25.59 -17.14 13.48
C HIS B 42 -26.25 -18.35 12.85
N ASP B 43 -27.52 -18.17 12.50
CA ASP B 43 -28.29 -19.24 11.91
C ASP B 43 -27.62 -19.77 10.64
N ASP B 44 -26.96 -18.90 9.89
CA ASP B 44 -26.24 -19.28 8.67
C ASP B 44 -24.85 -19.91 8.96
N GLY B 45 -24.48 -20.04 10.23
CA GLY B 45 -23.15 -20.49 10.62
C GLY B 45 -21.98 -19.59 10.23
N ALA B 46 -22.25 -18.29 10.08
CA ALA B 46 -21.20 -17.31 9.83
C ALA B 46 -20.24 -17.17 11.01
N ALA B 47 -18.97 -16.97 10.68
CA ALA B 47 -17.93 -16.74 11.68
C ALA B 47 -17.71 -15.25 11.91
N LEU B 48 -18.27 -14.43 11.04
CA LEU B 48 -17.96 -13.02 11.03
C LEU B 48 -19.12 -12.23 10.45
N ALA B 49 -19.46 -11.12 11.09
CA ALA B 49 -20.47 -10.21 10.56
C ALA B 49 -19.99 -8.76 10.70
N VAL B 50 -19.74 -8.10 9.57
CA VAL B 50 -19.28 -6.70 9.54
C VAL B 50 -20.45 -5.72 9.25
N PHE B 51 -20.58 -4.65 10.03
CA PHE B 51 -21.66 -3.69 9.81
C PHE B 51 -21.16 -2.36 9.31
N PRO B 52 -22.09 -1.46 9.00
CA PRO B 52 -21.56 -0.19 8.44
C PRO B 52 -20.90 0.73 9.46
N GLU B 53 -20.12 1.66 8.95
CA GLU B 53 -19.38 2.65 9.78
C GLU B 53 -20.33 3.31 10.78
N LEU B 54 -19.89 3.58 11.99
CA LEU B 54 -20.74 4.25 13.00
C LEU B 54 -22.13 3.63 13.18
N THR B 55 -22.24 2.33 12.98
CA THR B 55 -23.49 1.60 13.13
C THR B 55 -24.44 2.07 14.23
N LEU B 56 -23.88 2.30 15.41
CA LEU B 56 -24.74 2.50 16.58
C LEU B 56 -25.35 3.89 16.68
N SER B 57 -24.76 4.81 15.94
CA SER B 57 -25.22 6.17 16.06
C SER B 57 -25.78 6.65 14.74
N GLY B 58 -25.35 6.04 13.65
CA GLY B 58 -25.60 6.60 12.33
C GLY B 58 -24.41 7.47 11.97
N TYR B 59 -23.89 7.29 10.77
CA TYR B 59 -22.67 7.97 10.36
C TYR B 59 -22.95 9.45 10.11
N SER B 60 -24.16 9.75 9.65
CA SER B 60 -24.45 11.05 9.08
C SER B 60 -24.90 12.15 10.08
N ILE B 61 -24.93 11.86 11.38
CA ILE B 61 -25.55 12.80 12.31
C ILE B 61 -24.72 14.01 12.71
N GLU B 62 -23.54 14.18 12.13
CA GLU B 62 -22.69 15.42 12.36
C GLU B 62 -22.52 15.86 13.85
N ASP B 63 -22.76 17.11 14.17
CA ASP B 63 -22.49 17.55 15.54
C ASP B 63 -23.37 16.84 16.57
N VAL B 64 -24.37 16.09 16.14
CA VAL B 64 -25.11 15.31 17.11
C VAL B 64 -24.19 14.22 17.75
N LEU B 65 -23.06 13.96 17.10
CA LEU B 65 -22.10 13.00 17.66
C LEU B 65 -21.53 13.49 18.99
N LEU B 66 -21.45 14.81 19.12
CA LEU B 66 -20.88 15.43 20.31
C LEU B 66 -21.88 15.57 21.45
N GLN B 67 -23.11 15.12 21.28
CA GLN B 67 -24.09 15.28 22.35
C GLN B 67 -24.00 14.21 23.42
N ASP B 68 -23.85 14.61 24.65
CA ASP B 68 -23.72 13.66 25.73
C ASP B 68 -24.77 12.55 25.72
N SER B 69 -26.02 12.90 25.46
CA SER B 69 -27.06 11.89 25.57
C SER B 69 -26.91 10.83 24.46
N LEU B 70 -26.32 11.25 23.34
CA LEU B 70 -26.12 10.38 22.17
C LEU B 70 -25.03 9.40 22.50
N LEU B 71 -23.92 9.93 23.01
CA LEU B 71 -22.76 9.13 23.38
C LEU B 71 -23.12 8.19 24.52
N ASP B 72 -23.91 8.67 25.49
CA ASP B 72 -24.32 7.79 26.58
C ASP B 72 -25.16 6.62 26.06
N ALA B 73 -26.08 6.91 25.14
CA ALA B 73 -26.98 5.91 24.61
C ALA B 73 -26.23 4.87 23.78
N VAL B 74 -25.30 5.34 22.95
CA VAL B 74 -24.38 4.47 22.23
C VAL B 74 -23.72 3.48 23.21
N GLU B 75 -23.09 3.97 24.27
CA GLU B 75 -22.48 3.03 25.25
C GLU B 75 -23.48 2.00 25.82
N ASP B 76 -24.65 2.44 26.25
CA ASP B 76 -25.62 1.50 26.80
C ASP B 76 -25.98 0.44 25.77
N ALA B 77 -26.08 0.85 24.51
CA ALA B 77 -26.53 -0.05 23.47
C ALA B 77 -25.46 -1.11 23.16
N LEU B 78 -24.21 -0.64 23.11
CA LEU B 78 -23.04 -1.48 22.96
C LEU B 78 -23.04 -2.58 24.01
N LEU B 79 -23.22 -2.22 25.27
CA LEU B 79 -23.18 -3.21 26.31
C LEU B 79 -24.27 -4.30 26.14
N ASP B 80 -25.46 -3.90 25.69
CA ASP B 80 -26.52 -4.89 25.42
C ASP B 80 -26.16 -5.85 24.28
N LEU B 81 -25.62 -5.33 23.18
CA LEU B 81 -25.11 -6.19 22.13
C LEU B 81 -24.07 -7.21 22.70
N VAL B 82 -23.09 -6.70 23.44
CA VAL B 82 -22.04 -7.55 23.96
C VAL B 82 -22.65 -8.67 24.77
N THR B 83 -23.65 -8.34 25.57
CA THR B 83 -24.32 -9.32 26.39
C THR B 83 -25.12 -10.33 25.57
N GLU B 84 -25.84 -9.82 24.57
CA GLU B 84 -26.58 -10.68 23.60
C GLU B 84 -25.61 -11.58 22.84
N SER B 85 -24.41 -11.08 22.61
CA SER B 85 -23.42 -11.81 21.82
C SER B 85 -22.87 -13.08 22.52
N ALA B 86 -23.25 -13.31 23.77
CA ALA B 86 -22.82 -14.52 24.46
C ALA B 86 -23.38 -15.77 23.80
N ASP B 87 -24.48 -15.61 23.09
CA ASP B 87 -25.15 -16.75 22.48
C ASP B 87 -25.04 -16.77 20.97
N LEU B 88 -24.16 -15.93 20.43
CA LEU B 88 -24.00 -15.80 18.99
C LEU B 88 -22.70 -16.39 18.50
N LEU B 89 -22.73 -17.10 17.37
CA LEU B 89 -21.54 -17.77 16.88
C LEU B 89 -20.48 -16.80 16.35
N PRO B 90 -20.89 -15.83 15.52
CA PRO B 90 -19.92 -14.99 14.81
C PRO B 90 -19.32 -13.90 15.66
N VAL B 91 -18.13 -13.50 15.23
CA VAL B 91 -17.49 -12.29 15.65
C VAL B 91 -18.28 -11.16 14.99
N LEU B 92 -18.83 -10.24 15.78
CA LEU B 92 -19.54 -9.08 15.25
C LEU B 92 -18.60 -7.90 15.24
N VAL B 93 -18.58 -7.18 14.13
CA VAL B 93 -17.80 -5.96 14.05
C VAL B 93 -18.77 -4.81 13.85
N VAL B 94 -19.00 -4.03 14.92
CA VAL B 94 -20.00 -2.97 14.85
C VAL B 94 -19.45 -1.59 15.20
N GLY B 95 -19.84 -0.60 14.38
CA GLY B 95 -19.34 0.75 14.48
C GLY B 95 -19.96 1.56 15.61
N ALA B 96 -19.21 2.49 16.16
CA ALA B 96 -19.65 3.25 17.33
C ALA B 96 -18.73 4.45 17.55
N PRO B 97 -19.32 5.61 17.79
CA PRO B 97 -18.49 6.74 18.20
C PRO B 97 -18.17 6.55 19.71
N LEU B 98 -16.90 6.53 20.10
CA LEU B 98 -16.58 6.23 21.49
C LEU B 98 -15.63 7.23 22.12
N ARG B 99 -15.84 7.48 23.42
CA ARG B 99 -15.00 8.44 24.15
C ARG B 99 -13.74 7.74 24.60
N HIS B 100 -12.60 8.33 24.28
CA HIS B 100 -11.32 7.90 24.81
C HIS B 100 -10.38 9.10 25.08
N ARG B 101 -9.68 9.08 26.21
CA ARG B 101 -8.91 10.25 26.62
C ARG B 101 -9.68 11.60 26.52
N HIS B 102 -9.34 12.41 25.50
CA HIS B 102 -9.92 13.75 25.31
C HIS B 102 -11.07 13.82 24.31
N ARG B 103 -11.22 12.80 23.47
CA ARG B 103 -12.09 12.93 22.30
C ARG B 103 -12.99 11.73 21.98
N ILE B 104 -13.76 11.83 20.90
CA ILE B 104 -14.46 10.65 20.48
C ILE B 104 -13.72 10.20 19.28
N TYR B 105 -13.56 8.88 19.20
CA TYR B 105 -12.98 8.25 18.03
C TYR B 105 -14.07 7.57 17.26
N ASN B 106 -13.85 7.45 15.95
CA ASN B 106 -14.72 6.72 15.02
C ASN B 106 -14.27 5.29 15.11
N THR B 107 -15.03 4.43 15.77
CA THR B 107 -14.48 3.11 16.03
C THR B 107 -15.27 1.93 15.50
N ALA B 108 -14.58 0.82 15.35
CA ALA B 108 -15.22 -0.45 15.12
C ALA B 108 -15.01 -1.31 16.34
N VAL B 109 -16.08 -1.82 16.93
CA VAL B 109 -15.97 -2.64 18.13
C VAL B 109 -16.06 -4.14 17.83
N VAL B 110 -14.96 -4.85 18.05
CA VAL B 110 -14.91 -6.29 17.70
C VAL B 110 -15.47 -7.07 18.89
N ILE B 111 -16.57 -7.77 18.66
CA ILE B 111 -17.32 -8.36 19.76
C ILE B 111 -17.43 -9.85 19.54
N HIS B 112 -17.22 -10.63 20.60
CA HIS B 112 -17.28 -12.07 20.47
C HIS B 112 -17.67 -12.85 21.72
N ARG B 113 -18.71 -13.65 21.60
CA ARG B 113 -19.16 -14.52 22.67
C ARG B 113 -19.11 -13.86 24.05
N GLY B 114 -19.71 -12.67 24.18
CA GLY B 114 -19.87 -12.04 25.47
C GLY B 114 -18.81 -11.04 25.89
N ALA B 115 -17.78 -10.87 25.06
CA ALA B 115 -16.70 -9.96 25.39
C ALA B 115 -16.31 -9.09 24.22
N VAL B 116 -15.67 -7.96 24.53
CA VAL B 116 -15.12 -7.09 23.51
C VAL B 116 -13.67 -7.51 23.35
N LEU B 117 -13.28 -7.85 22.15
CA LEU B 117 -11.96 -8.36 21.88
C LEU B 117 -11.02 -7.20 21.68
N GLY B 118 -11.54 -6.10 21.16
CA GLY B 118 -10.72 -4.99 20.73
C GLY B 118 -11.61 -3.87 20.22
N VAL B 119 -11.05 -2.67 20.17
CA VAL B 119 -11.71 -1.51 19.61
C VAL B 119 -10.72 -0.84 18.69
N VAL B 120 -11.12 -0.63 17.46
CA VAL B 120 -10.23 -0.12 16.43
C VAL B 120 -10.71 1.25 15.91
N PRO B 121 -9.87 2.27 16.03
CA PRO B 121 -10.31 3.58 15.56
C PRO B 121 -9.96 3.77 14.08
N LYS B 122 -10.78 4.50 13.36
CA LYS B 122 -10.48 4.88 11.99
C LYS B 122 -9.20 5.64 12.02
N SER B 123 -8.37 5.50 11.00
CA SER B 123 -7.05 6.15 11.04
C SER B 123 -7.07 7.45 10.28
N TYR B 124 -7.83 7.48 9.19
CA TYR B 124 -7.80 8.68 8.38
C TYR B 124 -9.19 9.28 8.24
N LEU B 125 -9.33 10.50 8.77
CA LEU B 125 -10.62 11.18 8.87
C LEU B 125 -10.78 12.27 7.79
N PRO B 126 -11.59 11.97 6.74
CA PRO B 126 -11.70 12.92 5.63
C PRO B 126 -12.37 14.22 6.08
N THR B 127 -11.75 15.32 5.68
CA THR B 127 -12.30 16.62 5.89
C THR B 127 -12.05 17.36 4.62
N TYR B 128 -12.92 17.09 3.66
CA TYR B 128 -12.91 17.68 2.34
C TYR B 128 -14.23 17.35 1.64
N ARG B 129 -14.54 18.06 0.55
CA ARG B 129 -15.82 17.87 -0.15
C ARG B 129 -16.99 17.67 0.80
N GLU B 130 -17.63 16.53 0.75
CA GLU B 130 -18.83 16.32 1.59
C GLU B 130 -18.49 15.80 3.00
N PHE B 131 -17.21 15.66 3.27
CA PHE B 131 -16.77 15.05 4.54
C PHE B 131 -16.23 16.05 5.57
N TYR B 132 -16.69 15.94 6.81
CA TYR B 132 -16.30 16.86 7.87
C TYR B 132 -15.83 16.11 9.13
N GLU B 133 -15.36 14.88 8.96
CA GLU B 133 -15.09 14.00 10.13
C GLU B 133 -14.13 14.56 11.21
N ARG B 134 -13.11 15.32 10.83
CA ARG B 134 -12.16 15.86 11.85
C ARG B 134 -12.84 16.81 12.81
N ARG B 135 -13.92 17.46 12.37
CA ARG B 135 -14.66 18.37 13.24
C ARG B 135 -15.13 17.69 14.54
N GLN B 136 -15.64 16.46 14.44
CA GLN B 136 -16.21 15.77 15.60
C GLN B 136 -15.34 14.67 16.13
N MET B 137 -14.41 14.17 15.33
CA MET B 137 -13.75 12.94 15.71
C MET B 137 -12.25 13.04 15.59
N ALA B 138 -11.55 12.35 16.50
CA ALA B 138 -10.06 12.27 16.49
C ALA B 138 -9.51 11.15 15.62
N PRO B 139 -8.40 11.42 14.89
CA PRO B 139 -7.68 10.37 14.15
C PRO B 139 -7.19 9.31 15.10
N GLY B 140 -7.26 8.06 14.68
CA GLY B 140 -6.77 6.91 15.43
C GLY B 140 -5.36 6.45 15.09
N ASP B 141 -4.74 7.00 14.04
CA ASP B 141 -3.43 6.46 13.63
C ASP B 141 -2.43 6.60 14.75
N GLY B 142 -1.85 5.50 15.15
CA GLY B 142 -0.82 5.59 16.18
C GLY B 142 -1.35 5.58 17.59
N GLU B 143 -2.66 5.37 17.76
CA GLU B 143 -3.19 5.09 19.12
C GLU B 143 -2.94 3.64 19.46
N ARG B 144 -2.62 3.42 20.72
CA ARG B 144 -2.36 2.08 21.25
C ARG B 144 -2.92 1.98 22.67
N GLY B 145 -2.51 0.96 23.39
CA GLY B 145 -3.01 0.83 24.73
C GLY B 145 -4.40 0.25 24.80
N THR B 146 -5.11 0.60 25.85
CA THR B 146 -6.41 0.04 26.07
C THR B 146 -7.46 1.12 26.26
N ILE B 147 -8.72 0.69 26.29
CA ILE B 147 -9.83 1.61 26.46
C ILE B 147 -10.80 0.89 27.37
N ARG B 148 -11.59 1.67 28.12
CA ARG B 148 -12.47 1.07 29.11
C ARG B 148 -13.87 0.98 28.56
N ILE B 149 -14.37 -0.25 28.44
CA ILE B 149 -15.72 -0.52 27.93
C ILE B 149 -16.38 -1.50 28.89
N GLY B 150 -17.40 -1.02 29.56
CA GLY B 150 -18.13 -1.86 30.48
C GLY B 150 -17.24 -2.57 31.46
N GLY B 151 -16.51 -1.80 32.26
CA GLY B 151 -15.70 -2.36 33.32
C GLY B 151 -14.61 -3.33 32.92
N ALA B 152 -14.17 -3.25 31.66
CA ALA B 152 -13.02 -4.02 31.20
C ALA B 152 -12.04 -3.12 30.45
N ASP B 153 -10.75 -3.45 30.53
CA ASP B 153 -9.77 -2.74 29.72
C ASP B 153 -9.48 -3.58 28.51
N VAL B 154 -9.77 -3.05 27.33
CA VAL B 154 -9.61 -3.85 26.15
C VAL B 154 -8.69 -3.16 25.16
N ALA B 155 -8.03 -3.97 24.36
CA ALA B 155 -7.09 -3.47 23.37
C ALA B 155 -7.70 -2.37 22.53
N PHE B 156 -6.93 -1.32 22.31
CA PHE B 156 -7.38 -0.21 21.52
C PHE B 156 -6.26 0.18 20.59
N GLY B 157 -6.56 0.36 19.31
CA GLY B 157 -5.57 0.89 18.39
C GLY B 157 -5.64 0.31 16.97
N THR B 158 -4.78 0.83 16.09
CA THR B 158 -4.80 0.49 14.70
C THR B 158 -4.07 -0.83 14.43
N ASP B 159 -3.22 -1.22 15.38
CA ASP B 159 -2.34 -2.40 15.28
C ASP B 159 -2.93 -3.75 15.78
N LEU B 160 -4.22 -3.99 15.64
CA LEU B 160 -4.78 -5.22 16.21
C LEU B 160 -5.05 -6.35 15.18
N LEU B 161 -4.86 -7.60 15.61
CA LEU B 161 -5.20 -8.79 14.84
C LEU B 161 -5.97 -9.70 15.72
N PHE B 162 -7.05 -10.23 15.17
CA PHE B 162 -7.86 -11.15 15.93
C PHE B 162 -7.74 -12.54 15.30
N ALA B 163 -7.22 -13.47 16.07
CA ALA B 163 -6.89 -14.78 15.50
C ALA B 163 -7.69 -15.89 16.11
N ALA B 164 -8.30 -16.69 15.26
CA ALA B 164 -9.07 -17.82 15.74
C ALA B 164 -8.10 -18.93 16.09
N SER B 165 -8.14 -19.36 17.34
CA SER B 165 -7.11 -20.23 17.89
C SER B 165 -7.36 -21.64 17.39
N ASP B 166 -8.60 -21.90 17.02
CA ASP B 166 -9.01 -23.21 16.48
C ASP B 166 -9.28 -23.14 14.99
N LEU B 167 -8.71 -22.15 14.32
CA LEU B 167 -8.98 -21.93 12.90
C LEU B 167 -7.98 -20.93 12.34
N PRO B 168 -6.73 -21.34 12.29
CA PRO B 168 -5.55 -20.51 12.10
C PRO B 168 -5.50 -19.79 10.76
N GLY B 169 -6.35 -20.20 9.84
CA GLY B 169 -6.40 -19.55 8.54
C GLY B 169 -7.21 -18.28 8.59
N PHE B 170 -7.92 -18.11 9.70
CA PHE B 170 -8.76 -16.94 9.92
C PHE B 170 -8.09 -15.96 10.90
N VAL B 171 -7.42 -14.95 10.35
CA VAL B 171 -6.84 -13.90 11.14
C VAL B 171 -7.41 -12.60 10.65
N LEU B 172 -8.20 -11.95 11.52
CA LEU B 172 -8.99 -10.75 11.20
C LEU B 172 -8.31 -9.44 11.50
N HIS B 173 -8.35 -8.52 10.55
CA HIS B 173 -7.98 -7.16 10.78
C HIS B 173 -9.16 -6.31 10.35
N VAL B 174 -9.33 -5.16 11.01
CA VAL B 174 -10.38 -4.21 10.69
C VAL B 174 -9.84 -2.80 10.42
N GLU B 175 -10.33 -2.21 9.34
CA GLU B 175 -10.13 -0.74 9.11
C GLU B 175 -11.47 -0.10 8.82
N ILE B 176 -11.44 1.19 8.50
CA ILE B 176 -12.68 1.92 8.34
C ILE B 176 -12.67 2.86 7.16
N ALA B 177 -13.60 2.59 6.24
CA ALA B 177 -13.89 3.50 5.17
C ALA B 177 -12.63 4.06 4.51
N GLU B 178 -12.44 5.37 4.66
CA GLU B 178 -11.28 6.08 4.09
C GLU B 178 -9.95 5.34 4.31
N ASP B 179 -9.83 4.54 5.37
CA ASP B 179 -8.58 3.81 5.60
C ASP B 179 -8.05 3.10 4.34
N MET B 180 -8.95 2.58 3.52
CA MET B 180 -8.49 1.74 2.40
C MET B 180 -8.18 2.51 1.14
N PHE B 181 -8.35 3.83 1.20
CA PHE B 181 -8.18 4.70 0.03
C PHE B 181 -6.85 5.47 0.01
N VAL B 182 -6.06 5.32 1.07
CA VAL B 182 -4.79 6.04 1.11
C VAL B 182 -3.64 5.23 0.55
N PRO B 183 -2.63 5.92 0.02
CA PRO B 183 -1.52 5.13 -0.55
C PRO B 183 -1.08 3.92 0.33
N MET B 184 -0.94 4.10 1.63
CA MET B 184 -0.51 3.02 2.46
C MET B 184 -1.53 2.68 3.54
N PRO B 185 -2.46 1.80 3.22
CA PRO B 185 -3.56 1.55 4.15
C PRO B 185 -3.11 0.69 5.28
N PRO B 186 -3.73 0.84 6.45
CA PRO B 186 -3.52 -0.05 7.61
C PRO B 186 -3.66 -1.52 7.23
N SER B 187 -4.62 -1.83 6.37
CA SER B 187 -4.88 -3.24 6.04
C SER B 187 -3.69 -3.92 5.33
N ALA B 188 -2.94 -3.16 4.55
CA ALA B 188 -1.79 -3.69 3.86
C ALA B 188 -0.69 -4.12 4.83
N GLU B 189 -0.42 -3.31 5.84
CA GLU B 189 0.54 -3.73 6.87
C GLU B 189 0.00 -4.94 7.61
N ALA B 190 -1.30 -4.93 7.86
CA ALA B 190 -1.90 -5.99 8.64
C ALA B 190 -1.79 -7.32 7.93
N ALA B 191 -1.94 -7.29 6.60
CA ALA B 191 -1.90 -8.57 5.88
C ALA B 191 -0.49 -9.11 5.97
N LEU B 192 0.51 -8.25 5.74
CA LEU B 192 1.92 -8.62 5.95
C LEU B 192 2.18 -9.22 7.32
N ALA B 193 1.43 -8.77 8.33
CA ALA B 193 1.65 -9.21 9.71
C ALA B 193 0.90 -10.50 10.01
N GLY B 194 0.04 -10.91 9.10
CA GLY B 194 -0.66 -12.15 9.28
C GLY B 194 -2.15 -12.14 9.02
N ALA B 195 -2.72 -10.96 8.81
CA ALA B 195 -4.16 -10.88 8.66
C ALA B 195 -4.51 -11.53 7.36
N THR B 196 -5.57 -12.35 7.35
CA THR B 196 -6.02 -13.04 6.14
C THR B 196 -7.41 -12.54 5.69
N VAL B 197 -8.22 -12.15 6.65
CA VAL B 197 -9.53 -11.59 6.34
C VAL B 197 -9.58 -10.09 6.76
N LEU B 198 -9.75 -9.21 5.78
CA LEU B 198 -9.65 -7.78 6.03
C LEU B 198 -11.04 -7.16 6.01
N ALA B 199 -11.57 -6.77 7.17
CA ALA B 199 -12.88 -6.10 7.24
C ALA B 199 -12.83 -4.56 7.07
N ASN B 200 -13.87 -4.01 6.42
CA ASN B 200 -13.99 -2.57 6.26
C ASN B 200 -15.40 -2.13 6.58
N LEU B 201 -15.55 -1.28 7.59
CA LEU B 201 -16.87 -0.72 7.83
C LEU B 201 -16.90 0.66 7.21
N SER B 202 -17.95 0.94 6.42
CA SER B 202 -18.02 2.17 5.60
C SER B 202 -19.37 2.93 5.77
N GLY B 203 -19.33 4.25 5.67
CA GLY B 203 -20.57 5.02 5.61
C GLY B 203 -20.83 5.27 4.15
N SER B 204 -20.00 6.13 3.59
CA SER B 204 -19.82 6.22 2.15
C SER B 204 -21.07 6.71 1.47
N PRO B 205 -21.31 8.00 1.61
CA PRO B 205 -22.45 8.54 0.86
C PRO B 205 -22.25 8.20 -0.62
N ILE B 206 -23.34 7.87 -1.32
CA ILE B 206 -23.23 7.41 -2.69
C ILE B 206 -23.26 8.55 -3.69
N THR B 207 -22.63 8.32 -4.81
CA THR B 207 -22.36 9.35 -5.77
C THR B 207 -22.12 8.65 -7.10
N ILE B 208 -22.32 9.35 -8.21
CA ILE B 208 -22.09 8.74 -9.50
C ILE B 208 -20.65 8.24 -9.60
N GLY B 209 -20.48 6.97 -9.91
CA GLY B 209 -19.17 6.36 -10.06
C GLY B 209 -18.49 5.93 -8.76
N ARG B 210 -19.12 6.19 -7.62
CA ARG B 210 -18.47 5.85 -6.36
C ARG B 210 -18.39 4.34 -6.08
N ALA B 211 -19.39 3.60 -6.54
CA ALA B 211 -19.42 2.15 -6.32
C ALA B 211 -18.28 1.47 -7.09
N GLU B 212 -17.89 2.06 -8.21
CA GLU B 212 -16.70 1.61 -8.96
C GLU B 212 -15.45 1.84 -8.11
N ASP B 213 -15.32 3.05 -7.53
CA ASP B 213 -14.20 3.36 -6.66
C ASP B 213 -14.11 2.38 -5.51
N ARG B 214 -15.23 2.15 -4.84
CA ARG B 214 -15.20 1.18 -3.75
C ARG B 214 -14.70 -0.16 -4.26
N ARG B 215 -15.26 -0.64 -5.38
CA ARG B 215 -14.76 -1.91 -5.94
C ARG B 215 -13.27 -1.93 -6.35
N LEU B 216 -12.83 -0.91 -7.07
CA LEU B 216 -11.45 -0.85 -7.52
C LEU B 216 -10.58 -1.10 -6.32
N LEU B 217 -10.85 -0.40 -5.23
CA LEU B 217 -10.00 -0.46 -4.05
C LEU B 217 -10.19 -1.68 -3.18
N ALA B 218 -11.41 -2.18 -3.02
CA ALA B 218 -11.57 -3.42 -2.25
C ALA B 218 -10.98 -4.60 -3.02
N ARG B 219 -11.20 -4.62 -4.34
CA ARG B 219 -10.72 -5.71 -5.14
C ARG B 219 -9.18 -5.71 -5.23
N SER B 220 -8.58 -4.56 -5.56
CA SER B 220 -7.13 -4.51 -5.63
C SER B 220 -6.56 -4.88 -4.28
N ALA B 221 -7.22 -4.47 -3.19
CA ALA B 221 -6.64 -4.78 -1.85
C ALA B 221 -6.62 -6.29 -1.62
N SER B 222 -7.73 -6.94 -1.96
CA SER B 222 -7.84 -8.35 -1.72
C SER B 222 -6.80 -9.08 -2.59
N ALA B 223 -6.49 -8.53 -3.77
CA ALA B 223 -5.52 -9.13 -4.68
C ALA B 223 -4.09 -8.90 -4.24
N ARG B 224 -3.72 -7.64 -4.01
CA ARG B 224 -2.38 -7.29 -3.56
C ARG B 224 -2.03 -7.87 -2.17
N CYS B 225 -3.03 -8.15 -1.35
CA CYS B 225 -2.80 -8.59 0.01
C CYS B 225 -3.10 -10.04 0.21
N LEU B 226 -3.42 -10.73 -0.89
CA LEU B 226 -3.74 -12.15 -0.86
C LEU B 226 -4.72 -12.47 0.26
N ALA B 227 -5.84 -11.74 0.26
CA ALA B 227 -6.78 -11.83 1.37
C ALA B 227 -8.22 -11.73 0.90
N ALA B 228 -9.12 -12.13 1.78
CA ALA B 228 -10.53 -11.79 1.68
C ALA B 228 -10.66 -10.34 2.18
N TYR B 229 -11.51 -9.57 1.51
CA TYR B 229 -11.82 -8.21 1.94
C TYR B 229 -13.33 -8.12 2.06
N VAL B 230 -13.80 -7.84 3.28
CA VAL B 230 -15.25 -7.85 3.61
C VAL B 230 -15.75 -6.45 3.87
N TYR B 231 -16.67 -5.96 3.03
CA TYR B 231 -17.03 -4.55 3.00
C TYR B 231 -18.54 -4.25 3.12
N ALA B 232 -18.90 -3.28 3.98
CA ALA B 232 -20.29 -3.03 4.31
C ALA B 232 -20.52 -1.52 4.39
N ALA B 233 -21.39 -1.00 3.55
CA ALA B 233 -21.68 0.44 3.56
C ALA B 233 -23.07 0.75 4.14
N ALA B 234 -23.25 2.01 4.55
CA ALA B 234 -24.53 2.41 5.12
C ALA B 234 -25.64 2.53 4.06
N GLY B 235 -26.87 2.28 4.48
CA GLY B 235 -28.00 2.36 3.58
C GLY B 235 -29.15 3.24 4.01
N GLU B 236 -30.36 2.70 3.92
CA GLU B 236 -31.63 3.44 4.30
C GLU B 236 -31.58 3.84 5.75
N GLY B 237 -32.01 5.06 6.04
CA GLY B 237 -32.10 5.52 7.42
C GLY B 237 -31.13 6.64 7.73
N GLU B 238 -29.96 6.58 7.10
CA GLU B 238 -28.99 7.72 7.15
C GLU B 238 -29.68 9.00 6.65
N SER B 239 -29.25 10.14 7.17
CA SER B 239 -29.82 11.41 6.81
C SER B 239 -29.60 11.84 5.35
N THR B 240 -30.67 12.28 4.70
CA THR B 240 -30.56 12.78 3.34
C THR B 240 -30.64 14.30 3.25
N THR B 241 -30.28 14.98 4.32
CA THR B 241 -29.97 16.42 4.31
C THR B 241 -29.06 16.86 3.14
N ASP B 242 -27.92 16.20 2.93
CA ASP B 242 -27.12 16.57 1.77
C ASP B 242 -26.64 15.38 0.94
N LEU B 243 -27.02 14.17 1.37
CA LEU B 243 -26.44 12.99 0.76
C LEU B 243 -27.42 11.83 0.67
N ALA B 244 -27.15 10.89 -0.24
CA ALA B 244 -27.94 9.67 -0.37
C ALA B 244 -27.01 8.53 -0.06
N TRP B 245 -27.59 7.35 0.16
CA TRP B 245 -26.85 6.16 0.55
C TRP B 245 -27.36 4.90 -0.19
N ASP B 246 -26.47 3.97 -0.50
CA ASP B 246 -26.86 2.84 -1.33
C ASP B 246 -26.77 1.44 -0.70
N GLY B 247 -26.35 1.35 0.55
CA GLY B 247 -26.41 0.07 1.22
C GLY B 247 -25.51 -1.06 0.69
N GLN B 248 -24.53 -0.72 -0.17
CA GLN B 248 -23.71 -1.73 -0.82
C GLN B 248 -22.92 -2.62 0.10
N THR B 249 -22.92 -3.92 -0.16
CA THR B 249 -22.07 -4.78 0.58
C THR B 249 -21.43 -5.74 -0.41
N MET B 250 -20.16 -6.09 -0.16
CA MET B 250 -19.42 -6.99 -1.00
C MET B 250 -18.36 -7.76 -0.24
N ILE B 251 -17.98 -8.91 -0.77
CA ILE B 251 -16.93 -9.75 -0.22
C ILE B 251 -15.98 -10.17 -1.34
N TRP B 252 -14.71 -9.80 -1.23
CA TRP B 252 -13.72 -10.13 -2.24
C TRP B 252 -12.76 -11.20 -1.72
N GLU B 253 -12.18 -11.98 -2.62
CA GLU B 253 -11.16 -12.95 -2.23
C GLU B 253 -10.11 -12.97 -3.31
N ASN B 254 -8.95 -12.43 -2.96
CA ASN B 254 -7.81 -12.46 -3.86
C ASN B 254 -8.14 -11.99 -5.30
N GLY B 255 -9.02 -11.00 -5.38
CA GLY B 255 -9.28 -10.31 -6.61
C GLY B 255 -10.60 -10.70 -7.19
N ALA B 256 -11.24 -11.67 -6.56
CA ALA B 256 -12.46 -12.29 -7.11
C ALA B 256 -13.62 -12.00 -6.25
N LEU B 257 -14.74 -11.62 -6.86
CA LEU B 257 -15.95 -11.30 -6.13
C LEU B 257 -16.63 -12.55 -5.62
N LEU B 258 -16.72 -12.74 -4.31
CA LEU B 258 -17.46 -13.89 -3.78
C LEU B 258 -18.97 -13.61 -3.73
N ALA B 259 -19.35 -12.37 -3.43
CA ALA B 259 -20.72 -12.04 -3.11
C ALA B 259 -20.89 -10.53 -3.09
N GLU B 260 -22.09 -10.08 -3.39
CA GLU B 260 -22.44 -8.65 -3.22
C GLU B 260 -23.92 -8.51 -3.10
N SER B 261 -24.36 -7.39 -2.61
CA SER B 261 -25.80 -7.26 -2.40
C SER B 261 -26.40 -6.18 -3.28
N GLU B 262 -27.73 -6.21 -3.35
CA GLU B 262 -28.49 -5.24 -4.12
C GLU B 262 -28.18 -3.79 -3.66
N ARG B 263 -27.94 -2.90 -4.63
CA ARG B 263 -27.74 -1.49 -4.36
C ARG B 263 -29.07 -0.75 -4.17
N PHE B 264 -29.11 0.22 -3.23
CA PHE B 264 -30.33 0.92 -2.90
C PHE B 264 -31.46 -0.04 -2.56
N PRO B 265 -31.18 -0.99 -1.68
CA PRO B 265 -32.24 -1.95 -1.33
C PRO B 265 -33.37 -1.30 -0.53
N LYS B 266 -34.55 -1.89 -0.58
CA LYS B 266 -35.59 -1.65 0.42
C LYS B 266 -35.45 -2.71 1.48
N GLY B 267 -34.98 -2.33 2.66
CA GLY B 267 -34.78 -3.29 3.71
C GLY B 267 -33.32 -3.68 3.85
N VAL B 268 -33.02 -4.53 4.83
CA VAL B 268 -31.64 -4.89 5.10
C VAL B 268 -31.15 -5.97 4.13
N ARG B 269 -29.85 -6.01 3.88
CA ARG B 269 -29.26 -6.98 2.98
C ARG B 269 -27.99 -7.51 3.62
N ARG B 270 -27.57 -8.70 3.20
CA ARG B 270 -26.33 -9.31 3.64
C ARG B 270 -25.64 -9.94 2.45
N SER B 271 -24.33 -9.85 2.39
CA SER B 271 -23.58 -10.72 1.54
C SER B 271 -23.03 -11.78 2.42
N VAL B 272 -23.23 -13.05 2.08
CA VAL B 272 -22.66 -14.15 2.85
C VAL B 272 -21.86 -15.07 1.94
N ALA B 273 -20.62 -15.38 2.29
CA ALA B 273 -19.79 -16.25 1.44
C ALA B 273 -18.91 -17.15 2.22
N ASP B 274 -18.53 -18.26 1.63
CA ASP B 274 -17.47 -19.05 2.23
C ASP B 274 -16.14 -18.64 1.62
N VAL B 275 -15.27 -18.10 2.48
CA VAL B 275 -13.90 -17.77 2.13
C VAL B 275 -13.04 -19.03 2.25
N ASP B 276 -12.22 -19.31 1.25
CA ASP B 276 -11.30 -20.44 1.29
C ASP B 276 -9.96 -20.00 1.93
N THR B 277 -9.76 -20.33 3.20
CA THR B 277 -8.52 -19.90 3.85
C THR B 277 -7.33 -20.65 3.29
N GLU B 278 -7.56 -21.86 2.82
CA GLU B 278 -6.47 -22.65 2.23
C GLU B 278 -5.99 -22.02 0.94
N LEU B 279 -6.90 -21.42 0.19
CA LEU B 279 -6.50 -20.78 -1.08
C LEU B 279 -5.55 -19.62 -0.75
N LEU B 280 -5.94 -18.80 0.21
CA LEU B 280 -5.12 -17.69 0.65
C LEU B 280 -3.79 -18.23 1.18
N ARG B 281 -3.88 -19.26 2.02
CA ARG B 281 -2.69 -19.89 2.57
C ARG B 281 -1.77 -20.31 1.41
N SER B 282 -2.35 -20.92 0.36
CA SER B 282 -1.52 -21.50 -0.70
C SER B 282 -0.87 -20.43 -1.55
N GLU B 283 -1.60 -19.35 -1.77
CA GLU B 283 -1.05 -18.25 -2.59
C GLU B 283 0.16 -17.64 -1.89
N ARG B 284 0.02 -17.40 -0.59
CA ARG B 284 1.08 -16.86 0.23
C ARG B 284 2.32 -17.77 0.35
N LEU B 285 2.12 -19.08 0.46
CA LEU B 285 3.24 -20.04 0.53
C LEU B 285 4.13 -19.93 -0.67
N ARG B 286 3.55 -19.49 -1.78
CA ARG B 286 4.17 -19.58 -3.08
C ARG B 286 4.75 -18.27 -3.55
N MET B 287 4.13 -17.17 -3.15
CA MET B 287 4.60 -15.87 -3.56
C MET B 287 5.58 -15.31 -2.50
N GLY B 288 6.83 -15.71 -2.62
CA GLY B 288 7.83 -15.35 -1.63
C GLY B 288 8.03 -13.88 -1.51
N THR B 289 7.75 -13.14 -2.57
CA THR B 289 7.96 -11.70 -2.55
C THR B 289 7.02 -10.99 -1.55
N PHE B 290 5.95 -11.67 -1.18
CA PHE B 290 5.00 -11.16 -0.20
C PHE B 290 5.67 -11.19 1.18
N ASP B 291 6.18 -12.35 1.60
CA ASP B 291 7.02 -12.42 2.81
C ASP B 291 8.20 -11.47 2.75
N ASP B 292 8.83 -11.32 1.58
CA ASP B 292 9.97 -10.42 1.40
C ASP B 292 9.59 -8.99 1.80
N ASN B 293 8.40 -8.59 1.36
CA ASN B 293 7.85 -7.26 1.67
C ASN B 293 7.72 -7.13 3.17
N ARG B 294 7.15 -8.14 3.83
CA ARG B 294 7.04 -8.14 5.28
C ARG B 294 8.39 -7.91 5.95
N ARG B 295 9.36 -8.76 5.68
CA ARG B 295 10.70 -8.60 6.24
C ARG B 295 11.21 -7.19 6.02
N HIS B 296 10.92 -6.60 4.89
CA HIS B 296 11.41 -5.26 4.62
C HIS B 296 10.80 -4.20 5.53
N HIS B 297 9.57 -4.46 5.98
CA HIS B 297 8.84 -3.62 6.95
C HIS B 297 8.73 -4.41 8.25
N ARG B 298 9.79 -5.12 8.62
CA ARG B 298 9.79 -5.91 9.86
C ARG B 298 9.24 -5.16 11.07
N GLU B 299 9.78 -3.98 11.35
CA GLU B 299 9.42 -3.31 12.63
C GLU B 299 7.95 -2.91 12.58
N LEU B 300 7.56 -2.27 11.49
CA LEU B 300 6.14 -2.07 11.21
C LEU B 300 5.25 -3.32 11.41
N THR B 301 5.72 -4.49 10.97
CA THR B 301 4.85 -5.67 10.96
C THR B 301 4.89 -6.55 12.19
N GLU B 302 5.91 -6.47 13.01
CA GLU B 302 5.89 -7.38 14.20
C GLU B 302 5.24 -6.74 15.42
N SER B 303 4.95 -5.46 15.29
CA SER B 303 4.42 -4.72 16.40
C SER B 303 2.91 -4.95 16.59
N PHE B 304 2.28 -5.68 15.67
CA PHE B 304 0.85 -5.95 15.84
C PHE B 304 0.64 -6.79 17.09
N ARG B 305 -0.54 -6.66 17.69
CA ARG B 305 -0.90 -7.42 18.87
C ARG B 305 -1.95 -8.42 18.45
N ARG B 306 -1.84 -9.63 18.96
CA ARG B 306 -2.65 -10.72 18.45
C ARG B 306 -3.62 -11.05 19.57
N ILE B 307 -4.89 -10.77 19.36
CA ILE B 307 -5.90 -11.17 20.34
C ILE B 307 -6.50 -12.51 19.96
N ASP B 308 -6.41 -13.50 20.84
CA ASP B 308 -6.97 -14.82 20.51
C ASP B 308 -8.44 -14.96 20.93
N PHE B 309 -9.18 -15.75 20.15
CA PHE B 309 -10.53 -16.20 20.48
C PHE B 309 -10.75 -17.58 19.88
N ALA B 310 -11.68 -18.32 20.47
CA ALA B 310 -12.03 -19.64 19.96
C ALA B 310 -13.39 -19.58 19.31
N LEU B 311 -13.43 -19.81 18.00
CA LEU B 311 -14.65 -19.71 17.18
C LEU B 311 -15.60 -20.84 17.51
N ASP B 312 -15.06 -22.03 17.53
CA ASP B 312 -15.81 -23.26 17.72
C ASP B 312 -16.96 -23.38 16.69
N PRO B 313 -16.62 -23.44 15.40
CA PRO B 313 -17.63 -23.33 14.35
C PRO B 313 -18.45 -24.60 14.29
N PRO B 314 -19.57 -24.56 13.58
CA PRO B 314 -20.40 -25.76 13.45
C PRO B 314 -19.63 -26.86 12.68
N ALA B 315 -19.79 -28.10 13.14
CA ALA B 315 -19.06 -29.24 12.60
C ALA B 315 -19.73 -29.93 11.41
N GLY B 316 -21.02 -29.69 11.21
CA GLY B 316 -21.79 -30.46 10.26
C GLY B 316 -21.89 -29.90 8.85
N ASP B 317 -22.89 -30.40 8.12
CA ASP B 317 -23.11 -29.98 6.74
C ASP B 317 -23.89 -28.67 6.76
N ILE B 318 -23.25 -27.59 6.31
CA ILE B 318 -23.97 -26.31 6.17
C ILE B 318 -23.81 -25.81 4.75
N GLY B 319 -23.68 -26.73 3.82
CA GLY B 319 -23.56 -26.34 2.42
C GLY B 319 -22.26 -25.61 2.17
N LEU B 320 -22.13 -25.02 1.01
CA LEU B 320 -20.91 -24.34 0.61
C LEU B 320 -21.39 -23.12 -0.11
N LEU B 321 -21.35 -21.98 0.57
CA LEU B 321 -21.82 -20.72 0.00
C LEU B 321 -20.71 -20.17 -0.91
N ARG B 322 -20.50 -20.87 -2.02
CA ARG B 322 -19.36 -20.59 -2.86
C ARG B 322 -19.60 -21.20 -4.23
N GLU B 323 -19.29 -20.44 -5.26
CA GLU B 323 -19.43 -20.92 -6.64
C GLU B 323 -18.15 -21.67 -7.04
N VAL B 324 -18.29 -22.94 -7.42
CA VAL B 324 -17.13 -23.73 -7.85
C VAL B 324 -17.28 -24.08 -9.31
N GLU B 325 -16.54 -23.41 -10.18
CA GLU B 325 -16.56 -23.74 -11.65
C GLU B 325 -16.29 -25.24 -11.92
N ARG B 326 -17.03 -25.89 -12.82
CA ARG B 326 -16.69 -27.26 -13.23
C ARG B 326 -15.35 -27.30 -13.97
N PHE B 327 -15.04 -26.21 -14.67
CA PHE B 327 -13.87 -26.16 -15.53
C PHE B 327 -12.93 -25.03 -15.16
N PRO B 328 -12.05 -25.27 -14.19
CA PRO B 328 -11.10 -24.27 -13.72
C PRO B 328 -10.34 -23.59 -14.86
N PHE B 329 -10.12 -24.33 -15.92
CA PHE B 329 -9.44 -23.83 -17.12
C PHE B 329 -10.42 -23.27 -18.18
N VAL B 330 -11.72 -23.48 -17.99
CA VAL B 330 -12.71 -22.99 -18.95
C VAL B 330 -13.84 -22.23 -18.28
N PRO B 331 -13.68 -20.90 -18.16
CA PRO B 331 -14.71 -20.04 -17.55
C PRO B 331 -16.06 -20.23 -18.23
N ALA B 332 -17.11 -20.29 -17.40
CA ALA B 332 -18.47 -20.44 -17.87
C ALA B 332 -19.03 -19.14 -18.48
N ASP B 333 -18.56 -17.98 -18.00
CA ASP B 333 -18.99 -16.69 -18.56
C ASP B 333 -18.46 -16.43 -19.96
N PRO B 334 -19.36 -16.31 -20.92
CA PRO B 334 -18.95 -16.29 -22.34
C PRO B 334 -17.99 -15.14 -22.66
N GLN B 335 -18.12 -13.97 -22.01
CA GLN B 335 -17.25 -12.83 -22.33
C GLN B 335 -15.85 -13.22 -21.97
N ARG B 336 -15.76 -13.79 -20.78
CA ARG B 336 -14.49 -14.26 -20.21
C ARG B 336 -13.86 -15.41 -20.97
N LEU B 337 -14.68 -16.41 -21.36
CA LEU B 337 -14.15 -17.56 -22.04
C LEU B 337 -13.58 -17.03 -23.33
N GLN B 338 -14.26 -16.05 -23.91
CA GLN B 338 -13.81 -15.49 -25.18
C GLN B 338 -12.45 -14.82 -25.00
N GLN B 339 -12.31 -14.05 -23.95
CA GLN B 339 -11.05 -13.42 -23.64
C GLN B 339 -9.96 -14.46 -23.49
N ASP B 340 -10.24 -15.53 -22.75
CA ASP B 340 -9.24 -16.59 -22.48
C ASP B 340 -8.76 -17.24 -23.78
N CYS B 341 -9.69 -17.49 -24.70
CA CYS B 341 -9.38 -18.14 -25.96
C CYS B 341 -8.48 -17.26 -26.80
N TYR B 342 -8.91 -16.01 -27.00
CA TYR B 342 -8.07 -14.98 -27.61
C TYR B 342 -6.62 -15.02 -27.07
N GLU B 343 -6.47 -14.96 -25.77
CA GLU B 343 -5.11 -15.01 -25.13
C GLU B 343 -4.39 -16.36 -25.38
N ALA B 344 -5.03 -17.48 -25.08
CA ALA B 344 -4.41 -18.80 -25.33
C ALA B 344 -3.86 -18.88 -26.74
N TYR B 345 -4.72 -18.57 -27.72
CA TYR B 345 -4.35 -18.70 -29.14
C TYR B 345 -3.16 -17.80 -29.49
N ASN B 346 -3.22 -16.53 -29.07
CA ASN B 346 -2.12 -15.61 -29.33
C ASN B 346 -0.79 -15.95 -28.66
N ILE B 347 -0.90 -16.56 -27.48
CA ILE B 347 0.24 -17.08 -26.75
C ILE B 347 0.88 -18.17 -27.57
N GLN B 348 0.07 -19.18 -27.92
CA GLN B 348 0.55 -20.31 -28.71
C GLN B 348 1.26 -19.83 -29.97
N VAL B 349 0.60 -18.96 -30.74
CA VAL B 349 1.18 -18.45 -31.97
C VAL B 349 2.49 -17.69 -31.80
N SER B 350 2.50 -16.65 -30.98
CA SER B 350 3.70 -15.85 -30.81
C SER B 350 4.85 -16.65 -30.22
N GLY B 351 4.52 -17.67 -29.43
CA GLY B 351 5.54 -18.58 -28.92
C GLY B 351 6.23 -19.32 -30.08
N LEU B 352 5.43 -19.81 -31.03
CA LEU B 352 5.96 -20.52 -32.16
C LEU B 352 6.68 -19.54 -33.10
N GLU B 353 6.16 -18.31 -33.20
CA GLU B 353 6.71 -17.33 -34.19
C GLU B 353 8.16 -17.09 -33.87
N GLN B 354 8.44 -16.96 -32.57
CA GLN B 354 9.76 -16.59 -32.10
C GLN B 354 10.71 -17.73 -32.36
N ARG B 355 10.22 -18.95 -32.17
CA ARG B 355 11.04 -20.12 -32.46
C ARG B 355 11.42 -20.16 -33.93
N LEU B 356 10.44 -19.99 -34.83
CA LEU B 356 10.71 -19.92 -36.26
C LEU B 356 11.68 -18.79 -36.62
N ARG B 357 11.51 -17.62 -35.99
CA ARG B 357 12.34 -16.47 -36.34
C ARG B 357 13.78 -16.82 -36.06
N ALA B 358 13.98 -17.46 -34.91
CA ALA B 358 15.30 -17.76 -34.41
C ALA B 358 15.94 -18.88 -35.25
N LEU B 359 15.13 -19.75 -35.82
CA LEU B 359 15.69 -20.81 -36.64
C LEU B 359 15.70 -20.40 -38.10
N ASP B 360 15.73 -19.09 -38.35
CA ASP B 360 15.68 -18.56 -39.70
C ASP B 360 14.56 -19.18 -40.62
N TYR B 361 13.39 -19.41 -40.04
CA TYR B 361 12.19 -19.93 -40.76
C TYR B 361 12.35 -21.31 -41.38
N PRO B 362 12.53 -22.34 -40.55
CA PRO B 362 12.55 -23.72 -41.05
C PRO B 362 11.14 -24.08 -41.51
N LYS B 363 11.00 -25.24 -42.14
CA LYS B 363 9.70 -25.77 -42.47
C LYS B 363 9.10 -26.33 -41.20
N VAL B 364 7.78 -26.50 -41.17
CA VAL B 364 7.12 -27.05 -40.00
C VAL B 364 6.60 -28.44 -40.33
N VAL B 365 7.10 -29.45 -39.65
CA VAL B 365 6.65 -30.81 -39.85
C VAL B 365 5.66 -31.19 -38.76
N ILE B 366 4.48 -31.67 -39.16
CA ILE B 366 3.47 -32.01 -38.17
C ILE B 366 2.68 -33.22 -38.60
N GLY B 367 2.48 -34.16 -37.68
CA GLY B 367 1.65 -35.33 -37.92
C GLY B 367 0.19 -35.01 -37.63
N VAL B 368 -0.68 -35.13 -38.63
CA VAL B 368 -2.08 -34.79 -38.48
C VAL B 368 -2.98 -36.00 -38.53
N SER B 369 -3.66 -36.28 -37.44
CA SER B 369 -4.41 -37.50 -37.32
C SER B 369 -5.91 -37.22 -37.42
N GLY B 370 -6.25 -35.96 -37.61
CA GLY B 370 -7.66 -35.60 -37.55
C GLY B 370 -8.22 -35.46 -36.14
N GLY B 371 -7.38 -35.63 -35.11
CA GLY B 371 -7.83 -35.51 -33.73
C GLY B 371 -7.89 -34.05 -33.32
N LEU B 372 -8.40 -33.78 -32.12
CA LEU B 372 -8.47 -32.39 -31.63
C LEU B 372 -7.12 -31.69 -31.53
N ASP B 373 -6.18 -32.31 -30.81
CA ASP B 373 -4.87 -31.70 -30.58
C ASP B 373 -4.11 -31.35 -31.84
N SER B 374 -4.03 -32.29 -32.77
CA SER B 374 -3.23 -32.10 -33.96
C SER B 374 -3.89 -31.06 -34.88
N THR B 375 -5.23 -31.07 -34.92
CA THR B 375 -5.98 -30.10 -35.68
C THR B 375 -5.65 -28.69 -35.19
N HIS B 376 -5.86 -28.48 -33.90
CA HIS B 376 -5.59 -27.16 -33.35
C HIS B 376 -4.14 -26.72 -33.61
N ALA B 377 -3.18 -27.62 -33.41
CA ALA B 377 -1.81 -27.31 -33.71
C ALA B 377 -1.58 -26.79 -35.15
N LEU B 378 -2.12 -27.53 -36.14
CA LEU B 378 -2.07 -27.14 -37.55
C LEU B 378 -2.53 -25.71 -37.78
N ILE B 379 -3.68 -25.36 -37.19
CA ILE B 379 -4.21 -24.02 -37.24
C ILE B 379 -3.21 -23.03 -36.68
N VAL B 380 -2.68 -23.33 -35.48
CA VAL B 380 -1.72 -22.47 -34.81
C VAL B 380 -0.53 -22.23 -35.69
N ALA B 381 -0.04 -23.33 -36.27
CA ALA B 381 1.09 -23.29 -37.21
C ALA B 381 0.82 -22.39 -38.41
N THR B 382 -0.40 -22.47 -38.92
CA THR B 382 -0.78 -21.71 -40.10
C THR B 382 -0.73 -20.23 -39.79
N HIS B 383 -1.31 -19.86 -38.64
CA HIS B 383 -1.38 -18.45 -38.30
C HIS B 383 0.03 -17.91 -38.08
N ALA B 384 0.87 -18.71 -37.42
CA ALA B 384 2.22 -18.30 -37.16
C ALA B 384 2.86 -17.92 -38.49
N MET B 385 2.68 -18.82 -39.49
CA MET B 385 3.34 -18.68 -40.78
C MET B 385 2.80 -17.47 -41.53
N ASP B 386 1.49 -17.29 -41.46
CA ASP B 386 0.85 -16.09 -42.00
C ASP B 386 1.45 -14.82 -41.40
N ARG B 387 1.38 -14.67 -40.08
CA ARG B 387 1.92 -13.47 -39.43
C ARG B 387 3.39 -13.21 -39.76
N GLU B 388 4.16 -14.26 -40.03
CA GLU B 388 5.64 -14.12 -40.37
C GLU B 388 5.90 -14.01 -41.87
N GLY B 389 4.83 -13.91 -42.64
CA GLY B 389 4.96 -13.77 -44.08
C GLY B 389 5.61 -14.98 -44.74
N ARG B 390 5.32 -16.16 -44.19
CA ARG B 390 5.82 -17.40 -44.75
C ARG B 390 4.78 -18.11 -45.58
N PRO B 391 5.20 -18.72 -46.70
CA PRO B 391 4.27 -19.49 -47.54
C PRO B 391 3.68 -20.64 -46.73
N ARG B 392 2.38 -20.91 -46.85
CA ARG B 392 1.79 -22.04 -46.12
C ARG B 392 2.33 -23.40 -46.58
N SER B 393 2.88 -23.43 -47.80
CA SER B 393 3.42 -24.67 -48.36
C SER B 393 4.70 -25.08 -47.65
N ASP B 394 5.11 -24.27 -46.67
CA ASP B 394 6.30 -24.58 -45.87
C ASP B 394 5.93 -25.38 -44.63
N ILE B 395 4.63 -25.43 -44.36
CA ILE B 395 4.07 -26.37 -43.39
C ILE B 395 3.92 -27.72 -44.06
N LEU B 396 4.62 -28.74 -43.55
CA LEU B 396 4.54 -30.09 -44.11
C LEU B 396 3.74 -31.06 -43.24
N ALA B 397 2.46 -31.25 -43.58
CA ALA B 397 1.56 -32.07 -42.80
C ALA B 397 1.61 -33.53 -43.27
N PHE B 398 1.51 -34.45 -42.33
CA PHE B 398 1.57 -35.87 -42.66
C PHE B 398 0.50 -36.70 -41.99
N ALA B 399 -0.26 -37.41 -42.78
CA ALA B 399 -1.02 -38.52 -42.25
C ALA B 399 -0.07 -39.76 -42.22
N LEU B 400 -0.15 -40.55 -41.15
CA LEU B 400 0.79 -41.64 -40.91
C LEU B 400 0.03 -42.88 -40.50
N PRO B 401 -0.75 -43.43 -41.41
CA PRO B 401 -1.64 -44.57 -41.16
C PRO B 401 -0.89 -45.80 -40.63
N GLY B 402 -1.47 -46.42 -39.61
CA GLY B 402 -0.88 -47.61 -39.00
C GLY B 402 -1.49 -48.98 -39.33
N PHE B 403 -1.87 -49.70 -38.27
CA PHE B 403 -2.11 -51.14 -38.32
C PHE B 403 -0.91 -51.92 -39.01
N LYS B 410 -9.93 -37.93 -39.57
CA LYS B 410 -9.00 -38.73 -40.35
C LYS B 410 -8.95 -38.27 -41.81
N ASN B 411 -10.08 -38.33 -42.51
CA ASN B 411 -10.20 -37.59 -43.76
C ASN B 411 -10.35 -36.12 -43.40
N ASN B 412 -10.85 -35.87 -42.19
CA ASN B 412 -10.84 -34.54 -41.62
C ASN B 412 -9.44 -33.96 -41.76
N ALA B 413 -8.46 -34.84 -41.61
CA ALA B 413 -7.06 -34.41 -41.62
C ALA B 413 -6.62 -33.89 -43.01
N ILE B 414 -6.83 -34.70 -44.04
CA ILE B 414 -6.46 -34.27 -45.40
C ILE B 414 -7.38 -33.12 -45.90
N LYS B 415 -8.65 -33.17 -45.51
CA LYS B 415 -9.58 -32.09 -45.85
C LYS B 415 -9.12 -30.75 -45.29
N LEU B 416 -8.63 -30.78 -44.03
CA LEU B 416 -8.21 -29.57 -43.35
C LEU B 416 -6.96 -29.04 -44.00
N ALA B 417 -6.00 -29.95 -44.19
CA ALA B 417 -4.72 -29.58 -44.77
C ALA B 417 -4.92 -28.96 -46.15
N ARG B 418 -5.83 -29.57 -46.90
CA ARG B 418 -6.14 -29.16 -48.25
C ARG B 418 -6.82 -27.78 -48.31
N ALA B 419 -7.80 -27.58 -47.42
CA ALA B 419 -8.52 -26.32 -47.32
C ALA B 419 -7.58 -25.20 -46.90
N LEU B 420 -6.67 -25.54 -45.99
CA LEU B 420 -5.70 -24.59 -45.49
C LEU B 420 -4.65 -24.30 -46.57
N GLY B 421 -4.31 -25.29 -47.36
CA GLY B 421 -3.34 -25.04 -48.40
C GLY B 421 -1.90 -25.28 -48.04
N VAL B 422 -1.68 -26.09 -46.99
CA VAL B 422 -0.34 -26.52 -46.60
C VAL B 422 0.04 -27.70 -47.47
N THR B 423 1.30 -28.13 -47.39
CA THR B 423 1.72 -29.32 -48.13
C THR B 423 1.32 -30.60 -47.40
N PHE B 424 0.48 -31.41 -48.05
CA PHE B 424 0.00 -32.63 -47.42
C PHE B 424 0.60 -33.88 -48.05
N SER B 425 0.84 -34.89 -47.23
CA SER B 425 1.51 -36.07 -47.71
C SER B 425 1.11 -37.26 -46.85
N GLU B 426 1.03 -38.44 -47.45
CA GLU B 426 0.74 -39.66 -46.65
C GLU B 426 1.94 -40.58 -46.62
N ILE B 427 2.18 -41.18 -45.46
CA ILE B 427 3.22 -42.18 -45.33
C ILE B 427 2.68 -43.29 -44.45
N ASP B 428 2.53 -44.48 -45.05
CA ASP B 428 2.11 -45.65 -44.30
C ASP B 428 3.28 -46.25 -43.54
N ILE B 429 3.13 -46.36 -42.23
CA ILE B 429 4.24 -46.80 -41.38
C ILE B 429 4.08 -48.27 -41.05
N GLY B 430 3.01 -48.86 -41.58
CA GLY B 430 2.69 -50.25 -41.35
C GLY B 430 3.79 -51.26 -41.65
N ASP B 431 4.41 -51.15 -42.82
CA ASP B 431 5.47 -52.11 -43.17
C ASP B 431 6.69 -51.93 -42.30
N THR B 432 6.95 -50.68 -41.92
CA THR B 432 8.16 -50.43 -41.17
C THR B 432 7.91 -51.02 -39.80
N ALA B 433 6.67 -50.92 -39.36
CA ALA B 433 6.25 -51.46 -38.08
C ALA B 433 6.40 -52.95 -38.04
N ARG B 434 5.83 -53.62 -39.03
CA ARG B 434 5.95 -55.06 -39.17
C ARG B 434 7.41 -55.49 -39.09
N LEU B 435 8.26 -54.81 -39.86
CA LEU B 435 9.66 -55.17 -39.95
C LEU B 435 10.31 -55.01 -38.56
N MET B 436 9.90 -53.98 -37.84
CA MET B 436 10.39 -53.77 -36.49
C MET B 436 9.81 -54.80 -35.51
N LEU B 437 8.51 -55.07 -35.58
CA LEU B 437 7.90 -56.05 -34.67
C LEU B 437 8.56 -57.43 -34.84
N HIS B 438 8.86 -57.79 -36.08
CA HIS B 438 9.50 -59.05 -36.34
C HIS B 438 10.94 -59.07 -35.87
N THR B 439 11.65 -57.98 -36.09
CA THR B 439 13.06 -57.93 -35.70
C THR B 439 13.25 -58.10 -34.20
N ILE B 440 12.25 -57.69 -33.43
CA ILE B 440 12.28 -57.76 -31.98
C ILE B 440 11.67 -59.05 -31.45
N GLY B 441 11.10 -59.85 -32.36
CA GLY B 441 10.43 -61.09 -32.00
C GLY B 441 9.08 -60.97 -31.30
N HIS B 442 8.31 -59.95 -31.64
CA HIS B 442 6.96 -59.76 -31.06
C HIS B 442 5.93 -60.73 -31.64
N PRO B 443 5.15 -61.41 -30.77
CA PRO B 443 4.19 -62.43 -31.23
C PRO B 443 3.31 -62.01 -32.40
N TYR B 444 3.08 -60.69 -32.56
CA TYR B 444 2.22 -60.22 -33.64
C TYR B 444 2.76 -60.61 -35.02
N SER B 445 4.08 -60.50 -35.17
CA SER B 445 4.78 -60.84 -36.42
C SER B 445 4.69 -62.33 -36.85
N VAL B 446 4.26 -63.21 -35.94
CA VAL B 446 3.92 -64.58 -36.33
C VAL B 446 2.44 -64.84 -36.15
N GLY B 447 1.64 -63.77 -36.19
CA GLY B 447 0.22 -63.94 -36.22
C GLY B 447 -0.65 -63.56 -35.06
N GLU B 448 -0.18 -63.72 -33.82
CA GLU B 448 -1.11 -63.46 -32.69
C GLU B 448 -1.53 -62.03 -32.51
N LYS B 449 -2.81 -61.89 -32.21
CA LYS B 449 -3.41 -60.60 -32.03
C LYS B 449 -3.07 -60.10 -30.58
N VAL B 450 -1.76 -60.00 -30.31
CA VAL B 450 -1.28 -59.47 -29.04
C VAL B 450 -1.20 -57.94 -29.13
N TYR B 451 -2.29 -57.26 -28.80
CA TYR B 451 -2.32 -55.81 -28.94
C TYR B 451 -1.69 -55.25 -27.73
N ASP B 452 -0.42 -55.61 -27.67
CA ASP B 452 0.50 -55.06 -26.71
C ASP B 452 0.51 -53.57 -26.79
N VAL B 453 0.88 -53.08 -25.64
CA VAL B 453 1.58 -51.88 -25.43
C VAL B 453 2.87 -51.69 -26.30
N THR B 454 3.72 -52.70 -26.37
CA THR B 454 4.89 -52.62 -27.23
C THR B 454 4.42 -52.40 -28.68
N PHE B 455 3.38 -53.14 -29.02
CA PHE B 455 2.79 -53.09 -30.35
C PHE B 455 2.18 -51.70 -30.66
N GLU B 456 1.63 -51.07 -29.66
CA GLU B 456 1.12 -49.67 -29.78
C GLU B 456 2.24 -48.66 -29.80
N ASN B 457 3.25 -48.93 -29.00
CA ASN B 457 4.40 -48.06 -28.96
C ASN B 457 5.27 -48.13 -30.23
N VAL B 458 5.40 -49.31 -30.84
CA VAL B 458 6.13 -49.42 -32.09
C VAL B 458 5.57 -48.45 -33.13
N GLN B 459 4.25 -48.35 -33.19
CA GLN B 459 3.63 -47.46 -34.16
C GLN B 459 3.78 -46.01 -33.71
N ALA B 460 3.51 -45.77 -32.46
CA ALA B 460 3.61 -44.41 -31.96
C ALA B 460 5.03 -43.89 -32.16
N GLY B 461 6.00 -44.74 -31.80
CA GLY B 461 7.41 -44.43 -31.94
C GLY B 461 7.78 -44.17 -33.38
N LEU B 462 7.38 -45.07 -34.29
CA LEU B 462 7.75 -44.92 -35.68
C LEU B 462 7.22 -43.63 -36.29
N ARG B 463 6.02 -43.21 -35.89
CA ARG B 463 5.50 -41.94 -36.41
C ARG B 463 6.47 -40.81 -36.09
N THR B 464 6.96 -40.78 -34.84
CA THR B 464 7.80 -39.68 -34.40
C THR B 464 9.14 -39.81 -35.10
N ASP B 465 9.59 -41.05 -35.19
CA ASP B 465 10.87 -41.35 -35.83
C ASP B 465 10.84 -40.83 -37.28
N TYR B 466 9.78 -41.18 -38.02
CA TYR B 466 9.63 -40.64 -39.37
C TYR B 466 9.64 -39.12 -39.42
N LEU B 467 8.79 -38.49 -38.61
CA LEU B 467 8.69 -37.05 -38.59
C LEU B 467 10.03 -36.39 -38.33
N PHE B 468 10.79 -36.93 -37.38
CA PHE B 468 12.11 -36.36 -37.07
C PHE B 468 13.04 -36.48 -38.26
N ARG B 469 13.03 -37.62 -38.93
CA ARG B 469 13.90 -37.82 -40.07
C ARG B 469 13.52 -36.96 -41.26
N ILE B 470 12.21 -36.76 -41.44
CA ILE B 470 11.72 -35.87 -42.47
C ILE B 470 12.21 -34.44 -42.17
N ALA B 471 12.04 -34.04 -40.93
CA ALA B 471 12.57 -32.77 -40.45
C ALA B 471 14.05 -32.56 -40.77
N ASN B 472 14.86 -33.59 -40.49
CA ASN B 472 16.29 -33.51 -40.80
C ASN B 472 16.49 -33.36 -42.30
N GLN B 473 15.66 -34.07 -43.06
CA GLN B 473 15.84 -34.15 -44.49
C GLN B 473 15.38 -32.86 -45.14
N ARG B 474 14.25 -32.32 -44.68
CA ARG B 474 13.56 -31.30 -45.46
C ARG B 474 13.80 -29.93 -44.88
N GLY B 475 14.68 -29.88 -43.89
CA GLY B 475 15.06 -28.65 -43.21
C GLY B 475 13.95 -28.02 -42.38
N GLY B 476 13.28 -28.83 -41.55
CA GLY B 476 12.16 -28.37 -40.76
C GLY B 476 12.33 -28.79 -39.31
N ILE B 477 11.40 -28.36 -38.46
CA ILE B 477 11.33 -28.83 -37.07
C ILE B 477 10.02 -29.58 -36.86
N VAL B 478 10.00 -30.52 -35.92
CA VAL B 478 8.76 -31.24 -35.66
C VAL B 478 7.90 -30.56 -34.60
N LEU B 479 6.68 -30.17 -34.99
CA LEU B 479 5.76 -29.57 -34.03
C LEU B 479 5.21 -30.62 -33.10
N GLY B 480 5.38 -30.42 -31.81
CA GLY B 480 4.74 -31.29 -30.85
C GLY B 480 3.27 -30.98 -30.85
N THR B 481 2.52 -31.92 -30.30
CA THR B 481 1.08 -31.85 -30.41
C THR B 481 0.36 -32.10 -29.07
N GLY B 482 1.00 -32.81 -28.16
CA GLY B 482 0.37 -33.21 -26.92
C GLY B 482 -0.02 -32.08 -26.00
N ASP B 483 -1.15 -32.25 -25.35
CA ASP B 483 -1.72 -31.19 -24.51
C ASP B 483 -1.35 -31.35 -23.01
N LEU B 484 -1.63 -30.31 -22.23
CA LEU B 484 -1.26 -30.26 -20.81
C LEU B 484 -1.82 -31.43 -19.99
N SER B 485 -3.03 -31.85 -20.34
CA SER B 485 -3.74 -32.91 -19.60
C SER B 485 -3.00 -34.21 -19.78
N GLU B 486 -2.50 -34.42 -20.99
CA GLU B 486 -1.66 -35.61 -21.29
C GLU B 486 -0.30 -35.56 -20.58
N LEU B 487 0.29 -34.37 -20.50
CA LEU B 487 1.53 -34.18 -19.73
C LEU B 487 1.29 -34.47 -18.27
N ALA B 488 0.08 -34.18 -17.82
CA ALA B 488 -0.24 -34.35 -16.42
C ALA B 488 -0.34 -35.81 -16.03
N LEU B 489 -1.03 -36.60 -16.84
CA LEU B 489 -1.26 -38.01 -16.52
C LEU B 489 -0.18 -38.93 -17.09
N GLY B 490 0.75 -38.38 -17.87
CA GLY B 490 1.78 -39.20 -18.49
C GLY B 490 1.18 -40.12 -19.56
N TRP B 491 0.15 -39.60 -20.24
CA TRP B 491 -0.59 -40.29 -21.29
C TRP B 491 0.01 -39.91 -22.64
N SER B 492 1.09 -40.60 -22.98
CA SER B 492 1.92 -40.28 -24.14
C SER B 492 3.05 -41.32 -24.19
N THR B 493 3.63 -41.50 -25.36
CA THR B 493 4.76 -42.42 -25.52
C THR B 493 6.07 -41.67 -25.39
N TYR B 494 6.87 -42.05 -24.40
CA TYR B 494 8.00 -41.22 -23.98
C TYR B 494 9.23 -41.51 -24.80
N GLY B 495 9.94 -40.45 -25.18
CA GLY B 495 11.24 -40.60 -25.84
C GLY B 495 11.14 -40.63 -27.36
N VAL B 496 11.03 -41.83 -27.92
CA VAL B 496 10.64 -41.90 -29.31
C VAL B 496 9.13 -42.15 -29.28
N GLY B 497 8.37 -41.11 -29.61
CA GLY B 497 6.95 -41.12 -29.37
C GLY B 497 6.47 -39.70 -29.33
N ASP B 498 5.15 -39.55 -29.26
CA ASP B 498 4.47 -38.24 -29.33
C ASP B 498 4.82 -37.30 -28.19
N GLN B 499 5.52 -37.79 -27.18
CA GLN B 499 5.96 -36.93 -26.11
C GLN B 499 7.08 -35.97 -26.61
N MET B 500 7.84 -36.42 -27.60
CA MET B 500 9.06 -35.73 -28.02
C MET B 500 8.83 -34.84 -29.26
N SER B 501 9.50 -33.70 -29.34
CA SER B 501 9.33 -32.84 -30.53
C SER B 501 10.35 -31.72 -30.45
N HIS B 502 10.29 -30.76 -31.37
CA HIS B 502 11.21 -29.62 -31.37
C HIS B 502 10.62 -28.40 -30.74
N TYR B 503 9.28 -28.34 -30.76
CA TYR B 503 8.52 -27.26 -30.16
C TYR B 503 7.09 -27.70 -29.97
N ASN B 504 6.56 -27.64 -28.76
CA ASN B 504 5.20 -28.09 -28.52
C ASN B 504 4.25 -26.94 -28.20
N VAL B 505 3.45 -26.53 -29.17
CA VAL B 505 2.53 -25.40 -28.94
C VAL B 505 1.33 -25.74 -28.04
N ASN B 506 1.08 -27.03 -27.83
CA ASN B 506 -0.07 -27.45 -27.01
C ASN B 506 0.27 -27.80 -25.57
N ALA B 507 1.57 -27.82 -25.26
CA ALA B 507 2.06 -28.20 -23.92
C ALA B 507 1.33 -27.56 -22.73
N GLY B 508 0.94 -26.30 -22.89
CA GLY B 508 0.32 -25.60 -21.79
C GLY B 508 -1.18 -25.51 -21.86
N VAL B 509 -1.76 -26.10 -22.89
CA VAL B 509 -3.20 -26.05 -23.07
C VAL B 509 -3.84 -27.35 -22.59
N PRO B 510 -4.68 -27.25 -21.57
CA PRO B 510 -5.33 -28.49 -21.12
C PRO B 510 -6.44 -28.88 -22.05
N LYS B 511 -6.74 -30.18 -22.05
CA LYS B 511 -7.67 -30.76 -23.00
C LYS B 511 -9.05 -30.08 -22.98
N THR B 512 -9.55 -29.78 -21.79
CA THR B 512 -10.87 -29.14 -21.67
C THR B 512 -10.94 -27.83 -22.43
N LEU B 513 -9.82 -27.12 -22.55
CA LEU B 513 -9.77 -25.83 -23.24
C LEU B 513 -9.63 -25.97 -24.75
N ILE B 514 -9.02 -27.05 -25.20
CA ILE B 514 -8.75 -27.22 -26.62
C ILE B 514 -10.01 -27.08 -27.48
N GLN B 515 -11.03 -27.84 -27.15
CA GLN B 515 -12.26 -27.78 -27.93
C GLN B 515 -12.79 -26.35 -28.05
N HIS B 516 -12.56 -25.55 -27.01
CA HIS B 516 -13.07 -24.19 -27.00
C HIS B 516 -12.24 -23.25 -27.83
N LEU B 517 -10.94 -23.55 -27.94
CA LEU B 517 -10.08 -22.80 -28.84
C LEU B 517 -10.52 -23.06 -30.30
N ILE B 518 -10.75 -24.33 -30.61
CA ILE B 518 -11.20 -24.66 -31.94
C ILE B 518 -12.47 -23.84 -32.32
N ARG B 519 -13.48 -23.84 -31.45
CA ARG B 519 -14.65 -23.01 -31.70
C ARG B 519 -14.33 -21.53 -31.86
N TRP B 520 -13.54 -21.00 -30.94
CA TRP B 520 -13.12 -19.61 -31.04
C TRP B 520 -12.58 -19.32 -32.44
N VAL B 521 -11.78 -20.26 -32.98
CA VAL B 521 -11.20 -20.06 -34.31
C VAL B 521 -12.19 -20.14 -35.44
N ILE B 522 -13.17 -21.02 -35.27
CA ILE B 522 -14.35 -21.08 -36.15
C ILE B 522 -15.15 -19.78 -36.05
N SER B 523 -15.56 -19.42 -34.82
CA SER B 523 -16.42 -18.25 -34.58
C SER B 523 -15.83 -16.97 -35.12
N ALA B 524 -14.50 -16.83 -34.97
CA ALA B 524 -13.83 -15.64 -35.48
C ALA B 524 -13.85 -15.65 -37.03
N GLY B 525 -13.62 -16.85 -37.60
CA GLY B 525 -13.77 -17.07 -39.02
C GLY B 525 -12.68 -16.51 -39.91
N GLU B 526 -11.50 -16.29 -39.34
CA GLU B 526 -10.39 -15.63 -40.07
C GLU B 526 -9.84 -16.49 -41.21
N PHE B 527 -9.79 -17.81 -40.99
CA PHE B 527 -9.55 -18.75 -42.07
C PHE B 527 -10.92 -18.93 -42.70
N GLY B 528 -10.95 -19.11 -44.01
CA GLY B 528 -12.22 -19.13 -44.72
C GLY B 528 -13.40 -19.91 -44.15
N GLU B 529 -14.53 -19.78 -44.83
CA GLU B 529 -15.76 -20.58 -44.54
C GLU B 529 -15.54 -22.09 -44.74
N LYS B 530 -14.74 -22.44 -45.74
CA LYS B 530 -14.41 -23.82 -46.02
C LYS B 530 -13.56 -24.43 -44.88
N VAL B 531 -12.56 -23.69 -44.38
CA VAL B 531 -11.79 -24.19 -43.23
C VAL B 531 -12.67 -24.40 -42.00
N GLY B 532 -13.51 -23.42 -41.69
CA GLY B 532 -14.45 -23.55 -40.58
C GLY B 532 -15.25 -24.84 -40.67
N GLU B 533 -15.76 -25.15 -41.86
CA GLU B 533 -16.57 -26.38 -42.01
C GLU B 533 -15.78 -27.61 -41.61
N VAL B 534 -14.54 -27.74 -42.06
CA VAL B 534 -13.78 -28.92 -41.65
C VAL B 534 -13.57 -28.93 -40.15
N LEU B 535 -13.20 -27.77 -39.58
CA LEU B 535 -12.90 -27.68 -38.15
C LEU B 535 -14.15 -28.09 -37.40
N GLN B 536 -15.31 -27.64 -37.90
CA GLN B 536 -16.60 -27.94 -37.32
C GLN B 536 -16.80 -29.44 -37.37
N SER B 537 -16.40 -30.01 -38.50
CA SER B 537 -16.43 -31.45 -38.65
C SER B 537 -15.56 -32.13 -37.61
N VAL B 538 -14.33 -31.65 -37.45
CA VAL B 538 -13.42 -32.28 -36.51
C VAL B 538 -14.06 -32.28 -35.13
N LEU B 539 -14.72 -31.18 -34.79
CA LEU B 539 -15.35 -31.06 -33.49
C LEU B 539 -16.45 -32.07 -33.35
N ASP B 540 -17.37 -32.04 -34.31
CA ASP B 540 -18.54 -32.92 -34.30
C ASP B 540 -18.16 -34.41 -34.29
N THR B 541 -17.07 -34.75 -34.99
CA THR B 541 -16.58 -36.11 -35.01
C THR B 541 -15.87 -36.51 -33.71
N GLU B 542 -15.03 -35.64 -33.18
CA GLU B 542 -14.20 -36.03 -32.02
C GLU B 542 -14.95 -36.05 -30.69
N ILE B 543 -16.14 -35.45 -30.62
CA ILE B 543 -16.90 -35.42 -29.36
C ILE B 543 -17.89 -36.58 -29.18
N ALA B 560 -9.57 -43.64 -21.55
CA ALA B 560 -10.61 -43.91 -20.54
C ALA B 560 -10.28 -45.09 -19.61
N LYS B 561 -8.97 -45.35 -19.54
CA LYS B 561 -8.19 -45.92 -18.42
C LYS B 561 -7.70 -44.80 -17.49
N VAL B 562 -7.77 -43.54 -17.94
CA VAL B 562 -7.36 -42.42 -17.11
C VAL B 562 -8.50 -41.55 -16.60
N GLY B 563 -9.73 -41.89 -17.00
CA GLY B 563 -10.92 -41.16 -16.57
C GLY B 563 -11.27 -39.96 -17.44
N PRO B 564 -12.42 -39.34 -17.20
CA PRO B 564 -12.90 -38.13 -17.90
C PRO B 564 -11.93 -36.97 -17.68
N PHE B 565 -11.47 -36.36 -18.76
CA PHE B 565 -10.57 -35.23 -18.65
C PHE B 565 -11.15 -34.01 -17.92
N ALA B 566 -12.47 -33.92 -17.86
CA ALA B 566 -13.09 -32.83 -17.14
C ALA B 566 -12.76 -32.95 -15.67
N LEU B 567 -12.73 -34.18 -15.18
CA LEU B 567 -12.39 -34.43 -13.78
C LEU B 567 -10.90 -34.29 -13.51
N GLN B 568 -10.08 -34.85 -14.41
CA GLN B 568 -8.64 -34.76 -14.22
C GLN B 568 -8.10 -33.36 -14.43
N ASP B 569 -8.70 -32.58 -15.31
CA ASP B 569 -8.30 -31.20 -15.46
C ASP B 569 -8.69 -30.41 -14.21
N PHE B 570 -9.82 -30.78 -13.59
CA PHE B 570 -10.25 -30.12 -12.37
C PHE B 570 -9.21 -30.37 -11.26
N SER B 571 -8.86 -31.65 -11.07
CA SER B 571 -7.81 -32.02 -10.10
C SER B 571 -6.47 -31.37 -10.41
N LEU B 572 -6.08 -31.41 -11.68
CA LEU B 572 -4.84 -30.77 -12.10
C LEU B 572 -4.73 -29.33 -11.60
N PHE B 573 -5.76 -28.54 -11.83
CA PHE B 573 -5.74 -27.13 -11.42
C PHE B 573 -5.57 -26.96 -9.90
N GLN B 574 -6.33 -27.69 -9.10
CA GLN B 574 -6.23 -27.61 -7.65
C GLN B 574 -4.83 -27.97 -7.17
N VAL B 575 -4.28 -29.06 -7.71
CA VAL B 575 -2.93 -29.49 -7.33
C VAL B 575 -1.85 -28.52 -7.79
N LEU B 576 -1.91 -28.14 -9.05
CA LEU B 576 -0.85 -27.38 -9.67
C LEU B 576 -0.83 -25.94 -9.21
N ARG B 577 -1.98 -25.36 -8.94
CA ARG B 577 -2.03 -23.96 -8.48
C ARG B 577 -1.87 -23.79 -6.96
N TYR B 578 -2.54 -24.68 -6.20
CA TYR B 578 -2.70 -24.53 -4.75
C TYR B 578 -2.10 -25.66 -3.93
N GLY B 579 -1.81 -26.80 -4.55
CA GLY B 579 -1.24 -27.92 -3.82
C GLY B 579 -2.24 -28.49 -2.80
N PHE B 580 -3.54 -28.27 -3.05
CA PHE B 580 -4.61 -28.72 -2.13
C PHE B 580 -4.58 -30.22 -1.90
N ARG B 581 -4.79 -30.68 -0.67
CA ARG B 581 -4.82 -32.11 -0.39
C ARG B 581 -5.99 -32.83 -1.10
N PRO B 582 -5.85 -34.13 -1.30
CA PRO B 582 -6.89 -34.85 -2.07
C PRO B 582 -8.33 -34.67 -1.54
N SER B 583 -8.56 -34.78 -0.24
CA SER B 583 -9.94 -34.68 0.25
C SER B 583 -10.54 -33.31 -0.05
N LYS B 584 -9.70 -32.28 -0.10
CA LYS B 584 -10.15 -30.89 -0.40
C LYS B 584 -10.57 -30.78 -1.85
N ILE B 585 -9.78 -31.42 -2.72
CA ILE B 585 -10.07 -31.49 -4.14
C ILE B 585 -11.39 -32.25 -4.39
N ALA B 586 -11.58 -33.36 -3.68
CA ALA B 586 -12.79 -34.17 -3.81
C ALA B 586 -14.01 -33.41 -3.36
N PHE B 587 -13.90 -32.70 -2.24
CA PHE B 587 -14.98 -31.83 -1.77
C PHE B 587 -15.35 -30.80 -2.83
N LEU B 588 -14.36 -30.08 -3.35
CA LEU B 588 -14.60 -29.08 -4.39
C LEU B 588 -15.24 -29.67 -5.66
N ALA B 589 -14.66 -30.77 -6.15
CA ALA B 589 -15.14 -31.37 -7.40
C ALA B 589 -16.59 -31.85 -7.25
N TRP B 590 -16.89 -32.42 -6.09
CA TRP B 590 -18.24 -32.89 -5.79
C TRP B 590 -19.25 -31.73 -5.76
N HIS B 591 -18.90 -30.62 -5.14
CA HIS B 591 -19.81 -29.50 -5.12
C HIS B 591 -19.98 -28.95 -6.54
N ALA B 592 -18.95 -29.06 -7.38
CA ALA B 592 -19.06 -28.52 -8.73
C ALA B 592 -19.85 -29.45 -9.68
N TRP B 593 -19.66 -30.76 -9.50
CA TRP B 593 -20.06 -31.75 -10.51
C TRP B 593 -21.18 -32.75 -10.19
N ASN B 594 -21.57 -32.87 -8.93
CA ASN B 594 -22.52 -33.93 -8.57
C ASN B 594 -23.91 -33.68 -9.15
N ASP B 595 -24.24 -32.43 -9.40
CA ASP B 595 -25.58 -32.10 -9.85
C ASP B 595 -25.54 -31.26 -11.13
N ALA B 596 -25.99 -31.87 -12.22
CA ALA B 596 -25.87 -31.24 -13.54
C ALA B 596 -26.73 -30.01 -13.75
N GLU B 597 -27.79 -29.88 -12.96
CA GLU B 597 -28.68 -28.68 -13.02
C GLU B 597 -28.08 -27.51 -12.24
N ARG B 598 -27.16 -27.80 -11.33
CA ARG B 598 -26.56 -26.75 -10.53
C ARG B 598 -25.40 -26.07 -11.24
N GLY B 599 -25.20 -24.79 -10.91
CA GLY B 599 -24.12 -24.00 -11.47
C GLY B 599 -24.23 -23.83 -12.97
N ASN B 600 -23.15 -23.36 -13.57
CA ASN B 600 -23.15 -23.07 -14.98
C ASN B 600 -22.22 -23.91 -15.80
N TRP B 601 -22.59 -24.08 -17.06
CA TRP B 601 -21.74 -24.77 -17.98
C TRP B 601 -21.23 -23.71 -18.91
N PRO B 602 -19.97 -23.83 -19.33
CA PRO B 602 -19.46 -22.92 -20.37
C PRO B 602 -20.36 -23.10 -21.59
N PRO B 603 -20.30 -22.17 -22.55
CA PRO B 603 -21.09 -22.36 -23.78
C PRO B 603 -20.64 -23.61 -24.53
N GLY B 604 -21.55 -24.29 -25.22
CA GLY B 604 -21.20 -25.40 -26.09
C GLY B 604 -21.46 -26.79 -25.54
N PHE B 605 -22.29 -26.89 -24.51
CA PHE B 605 -22.62 -28.20 -23.97
C PHE B 605 -24.07 -28.52 -24.18
N PRO B 606 -24.38 -29.21 -25.29
CA PRO B 606 -25.79 -29.57 -25.42
C PRO B 606 -26.19 -30.45 -24.23
N LYS B 607 -27.49 -30.49 -23.95
CA LYS B 607 -28.03 -31.15 -22.77
C LYS B 607 -27.65 -32.62 -22.54
N SER B 608 -27.21 -33.34 -23.56
CA SER B 608 -26.81 -34.74 -23.33
C SER B 608 -25.32 -34.88 -23.06
N GLU B 609 -24.59 -33.77 -23.17
CA GLU B 609 -23.15 -33.76 -22.76
C GLU B 609 -22.97 -33.09 -21.39
N ARG B 610 -24.02 -33.11 -20.58
CA ARG B 610 -23.92 -32.57 -19.24
C ARG B 610 -24.02 -33.67 -18.19
N PRO B 611 -22.94 -34.42 -17.99
CA PRO B 611 -22.89 -35.53 -17.04
C PRO B 611 -22.76 -34.97 -15.63
N SER B 612 -23.26 -35.73 -14.67
CA SER B 612 -22.97 -35.46 -13.28
C SER B 612 -22.11 -36.62 -12.73
N TYR B 613 -21.22 -36.33 -11.78
CA TYR B 613 -20.38 -37.37 -11.19
C TYR B 613 -20.73 -37.58 -9.71
N SER B 614 -20.72 -38.83 -9.27
CA SER B 614 -20.95 -39.15 -7.86
C SER B 614 -19.65 -39.02 -7.10
N LEU B 615 -19.74 -39.06 -5.77
CA LEU B 615 -18.53 -39.00 -4.97
C LEU B 615 -17.71 -40.24 -5.28
N ALA B 616 -18.40 -41.37 -5.44
CA ALA B 616 -17.68 -42.62 -5.74
C ALA B 616 -16.82 -42.46 -6.99
N GLU B 617 -17.37 -41.79 -7.99
CA GLU B 617 -16.61 -41.59 -9.26
C GLU B 617 -15.44 -40.63 -9.09
N ILE B 618 -15.72 -39.53 -8.41
CA ILE B 618 -14.75 -38.47 -8.24
C ILE B 618 -13.57 -39.00 -7.45
N ARG B 619 -13.89 -39.81 -6.43
CA ARG B 619 -12.90 -40.46 -5.58
C ARG B 619 -12.05 -41.42 -6.41
N HIS B 620 -12.72 -42.24 -7.21
CA HIS B 620 -12.05 -43.25 -8.03
C HIS B 620 -11.00 -42.64 -8.99
N TRP B 621 -11.42 -41.63 -9.74
CA TRP B 621 -10.53 -40.92 -10.67
C TRP B 621 -9.46 -40.11 -9.97
N LEU B 622 -9.77 -39.58 -8.78
CA LEU B 622 -8.77 -38.85 -7.98
C LEU B 622 -7.65 -39.77 -7.55
N GLN B 623 -8.01 -40.99 -7.14
CA GLN B 623 -6.97 -41.99 -6.85
C GLN B 623 -6.08 -42.21 -8.06
N ILE B 624 -6.70 -42.34 -9.23
CA ILE B 624 -5.88 -42.55 -10.42
C ILE B 624 -5.00 -41.33 -10.63
N PHE B 625 -5.61 -40.15 -10.50
CA PHE B 625 -4.87 -38.89 -10.71
C PHE B 625 -3.63 -38.76 -9.81
N VAL B 626 -3.79 -38.92 -8.49
CA VAL B 626 -2.65 -38.64 -7.61
C VAL B 626 -1.51 -39.63 -7.90
N GLN B 627 -1.89 -40.88 -8.08
CA GLN B 627 -0.94 -41.91 -8.49
C GLN B 627 -0.20 -41.50 -9.75
N ARG B 628 -0.95 -41.16 -10.78
CA ARG B 628 -0.33 -40.86 -12.05
C ARG B 628 0.46 -39.59 -12.02
N PHE B 629 -0.06 -38.60 -11.30
CA PHE B 629 0.56 -37.27 -11.38
C PHE B 629 1.78 -37.13 -10.49
N TYR B 630 1.71 -37.67 -9.27
CA TYR B 630 2.83 -37.45 -8.32
C TYR B 630 3.98 -38.46 -8.47
N SER B 631 3.66 -39.63 -9.00
CA SER B 631 4.58 -40.76 -9.05
C SER B 631 4.96 -41.21 -10.46
N PHE B 632 3.99 -41.73 -11.20
CA PHE B 632 4.32 -42.31 -12.51
C PHE B 632 4.82 -41.37 -13.60
N SER B 633 4.24 -40.19 -13.71
CA SER B 633 4.37 -39.43 -14.95
C SER B 633 5.48 -38.42 -15.01
N GLN B 634 6.09 -38.15 -13.87
CA GLN B 634 6.99 -37.01 -13.84
C GLN B 634 8.18 -37.14 -14.83
N PHE B 635 8.77 -38.34 -14.91
CA PHE B 635 9.91 -38.56 -15.81
C PHE B 635 9.62 -38.13 -17.27
N LYS B 636 8.37 -38.31 -17.70
CA LYS B 636 7.96 -37.83 -19.04
C LYS B 636 7.98 -36.30 -19.21
N ARG B 637 7.53 -35.59 -18.17
CA ARG B 637 7.62 -34.14 -18.14
C ARG B 637 9.07 -33.67 -17.96
N SER B 638 9.88 -34.51 -17.33
CA SER B 638 11.23 -34.12 -16.95
C SER B 638 12.11 -33.76 -18.15
N ALA B 639 11.88 -34.45 -19.26
CA ALA B 639 12.61 -34.15 -20.49
C ALA B 639 11.62 -33.61 -21.52
N LEU B 640 11.27 -32.34 -21.39
CA LEU B 640 10.17 -31.77 -22.13
C LEU B 640 10.63 -30.73 -23.15
N PRO B 641 10.20 -30.86 -24.40
CA PRO B 641 10.61 -29.88 -25.40
C PRO B 641 10.10 -28.51 -25.02
N ASN B 642 10.64 -27.45 -25.63
CA ASN B 642 10.11 -26.09 -25.36
C ASN B 642 8.68 -25.84 -25.85
N GLY B 643 8.06 -24.80 -25.31
CA GLY B 643 6.67 -24.43 -25.55
C GLY B 643 6.19 -23.46 -24.45
N PRO B 644 5.22 -22.59 -24.80
CA PRO B 644 4.78 -21.49 -23.91
C PRO B 644 3.76 -21.87 -22.80
N LYS B 645 3.95 -21.35 -21.59
CA LYS B 645 2.92 -21.39 -20.56
C LYS B 645 1.72 -20.61 -21.06
N VAL B 646 0.53 -21.13 -20.78
CA VAL B 646 -0.71 -20.50 -21.24
C VAL B 646 -1.61 -20.06 -20.07
N SER B 647 -1.92 -21.01 -19.18
CA SER B 647 -2.92 -20.83 -18.16
C SER B 647 -2.35 -20.26 -16.88
N HIS B 648 -3.06 -19.32 -16.28
CA HIS B 648 -2.68 -18.81 -14.98
C HIS B 648 -2.70 -19.96 -13.97
N GLY B 649 -3.44 -21.04 -14.28
CA GLY B 649 -3.36 -22.23 -13.40
C GLY B 649 -1.95 -22.83 -13.34
N GLY B 650 -1.15 -22.54 -14.36
CA GLY B 650 0.14 -23.18 -14.47
C GLY B 650 0.33 -24.01 -15.72
N ALA B 651 1.59 -24.27 -16.03
CA ALA B 651 2.00 -25.23 -17.02
C ALA B 651 2.88 -26.27 -16.31
N LEU B 652 3.37 -27.28 -17.03
CA LEU B 652 4.08 -28.37 -16.38
C LEU B 652 5.53 -28.51 -16.82
N SER B 653 6.13 -27.40 -17.24
CA SER B 653 7.53 -27.44 -17.61
C SER B 653 8.45 -27.64 -16.38
N PRO B 654 9.43 -28.56 -16.47
CA PRO B 654 10.30 -28.82 -15.33
C PRO B 654 11.29 -27.67 -15.19
N ARG B 655 11.23 -26.72 -16.14
CA ARG B 655 12.05 -25.52 -16.10
C ARG B 655 11.22 -24.31 -15.65
N GLY B 656 9.94 -24.53 -15.37
CA GLY B 656 9.09 -23.44 -14.88
C GLY B 656 8.27 -23.81 -13.64
N ASP B 657 6.99 -24.13 -13.86
CA ASP B 657 6.02 -24.28 -12.75
C ASP B 657 6.13 -25.55 -11.95
N TRP B 658 6.65 -26.60 -12.53
CA TRP B 658 6.60 -27.82 -11.79
C TRP B 658 7.95 -28.53 -11.70
N ARG B 659 8.67 -28.24 -10.61
CA ARG B 659 9.89 -28.96 -10.30
C ARG B 659 9.59 -30.09 -9.33
N ALA B 660 9.74 -31.33 -9.78
CA ALA B 660 9.51 -32.46 -8.89
C ALA B 660 10.36 -33.67 -9.22
N PRO B 661 10.48 -34.61 -8.27
CA PRO B 661 11.23 -35.85 -8.46
C PRO B 661 10.59 -36.82 -9.47
N SER B 662 11.43 -37.49 -10.26
CA SER B 662 10.97 -38.55 -11.14
C SER B 662 10.88 -39.90 -10.44
N ASP B 663 11.34 -40.01 -9.19
CA ASP B 663 11.43 -41.32 -8.52
C ASP B 663 10.77 -41.38 -7.17
N MET B 664 9.58 -40.78 -7.07
CA MET B 664 8.87 -40.67 -5.81
C MET B 664 7.58 -41.44 -5.87
N SER B 665 7.18 -42.04 -4.75
CA SER B 665 5.87 -42.69 -4.70
C SER B 665 4.78 -41.71 -4.25
N ALA B 666 3.53 -42.05 -4.52
CA ALA B 666 2.39 -41.21 -4.16
C ALA B 666 1.65 -41.78 -2.94
N ARG B 667 2.32 -42.66 -2.19
CA ARG B 667 1.67 -43.25 -1.02
C ARG B 667 0.82 -42.30 -0.14
N ILE B 668 1.40 -41.17 0.31
CA ILE B 668 0.71 -40.37 1.28
C ILE B 668 -0.56 -39.74 0.73
N TRP B 669 -0.59 -39.42 -0.56
CA TRP B 669 -1.82 -38.90 -1.16
C TRP B 669 -2.90 -39.97 -1.19
N LEU B 670 -2.53 -41.17 -1.65
CA LEU B 670 -3.49 -42.27 -1.70
C LEU B 670 -4.00 -42.55 -0.29
N ASP B 671 -3.15 -42.41 0.71
CA ASP B 671 -3.59 -42.79 2.03
C ASP B 671 -4.57 -41.72 2.56
N GLN B 672 -4.34 -40.46 2.16
CA GLN B 672 -5.17 -39.36 2.60
C GLN B 672 -6.58 -39.56 2.05
N ILE B 673 -6.65 -40.07 0.82
CA ILE B 673 -7.93 -40.34 0.18
C ILE B 673 -8.65 -41.43 0.93
N ASP B 674 -7.91 -42.44 1.32
CA ASP B 674 -8.44 -43.57 2.07
C ASP B 674 -9.04 -43.15 3.39
N ARG B 675 -8.30 -42.32 4.11
CA ARG B 675 -8.66 -41.96 5.46
C ARG B 675 -9.73 -40.88 5.49
N GLU B 676 -9.76 -40.03 4.47
CA GLU B 676 -10.59 -38.78 4.52
C GLU B 676 -11.83 -38.72 3.62
N VAL B 677 -11.77 -39.35 2.44
CA VAL B 677 -12.86 -39.28 1.47
C VAL B 677 -13.77 -40.51 1.50
N PRO B 678 -15.03 -40.30 1.89
CA PRO B 678 -16.02 -41.38 1.99
C PRO B 678 -16.06 -42.25 0.74
N LYS B 679 -16.41 -43.52 0.91
CA LYS B 679 -16.38 -44.48 -0.18
C LYS B 679 -17.31 -44.12 -1.36
N GLY B 680 -18.39 -43.42 -1.06
CA GLY B 680 -19.37 -43.07 -2.08
C GLY B 680 -20.38 -42.09 -1.54
N MET C 2 43.86 -3.87 -28.16
CA MET C 2 44.31 -4.21 -26.80
C MET C 2 45.67 -4.90 -26.75
N ASN C 3 46.07 -5.34 -25.57
CA ASN C 3 47.40 -5.91 -25.33
C ASN C 3 47.21 -7.27 -24.61
N PHE C 4 47.05 -8.29 -25.44
CA PHE C 4 46.50 -9.60 -25.06
C PHE C 4 47.39 -10.47 -24.15
N TYR C 5 48.69 -10.24 -24.16
CA TYR C 5 49.53 -11.10 -23.35
C TYR C 5 49.78 -10.58 -21.95
N SER C 6 49.03 -9.53 -21.57
CA SER C 6 49.16 -8.84 -20.28
C SER C 6 48.24 -9.41 -19.20
N ALA C 7 48.80 -9.92 -18.13
CA ALA C 7 47.98 -10.50 -17.07
C ALA C 7 47.02 -9.48 -16.46
N TYR C 8 47.41 -8.21 -16.47
CA TYR C 8 46.65 -7.22 -15.74
C TYR C 8 45.43 -6.91 -16.56
N GLN C 9 45.62 -6.84 -17.87
CA GLN C 9 44.49 -6.61 -18.77
C GLN C 9 43.54 -7.80 -18.84
N HIS C 10 43.89 -8.92 -18.23
CA HIS C 10 42.95 -10.03 -18.13
C HIS C 10 42.36 -10.22 -16.74
N GLY C 11 42.57 -9.26 -15.86
CA GLY C 11 41.90 -9.25 -14.57
C GLY C 11 42.69 -9.83 -13.41
N PHE C 12 43.95 -10.21 -13.67
CA PHE C 12 44.81 -10.64 -12.59
C PHE C 12 45.40 -9.44 -11.88
N VAL C 13 45.72 -9.65 -10.59
CA VAL C 13 46.49 -8.69 -9.81
C VAL C 13 47.60 -9.49 -9.12
N ARG C 14 48.85 -9.03 -9.29
CA ARG C 14 50.02 -9.76 -8.78
C ARG C 14 50.36 -9.37 -7.34
N VAL C 15 50.37 -10.36 -6.44
CA VAL C 15 50.56 -10.07 -5.02
C VAL C 15 51.75 -10.81 -4.43
N ALA C 16 52.35 -10.25 -3.38
CA ALA C 16 53.53 -10.86 -2.79
C ALA C 16 53.40 -10.93 -1.29
N ALA C 17 53.79 -12.06 -0.71
CA ALA C 17 53.98 -12.15 0.74
C ALA C 17 55.47 -12.33 1.02
N CYS C 18 56.04 -11.37 1.75
CA CYS C 18 57.48 -11.32 1.94
C CYS C 18 57.89 -11.68 3.37
N THR C 19 58.99 -12.41 3.54
CA THR C 19 59.62 -12.55 4.85
C THR C 19 61.06 -11.98 4.79
N HIS C 20 61.29 -10.90 5.51
CA HIS C 20 62.56 -10.17 5.47
C HIS C 20 63.49 -10.67 6.55
N HIS C 21 64.64 -10.05 6.63
CA HIS C 21 65.57 -10.37 7.69
C HIS C 21 65.35 -9.44 8.88
N THR C 22 64.88 -10.00 9.99
CA THR C 22 64.70 -9.20 11.20
C THR C 22 66.03 -8.85 11.82
N THR C 23 66.23 -7.57 12.13
CA THR C 23 67.22 -7.13 13.11
C THR C 23 66.52 -6.51 14.30
N ILE C 24 66.30 -7.28 15.36
CA ILE C 24 65.48 -6.80 16.45
C ILE C 24 66.05 -5.49 17.02
N GLY C 25 65.16 -4.54 17.34
CA GLY C 25 65.57 -3.28 17.91
C GLY C 25 66.36 -2.37 16.98
N ASP C 26 66.28 -2.62 15.67
CA ASP C 26 67.05 -1.80 14.73
C ASP C 26 66.24 -1.48 13.46
N PRO C 27 65.29 -0.51 13.57
CA PRO C 27 64.33 -0.18 12.52
C PRO C 27 65.01 0.22 11.21
N ALA C 28 66.11 0.96 11.25
CA ALA C 28 66.79 1.31 9.99
C ALA C 28 67.15 0.06 9.21
N ALA C 29 67.60 -0.95 9.94
CA ALA C 29 68.09 -2.16 9.31
C ALA C 29 66.89 -2.91 8.74
N ASN C 30 65.84 -3.02 9.54
CA ASN C 30 64.62 -3.64 9.03
C ASN C 30 64.10 -2.96 7.76
N ALA C 31 64.13 -1.63 7.76
CA ALA C 31 63.57 -0.86 6.66
C ALA C 31 64.41 -1.06 5.42
N ALA C 32 65.72 -1.12 5.59
CA ALA C 32 66.60 -1.40 4.46
C ALA C 32 66.30 -2.75 3.80
N SER C 33 65.92 -3.74 4.61
CA SER C 33 65.62 -5.07 4.12
C SER C 33 64.27 -4.97 3.45
N VAL C 34 63.33 -4.26 4.10
CA VAL C 34 62.02 -4.11 3.49
C VAL C 34 62.10 -3.38 2.15
N LEU C 35 62.88 -2.31 2.11
CA LEU C 35 63.03 -1.53 0.89
C LEU C 35 63.55 -2.39 -0.24
N ASP C 36 64.50 -3.25 0.10
CA ASP C 36 65.14 -4.09 -0.89
C ASP C 36 64.18 -5.15 -1.44
N MET C 37 63.40 -5.77 -0.56
CA MET C 37 62.39 -6.70 -1.02
C MET C 37 61.30 -5.98 -1.80
N ALA C 38 60.95 -4.76 -1.40
CA ALA C 38 59.89 -4.05 -2.13
C ALA C 38 60.34 -3.72 -3.56
N ARG C 39 61.63 -3.45 -3.73
CA ARG C 39 62.16 -3.15 -5.06
C ARG C 39 62.10 -4.38 -5.93
N ALA C 40 62.28 -5.53 -5.32
CA ALA C 40 62.16 -6.79 -6.06
C ALA C 40 60.71 -6.95 -6.53
N CYS C 41 59.79 -6.69 -5.63
CA CYS C 41 58.40 -6.83 -5.95
C CYS C 41 58.00 -5.86 -7.07
N HIS C 42 58.48 -4.63 -6.97
CA HIS C 42 58.33 -3.68 -8.05
C HIS C 42 58.79 -4.28 -9.36
N ASP C 43 60.04 -4.74 -9.38
CA ASP C 43 60.61 -5.35 -10.58
C ASP C 43 59.74 -6.48 -11.14
N ASP C 44 59.05 -7.19 -10.24
CA ASP C 44 58.17 -8.29 -10.64
C ASP C 44 56.79 -7.82 -11.07
N GLY C 45 56.56 -6.51 -11.04
CA GLY C 45 55.25 -5.93 -11.36
C GLY C 45 54.17 -6.27 -10.36
N ALA C 46 54.55 -6.55 -9.11
CA ALA C 46 53.59 -6.83 -8.04
C ALA C 46 52.80 -5.58 -7.64
N ALA C 47 51.53 -5.78 -7.32
CA ALA C 47 50.67 -4.67 -6.91
C ALA C 47 50.67 -4.55 -5.39
N LEU C 48 51.12 -5.59 -4.72
CA LEU C 48 50.98 -5.66 -3.28
C LEU C 48 52.18 -6.42 -2.69
N ALA C 49 52.68 -5.96 -1.56
CA ALA C 49 53.73 -6.66 -0.83
C ALA C 49 53.42 -6.61 0.65
N VAL C 50 53.12 -7.74 1.27
CA VAL C 50 52.80 -7.83 2.70
C VAL C 50 54.01 -8.34 3.49
N PHE C 51 54.37 -7.66 4.58
CA PHE C 51 55.50 -8.11 5.40
C PHE C 51 55.09 -8.68 6.75
N PRO C 52 56.05 -9.19 7.51
CA PRO C 52 55.61 -9.77 8.80
C PRO C 52 55.16 -8.76 9.84
N GLU C 53 54.43 -9.27 10.81
CA GLU C 53 53.92 -8.45 11.94
C GLU C 53 55.06 -7.61 12.58
N LEU C 54 54.81 -6.36 12.92
CA LEU C 54 55.85 -5.53 13.60
C LEU C 54 57.17 -5.46 12.84
N THR C 55 57.10 -5.54 11.53
CA THR C 55 58.29 -5.50 10.67
C THR C 55 59.41 -4.56 11.16
N LEU C 56 59.04 -3.34 11.53
CA LEU C 56 60.06 -2.29 11.68
C LEU C 56 60.84 -2.39 12.98
N SER C 57 60.27 -3.11 13.92
CA SER C 57 60.87 -3.19 15.24
C SER C 57 61.32 -4.59 15.56
N GLY C 58 60.71 -5.58 14.90
CA GLY C 58 60.83 -6.96 15.35
C GLY C 58 59.67 -7.21 16.31
N TYR C 59 58.99 -8.33 16.11
CA TYR C 59 57.81 -8.67 16.91
C TYR C 59 58.22 -9.11 18.30
N SER C 60 59.39 -9.74 18.41
CA SER C 60 59.76 -10.43 19.63
C SER C 60 60.47 -9.60 20.71
N ILE C 61 60.60 -8.28 20.53
CA ILE C 61 61.46 -7.53 21.45
C ILE C 61 60.83 -7.18 22.81
N GLU C 62 59.59 -7.59 23.04
CA GLU C 62 58.93 -7.38 24.39
C GLU C 62 59.01 -5.94 24.94
N ASP C 63 59.39 -5.76 26.21
CA ASP C 63 59.35 -4.41 26.79
C ASP C 63 60.24 -3.41 26.07
N VAL C 64 61.13 -3.88 25.22
CA VAL C 64 61.89 -2.94 24.40
C VAL C 64 60.95 -2.13 23.46
N LEU C 65 59.74 -2.65 23.21
CA LEU C 65 58.74 -1.90 22.44
C LEU C 65 58.37 -0.58 23.09
N LEU C 66 58.42 -0.54 24.43
CA LEU C 66 58.09 0.68 25.19
C LEU C 66 59.23 1.69 25.35
N GLN C 67 60.37 1.45 24.71
CA GLN C 67 61.47 2.37 24.84
C GLN C 67 61.38 3.54 23.87
N ASP C 68 61.46 4.75 24.39
CA ASP C 68 61.35 5.92 23.55
C ASP C 68 62.25 5.90 22.34
N SER C 69 63.49 5.44 22.50
CA SER C 69 64.41 5.54 21.38
C SER C 69 64.07 4.53 20.29
N LEU C 70 63.44 3.43 20.70
CA LEU C 70 62.97 2.39 19.75
C LEU C 70 61.78 2.94 18.96
N LEU C 71 60.81 3.53 19.68
CA LEU C 71 59.64 4.07 19.03
C LEU C 71 60.02 5.24 18.13
N ASP C 72 60.95 6.09 18.59
CA ASP C 72 61.36 7.22 17.76
C ASP C 72 62.04 6.72 16.48
N ALA C 73 62.85 5.67 16.60
CA ALA C 73 63.56 5.14 15.44
C ALA C 73 62.59 4.50 14.44
N VAL C 74 61.61 3.78 14.96
CA VAL C 74 60.54 3.21 14.12
C VAL C 74 59.92 4.31 13.28
N GLU C 75 59.50 5.42 13.90
CA GLU C 75 58.92 6.54 13.10
C GLU C 75 59.85 7.05 12.02
N ASP C 76 61.08 7.36 12.37
CA ASP C 76 62.03 7.85 11.38
C ASP C 76 62.15 6.89 10.18
N ALA C 77 62.09 5.60 10.46
CA ALA C 77 62.33 4.62 9.44
C ALA C 77 61.10 4.51 8.53
N LEU C 78 59.92 4.49 9.15
CA LEU C 78 58.68 4.56 8.42
C LEU C 78 58.69 5.70 7.40
N LEU C 79 59.06 6.90 7.84
CA LEU C 79 59.00 8.05 6.94
C LEU C 79 59.92 7.86 5.73
N ASP C 80 61.10 7.26 5.93
CA ASP C 80 62.00 6.95 4.82
C ASP C 80 61.43 5.93 3.84
N LEU C 81 60.76 4.90 4.36
CA LEU C 81 60.06 3.97 3.47
C LEU C 81 59.01 4.69 2.63
N VAL C 82 58.18 5.50 3.30
CA VAL C 82 57.13 6.22 2.63
C VAL C 82 57.73 7.04 1.49
N THR C 83 58.79 7.76 1.81
CA THR C 83 59.48 8.56 0.79
C THR C 83 60.02 7.71 -0.36
N GLU C 84 60.70 6.60 -0.04
CA GLU C 84 61.22 5.64 -1.07
C GLU C 84 60.05 5.09 -1.91
N SER C 85 58.90 4.92 -1.28
CA SER C 85 57.77 4.30 -1.96
C SER C 85 57.18 5.15 -3.09
N ALA C 86 57.69 6.36 -3.28
CA ALA C 86 57.19 7.22 -4.34
C ALA C 86 57.53 6.63 -5.68
N ASP C 87 58.57 5.81 -5.69
CA ASP C 87 59.05 5.23 -6.94
C ASP C 87 58.76 3.74 -7.10
N LEU C 88 57.90 3.23 -6.22
CA LEU C 88 57.58 1.81 -6.19
C LEU C 88 56.13 1.54 -6.62
N LEU C 89 55.96 0.51 -7.45
CA LEU C 89 54.66 0.18 -7.98
C LEU C 89 53.67 -0.32 -6.93
N PRO C 90 54.08 -1.27 -6.08
CA PRO C 90 53.13 -1.92 -5.19
C PRO C 90 52.77 -1.12 -3.98
N VAL C 91 51.59 -1.45 -3.46
CA VAL C 91 51.16 -1.05 -2.14
C VAL C 91 51.99 -1.90 -1.18
N LEU C 92 52.67 -1.25 -0.25
CA LEU C 92 53.46 -1.98 0.77
C LEU C 92 52.66 -2.00 2.05
N VAL C 93 52.56 -3.17 2.66
CA VAL C 93 51.91 -3.27 3.96
C VAL C 93 52.96 -3.66 5.02
N VAL C 94 53.41 -2.70 5.80
CA VAL C 94 54.51 -2.96 6.72
C VAL C 94 54.17 -2.69 8.18
N GLY C 95 54.56 -3.62 9.04
CA GLY C 95 54.22 -3.56 10.45
C GLY C 95 55.13 -2.64 11.26
N ALA C 96 54.55 -2.09 12.32
CA ALA C 96 55.19 -1.05 13.12
C ALA C 96 54.41 -0.87 14.37
N PRO C 97 55.11 -0.79 15.51
CA PRO C 97 54.47 -0.37 16.76
C PRO C 97 54.34 1.16 16.70
N LEU C 98 53.12 1.69 16.77
CA LEU C 98 52.95 3.17 16.70
C LEU C 98 52.23 3.78 17.87
N ARG C 99 52.64 4.99 18.25
CA ARG C 99 51.99 5.71 19.34
C ARG C 99 50.70 6.34 18.81
N HIS C 100 49.59 6.09 19.52
CA HIS C 100 48.33 6.82 19.28
C HIS C 100 47.53 7.12 20.59
N ARG C 101 47.06 8.34 20.74
CA ARG C 101 46.45 8.71 22.03
C ARG C 101 47.33 8.33 23.22
N HIS C 102 46.91 7.34 24.00
CA HIS C 102 47.64 6.96 25.23
C HIS C 102 48.69 5.87 25.08
N ARG C 103 48.61 5.07 24.01
CA ARG C 103 49.39 3.85 23.98
C ARG C 103 50.12 3.55 22.65
N ILE C 104 50.76 2.39 22.59
CA ILE C 104 51.26 1.97 21.30
C ILE C 104 50.34 0.89 20.78
N TYR C 105 50.08 0.96 19.48
CA TYR C 105 49.26 -0.06 18.85
C TYR C 105 50.18 -0.94 18.03
N ASN C 106 49.76 -2.18 17.83
CA ASN C 106 50.42 -3.09 16.93
C ASN C 106 49.82 -2.84 15.57
N THR C 107 50.56 -2.18 14.70
CA THR C 107 49.92 -1.74 13.48
C THR C 107 50.51 -2.27 12.16
N ALA C 108 49.67 -2.30 11.14
CA ALA C 108 50.12 -2.45 9.80
C ALA C 108 49.96 -1.12 9.07
N VAL C 109 51.03 -0.62 8.47
CA VAL C 109 51.00 0.67 7.76
C VAL C 109 50.88 0.45 6.22
N VAL C 110 49.74 0.83 5.64
CA VAL C 110 49.51 0.64 4.24
C VAL C 110 50.10 1.84 3.49
N ILE C 111 51.08 1.55 2.64
CA ILE C 111 51.91 2.59 2.04
C ILE C 111 51.86 2.51 0.51
N HIS C 112 51.70 3.65 -0.15
CA HIS C 112 51.56 3.63 -1.60
C HIS C 112 52.01 4.92 -2.28
N ARG C 113 52.93 4.76 -3.23
CA ARG C 113 53.38 5.88 -4.06
C ARG C 113 53.58 7.19 -3.26
N GLY C 114 54.33 7.11 -2.16
CA GLY C 114 54.71 8.31 -1.43
C GLY C 114 53.80 8.80 -0.30
N ALA C 115 52.70 8.09 -0.05
CA ALA C 115 51.78 8.46 1.00
C ALA C 115 51.37 7.26 1.85
N VAL C 116 50.86 7.55 3.03
CA VAL C 116 50.31 6.49 3.88
C VAL C 116 48.81 6.52 3.62
N LEU C 117 48.26 5.36 3.25
CA LEU C 117 46.86 5.26 2.87
C LEU C 117 46.01 5.07 4.10
N GLY C 118 46.60 4.46 5.12
CA GLY C 118 45.85 4.09 6.29
C GLY C 118 46.77 3.35 7.24
N VAL C 119 46.36 3.22 8.48
CA VAL C 119 47.09 2.50 9.48
C VAL C 119 46.07 1.61 10.18
N VAL C 120 46.34 0.32 10.21
CA VAL C 120 45.40 -0.64 10.79
C VAL C 120 45.97 -1.31 12.02
N PRO C 121 45.27 -1.21 13.15
CA PRO C 121 45.77 -1.82 14.39
C PRO C 121 45.30 -3.25 14.56
N LYS C 122 46.12 -4.09 15.18
CA LYS C 122 45.73 -5.46 15.45
C LYS C 122 44.53 -5.39 16.34
N SER C 123 43.61 -6.32 16.22
CA SER C 123 42.37 -6.19 16.98
C SER C 123 42.43 -7.03 18.22
N TYR C 124 43.01 -8.21 18.11
CA TYR C 124 43.01 -9.11 19.24
C TYR C 124 44.44 -9.47 19.63
N LEU C 125 44.80 -9.06 20.85
CA LEU C 125 46.16 -9.18 21.36
C LEU C 125 46.32 -10.35 22.34
N PRO C 126 46.93 -11.43 21.88
CA PRO C 126 46.99 -12.63 22.70
C PRO C 126 47.87 -12.43 23.94
N THR C 127 47.33 -12.82 25.08
CA THR C 127 48.01 -12.77 26.33
C THR C 127 47.73 -14.07 27.01
N TYR C 128 48.46 -15.08 26.55
CA TYR C 128 48.35 -16.44 27.06
C TYR C 128 49.53 -17.23 26.50
N ARG C 129 49.81 -18.39 27.11
CA ARG C 129 50.95 -19.23 26.71
C ARG C 129 52.19 -18.39 26.44
N GLU C 130 52.73 -18.47 25.24
CA GLU C 130 53.97 -17.72 24.93
C GLU C 130 53.73 -16.25 24.55
N PHE C 131 52.46 -15.82 24.52
CA PHE C 131 52.13 -14.46 24.11
C PHE C 131 51.81 -13.48 25.24
N TYR C 132 52.45 -12.31 25.20
CA TYR C 132 52.25 -11.28 26.25
C TYR C 132 51.86 -9.91 25.65
N GLU C 133 51.21 -9.92 24.49
CA GLU C 133 51.00 -8.64 23.75
C GLU C 133 50.22 -7.51 24.47
N ARG C 134 49.25 -7.83 25.32
CA ARG C 134 48.53 -6.79 26.07
C ARG C 134 49.43 -6.02 27.03
N ARG C 135 50.53 -6.64 27.46
CA ARG C 135 51.46 -5.94 28.34
C ARG C 135 52.00 -4.66 27.72
N GLN C 136 52.45 -4.72 26.48
CA GLN C 136 53.00 -3.55 25.79
C GLN C 136 52.06 -2.79 24.87
N MET C 137 51.00 -3.44 24.39
CA MET C 137 50.22 -2.89 23.29
C MET C 137 48.73 -2.82 23.58
N ALA C 138 48.08 -1.80 23.03
CA ALA C 138 46.60 -1.70 23.09
C ALA C 138 45.87 -2.45 21.97
N PRO C 139 44.71 -3.05 22.30
CA PRO C 139 43.75 -3.59 21.32
C PRO C 139 43.25 -2.49 20.38
N GLY C 140 43.10 -2.84 19.09
CA GLY C 140 42.64 -1.93 18.06
C GLY C 140 41.15 -2.05 17.75
N ASP C 141 40.46 -3.06 18.28
CA ASP C 141 39.08 -3.27 17.90
C ASP C 141 38.23 -2.08 18.26
N GLY C 142 37.54 -1.53 17.27
CA GLY C 142 36.70 -0.38 17.51
C GLY C 142 37.39 0.98 17.57
N GLU C 143 38.68 1.02 17.28
CA GLU C 143 39.34 2.34 17.03
C GLU C 143 38.97 2.82 15.64
N ARG C 144 38.72 4.11 15.54
CA ARG C 144 38.43 4.78 14.28
C ARG C 144 39.19 6.11 14.23
N GLY C 145 38.79 7.00 13.36
CA GLY C 145 39.42 8.30 13.37
C GLY C 145 40.64 8.30 12.52
N THR C 146 41.53 9.23 12.84
CA THR C 146 42.79 9.34 12.13
C THR C 146 43.96 9.29 13.10
N ILE C 147 45.16 9.17 12.54
CA ILE C 147 46.37 9.18 13.31
C ILE C 147 47.35 10.06 12.55
N ARG C 148 48.33 10.60 13.26
CA ARG C 148 49.24 11.58 12.67
C ARG C 148 50.54 10.88 12.36
N ILE C 149 50.89 10.83 11.07
CA ILE C 149 52.12 10.19 10.63
C ILE C 149 52.77 11.17 9.68
N GLY C 150 53.97 11.65 10.04
CA GLY C 150 54.68 12.61 9.23
C GLY C 150 53.82 13.75 8.70
N GLY C 151 53.25 14.52 9.63
CA GLY C 151 52.53 15.73 9.24
C GLY C 151 51.30 15.53 8.39
N ALA C 152 50.74 14.32 8.40
CA ALA C 152 49.46 14.06 7.74
C ALA C 152 48.52 13.34 8.67
N ASP C 153 47.22 13.57 8.49
CA ASP C 153 46.24 12.82 9.27
C ASP C 153 45.73 11.74 8.37
N VAL C 154 45.93 10.49 8.78
CA VAL C 154 45.53 9.41 7.91
C VAL C 154 44.58 8.48 8.65
N ALA C 155 43.73 7.85 7.86
CA ALA C 155 42.74 6.93 8.40
C ALA C 155 43.38 5.91 9.34
N PHE C 156 42.71 5.66 10.44
CA PHE C 156 43.19 4.75 11.45
C PHE C 156 42.03 3.90 11.89
N GLY C 157 42.22 2.58 11.93
CA GLY C 157 41.23 1.70 12.53
C GLY C 157 41.01 0.36 11.81
N THR C 158 40.08 -0.42 12.35
CA THR C 158 39.89 -1.79 11.94
C THR C 158 38.98 -1.89 10.70
N ASP C 159 38.21 -0.84 10.47
CA ASP C 159 37.21 -0.71 9.41
C ASP C 159 37.70 -0.13 8.05
N LEU C 160 38.90 -0.45 7.61
CA LEU C 160 39.43 0.19 6.40
C LEU C 160 39.47 -0.73 5.16
N LEU C 161 39.22 -0.13 4.00
CA LEU C 161 39.31 -0.82 2.74
C LEU C 161 40.09 0.04 1.78
N PHE C 162 41.00 -0.58 1.04
CA PHE C 162 41.85 0.14 0.11
C PHE C 162 41.52 -0.35 -1.28
N ALA C 163 40.93 0.53 -2.07
CA ALA C 163 40.39 0.13 -3.36
C ALA C 163 41.14 0.78 -4.49
N ALA C 164 41.60 -0.06 -5.41
CA ALA C 164 42.24 0.42 -6.61
C ALA C 164 41.15 0.96 -7.51
N SER C 165 41.29 2.23 -7.84
CA SER C 165 40.28 2.96 -8.60
C SER C 165 40.32 2.57 -10.08
N ASP C 166 41.48 2.07 -10.53
CA ASP C 166 41.66 1.62 -11.91
C ASP C 166 41.76 0.10 -11.97
N LEU C 167 41.24 -0.59 -10.97
CA LEU C 167 41.39 -2.05 -10.92
C LEU C 167 40.44 -2.60 -9.87
N PRO C 168 39.17 -2.52 -10.17
CA PRO C 168 38.08 -2.61 -9.20
C PRO C 168 37.97 -3.98 -8.54
N GLY C 169 38.64 -4.94 -9.15
CA GLY C 169 38.60 -6.30 -8.64
C GLY C 169 39.49 -6.45 -7.44
N PHE C 170 40.32 -5.44 -7.23
CA PHE C 170 41.34 -5.40 -6.18
C PHE C 170 40.90 -4.45 -5.03
N VAL C 171 40.29 -5.01 -3.99
CA VAL C 171 39.92 -4.24 -2.81
C VAL C 171 40.58 -4.89 -1.62
N LEU C 172 41.51 -4.17 -0.99
CA LEU C 172 42.40 -4.71 0.04
C LEU C 172 41.91 -4.46 1.44
N HIS C 173 41.96 -5.48 2.28
CA HIS C 173 41.74 -5.34 3.70
C HIS C 173 42.95 -5.95 4.39
N VAL C 174 43.31 -5.40 5.55
CA VAL C 174 44.42 -5.90 6.33
C VAL C 174 44.00 -6.27 7.76
N GLU C 175 44.49 -7.42 8.23
CA GLU C 175 44.39 -7.75 9.67
C GLU C 175 45.72 -8.29 10.11
N ILE C 176 45.80 -8.72 11.36
CA ILE C 176 47.10 -9.07 11.92
C ILE C 176 47.04 -10.32 12.78
N ALA C 177 47.79 -11.32 12.33
CA ALA C 177 48.05 -12.51 13.11
C ALA C 177 46.80 -13.06 13.74
N GLU C 178 46.77 -13.01 15.07
CA GLU C 178 45.61 -13.49 15.89
C GLU C 178 44.26 -13.10 15.31
N ASP C 179 44.21 -11.98 14.61
CA ASP C 179 42.90 -11.50 14.11
C ASP C 179 42.16 -12.59 13.34
N MET C 180 42.90 -13.47 12.64
CA MET C 180 42.25 -14.46 11.80
C MET C 180 41.87 -15.76 12.51
N PHE C 181 42.17 -15.82 13.80
CA PHE C 181 41.98 -17.05 14.56
C PHE C 181 40.74 -17.02 15.44
N VAL C 182 40.09 -15.87 15.54
CA VAL C 182 38.93 -15.75 16.42
C VAL C 182 37.63 -16.11 15.68
N PRO C 183 36.62 -16.53 16.44
CA PRO C 183 35.39 -16.92 15.76
C PRO C 183 34.92 -15.94 14.65
N MET C 184 35.01 -14.64 14.90
CA MET C 184 34.50 -13.67 13.94
C MET C 184 35.59 -12.67 13.60
N PRO C 185 36.43 -13.04 12.65
CA PRO C 185 37.57 -12.21 12.27
C PRO C 185 37.15 -10.97 11.57
N PRO C 186 37.94 -9.91 11.74
CA PRO C 186 37.74 -8.66 11.03
C PRO C 186 37.73 -8.90 9.53
N SER C 187 38.53 -9.82 9.04
CA SER C 187 38.57 -10.05 7.59
C SER C 187 37.22 -10.54 6.99
N ALA C 188 36.48 -11.33 7.76
CA ALA C 188 35.20 -11.85 7.30
C ALA C 188 34.15 -10.73 7.10
N GLU C 189 34.07 -9.78 8.03
CA GLU C 189 33.26 -8.57 7.81
C GLU C 189 33.76 -7.77 6.62
N ALA C 190 35.07 -7.66 6.49
CA ALA C 190 35.63 -6.89 5.39
C ALA C 190 35.27 -7.49 4.04
N ALA C 191 35.27 -8.82 3.95
CA ALA C 191 35.00 -9.41 2.64
C ALA C 191 33.55 -9.09 2.28
N LEU C 192 32.67 -9.23 3.26
CA LEU C 192 31.27 -8.92 3.06
C LEU C 192 31.08 -7.49 2.61
N ALA C 193 31.98 -6.60 3.04
CA ALA C 193 31.88 -5.18 2.72
C ALA C 193 32.48 -4.86 1.38
N GLY C 194 33.20 -5.81 0.79
CA GLY C 194 33.77 -5.60 -0.52
C GLY C 194 35.25 -5.96 -0.66
N ALA C 195 35.93 -6.30 0.43
CA ALA C 195 37.31 -6.68 0.32
C ALA C 195 37.44 -7.99 -0.48
N THR C 196 38.36 -8.03 -1.44
CA THR C 196 38.61 -9.24 -2.24
C THR C 196 39.99 -9.84 -1.99
N VAL C 197 40.94 -8.99 -1.60
CA VAL C 197 42.26 -9.46 -1.18
C VAL C 197 42.51 -9.18 0.30
N LEU C 198 42.67 -10.24 1.09
CA LEU C 198 42.76 -10.14 2.52
C LEU C 198 44.19 -10.39 2.97
N ALA C 199 44.91 -9.35 3.37
CA ALA C 199 46.28 -9.48 3.91
C ALA C 199 46.38 -9.77 5.42
N ASN C 200 47.38 -10.58 5.76
CA ASN C 200 47.68 -10.87 7.15
C ASN C 200 49.17 -10.72 7.43
N LEU C 201 49.55 -9.82 8.33
CA LEU C 201 50.93 -9.77 8.78
C LEU C 201 51.01 -10.52 10.11
N SER C 202 52.00 -11.42 10.21
CA SER C 202 52.09 -12.36 11.33
C SER C 202 53.52 -12.41 11.92
N GLY C 203 53.62 -12.62 13.24
CA GLY C 203 54.89 -12.90 13.87
C GLY C 203 54.99 -14.41 13.94
N SER C 204 54.21 -14.95 14.87
CA SER C 204 53.85 -16.36 14.86
C SER C 204 55.04 -17.24 15.15
N PRO C 205 55.47 -17.23 16.40
CA PRO C 205 56.55 -18.14 16.76
C PRO C 205 56.15 -19.57 16.29
N ILE C 206 57.12 -20.34 15.81
CA ILE C 206 56.81 -21.63 15.23
C ILE C 206 56.87 -22.76 16.28
N THR C 207 56.08 -23.79 16.06
CA THR C 207 55.81 -24.80 17.07
C THR C 207 55.31 -25.98 16.32
N ILE C 208 55.48 -27.16 16.92
CA ILE C 208 55.02 -28.35 16.22
C ILE C 208 53.54 -28.22 15.88
N GLY C 209 53.21 -28.47 14.60
CA GLY C 209 51.84 -28.40 14.12
C GLY C 209 51.25 -27.00 13.89
N ARG C 210 52.02 -25.96 14.16
CA ARG C 210 51.49 -24.62 13.98
C ARG C 210 51.28 -24.23 12.50
N ALA C 211 52.16 -24.71 11.63
CA ALA C 211 52.06 -24.38 10.20
C ALA C 211 50.73 -24.92 9.65
N GLU C 212 50.32 -26.05 10.19
CA GLU C 212 48.99 -26.59 9.86
C GLU C 212 47.88 -25.64 10.30
N ASP C 213 47.95 -25.14 11.53
CA ASP C 213 46.93 -24.22 12.01
C ASP C 213 46.87 -22.98 11.14
N ARG C 214 48.02 -22.42 10.84
CA ARG C 214 48.04 -21.26 9.95
C ARG C 214 47.33 -21.61 8.66
N ARG C 215 47.71 -22.70 8.03
CA ARG C 215 47.04 -23.08 6.80
C ARG C 215 45.54 -23.34 6.92
N LEU C 216 45.14 -24.11 7.92
CA LEU C 216 43.74 -24.42 8.10
C LEU C 216 42.93 -23.12 8.09
N LEU C 217 43.41 -22.11 8.83
CA LEU C 217 42.70 -20.85 8.92
C LEU C 217 42.87 -19.89 7.76
N ALA C 218 44.03 -19.83 7.13
CA ALA C 218 44.15 -18.97 5.94
C ALA C 218 43.33 -19.57 4.78
N ARG C 219 43.40 -20.89 4.67
CA ARG C 219 42.71 -21.54 3.60
C ARG C 219 41.19 -21.43 3.77
N SER C 220 40.68 -21.78 4.95
CA SER C 220 39.25 -21.71 5.14
C SER C 220 38.79 -20.27 4.96
N ALA C 221 39.60 -19.30 5.36
CA ALA C 221 39.20 -17.89 5.22
C ALA C 221 39.01 -17.54 3.76
N SER C 222 39.95 -18.00 2.95
CA SER C 222 39.99 -17.64 1.55
C SER C 222 38.78 -18.30 0.88
N ALA C 223 38.36 -19.43 1.44
CA ALA C 223 37.25 -20.20 0.86
C ALA C 223 35.93 -19.58 1.29
N ARG C 224 35.71 -19.53 2.58
CA ARG C 224 34.49 -18.97 3.11
C ARG C 224 34.28 -17.51 2.66
N CYS C 225 35.34 -16.79 2.37
CA CYS C 225 35.21 -15.35 2.06
C CYS C 225 35.39 -15.04 0.61
N LEU C 226 35.39 -16.09 -0.20
CA LEU C 226 35.60 -15.95 -1.64
C LEU C 226 36.69 -14.92 -1.94
N ALA C 227 37.89 -15.17 -1.45
CA ALA C 227 38.92 -14.17 -1.56
C ALA C 227 40.31 -14.79 -1.66
N ALA C 228 41.27 -13.95 -2.06
CA ALA C 228 42.69 -14.21 -1.85
C ALA C 228 43.03 -13.86 -0.40
N TYR C 229 43.89 -14.68 0.20
CA TYR C 229 44.40 -14.43 1.54
C TYR C 229 45.92 -14.47 1.48
N VAL C 230 46.55 -13.34 1.76
CA VAL C 230 48.01 -13.18 1.59
C VAL C 230 48.68 -13.12 2.95
N TYR C 231 49.53 -14.09 3.26
CA TYR C 231 50.03 -14.27 4.62
C TYR C 231 51.56 -14.32 4.72
N ALA C 232 52.12 -13.58 5.69
CA ALA C 232 53.58 -13.43 5.83
C ALA C 232 53.98 -13.54 7.29
N ALA C 233 54.81 -14.52 7.64
CA ALA C 233 55.27 -14.67 9.03
C ALA C 233 56.75 -14.33 9.23
N ALA C 234 57.12 -14.07 10.46
CA ALA C 234 58.46 -13.59 10.70
C ALA C 234 59.43 -14.76 10.63
N GLY C 235 60.67 -14.49 10.21
CA GLY C 235 61.70 -15.54 10.14
C GLY C 235 62.99 -15.30 10.95
N GLU C 236 64.13 -15.46 10.27
CA GLU C 236 65.48 -15.31 10.88
C GLU C 236 65.64 -13.91 11.38
N GLY C 237 66.27 -13.73 12.54
CA GLY C 237 66.51 -12.41 13.08
C GLY C 237 65.75 -12.14 14.35
N GLU C 238 64.51 -12.63 14.40
CA GLU C 238 63.68 -12.56 15.65
C GLU C 238 64.43 -13.24 16.78
N SER C 239 64.19 -12.77 18.01
CA SER C 239 64.88 -13.30 19.17
C SER C 239 64.52 -14.77 19.44
N THR C 240 65.53 -15.57 19.75
CA THR C 240 65.28 -16.95 20.15
C THR C 240 65.51 -17.15 21.65
N THR C 241 65.25 -16.11 22.43
CA THR C 241 65.21 -16.22 23.88
C THR C 241 64.27 -17.35 24.36
N ASP C 242 63.07 -17.42 23.81
CA ASP C 242 62.16 -18.49 24.22
C ASP C 242 61.45 -19.16 23.03
N LEU C 243 61.74 -18.67 21.83
CA LEU C 243 60.98 -19.07 20.64
C LEU C 243 61.82 -19.16 19.35
N ALA C 244 61.32 -19.97 18.41
CA ALA C 244 61.94 -20.09 17.10
C ALA C 244 60.94 -19.66 16.07
N TRP C 245 61.44 -19.35 14.88
CA TRP C 245 60.63 -18.73 13.83
C TRP C 245 60.92 -19.37 12.50
N ASP C 246 59.88 -19.52 11.67
CA ASP C 246 60.05 -20.28 10.43
C ASP C 246 59.91 -19.54 9.08
N GLY C 247 59.59 -18.26 9.14
CA GLY C 247 59.56 -17.42 7.95
C GLY C 247 58.54 -17.78 6.90
N GLN C 248 57.53 -18.55 7.29
CA GLN C 248 56.54 -19.03 6.32
C GLN C 248 55.75 -17.93 5.63
N THR C 249 55.60 -18.06 4.31
CA THR C 249 54.73 -17.17 3.56
C THR C 249 53.88 -18.01 2.61
N MET C 250 52.65 -17.55 2.39
CA MET C 250 51.70 -18.25 1.55
C MET C 250 50.60 -17.30 1.03
N ILE C 251 50.01 -17.68 -0.10
CA ILE C 251 48.94 -16.93 -0.77
C ILE C 251 47.82 -17.88 -1.15
N TRP C 252 46.63 -17.65 -0.62
CA TRP C 252 45.55 -18.56 -0.92
C TRP C 252 44.55 -17.87 -1.83
N GLU C 253 43.80 -18.66 -2.60
CA GLU C 253 42.69 -18.06 -3.42
C GLU C 253 41.53 -19.02 -3.43
N ASN C 254 40.50 -18.60 -2.74
CA ASN C 254 39.27 -19.39 -2.69
C ASN C 254 39.48 -20.87 -2.38
N GLY C 255 40.40 -21.13 -1.46
CA GLY C 255 40.60 -22.48 -0.94
C GLY C 255 41.81 -23.15 -1.52
N ALA C 256 42.41 -22.51 -2.51
CA ALA C 256 43.48 -23.11 -3.32
C ALA C 256 44.78 -22.38 -3.08
N LEU C 257 45.86 -23.15 -2.93
CA LEU C 257 47.20 -22.60 -2.69
C LEU C 257 47.74 -22.07 -4.00
N LEU C 258 48.05 -20.78 -4.07
CA LEU C 258 48.68 -20.20 -5.23
C LEU C 258 50.20 -20.28 -5.12
N ALA C 259 50.72 -20.14 -3.90
CA ALA C 259 52.17 -20.02 -3.72
C ALA C 259 52.48 -20.17 -2.25
N GLU C 260 53.68 -20.66 -1.96
CA GLU C 260 54.20 -20.62 -0.59
C GLU C 260 55.71 -20.67 -0.63
N SER C 261 56.35 -20.40 0.48
CA SER C 261 57.78 -20.34 0.42
C SER C 261 58.39 -21.36 1.36
N GLU C 262 59.69 -21.56 1.20
CA GLU C 262 60.46 -22.49 2.03
C GLU C 262 60.34 -22.13 3.52
N ARG C 263 60.03 -23.11 4.35
CA ARG C 263 60.04 -22.97 5.79
C ARG C 263 61.49 -23.00 6.37
N PHE C 264 61.75 -22.20 7.39
CA PHE C 264 63.10 -22.06 7.95
C PHE C 264 64.09 -21.77 6.85
N PRO C 265 63.81 -20.77 6.03
CA PRO C 265 64.80 -20.45 5.00
C PRO C 265 66.11 -19.85 5.60
N LYS C 266 67.21 -19.97 4.86
CA LYS C 266 68.38 -19.12 5.03
C LYS C 266 68.24 -17.96 4.06
N GLY C 267 67.98 -16.77 4.58
CA GLY C 267 67.78 -15.59 3.75
C GLY C 267 66.31 -15.25 3.59
N VAL C 268 66.05 -14.22 2.81
CA VAL C 268 64.69 -13.76 2.68
C VAL C 268 63.96 -14.56 1.60
N ARG C 269 62.65 -14.66 1.72
CA ARG C 269 61.82 -15.38 0.76
C ARG C 269 60.58 -14.57 0.45
N ARG C 270 60.02 -14.81 -0.73
CA ARG C 270 58.77 -14.21 -1.17
C ARG C 270 57.91 -15.29 -1.82
N SER C 271 56.61 -15.21 -1.56
CA SER C 271 55.64 -15.87 -2.39
C SER C 271 55.05 -14.81 -3.31
N VAL C 272 55.08 -15.09 -4.61
CA VAL C 272 54.51 -14.16 -5.58
C VAL C 272 53.55 -14.90 -6.50
N ALA C 273 52.35 -14.38 -6.63
CA ALA C 273 51.35 -15.07 -7.43
C ALA C 273 50.41 -14.10 -8.14
N ASP C 274 49.85 -14.56 -9.26
CA ASP C 274 48.80 -13.79 -9.88
C ASP C 274 47.45 -14.26 -9.37
N VAL C 275 46.78 -13.38 -8.63
CA VAL C 275 45.40 -13.60 -8.18
C VAL C 275 44.42 -13.26 -9.30
N ASP C 276 43.44 -14.14 -9.55
CA ASP C 276 42.47 -13.90 -10.62
C ASP C 276 41.26 -13.21 -9.99
N THR C 277 41.16 -11.89 -10.16
CA THR C 277 40.07 -11.16 -9.51
C THR C 277 38.74 -11.51 -10.15
N GLU C 278 38.77 -11.83 -11.44
CA GLU C 278 37.55 -12.30 -12.14
C GLU C 278 37.01 -13.59 -11.56
N LEU C 279 37.88 -14.49 -11.13
CA LEU C 279 37.39 -15.71 -10.52
C LEU C 279 36.62 -15.39 -9.24
N LEU C 280 37.21 -14.53 -8.42
CA LEU C 280 36.57 -14.12 -7.18
C LEU C 280 35.27 -13.35 -7.49
N ARG C 281 35.36 -12.42 -8.45
CA ARG C 281 34.18 -11.75 -8.94
C ARG C 281 33.08 -12.77 -9.31
N SER C 282 33.45 -13.81 -10.06
CA SER C 282 32.44 -14.74 -10.61
C SER C 282 31.82 -15.58 -9.51
N GLU C 283 32.62 -15.90 -8.52
CA GLU C 283 32.15 -16.83 -7.49
C GLU C 283 31.11 -16.08 -6.71
N ARG C 284 31.43 -14.83 -6.38
CA ARG C 284 30.52 -13.94 -5.65
C ARG C 284 29.21 -13.57 -6.36
N LEU C 285 29.26 -13.37 -7.68
CA LEU C 285 28.06 -13.12 -8.50
C LEU C 285 27.05 -14.25 -8.37
N ARG C 286 27.54 -15.48 -8.15
CA ARG C 286 26.71 -16.69 -8.27
C ARG C 286 26.23 -17.20 -6.91
N MET C 287 27.06 -16.99 -5.89
CA MET C 287 26.70 -17.39 -4.55
C MET C 287 25.89 -16.28 -3.80
N GLY C 288 24.63 -16.17 -4.13
CA GLY C 288 23.81 -15.14 -3.53
C GLY C 288 23.79 -15.19 -2.01
N THR C 289 24.06 -16.34 -1.41
CA THR C 289 23.92 -16.42 0.03
C THR C 289 25.07 -15.60 0.70
N PHE C 290 26.11 -15.30 -0.06
CA PHE C 290 27.23 -14.47 0.42
C PHE C 290 26.71 -13.01 0.56
N ASP C 291 26.10 -12.45 -0.48
CA ASP C 291 25.41 -11.16 -0.35
C ASP C 291 24.34 -11.15 0.75
N ASP C 292 23.60 -12.25 0.88
CA ASP C 292 22.54 -12.37 1.89
C ASP C 292 23.17 -12.16 3.26
N ASN C 293 24.34 -12.79 3.48
CA ASN C 293 25.05 -12.69 4.75
C ASN C 293 25.37 -11.21 4.99
N ARG C 294 25.83 -10.52 3.94
CA ARG C 294 26.16 -9.10 4.04
C ARG C 294 24.93 -8.27 4.48
N ARG C 295 23.85 -8.41 3.74
CA ARG C 295 22.62 -7.71 4.11
C ARG C 295 22.24 -7.96 5.56
N HIS C 296 22.47 -9.18 6.04
CA HIS C 296 22.05 -9.49 7.39
C HIS C 296 22.91 -8.75 8.43
N HIS C 297 24.16 -8.45 8.05
CA HIS C 297 25.10 -7.65 8.86
C HIS C 297 25.28 -6.30 8.18
N ARG C 298 24.17 -5.71 7.73
CA ARG C 298 24.21 -4.46 6.97
C ARG C 298 25.00 -3.39 7.72
N GLU C 299 24.61 -3.13 8.96
CA GLU C 299 25.20 -1.96 9.69
C GLU C 299 26.69 -2.17 9.91
N LEU C 300 27.05 -3.35 10.40
CA LEU C 300 28.44 -3.80 10.42
C LEU C 300 29.17 -3.61 9.08
N THR C 301 28.51 -3.89 7.96
CA THR C 301 29.22 -3.89 6.68
C THR C 301 29.23 -2.61 5.87
N GLU C 302 28.32 -1.70 6.15
CA GLU C 302 28.41 -0.45 5.35
C GLU C 302 29.24 0.64 6.00
N SER C 303 29.68 0.38 7.23
CA SER C 303 30.41 1.36 7.99
C SER C 303 31.91 1.40 7.61
N PHE C 304 32.35 0.49 6.74
CA PHE C 304 33.76 0.52 6.32
C PHE C 304 34.04 1.80 5.55
N ARG C 305 35.29 2.20 5.54
CA ARG C 305 35.71 3.42 4.88
C ARG C 305 36.57 3.01 3.73
N ARG C 306 36.32 3.58 2.57
CA ARG C 306 36.96 3.12 1.36
C ARG C 306 38.02 4.14 0.97
N ILE C 307 39.29 3.80 1.10
CA ILE C 307 40.35 4.71 0.66
C ILE C 307 40.78 4.37 -0.77
N ASP C 308 40.64 5.33 -1.68
CA ASP C 308 41.06 5.09 -3.05
C ASP C 308 42.54 5.32 -3.35
N PHE C 309 43.06 4.55 -4.32
CA PHE C 309 44.40 4.77 -4.88
C PHE C 309 44.41 4.28 -6.32
N ALA C 310 45.35 4.81 -7.10
CA ALA C 310 45.48 4.38 -8.48
C ALA C 310 46.79 3.60 -8.61
N LEU C 311 46.63 2.30 -8.85
CA LEU C 311 47.72 1.35 -9.03
C LEU C 311 48.59 1.72 -10.25
N ASP C 312 47.92 1.86 -11.39
CA ASP C 312 48.55 2.09 -12.67
C ASP C 312 49.55 0.99 -12.99
N PRO C 313 49.07 -0.26 -13.13
CA PRO C 313 49.96 -1.43 -13.22
C PRO C 313 50.59 -1.47 -14.58
N PRO C 314 51.62 -2.29 -14.72
CA PRO C 314 52.29 -2.40 -16.02
C PRO C 314 51.36 -3.01 -17.06
N ALA C 315 51.44 -2.46 -18.28
CA ALA C 315 50.50 -2.81 -19.33
C ALA C 315 50.94 -3.96 -20.20
N GLY C 316 52.21 -4.33 -20.14
CA GLY C 316 52.76 -5.28 -21.10
C GLY C 316 52.79 -6.74 -20.67
N ASP C 317 53.62 -7.52 -21.35
CA ASP C 317 53.78 -8.93 -21.02
C ASP C 317 54.71 -9.14 -19.81
N ILE C 318 54.15 -9.60 -18.70
CA ILE C 318 54.94 -9.95 -17.53
C ILE C 318 54.66 -11.38 -17.13
N GLY C 319 54.28 -12.19 -18.11
CA GLY C 319 53.99 -13.60 -17.87
C GLY C 319 52.77 -13.79 -17.00
N LEU C 320 52.62 -14.97 -16.42
CA LEU C 320 51.44 -15.26 -15.60
C LEU C 320 51.96 -16.15 -14.50
N LEU C 321 52.08 -15.59 -13.33
CA LEU C 321 52.64 -16.30 -12.20
C LEU C 321 51.55 -17.15 -11.62
N ARG C 322 51.15 -18.18 -12.35
CA ARG C 322 49.97 -18.91 -11.98
C ARG C 322 49.95 -20.22 -12.67
N GLU C 323 49.59 -21.26 -11.94
CA GLU C 323 49.46 -22.61 -12.57
C GLU C 323 48.12 -22.82 -13.24
N VAL C 324 48.10 -23.06 -14.55
CA VAL C 324 46.82 -23.29 -15.21
C VAL C 324 46.74 -24.71 -15.71
N GLU C 325 45.96 -25.56 -15.04
CA GLU C 325 45.78 -26.99 -15.44
C GLU C 325 45.33 -27.10 -16.90
N ARG C 326 45.89 -28.04 -17.69
CA ARG C 326 45.37 -28.28 -19.05
C ARG C 326 43.98 -28.88 -18.99
N PHE C 327 43.67 -29.59 -17.90
CA PHE C 327 42.43 -30.35 -17.80
C PHE C 327 41.65 -29.99 -16.58
N PRO C 328 40.86 -28.92 -16.67
CA PRO C 328 40.10 -28.42 -15.50
C PRO C 328 39.31 -29.53 -14.82
N PHE C 329 38.91 -30.52 -15.63
CA PHE C 329 38.13 -31.64 -15.13
C PHE C 329 39.02 -32.85 -14.77
N VAL C 330 40.32 -32.76 -15.08
CA VAL C 330 41.24 -33.87 -14.82
C VAL C 330 42.50 -33.39 -14.11
N PRO C 331 42.50 -33.43 -12.78
CA PRO C 331 43.67 -32.98 -11.99
C PRO C 331 44.92 -33.75 -12.37
N ALA C 332 46.04 -33.04 -12.48
CA ALA C 332 47.33 -33.63 -12.83
C ALA C 332 47.92 -34.46 -11.69
N ASP C 333 47.66 -34.02 -10.44
CA ASP C 333 48.15 -34.77 -9.28
C ASP C 333 47.48 -36.12 -9.09
N PRO C 334 48.27 -37.18 -9.14
CA PRO C 334 47.72 -38.54 -9.14
C PRO C 334 46.86 -38.84 -7.91
N GLN C 335 47.23 -38.35 -6.71
CA GLN C 335 46.40 -38.61 -5.53
C GLN C 335 44.99 -38.05 -5.74
N ARG C 336 44.96 -36.81 -6.21
CA ARG C 336 43.74 -36.06 -6.46
C ARG C 336 42.90 -36.67 -7.62
N LEU C 337 43.56 -37.06 -8.71
CA LEU C 337 42.84 -37.61 -9.85
C LEU C 337 42.18 -38.88 -9.34
N GLN C 338 42.92 -39.64 -8.54
CA GLN C 338 42.38 -40.85 -7.94
C GLN C 338 41.13 -40.56 -7.16
N GLN C 339 41.21 -39.61 -6.24
CA GLN C 339 40.06 -39.20 -5.46
C GLN C 339 38.86 -38.81 -6.35
N ASP C 340 39.14 -38.04 -7.40
CA ASP C 340 38.09 -37.58 -8.30
C ASP C 340 37.38 -38.74 -8.98
N CYS C 341 38.14 -39.74 -9.41
CA CYS C 341 37.60 -40.88 -10.14
C CYS C 341 36.74 -41.70 -9.21
N TYR C 342 37.27 -41.96 -8.01
CA TYR C 342 36.48 -42.62 -6.97
C TYR C 342 35.10 -41.97 -6.80
N GLU C 343 35.10 -40.66 -6.62
CA GLU C 343 33.82 -39.90 -6.47
C GLU C 343 32.92 -39.96 -7.72
N ALA C 344 33.48 -39.63 -8.89
CA ALA C 344 32.71 -39.69 -10.15
C ALA C 344 32.03 -41.06 -10.32
N TYR C 345 32.79 -42.13 -10.15
CA TYR C 345 32.23 -43.46 -10.29
C TYR C 345 31.09 -43.73 -9.32
N ASN C 346 31.33 -43.46 -8.04
CA ASN C 346 30.31 -43.72 -7.03
C ASN C 346 29.06 -42.89 -7.20
N ILE C 347 29.24 -41.68 -7.74
CA ILE C 347 28.13 -40.76 -8.00
C ILE C 347 27.28 -41.39 -9.11
N GLN C 348 27.92 -41.67 -10.24
CA GLN C 348 27.25 -42.34 -11.34
C GLN C 348 26.49 -43.56 -10.84
N VAL C 349 27.15 -44.45 -10.10
CA VAL C 349 26.50 -45.67 -9.60
C VAL C 349 25.28 -45.42 -8.70
N SER C 350 25.47 -44.65 -7.63
CA SER C 350 24.39 -44.44 -6.66
C SER C 350 23.24 -43.66 -7.26
N GLY C 351 23.54 -42.87 -8.29
CA GLY C 351 22.53 -42.20 -9.07
C GLY C 351 21.65 -43.22 -9.80
N LEU C 352 22.30 -44.20 -10.41
CA LEU C 352 21.56 -45.21 -11.13
C LEU C 352 20.84 -46.14 -10.14
N GLU C 353 21.48 -46.44 -9.02
CA GLU C 353 20.87 -47.42 -8.04
C GLU C 353 19.50 -46.94 -7.59
N GLN C 354 19.39 -45.64 -7.39
CA GLN C 354 18.19 -45.05 -6.81
C GLN C 354 17.06 -45.10 -7.84
N ARG C 355 17.43 -44.82 -9.09
CA ARG C 355 16.47 -44.94 -10.16
C ARG C 355 15.91 -46.38 -10.23
N LEU C 356 16.80 -47.38 -10.23
CA LEU C 356 16.38 -48.78 -10.28
C LEU C 356 15.54 -49.15 -9.07
N ARG C 357 15.91 -48.63 -7.90
CA ARG C 357 15.18 -48.99 -6.70
C ARG C 357 13.74 -48.53 -6.84
N ALA C 358 13.60 -47.32 -7.38
CA ALA C 358 12.32 -46.65 -7.50
C ALA C 358 11.43 -47.31 -8.57
N LEU C 359 12.07 -47.89 -9.59
CA LEU C 359 11.33 -48.58 -10.65
C LEU C 359 11.22 -50.06 -10.30
N ASP C 360 11.34 -50.39 -9.02
CA ASP C 360 11.25 -51.79 -8.61
C ASP C 360 12.17 -52.78 -9.45
N TYR C 361 13.37 -52.32 -9.80
CA TYR C 361 14.39 -53.10 -10.49
C TYR C 361 14.04 -53.58 -11.89
N PRO C 362 13.83 -52.64 -12.82
CA PRO C 362 13.63 -52.99 -14.22
C PRO C 362 14.94 -53.56 -14.75
N LYS C 363 14.89 -54.13 -15.94
CA LYS C 363 16.10 -54.53 -16.66
C LYS C 363 16.73 -53.26 -17.21
N VAL C 364 18.00 -53.33 -17.56
CA VAL C 364 18.72 -52.18 -18.04
C VAL C 364 19.04 -52.48 -19.50
N VAL C 365 18.52 -51.64 -20.40
CA VAL C 365 18.81 -51.83 -21.82
C VAL C 365 19.86 -50.79 -22.20
N ILE C 366 20.93 -51.26 -22.82
CA ILE C 366 21.99 -50.37 -23.24
C ILE C 366 22.63 -50.79 -24.58
N GLY C 367 22.83 -49.82 -25.46
CA GLY C 367 23.47 -50.07 -26.74
C GLY C 367 24.97 -49.94 -26.57
N VAL C 368 25.70 -51.01 -26.90
CA VAL C 368 27.14 -51.03 -26.71
C VAL C 368 27.88 -51.09 -28.02
N SER C 369 28.65 -50.06 -28.31
CA SER C 369 29.28 -49.89 -29.60
C SER C 369 30.76 -50.18 -29.48
N GLY C 370 31.22 -50.53 -28.30
CA GLY C 370 32.64 -50.67 -28.07
C GLY C 370 33.39 -49.34 -27.90
N GLY C 371 32.65 -48.22 -27.90
CA GLY C 371 33.27 -46.91 -27.72
C GLY C 371 33.52 -46.62 -26.26
N LEU C 372 34.24 -45.54 -25.97
CA LEU C 372 34.51 -45.19 -24.55
C LEU C 372 33.24 -44.99 -23.72
N ASP C 373 32.31 -44.15 -24.20
CA ASP C 373 31.14 -43.80 -23.41
C ASP C 373 30.29 -45.00 -23.02
N SER C 374 29.94 -45.80 -24.03
CA SER C 374 29.07 -46.95 -23.84
C SER C 374 29.73 -48.00 -22.96
N THR C 375 31.04 -48.21 -23.14
CA THR C 375 31.80 -49.14 -22.32
C THR C 375 31.69 -48.72 -20.83
N HIS C 376 32.06 -47.49 -20.54
CA HIS C 376 32.04 -47.06 -19.16
C HIS C 376 30.62 -47.19 -18.58
N ALA C 377 29.62 -46.81 -19.36
CA ALA C 377 28.25 -46.95 -18.86
C ALA C 377 27.91 -48.40 -18.46
N LEU C 378 28.30 -49.35 -19.31
CA LEU C 378 28.09 -50.78 -19.05
C LEU C 378 28.65 -51.17 -17.69
N ILE C 379 29.87 -50.71 -17.43
CA ILE C 379 30.53 -50.98 -16.17
C ILE C 379 29.74 -50.37 -15.03
N VAL C 380 29.34 -49.12 -15.22
CA VAL C 380 28.54 -48.45 -14.21
C VAL C 380 27.29 -49.25 -13.90
N ALA C 381 26.62 -49.68 -14.95
CA ALA C 381 25.38 -50.45 -14.82
C ALA C 381 25.65 -51.73 -14.04
N THR C 382 26.82 -52.30 -14.26
CA THR C 382 27.09 -53.61 -13.68
C THR C 382 27.25 -53.44 -12.19
N HIS C 383 27.96 -52.40 -11.82
CA HIS C 383 28.24 -52.20 -10.42
C HIS C 383 26.95 -51.90 -9.68
N ALA C 384 26.12 -51.06 -10.30
CA ALA C 384 24.83 -50.73 -9.73
C ALA C 384 24.05 -52.00 -9.41
N MET C 385 24.07 -52.94 -10.38
CA MET C 385 23.30 -54.16 -10.26
C MET C 385 23.88 -55.02 -9.15
N ASP C 386 25.20 -55.07 -9.11
CA ASP C 386 25.91 -55.84 -8.09
C ASP C 386 25.53 -55.34 -6.71
N ARG C 387 25.72 -54.05 -6.48
CA ARG C 387 25.41 -53.47 -5.18
C ARG C 387 23.95 -53.69 -4.77
N GLU C 388 23.03 -53.76 -5.76
CA GLU C 388 21.57 -53.94 -5.43
C GLU C 388 21.15 -55.40 -5.39
N GLY C 389 22.11 -56.31 -5.45
CA GLY C 389 21.83 -57.72 -5.42
C GLY C 389 20.99 -58.19 -6.61
N ARG C 390 21.23 -57.59 -7.77
CA ARG C 390 20.51 -57.95 -9.00
C ARG C 390 21.36 -58.82 -9.91
N PRO C 391 20.74 -59.81 -10.56
CA PRO C 391 21.49 -60.70 -11.48
C PRO C 391 22.04 -59.86 -12.64
N ARG C 392 23.29 -60.06 -13.03
CA ARG C 392 23.81 -59.30 -14.17
C ARG C 392 23.06 -59.59 -15.48
N SER C 393 22.44 -60.77 -15.55
CA SER C 393 21.69 -61.15 -16.76
C SER C 393 20.46 -60.27 -16.94
N ASP C 394 20.26 -59.33 -16.01
CA ASP C 394 19.13 -58.38 -16.13
C ASP C 394 19.56 -57.11 -16.89
N ILE C 395 20.87 -57.01 -17.13
CA ILE C 395 21.44 -56.00 -18.00
C ILE C 395 21.38 -56.53 -19.42
N LEU C 396 20.68 -55.81 -20.29
CA LEU C 396 20.50 -56.28 -21.66
C LEU C 396 21.32 -55.44 -22.63
N ALA C 397 22.48 -55.94 -23.03
CA ALA C 397 23.36 -55.18 -23.91
C ALA C 397 23.12 -55.55 -25.37
N PHE C 398 23.26 -54.55 -26.24
CA PHE C 398 22.96 -54.75 -27.66
C PHE C 398 24.01 -54.11 -28.54
N ALA C 399 24.48 -54.91 -29.48
CA ALA C 399 25.22 -54.36 -30.59
C ALA C 399 24.20 -54.13 -31.70
N LEU C 400 24.27 -52.97 -32.33
CA LEU C 400 23.26 -52.55 -33.32
C LEU C 400 23.93 -52.11 -34.63
N PRO C 401 24.58 -53.07 -35.31
CA PRO C 401 25.31 -52.86 -36.59
C PRO C 401 24.50 -52.14 -37.67
N GLY C 402 25.15 -51.16 -38.32
CA GLY C 402 24.47 -50.37 -39.34
C GLY C 402 24.95 -50.64 -40.75
N LYS C 410 34.37 -52.67 -30.78
CA LYS C 410 33.30 -53.31 -31.56
C LYS C 410 33.14 -54.78 -31.19
N ASN C 411 34.18 -55.57 -31.42
CA ASN C 411 34.24 -56.90 -30.80
C ASN C 411 34.61 -56.72 -29.34
N ASN C 412 35.30 -55.64 -29.06
CA ASN C 412 35.46 -55.18 -27.70
C ASN C 412 34.10 -55.19 -26.98
N ALA C 413 33.07 -54.75 -27.68
CA ALA C 413 31.74 -54.70 -27.11
C ALA C 413 31.24 -56.09 -26.65
N ILE C 414 31.16 -57.06 -27.57
CA ILE C 414 30.70 -58.40 -27.21
C ILE C 414 31.67 -59.07 -26.21
N LYS C 415 32.96 -58.81 -26.35
CA LYS C 415 33.95 -59.39 -25.46
C LYS C 415 33.69 -58.91 -24.04
N LEU C 416 33.40 -57.62 -23.93
CA LEU C 416 33.23 -57.03 -22.61
C LEU C 416 31.96 -57.57 -21.97
N ALA C 417 30.88 -57.58 -22.74
CA ALA C 417 29.58 -58.00 -22.26
C ALA C 417 29.66 -59.45 -21.81
N ARG C 418 30.44 -60.23 -22.55
CA ARG C 418 30.60 -61.65 -22.30
C ARG C 418 31.44 -61.88 -21.04
N ALA C 419 32.53 -61.12 -20.89
CA ALA C 419 33.40 -61.24 -19.73
C ALA C 419 32.65 -60.80 -18.48
N LEU C 420 31.80 -59.78 -18.63
CA LEU C 420 31.04 -59.25 -17.52
C LEU C 420 29.91 -60.21 -17.16
N GLY C 421 29.34 -60.86 -18.17
CA GLY C 421 28.31 -61.84 -17.93
C GLY C 421 26.91 -61.29 -17.92
N VAL C 422 26.69 -60.17 -18.62
CA VAL C 422 25.35 -59.64 -18.91
C VAL C 422 24.74 -60.36 -20.09
N THR C 423 23.48 -60.09 -20.40
CA THR C 423 22.85 -60.69 -21.59
C THR C 423 23.18 -59.89 -22.84
N PHE C 424 23.80 -60.56 -23.82
CA PHE C 424 24.25 -59.89 -25.01
C PHE C 424 23.50 -60.36 -26.23
N SER C 425 23.23 -59.43 -27.12
CA SER C 425 22.38 -59.73 -28.27
C SER C 425 22.75 -58.79 -29.40
N GLU C 426 22.57 -59.25 -30.63
CA GLU C 426 22.83 -58.36 -31.79
C GLU C 426 21.55 -58.15 -32.55
N ILE C 427 21.41 -56.95 -33.08
CA ILE C 427 20.28 -56.63 -33.93
C ILE C 427 20.75 -55.71 -35.03
N ASP C 428 20.68 -56.21 -36.25
CA ASP C 428 21.09 -55.44 -37.40
C ASP C 428 19.96 -54.48 -37.73
N ILE C 429 20.24 -53.18 -37.73
CA ILE C 429 19.23 -52.20 -38.03
C ILE C 429 19.25 -51.78 -39.50
N GLY C 430 20.16 -52.38 -40.26
CA GLY C 430 20.38 -52.03 -41.65
C GLY C 430 19.14 -52.08 -42.53
N ASP C 431 18.40 -53.19 -42.46
CA ASP C 431 17.22 -53.35 -43.32
C ASP C 431 16.14 -52.37 -42.92
N THR C 432 16.04 -52.08 -41.62
CA THR C 432 14.97 -51.22 -41.18
C THR C 432 15.31 -49.80 -41.66
N ALA C 433 16.61 -49.49 -41.61
CA ALA C 433 17.13 -48.23 -42.14
C ALA C 433 16.80 -48.09 -43.63
N ARG C 434 17.13 -49.09 -44.42
CA ARG C 434 16.90 -49.04 -45.85
C ARG C 434 15.43 -48.75 -46.08
N LEU C 435 14.57 -49.48 -45.37
CA LEU C 435 13.13 -49.40 -45.61
C LEU C 435 12.68 -47.97 -45.26
N MET C 436 13.28 -47.41 -44.22
CA MET C 436 12.98 -46.04 -43.86
C MET C 436 13.54 -45.04 -44.86
N LEU C 437 14.79 -45.19 -45.29
CA LEU C 437 15.37 -44.29 -46.28
C LEU C 437 14.57 -44.28 -47.57
N HIS C 438 14.07 -45.45 -47.94
CA HIS C 438 13.32 -45.55 -49.17
C HIS C 438 11.94 -44.92 -49.01
N THR C 439 11.36 -45.09 -47.83
CA THR C 439 10.00 -44.61 -47.63
C THR C 439 9.97 -43.09 -47.67
N ILE C 440 11.08 -42.47 -47.31
CA ILE C 440 11.22 -41.02 -47.24
C ILE C 440 11.77 -40.44 -48.55
N GLY C 441 12.08 -41.33 -49.49
CA GLY C 441 12.65 -40.88 -50.76
C GLY C 441 14.07 -40.34 -50.71
N HIS C 442 14.93 -40.95 -49.88
CA HIS C 442 16.34 -40.51 -49.82
C HIS C 442 17.21 -41.10 -50.93
N VAL C 453 23.83 -36.85 -43.59
CA VAL C 453 23.24 -36.39 -42.32
C VAL C 453 21.87 -37.05 -41.96
N THR C 454 20.91 -36.91 -42.84
CA THR C 454 19.64 -37.64 -42.73
C THR C 454 19.92 -39.15 -42.70
N PHE C 455 20.75 -39.56 -43.64
CA PHE C 455 21.23 -40.92 -43.70
C PHE C 455 21.98 -41.40 -42.41
N GLU C 456 22.72 -40.48 -41.76
CA GLU C 456 23.42 -40.84 -40.48
C GLU C 456 22.38 -40.87 -39.36
N ASN C 457 21.39 -40.00 -39.50
CA ASN C 457 20.41 -39.80 -38.44
C ASN C 457 19.41 -40.96 -38.47
N VAL C 458 19.09 -41.43 -39.67
CA VAL C 458 18.21 -42.58 -39.76
C VAL C 458 18.75 -43.76 -38.94
N GLN C 459 20.04 -44.03 -39.08
CA GLN C 459 20.64 -45.09 -38.28
C GLN C 459 20.69 -44.78 -36.79
N ALA C 460 21.11 -43.57 -36.46
CA ALA C 460 21.23 -43.19 -35.06
C ALA C 460 19.84 -43.24 -34.41
N GLY C 461 18.87 -42.68 -35.10
CA GLY C 461 17.49 -42.71 -34.65
C GLY C 461 16.99 -44.12 -34.44
N LEU C 462 17.16 -44.97 -35.44
CA LEU C 462 16.65 -46.34 -35.35
C LEU C 462 17.26 -47.12 -34.21
N ARG C 463 18.53 -46.90 -33.92
CA ARG C 463 19.13 -47.51 -32.73
C ARG C 463 18.36 -47.20 -31.46
N THR C 464 17.99 -45.93 -31.28
CA THR C 464 17.33 -45.53 -30.05
C THR C 464 15.89 -46.04 -30.08
N ASP C 465 15.28 -45.96 -31.24
CA ASP C 465 13.92 -46.46 -31.44
C ASP C 465 13.87 -47.92 -31.01
N TYR C 466 14.80 -48.74 -31.53
CA TYR C 466 14.82 -50.16 -31.17
C TYR C 466 15.00 -50.34 -29.66
N LEU C 467 15.99 -49.67 -29.10
CA LEU C 467 16.27 -49.79 -27.67
C LEU C 467 15.07 -49.42 -26.82
N PHE C 468 14.35 -48.35 -27.18
CA PHE C 468 13.16 -47.98 -26.42
C PHE C 468 12.09 -49.08 -26.54
N ARG C 469 11.94 -49.70 -27.72
CA ARG C 469 10.88 -50.67 -27.92
C ARG C 469 11.17 -51.95 -27.18
N ILE C 470 12.45 -52.31 -27.19
CA ILE C 470 12.92 -53.46 -26.46
C ILE C 470 12.66 -53.22 -24.98
N ALA C 471 12.96 -52.01 -24.51
CA ALA C 471 12.71 -51.63 -23.12
C ALA C 471 11.22 -51.78 -22.79
N ASN C 472 10.32 -51.35 -23.68
CA ASN C 472 8.87 -51.51 -23.43
C ASN C 472 8.56 -52.98 -23.37
N GLN C 473 9.24 -53.74 -24.22
CA GLN C 473 8.88 -55.13 -24.41
C GLN C 473 9.37 -55.98 -23.24
N ARG C 474 10.59 -55.72 -22.82
CA ARG C 474 11.27 -56.64 -21.92
C ARG C 474 11.26 -56.11 -20.47
N GLY C 475 10.51 -55.04 -20.24
CA GLY C 475 10.36 -54.46 -18.91
C GLY C 475 11.62 -53.80 -18.35
N GLY C 476 12.26 -52.96 -19.15
CA GLY C 476 13.50 -52.33 -18.74
C GLY C 476 13.48 -50.84 -19.06
N ILE C 477 14.52 -50.12 -18.64
CA ILE C 477 14.72 -48.73 -19.04
C ILE C 477 15.96 -48.59 -19.94
N VAL C 478 15.97 -47.57 -20.80
CA VAL C 478 17.12 -47.38 -21.68
C VAL C 478 18.18 -46.50 -21.02
N LEU C 479 19.38 -47.06 -20.83
CA LEU C 479 20.50 -46.30 -20.29
C LEU C 479 21.07 -45.31 -21.29
N GLY C 480 21.10 -44.04 -20.93
CA GLY C 480 21.73 -43.08 -21.80
C GLY C 480 23.22 -43.24 -21.69
N THR C 481 23.90 -42.69 -22.66
CA THR C 481 25.30 -42.95 -22.75
C THR C 481 26.13 -41.71 -23.02
N GLY C 482 25.51 -40.66 -23.52
CA GLY C 482 26.26 -39.51 -23.98
C GLY C 482 26.84 -38.69 -22.84
N ASP C 483 28.02 -38.12 -23.08
CA ASP C 483 28.78 -37.49 -22.03
C ASP C 483 28.59 -35.97 -22.04
N LEU C 484 29.06 -35.31 -20.98
CA LEU C 484 28.89 -33.86 -20.78
C LEU C 484 29.40 -33.01 -21.94
N SER C 485 30.57 -33.40 -22.47
CA SER C 485 31.20 -32.69 -23.58
C SER C 485 30.28 -32.68 -24.81
N GLU C 486 29.63 -33.81 -25.06
CA GLU C 486 28.65 -33.90 -26.19
C GLU C 486 27.39 -33.05 -25.93
N LEU C 487 26.95 -33.02 -24.67
CA LEU C 487 25.82 -32.15 -24.31
C LEU C 487 26.22 -30.69 -24.50
N ALA C 488 27.50 -30.39 -24.29
CA ALA C 488 27.97 -29.02 -24.38
C ALA C 488 27.98 -28.54 -25.82
N LEU C 489 28.46 -29.37 -26.72
CA LEU C 489 28.56 -28.94 -28.11
C LEU C 489 27.33 -29.32 -29.00
N GLY C 490 26.35 -29.97 -28.40
CA GLY C 490 25.20 -30.43 -29.15
C GLY C 490 25.60 -31.48 -30.19
N TRP C 491 26.56 -32.31 -29.81
CA TRP C 491 27.05 -33.38 -30.69
C TRP C 491 26.32 -34.66 -30.33
N SER C 492 25.12 -34.80 -30.85
CA SER C 492 24.23 -35.91 -30.54
C SER C 492 23.00 -35.75 -31.43
N THR C 493 22.29 -36.84 -31.66
CA THR C 493 21.10 -36.82 -32.48
C THR C 493 19.93 -36.60 -31.52
N TYR C 494 19.20 -35.50 -31.73
CA TYR C 494 18.20 -35.04 -30.78
C TYR C 494 16.85 -35.70 -31.02
N GLY C 495 16.22 -36.13 -29.93
CA GLY C 495 14.83 -36.58 -29.95
C GLY C 495 14.76 -38.08 -30.04
N VAL C 496 14.62 -38.59 -31.27
CA VAL C 496 14.86 -39.99 -31.51
C VAL C 496 16.35 -40.07 -31.96
N GLY C 497 17.20 -40.58 -31.06
CA GLY C 497 18.63 -40.52 -31.23
C GLY C 497 19.27 -40.63 -29.88
N ASP C 498 20.59 -40.69 -29.87
CA ASP C 498 21.36 -40.99 -28.68
C ASP C 498 21.26 -39.91 -27.60
N GLN C 499 20.62 -38.80 -27.92
CA GLN C 499 20.43 -37.78 -26.93
C GLN C 499 19.38 -38.24 -25.90
N MET C 500 18.46 -39.10 -26.35
CA MET C 500 17.28 -39.44 -25.55
C MET C 500 17.47 -40.75 -24.79
N SER C 501 16.98 -40.84 -23.55
CA SER C 501 17.05 -42.11 -22.81
C SER C 501 16.15 -42.03 -21.58
N HIS C 502 16.20 -43.03 -20.71
CA HIS C 502 15.40 -43.01 -19.48
C HIS C 502 16.21 -42.55 -18.28
N TYR C 503 17.53 -42.75 -18.40
CA TYR C 503 18.48 -42.34 -17.36
C TYR C 503 19.88 -42.28 -17.96
N ASN C 504 20.52 -41.11 -17.92
CA ASN C 504 21.86 -40.98 -18.48
C ASN C 504 22.96 -40.89 -17.42
N VAL C 505 23.70 -41.98 -17.17
CA VAL C 505 24.71 -41.95 -16.12
C VAL C 505 25.94 -41.12 -16.53
N ASN C 506 26.11 -40.87 -17.82
CA ASN C 506 27.27 -40.14 -18.36
C ASN C 506 27.08 -38.63 -18.53
N ALA C 507 25.86 -38.15 -18.37
CA ALA C 507 25.49 -36.75 -18.63
C ALA C 507 26.42 -35.71 -17.95
N GLY C 508 26.92 -36.04 -16.77
CA GLY C 508 27.71 -35.08 -16.02
C GLY C 508 29.20 -35.29 -16.16
N VAL C 509 29.58 -36.31 -16.93
CA VAL C 509 30.99 -36.66 -17.02
C VAL C 509 31.54 -36.16 -18.33
N PRO C 510 32.57 -35.31 -18.27
CA PRO C 510 33.08 -34.76 -19.54
C PRO C 510 34.03 -35.74 -20.13
N LYS C 511 34.15 -35.68 -21.45
CA LYS C 511 34.91 -36.69 -22.19
C LYS C 511 36.36 -36.85 -21.66
N THR C 512 37.03 -35.75 -21.33
CA THR C 512 38.40 -35.82 -20.89
C THR C 512 38.52 -36.68 -19.63
N LEU C 513 37.48 -36.72 -18.81
CA LEU C 513 37.51 -37.54 -17.59
C LEU C 513 37.14 -39.03 -17.82
N ILE C 514 36.32 -39.32 -18.83
CA ILE C 514 35.90 -40.71 -19.09
C ILE C 514 37.07 -41.71 -19.19
N GLN C 515 38.06 -41.38 -20.02
CA GLN C 515 39.17 -42.32 -20.15
C GLN C 515 39.83 -42.62 -18.81
N HIS C 516 39.80 -41.63 -17.91
CA HIS C 516 40.48 -41.80 -16.63
C HIS C 516 39.66 -42.65 -15.68
N LEU C 517 38.33 -42.59 -15.83
CA LEU C 517 37.48 -43.43 -15.02
C LEU C 517 37.69 -44.88 -15.44
N ILE C 518 37.83 -45.09 -16.75
CA ILE C 518 38.03 -46.44 -17.22
C ILE C 518 39.31 -47.02 -16.60
N ARG C 519 40.41 -46.27 -16.63
CA ARG C 519 41.65 -46.75 -15.99
C ARG C 519 41.50 -47.00 -14.51
N TRP C 520 40.83 -46.08 -13.83
CA TRP C 520 40.57 -46.24 -12.40
C TRP C 520 39.93 -47.60 -12.14
N VAL C 521 38.95 -47.97 -12.98
CA VAL C 521 38.23 -49.21 -12.80
C VAL C 521 39.12 -50.43 -13.12
N ILE C 522 40.00 -50.26 -14.11
CA ILE C 522 41.02 -51.24 -14.37
C ILE C 522 41.96 -51.35 -13.16
N SER C 523 42.56 -50.23 -12.79
CA SER C 523 43.57 -50.20 -11.70
C SER C 523 43.05 -50.74 -10.40
N ALA C 524 41.79 -50.48 -10.09
CA ALA C 524 41.20 -51.03 -8.88
C ALA C 524 41.03 -52.56 -9.03
N GLY C 525 40.62 -53.01 -10.22
CA GLY C 525 40.58 -54.42 -10.55
C GLY C 525 39.46 -55.21 -9.91
N GLU C 526 38.38 -54.52 -9.52
CA GLU C 526 37.25 -55.19 -8.81
C GLU C 526 36.51 -56.18 -9.71
N PHE C 527 36.34 -55.84 -10.99
CA PHE C 527 35.87 -56.80 -11.97
C PHE C 527 37.10 -57.59 -12.37
N GLY C 528 36.95 -58.87 -12.65
CA GLY C 528 38.11 -59.72 -12.85
C GLY C 528 39.25 -59.21 -13.73
N GLU C 529 40.26 -60.04 -13.85
CA GLU C 529 41.45 -59.78 -14.70
C GLU C 529 41.07 -59.84 -16.19
N LYS C 530 40.11 -60.69 -16.50
CA LYS C 530 39.62 -60.81 -17.87
C LYS C 530 38.85 -59.53 -18.29
N VAL C 531 38.01 -59.00 -17.40
CA VAL C 531 37.33 -57.73 -17.71
C VAL C 531 38.33 -56.59 -17.92
N GLY C 532 39.30 -56.45 -17.01
CA GLY C 532 40.36 -55.47 -17.17
C GLY C 532 41.00 -55.52 -18.55
N GLU C 533 41.28 -56.71 -19.04
CA GLU C 533 41.96 -56.83 -20.35
C GLU C 533 41.07 -56.25 -21.47
N VAL C 534 39.78 -56.56 -21.48
CA VAL C 534 38.93 -55.97 -22.51
C VAL C 534 38.90 -54.45 -22.35
N LEU C 535 38.77 -53.99 -21.13
CA LEU C 535 38.66 -52.55 -20.90
C LEU C 535 39.93 -51.88 -21.39
N GLN C 536 41.05 -52.53 -21.09
CA GLN C 536 42.36 -52.04 -21.53
C GLN C 536 42.36 -51.99 -23.05
N SER C 537 41.81 -53.03 -23.66
CA SER C 537 41.68 -53.07 -25.11
C SER C 537 40.84 -51.88 -25.59
N VAL C 538 39.72 -51.60 -24.92
CA VAL C 538 38.86 -50.53 -25.35
C VAL C 538 39.63 -49.24 -25.35
N LEU C 539 40.45 -49.07 -24.31
CA LEU C 539 41.26 -47.86 -24.17
C LEU C 539 42.28 -47.75 -25.29
N ASP C 540 43.03 -48.83 -25.47
CA ASP C 540 44.07 -48.86 -26.48
C ASP C 540 43.53 -48.65 -27.88
N THR C 541 42.33 -49.16 -28.13
CA THR C 541 41.71 -49.03 -29.43
C THR C 541 41.14 -47.63 -29.63
N GLU C 542 40.48 -47.10 -28.62
CA GLU C 542 39.75 -45.83 -28.83
C GLU C 542 40.58 -44.56 -28.83
N ILE C 543 41.72 -44.53 -28.17
CA ILE C 543 42.53 -43.32 -28.24
C ILE C 543 43.68 -43.53 -29.21
N SER C 558 34.10 -35.68 -35.59
CA SER C 558 34.00 -35.39 -34.15
C SER C 558 35.03 -34.32 -33.76
N GLU C 559 36.19 -34.74 -33.26
CA GLU C 559 37.35 -33.79 -33.07
C GLU C 559 37.71 -33.20 -34.44
N ALA C 560 37.05 -33.73 -35.47
CA ALA C 560 37.23 -33.25 -36.82
C ALA C 560 36.41 -31.97 -37.07
N LYS C 561 35.12 -31.98 -36.70
CA LYS C 561 34.24 -30.81 -36.91
C LYS C 561 34.03 -29.93 -35.67
N VAL C 562 34.15 -30.49 -34.47
CA VAL C 562 34.01 -29.69 -33.25
C VAL C 562 35.34 -29.45 -32.48
N GLY C 563 36.45 -29.94 -33.00
CA GLY C 563 37.74 -29.73 -32.37
C GLY C 563 38.11 -30.73 -31.28
N PRO C 564 39.37 -30.68 -30.81
CA PRO C 564 39.87 -31.53 -29.72
C PRO C 564 39.04 -31.31 -28.47
N PHE C 565 38.52 -32.38 -27.88
CA PHE C 565 37.76 -32.25 -26.63
C PHE C 565 38.59 -31.73 -25.43
N ALA C 566 39.92 -31.84 -25.51
CA ALA C 566 40.76 -31.29 -24.43
C ALA C 566 40.59 -29.78 -24.39
N LEU C 567 40.45 -29.18 -25.58
CA LEU C 567 40.26 -27.75 -25.71
C LEU C 567 38.82 -27.34 -25.37
N GLN C 568 37.84 -28.06 -25.89
CA GLN C 568 36.44 -27.73 -25.62
C GLN C 568 36.04 -28.02 -24.18
N ASP C 569 36.63 -29.02 -23.56
CA ASP C 569 36.37 -29.22 -22.14
C ASP C 569 36.98 -28.10 -21.31
N PHE C 570 38.12 -27.60 -21.75
CA PHE C 570 38.73 -26.45 -21.08
C PHE C 570 37.81 -25.25 -21.16
N SER C 571 37.35 -24.92 -22.34
CA SER C 571 36.43 -23.79 -22.49
C SER C 571 35.13 -24.01 -21.73
N LEU C 572 34.60 -25.23 -21.79
CA LEU C 572 33.37 -25.53 -21.07
C LEU C 572 33.47 -25.17 -19.58
N PHE C 573 34.58 -25.55 -18.93
CA PHE C 573 34.75 -25.29 -17.51
C PHE C 573 34.77 -23.78 -17.20
N GLN C 574 35.60 -23.03 -17.95
CA GLN C 574 35.65 -21.60 -17.79
C GLN C 574 34.25 -20.98 -17.92
N VAL C 575 33.52 -21.32 -18.98
CA VAL C 575 32.18 -20.74 -19.22
C VAL C 575 31.17 -21.18 -18.18
N LEU C 576 31.06 -22.48 -17.97
CA LEU C 576 30.06 -23.03 -17.07
C LEU C 576 30.26 -22.66 -15.59
N ARG C 577 31.51 -22.56 -15.15
CA ARG C 577 31.75 -22.28 -13.73
C ARG C 577 31.79 -20.78 -13.44
N TYR C 578 32.42 -20.03 -14.34
CA TYR C 578 32.82 -18.63 -14.09
C TYR C 578 32.22 -17.63 -15.06
N GLY C 579 31.74 -18.11 -16.21
CA GLY C 579 31.15 -17.23 -17.20
C GLY C 579 32.18 -16.28 -17.84
N PHE C 580 33.47 -16.64 -17.75
CA PHE C 580 34.56 -15.81 -18.23
C PHE C 580 34.39 -15.47 -19.70
N ARG C 581 34.73 -14.25 -20.08
CA ARG C 581 34.63 -13.85 -21.49
C ARG C 581 35.61 -14.62 -22.40
N PRO C 582 35.30 -14.68 -23.70
CA PRO C 582 36.15 -15.49 -24.59
C PRO C 582 37.63 -15.14 -24.54
N SER C 583 37.99 -13.86 -24.65
CA SER C 583 39.42 -13.52 -24.60
C SER C 583 40.13 -14.02 -23.31
N LYS C 584 39.41 -14.06 -22.20
CA LYS C 584 39.97 -14.55 -20.91
C LYS C 584 40.22 -16.05 -20.97
N ILE C 585 39.28 -16.75 -21.61
CA ILE C 585 39.39 -18.17 -21.82
C ILE C 585 40.60 -18.49 -22.73
N ALA C 586 40.76 -17.71 -23.79
CA ALA C 586 41.86 -17.91 -24.73
C ALA C 586 43.21 -17.65 -24.07
N PHE C 587 43.29 -16.61 -23.27
CA PHE C 587 44.50 -16.34 -22.50
C PHE C 587 44.87 -17.51 -21.59
N LEU C 588 43.90 -18.02 -20.85
CA LEU C 588 44.13 -19.14 -19.95
C LEU C 588 44.56 -20.42 -20.70
N ALA C 589 43.81 -20.79 -21.74
CA ALA C 589 44.08 -21.99 -22.50
C ALA C 589 45.47 -21.93 -23.12
N TRP C 590 45.83 -20.75 -23.61
CA TRP C 590 47.13 -20.55 -24.21
C TRP C 590 48.25 -20.72 -23.21
N HIS C 591 48.10 -20.14 -22.02
CA HIS C 591 49.13 -20.37 -21.00
C HIS C 591 49.19 -21.88 -20.61
N ALA C 592 48.07 -22.59 -20.66
CA ALA C 592 48.11 -23.99 -20.26
C ALA C 592 48.67 -24.91 -21.33
N TRP C 593 48.35 -24.62 -22.60
CA TRP C 593 48.49 -25.57 -23.67
C TRP C 593 49.55 -25.28 -24.73
N ASN C 594 50.02 -24.04 -24.83
CA ASN C 594 50.90 -23.70 -25.95
C ASN C 594 52.23 -24.42 -25.96
N ASP C 595 52.69 -24.83 -24.78
CA ASP C 595 54.01 -25.45 -24.64
C ASP C 595 53.89 -26.78 -23.90
N ALA C 596 54.11 -27.87 -24.64
CA ALA C 596 53.91 -29.22 -24.12
C ALA C 596 54.88 -29.63 -23.01
N GLU C 597 56.03 -28.96 -22.95
CA GLU C 597 57.04 -29.21 -21.87
C GLU C 597 56.71 -28.48 -20.57
N ARG C 598 55.84 -27.48 -20.67
CA ARG C 598 55.43 -26.71 -19.50
C ARG C 598 54.27 -27.33 -18.75
N GLY C 599 54.26 -27.13 -17.43
CA GLY C 599 53.19 -27.62 -16.59
C GLY C 599 53.17 -29.13 -16.52
N ASN C 600 52.09 -29.66 -15.96
CA ASN C 600 52.00 -31.09 -15.78
C ASN C 600 50.90 -31.73 -16.58
N TRP C 601 51.11 -33.00 -16.88
CA TRP C 601 50.10 -33.76 -17.53
C TRP C 601 49.56 -34.74 -16.50
N PRO C 602 48.23 -34.95 -16.50
CA PRO C 602 47.71 -36.02 -15.64
C PRO C 602 48.46 -37.31 -16.01
N PRO C 603 48.40 -38.35 -15.15
CA PRO C 603 49.03 -39.63 -15.55
C PRO C 603 48.34 -40.23 -16.77
N GLY C 604 49.10 -40.91 -17.62
CA GLY C 604 48.54 -41.66 -18.72
C GLY C 604 48.68 -41.01 -20.09
N PHE C 605 49.61 -40.07 -20.20
CA PHE C 605 49.83 -39.45 -21.51
C PHE C 605 51.19 -39.80 -22.02
N PRO C 606 51.29 -40.86 -22.84
CA PRO C 606 52.64 -41.12 -23.37
C PRO C 606 53.08 -39.92 -24.21
N LYS C 607 54.38 -39.81 -24.40
CA LYS C 607 55.01 -38.64 -24.99
C LYS C 607 54.52 -38.23 -26.38
N SER C 608 53.87 -39.13 -27.13
CA SER C 608 53.34 -38.74 -28.42
C SER C 608 51.88 -38.27 -28.36
N GLU C 609 51.28 -38.39 -27.19
CA GLU C 609 49.90 -37.83 -26.97
C GLU C 609 49.97 -36.51 -26.19
N ARG C 610 51.11 -35.83 -26.28
CA ARG C 610 51.20 -34.54 -25.64
C ARG C 610 51.29 -33.40 -26.65
N PRO C 611 50.15 -33.07 -27.25
CA PRO C 611 50.09 -32.00 -28.25
C PRO C 611 50.22 -30.64 -27.60
N SER C 612 50.75 -29.67 -28.34
CA SER C 612 50.64 -28.30 -27.96
C SER C 612 49.74 -27.56 -28.95
N TYR C 613 48.99 -26.56 -28.49
CA TYR C 613 48.13 -25.78 -29.37
C TYR C 613 48.60 -24.34 -29.49
N SER C 614 48.56 -23.79 -30.70
CA SER C 614 48.90 -22.40 -30.94
C SER C 614 47.71 -21.50 -30.55
N LEU C 615 47.95 -20.19 -30.46
CA LEU C 615 46.84 -19.27 -30.25
C LEU C 615 45.86 -19.39 -31.41
N ALA C 616 46.39 -19.49 -32.63
CA ALA C 616 45.51 -19.59 -33.79
C ALA C 616 44.54 -20.74 -33.61
N GLU C 617 45.05 -21.88 -33.13
CA GLU C 617 44.17 -23.08 -32.96
C GLU C 617 43.16 -22.90 -31.86
N ILE C 618 43.61 -22.29 -30.75
CA ILE C 618 42.82 -22.14 -29.56
C ILE C 618 41.68 -21.20 -29.87
N ARG C 619 42.01 -20.17 -30.67
CA ARG C 619 41.06 -19.15 -31.13
C ARG C 619 39.99 -19.78 -32.02
N HIS C 620 40.48 -20.57 -32.97
CA HIS C 620 39.61 -21.23 -33.93
C HIS C 620 38.56 -22.10 -33.24
N TRP C 621 39.01 -22.97 -32.34
CA TRP C 621 38.10 -23.85 -31.65
C TRP C 621 37.18 -23.13 -30.73
N LEU C 622 37.69 -22.05 -30.10
CA LEU C 622 36.89 -21.20 -29.23
C LEU C 622 35.70 -20.56 -29.97
N GLN C 623 35.95 -20.02 -31.16
CA GLN C 623 34.85 -19.57 -32.00
C GLN C 623 33.82 -20.68 -32.19
N ILE C 624 34.27 -21.89 -32.56
CA ILE C 624 33.32 -23.00 -32.74
C ILE C 624 32.58 -23.23 -31.42
N PHE C 625 33.34 -23.20 -30.31
CA PHE C 625 32.72 -23.43 -29.00
C PHE C 625 31.60 -22.46 -28.63
N VAL C 626 31.86 -21.16 -28.75
CA VAL C 626 30.87 -20.20 -28.23
C VAL C 626 29.62 -20.25 -29.12
N GLN C 627 29.85 -20.40 -30.41
CA GLN C 627 28.75 -20.59 -31.32
C GLN C 627 27.93 -21.80 -30.93
N ARG C 628 28.57 -22.94 -30.79
CA ARG C 628 27.79 -24.15 -30.52
C ARG C 628 27.16 -24.15 -29.15
N PHE C 629 27.89 -23.61 -28.16
CA PHE C 629 27.43 -23.71 -26.79
C PHE C 629 26.32 -22.71 -26.45
N TYR C 630 26.48 -21.46 -26.88
CA TYR C 630 25.53 -20.41 -26.47
C TYR C 630 24.26 -20.36 -27.35
N SER C 631 24.40 -20.81 -28.59
CA SER C 631 23.38 -20.64 -29.61
C SER C 631 22.77 -21.97 -30.10
N PHE C 632 23.55 -22.78 -30.79
CA PHE C 632 23.01 -23.97 -31.42
C PHE C 632 22.50 -25.07 -30.49
N SER C 633 23.25 -25.38 -29.45
CA SER C 633 23.06 -26.65 -28.75
C SER C 633 22.12 -26.67 -27.57
N GLN C 634 21.63 -25.52 -27.14
CA GLN C 634 20.80 -25.49 -25.95
C GLN C 634 19.49 -26.34 -26.05
N PHE C 635 18.79 -26.26 -27.17
CA PHE C 635 17.53 -27.00 -27.29
C PHE C 635 17.71 -28.51 -27.02
N LYS C 636 18.89 -29.04 -27.37
CA LYS C 636 19.18 -30.45 -27.06
C LYS C 636 19.30 -30.75 -25.58
N ARG C 637 19.93 -29.86 -24.84
CA ARG C 637 20.00 -29.93 -23.37
C ARG C 637 18.65 -29.62 -22.73
N SER C 638 17.81 -28.87 -23.45
CA SER C 638 16.59 -28.34 -22.84
C SER C 638 15.62 -29.45 -22.43
N ALA C 639 15.62 -30.53 -23.22
CA ALA C 639 14.81 -31.70 -22.92
C ALA C 639 15.73 -32.90 -22.64
N LEU C 640 16.23 -32.95 -21.42
CA LEU C 640 17.30 -33.83 -21.07
C LEU C 640 16.83 -34.85 -20.05
N PRO C 641 17.07 -36.11 -20.32
CA PRO C 641 16.68 -37.17 -19.37
C PRO C 641 17.37 -36.97 -18.02
N ASN C 642 16.90 -37.63 -16.97
CA ASN C 642 17.57 -37.58 -15.67
C ASN C 642 18.99 -38.22 -15.64
N GLY C 643 19.79 -37.76 -14.68
CA GLY C 643 21.16 -38.22 -14.46
C GLY C 643 21.84 -37.29 -13.43
N PRO C 644 22.87 -37.80 -12.73
CA PRO C 644 23.50 -37.07 -11.63
C PRO C 644 24.57 -36.03 -12.03
N LYS C 645 24.59 -34.85 -11.38
CA LYS C 645 25.72 -33.96 -11.49
C LYS C 645 26.97 -34.68 -10.95
N VAL C 646 28.12 -34.42 -11.56
CA VAL C 646 29.35 -35.07 -11.13
C VAL C 646 30.45 -34.10 -10.72
N SER C 647 30.75 -33.17 -11.62
CA SER C 647 31.88 -32.26 -11.43
C SER C 647 31.51 -30.95 -10.68
N HIS C 648 32.36 -30.53 -9.78
CA HIS C 648 32.18 -29.22 -9.16
C HIS C 648 32.19 -28.13 -10.24
N GLY C 649 32.73 -28.39 -11.41
CA GLY C 649 32.66 -27.41 -12.49
C GLY C 649 31.24 -27.20 -12.97
N GLY C 650 30.38 -28.17 -12.70
CA GLY C 650 29.00 -28.07 -13.16
C GLY C 650 28.57 -29.20 -14.08
N ALA C 651 27.27 -29.34 -14.19
CA ALA C 651 26.68 -30.21 -15.16
C ALA C 651 25.78 -29.32 -16.02
N LEU C 652 25.07 -29.90 -16.98
CA LEU C 652 24.37 -29.08 -17.92
C LEU C 652 22.86 -29.33 -17.97
N SER C 653 22.31 -29.76 -16.83
CA SER C 653 20.86 -29.95 -16.71
C SER C 653 20.11 -28.62 -16.73
N PRO C 654 19.05 -28.54 -17.54
CA PRO C 654 18.29 -27.30 -17.58
C PRO C 654 17.45 -27.18 -16.31
N ARG C 655 17.47 -28.23 -15.50
CA ARG C 655 16.84 -28.24 -14.19
C ARG C 655 17.83 -27.95 -13.06
N GLY C 656 19.12 -27.82 -13.39
CA GLY C 656 20.13 -27.49 -12.38
C GLY C 656 21.03 -26.31 -12.74
N ASP C 657 22.26 -26.61 -13.16
CA ASP C 657 23.30 -25.60 -13.38
C ASP C 657 23.15 -24.71 -14.60
N TRP C 658 22.49 -25.17 -15.63
CA TRP C 658 22.46 -24.31 -16.78
C TRP C 658 21.06 -24.04 -17.29
N ARG C 659 20.49 -22.89 -16.87
CA ARG C 659 19.24 -22.36 -17.39
C ARG C 659 19.55 -21.34 -18.46
N ALA C 660 19.23 -21.65 -19.72
CA ALA C 660 19.43 -20.68 -20.80
C ALA C 660 18.40 -20.84 -21.91
N PRO C 661 18.31 -19.83 -22.77
CA PRO C 661 17.39 -19.81 -23.91
C PRO C 661 17.81 -20.79 -25.00
N SER C 662 16.83 -21.43 -25.63
CA SER C 662 17.06 -22.24 -26.81
C SER C 662 17.04 -21.43 -28.11
N ASP C 663 16.76 -20.13 -28.05
CA ASP C 663 16.61 -19.35 -29.28
C ASP C 663 17.42 -18.07 -29.36
N MET C 664 18.64 -18.14 -28.84
CA MET C 664 19.53 -17.00 -28.73
C MET C 664 20.71 -17.11 -29.66
N SER C 665 21.14 -15.99 -30.22
CA SER C 665 22.36 -16.02 -31.03
C SER C 665 23.59 -15.81 -30.15
N ALA C 666 24.74 -16.18 -30.68
CA ALA C 666 26.00 -16.01 -29.95
C ALA C 666 26.81 -14.79 -30.43
N ARG C 667 26.15 -13.89 -31.14
CA ARG C 667 26.86 -12.78 -31.80
C ARG C 667 27.91 -12.04 -30.92
N ILE C 668 27.54 -11.65 -29.70
CA ILE C 668 28.46 -10.86 -28.89
C ILE C 668 29.72 -11.60 -28.47
N TRP C 669 29.64 -12.91 -28.22
CA TRP C 669 30.83 -13.67 -27.90
C TRP C 669 31.75 -13.76 -29.11
N LEU C 670 31.17 -14.03 -30.27
CA LEU C 670 31.98 -14.09 -31.49
C LEU C 670 32.64 -12.73 -31.76
N ASP C 671 31.94 -11.65 -31.43
CA ASP C 671 32.48 -10.35 -31.72
C ASP C 671 33.62 -10.04 -30.73
N GLN C 672 33.48 -10.55 -29.53
CA GLN C 672 34.50 -10.32 -28.51
C GLN C 672 35.79 -10.98 -28.96
N ILE C 673 35.66 -12.16 -29.54
CA ILE C 673 36.82 -12.92 -30.00
C ILE C 673 37.51 -12.17 -31.11
N ASP C 674 36.73 -11.65 -32.03
CA ASP C 674 37.22 -10.82 -33.11
C ASP C 674 37.97 -9.61 -32.62
N ARG C 675 37.41 -8.89 -31.67
CA ARG C 675 37.99 -7.63 -31.28
C ARG C 675 39.16 -7.80 -30.34
N GLU C 676 39.16 -8.90 -29.59
CA GLU C 676 40.13 -9.04 -28.42
C GLU C 676 41.26 -10.06 -28.58
N VAL C 677 40.98 -11.17 -29.29
CA VAL C 677 41.94 -12.25 -29.42
C VAL C 677 42.72 -12.16 -30.72
N PRO C 678 44.04 -11.92 -30.63
CA PRO C 678 44.92 -11.83 -31.81
C PRO C 678 44.70 -13.01 -32.76
N LYS C 679 44.90 -12.77 -34.07
CA LYS C 679 44.70 -13.81 -35.09
C LYS C 679 45.51 -15.10 -34.93
N GLY C 680 46.73 -14.96 -34.40
CA GLY C 680 47.60 -16.11 -34.20
C GLY C 680 48.76 -15.78 -33.30
N MET D 2 1.95 35.31 -23.17
CA MET D 2 2.08 33.85 -23.10
C MET D 2 1.76 33.14 -24.44
N ASN D 3 1.79 31.81 -24.43
CA ASN D 3 1.67 30.98 -25.62
C ASN D 3 0.57 29.91 -25.35
N PHE D 4 -0.66 30.28 -25.68
CA PHE D 4 -1.87 29.65 -25.16
C PHE D 4 -2.20 28.27 -25.69
N TYR D 5 -1.65 27.91 -26.84
CA TYR D 5 -1.98 26.63 -27.44
C TYR D 5 -0.99 25.54 -27.10
N SER D 6 -0.11 25.84 -26.14
CA SER D 6 0.95 24.94 -25.68
C SER D 6 0.51 24.09 -24.49
N ALA D 7 0.41 22.78 -24.70
CA ALA D 7 0.06 21.88 -23.58
C ALA D 7 1.01 21.98 -22.36
N TYR D 8 2.26 22.33 -22.58
CA TYR D 8 3.19 22.38 -21.46
C TYR D 8 2.89 23.59 -20.61
N GLN D 9 2.64 24.72 -21.26
CA GLN D 9 2.28 25.92 -20.54
C GLN D 9 0.94 25.83 -19.84
N HIS D 10 0.18 24.77 -20.07
CA HIS D 10 -1.05 24.55 -19.29
C HIS D 10 -0.93 23.45 -18.25
N GLY D 11 0.29 23.01 -17.97
CA GLY D 11 0.53 22.07 -16.88
C GLY D 11 0.49 20.60 -17.25
N PHE D 12 0.41 20.29 -18.54
CA PHE D 12 0.57 18.90 -18.99
C PHE D 12 2.04 18.51 -19.12
N VAL D 13 2.30 17.23 -18.92
CA VAL D 13 3.61 16.65 -19.21
C VAL D 13 3.36 15.41 -20.06
N ARG D 14 4.05 15.33 -21.20
CA ARG D 14 3.85 14.26 -22.20
C ARG D 14 4.72 13.05 -21.90
N VAL D 15 4.09 11.91 -21.64
CA VAL D 15 4.80 10.72 -21.27
C VAL D 15 4.57 9.56 -22.23
N ALA D 16 5.54 8.66 -22.35
CA ALA D 16 5.48 7.55 -23.29
C ALA D 16 5.85 6.24 -22.61
N ALA D 17 5.07 5.20 -22.86
CA ALA D 17 5.46 3.85 -22.46
C ALA D 17 5.75 3.05 -23.75
N CYS D 18 6.99 2.58 -23.88
CA CYS D 18 7.42 1.98 -25.14
C CYS D 18 7.68 0.46 -25.03
N THR D 19 7.32 -0.31 -26.06
CA THR D 19 7.76 -1.69 -26.13
C THR D 19 8.61 -1.92 -27.38
N HIS D 20 9.90 -2.19 -27.17
CA HIS D 20 10.85 -2.30 -28.28
C HIS D 20 10.95 -3.71 -28.78
N HIS D 21 11.84 -3.89 -29.74
CA HIS D 21 12.12 -5.22 -30.25
C HIS D 21 13.28 -5.85 -29.49
N THR D 22 12.99 -6.88 -28.70
CA THR D 22 14.04 -7.54 -27.97
C THR D 22 14.86 -8.43 -28.88
N THR D 23 16.17 -8.25 -28.84
CA THR D 23 17.11 -9.25 -29.32
C THR D 23 17.87 -9.81 -28.13
N ILE D 24 17.45 -10.96 -27.62
CA ILE D 24 18.00 -11.47 -26.37
C ILE D 24 19.47 -11.68 -26.53
N GLY D 25 20.24 -11.29 -25.51
CA GLY D 25 21.68 -11.47 -25.54
C GLY D 25 22.47 -10.54 -26.43
N ASP D 26 21.84 -9.50 -26.95
CA ASP D 26 22.51 -8.63 -27.91
C ASP D 26 22.21 -7.16 -27.60
N PRO D 27 22.89 -6.61 -26.60
CA PRO D 27 22.62 -5.27 -26.07
C PRO D 27 22.73 -4.19 -27.15
N ALA D 28 23.71 -4.26 -28.04
CA ALA D 28 23.83 -3.24 -29.08
C ALA D 28 22.56 -3.14 -29.87
N ALA D 29 21.97 -4.31 -30.18
CA ALA D 29 20.75 -4.36 -30.97
C ALA D 29 19.62 -3.76 -30.17
N ASN D 30 19.49 -4.17 -28.92
CA ASN D 30 18.46 -3.60 -28.05
C ASN D 30 18.56 -2.08 -27.93
N ALA D 31 19.78 -1.59 -27.79
CA ALA D 31 20.03 -0.15 -27.63
C ALA D 31 19.66 0.60 -28.91
N ALA D 32 19.95 -0.01 -30.07
CA ALA D 32 19.60 0.61 -31.34
C ALA D 32 18.08 0.75 -31.49
N SER D 33 17.34 -0.21 -30.97
CA SER D 33 15.88 -0.19 -31.02
C SER D 33 15.43 0.90 -30.05
N VAL D 34 16.04 0.89 -28.86
CA VAL D 34 15.70 1.87 -27.85
C VAL D 34 15.96 3.28 -28.36
N LEU D 35 17.13 3.48 -28.96
CA LEU D 35 17.51 4.79 -29.46
C LEU D 35 16.50 5.31 -30.48
N ASP D 36 16.02 4.39 -31.31
CA ASP D 36 15.14 4.75 -32.39
C ASP D 36 13.76 5.12 -31.87
N MET D 37 13.26 4.38 -30.89
CA MET D 37 12.03 4.75 -30.21
C MET D 37 12.19 6.06 -29.43
N ALA D 38 13.34 6.26 -28.78
CA ALA D 38 13.50 7.49 -28.02
C ALA D 38 13.48 8.71 -28.95
N ARG D 39 14.02 8.56 -30.16
CA ARG D 39 14.01 9.68 -31.09
C ARG D 39 12.59 10.02 -31.54
N ALA D 40 11.77 8.98 -31.67
CA ALA D 40 10.37 9.19 -31.97
C ALA D 40 9.71 10.00 -30.83
N CYS D 41 10.04 9.63 -29.59
CA CYS D 41 9.44 10.25 -28.45
C CYS D 41 9.86 11.70 -28.39
N HIS D 42 11.13 11.95 -28.66
CA HIS D 42 11.64 13.31 -28.82
C HIS D 42 10.81 14.11 -29.83
N ASP D 43 10.65 13.54 -31.02
CA ASP D 43 9.89 14.18 -32.07
C ASP D 43 8.47 14.52 -31.62
N ASP D 44 7.92 13.70 -30.73
CA ASP D 44 6.58 13.89 -30.18
C ASP D 44 6.54 14.89 -29.02
N GLY D 45 7.69 15.45 -28.66
CA GLY D 45 7.80 16.32 -27.49
C GLY D 45 7.58 15.64 -26.13
N ALA D 46 7.82 14.32 -26.08
CA ALA D 46 7.63 13.58 -24.83
C ALA D 46 8.68 13.95 -23.84
N ALA D 47 8.29 13.99 -22.57
CA ALA D 47 9.20 14.34 -21.47
C ALA D 47 9.77 13.07 -20.84
N LEU D 48 9.16 11.94 -21.17
CA LEU D 48 9.46 10.70 -20.50
C LEU D 48 9.20 9.52 -21.43
N ALA D 49 10.09 8.55 -21.42
CA ALA D 49 9.94 7.32 -22.20
C ALA D 49 10.40 6.13 -21.36
N VAL D 50 9.46 5.32 -20.90
CA VAL D 50 9.73 4.10 -20.14
C VAL D 50 9.78 2.83 -21.03
N PHE D 51 10.83 2.01 -20.86
CA PHE D 51 10.99 0.78 -21.61
C PHE D 51 10.81 -0.49 -20.79
N PRO D 52 10.85 -1.64 -21.46
CA PRO D 52 10.57 -2.83 -20.64
C PRO D 52 11.72 -3.27 -19.72
N GLU D 53 11.35 -4.13 -18.77
CA GLU D 53 12.29 -4.63 -17.77
C GLU D 53 13.55 -5.17 -18.45
N LEU D 54 14.73 -4.96 -17.88
CA LEU D 54 15.96 -5.53 -18.48
C LEU D 54 16.11 -5.27 -19.97
N THR D 55 15.59 -4.13 -20.42
CA THR D 55 15.68 -3.73 -21.83
C THR D 55 16.94 -4.13 -22.59
N LEU D 56 18.10 -3.88 -21.99
CA LEU D 56 19.35 -3.98 -22.73
C LEU D 56 19.88 -5.39 -22.93
N SER D 57 19.37 -6.30 -22.14
CA SER D 57 19.83 -7.65 -22.22
C SER D 57 18.72 -8.57 -22.71
N GLY D 58 17.48 -8.19 -22.50
CA GLY D 58 16.41 -9.14 -22.57
C GLY D 58 16.15 -9.72 -21.20
N TYR D 59 14.88 -9.74 -20.79
CA TYR D 59 14.51 -10.20 -19.46
C TYR D 59 14.65 -11.71 -19.36
N SER D 60 14.39 -12.41 -20.47
CA SER D 60 14.24 -13.85 -20.41
C SER D 60 15.50 -14.69 -20.55
N ILE D 61 16.70 -14.09 -20.56
CA ILE D 61 17.90 -14.89 -20.88
C ILE D 61 18.51 -15.72 -19.73
N GLU D 62 17.86 -15.73 -18.58
CA GLU D 62 18.29 -16.62 -17.45
C GLU D 62 19.81 -16.60 -17.12
N ASP D 63 20.44 -17.75 -16.99
CA ASP D 63 21.84 -17.73 -16.56
C ASP D 63 22.75 -16.99 -17.54
N VAL D 64 22.23 -16.62 -18.70
CA VAL D 64 23.06 -15.84 -19.61
C VAL D 64 23.35 -14.45 -18.99
N LEU D 65 22.51 -14.05 -18.03
CA LEU D 65 22.71 -12.77 -17.33
C LEU D 65 24.04 -12.73 -16.59
N LEU D 66 24.50 -13.89 -16.13
CA LEU D 66 25.75 -13.98 -15.37
C LEU D 66 27.01 -14.14 -16.25
N GLN D 67 26.88 -14.08 -17.57
CA GLN D 67 28.04 -14.18 -18.45
C GLN D 67 28.76 -12.85 -18.60
N ASP D 68 30.04 -12.87 -18.31
CA ASP D 68 30.85 -11.67 -18.41
C ASP D 68 30.65 -10.90 -19.71
N SER D 69 30.60 -11.57 -20.84
CA SER D 69 30.56 -10.85 -22.11
C SER D 69 29.22 -10.16 -22.29
N LEU D 70 28.19 -10.71 -21.66
CA LEU D 70 26.84 -10.16 -21.74
C LEU D 70 26.80 -8.90 -20.88
N LEU D 71 27.32 -8.98 -19.66
CA LEU D 71 27.40 -7.84 -18.76
C LEU D 71 28.32 -6.74 -19.29
N ASP D 72 29.45 -7.12 -19.85
CA ASP D 72 30.30 -6.12 -20.49
C ASP D 72 29.58 -5.39 -21.64
N ALA D 73 28.94 -6.14 -22.55
CA ALA D 73 28.23 -5.52 -23.67
C ALA D 73 27.07 -4.61 -23.19
N VAL D 74 26.38 -5.02 -22.14
CA VAL D 74 25.34 -4.19 -21.56
C VAL D 74 25.94 -2.85 -21.13
N GLU D 75 27.04 -2.88 -20.41
CA GLU D 75 27.65 -1.57 -20.05
C GLU D 75 28.04 -0.74 -21.27
N ASP D 76 28.71 -1.33 -22.24
CA ASP D 76 29.10 -0.55 -23.41
C ASP D 76 27.90 0.10 -24.09
N ALA D 77 26.79 -0.63 -24.12
CA ALA D 77 25.59 -0.16 -24.84
C ALA D 77 24.92 0.99 -24.11
N LEU D 78 24.79 0.84 -22.79
CA LEU D 78 24.34 1.89 -21.88
C LEU D 78 25.10 3.20 -22.10
N LEU D 79 26.42 3.13 -22.11
CA LEU D 79 27.18 4.34 -22.31
C LEU D 79 26.88 5.02 -23.65
N ASP D 80 26.66 4.24 -24.72
CA ASP D 80 26.27 4.85 -26.00
C ASP D 80 24.90 5.54 -25.92
N LEU D 81 23.94 4.89 -25.29
CA LEU D 81 22.65 5.50 -25.08
C LEU D 81 22.81 6.84 -24.38
N VAL D 82 23.53 6.83 -23.27
CA VAL D 82 23.70 8.04 -22.48
C VAL D 82 24.28 9.15 -23.36
N THR D 83 25.29 8.83 -24.14
CA THR D 83 25.89 9.78 -25.05
C THR D 83 24.90 10.28 -26.11
N GLU D 84 24.12 9.36 -26.69
CA GLU D 84 23.07 9.74 -27.68
C GLU D 84 22.02 10.64 -27.03
N SER D 85 21.79 10.42 -25.74
CA SER D 85 20.73 11.11 -25.05
C SER D 85 21.02 12.60 -24.88
N ALA D 86 22.21 13.05 -25.26
CA ALA D 86 22.54 14.45 -25.07
C ALA D 86 21.67 15.31 -25.96
N ASP D 87 21.16 14.70 -27.01
CA ASP D 87 20.38 15.44 -27.99
C ASP D 87 18.90 15.12 -27.95
N LEU D 88 18.48 14.46 -26.88
CA LEU D 88 17.12 13.95 -26.77
C LEU D 88 16.38 14.65 -25.67
N LEU D 89 15.13 15.04 -25.95
CA LEU D 89 14.33 15.80 -25.00
C LEU D 89 13.97 15.02 -23.74
N PRO D 90 13.42 13.81 -23.91
CA PRO D 90 12.86 13.09 -22.76
C PRO D 90 13.89 12.46 -21.85
N VAL D 91 13.44 12.24 -20.63
CA VAL D 91 14.10 11.36 -19.69
C VAL D 91 13.81 9.94 -20.17
N LEU D 92 14.86 9.14 -20.37
CA LEU D 92 14.73 7.76 -20.80
C LEU D 92 14.88 6.85 -19.60
N VAL D 93 13.95 5.93 -19.44
CA VAL D 93 14.08 4.98 -18.36
C VAL D 93 14.30 3.61 -18.97
N VAL D 94 15.53 3.13 -18.98
CA VAL D 94 15.84 1.87 -19.63
C VAL D 94 16.42 0.82 -18.69
N GLY D 95 15.95 -0.41 -18.88
CA GLY D 95 16.36 -1.54 -18.04
C GLY D 95 17.70 -2.17 -18.40
N ALA D 96 18.40 -2.66 -17.38
CA ALA D 96 19.74 -3.18 -17.57
C ALA D 96 20.14 -3.97 -16.35
N PRO D 97 20.73 -5.16 -16.56
CA PRO D 97 21.33 -5.91 -15.46
C PRO D 97 22.70 -5.29 -15.18
N LEU D 98 22.90 -4.77 -13.97
CA LEU D 98 24.16 -4.10 -13.68
C LEU D 98 24.90 -4.66 -12.48
N ARG D 99 26.25 -4.62 -12.55
CA ARG D 99 27.11 -5.08 -11.45
C ARG D 99 27.23 -3.99 -10.39
N HIS D 100 26.93 -4.37 -9.16
CA HIS D 100 27.21 -3.49 -8.02
C HIS D 100 27.68 -4.26 -6.75
N ARG D 101 28.71 -3.78 -6.06
CA ARG D 101 29.29 -4.59 -5.00
C ARG D 101 29.56 -6.07 -5.37
N HIS D 102 28.77 -7.01 -4.83
CA HIS D 102 28.98 -8.45 -5.07
C HIS D 102 28.16 -9.06 -6.22
N ARG D 103 27.07 -8.39 -6.62
CA ARG D 103 26.10 -9.03 -7.50
C ARG D 103 25.63 -8.25 -8.73
N ILE D 104 24.71 -8.84 -9.48
CA ILE D 104 24.02 -8.01 -10.48
C ILE D 104 22.66 -7.69 -9.97
N TYR D 105 22.29 -6.45 -10.17
CA TYR D 105 20.94 -6.02 -9.82
C TYR D 105 20.10 -5.86 -11.07
N ASN D 106 18.82 -6.11 -10.94
CA ASN D 106 17.86 -5.85 -11.99
C ASN D 106 17.54 -4.36 -11.92
N THR D 107 18.11 -3.57 -12.82
CA THR D 107 17.95 -2.14 -12.66
C THR D 107 17.21 -1.39 -13.77
N ALA D 108 16.74 -0.20 -13.40
CA ALA D 108 16.25 0.77 -14.37
C ALA D 108 17.20 1.96 -14.32
N VAL D 109 17.65 2.40 -15.47
CA VAL D 109 18.65 3.45 -15.53
C VAL D 109 18.04 4.74 -16.03
N VAL D 110 17.98 5.75 -15.16
CA VAL D 110 17.28 6.98 -15.50
C VAL D 110 18.24 7.89 -16.24
N ILE D 111 17.95 8.20 -17.49
CA ILE D 111 18.95 8.83 -18.33
C ILE D 111 18.44 10.13 -18.85
N HIS D 112 19.22 11.19 -18.75
CA HIS D 112 18.77 12.51 -19.21
C HIS D 112 19.82 13.45 -19.76
N ARG D 113 19.58 13.94 -20.96
CA ARG D 113 20.45 14.92 -21.60
C ARG D 113 21.93 14.63 -21.34
N GLY D 114 22.38 13.42 -21.61
CA GLY D 114 23.80 13.11 -21.56
C GLY D 114 24.36 12.64 -20.24
N ALA D 115 23.52 12.49 -19.22
CA ALA D 115 23.95 12.03 -17.91
C ALA D 115 23.01 10.96 -17.34
N VAL D 116 23.54 10.15 -16.42
CA VAL D 116 22.71 9.20 -15.69
C VAL D 116 22.27 9.92 -14.42
N LEU D 117 20.98 9.98 -14.19
CA LEU D 117 20.43 10.71 -13.06
C LEU D 117 20.39 9.83 -11.84
N GLY D 118 20.20 8.53 -12.06
CA GLY D 118 19.95 7.60 -10.99
C GLY D 118 19.90 6.19 -11.56
N VAL D 119 20.09 5.19 -10.70
CA VAL D 119 19.94 3.82 -11.07
C VAL D 119 19.10 3.17 -10.00
N VAL D 120 17.97 2.58 -10.39
CA VAL D 120 17.03 2.03 -9.44
C VAL D 120 16.92 0.50 -9.57
N PRO D 121 17.21 -0.21 -8.49
CA PRO D 121 17.11 -1.65 -8.55
C PRO D 121 15.70 -2.17 -8.22
N LYS D 122 15.34 -3.29 -8.83
CA LYS D 122 14.08 -3.92 -8.52
C LYS D 122 14.12 -4.30 -7.06
N SER D 123 13.03 -4.18 -6.33
CA SER D 123 13.07 -4.47 -4.91
C SER D 123 12.69 -5.91 -4.62
N TYR D 124 11.72 -6.43 -5.34
CA TYR D 124 11.23 -7.76 -5.01
C TYR D 124 11.38 -8.66 -6.23
N LEU D 125 12.20 -9.69 -6.05
CA LEU D 125 12.57 -10.62 -7.11
C LEU D 125 11.85 -11.98 -7.05
N PRO D 126 10.82 -12.17 -7.91
CA PRO D 126 9.98 -13.36 -7.80
C PRO D 126 10.75 -14.63 -8.12
N THR D 127 10.59 -15.59 -7.24
CA THR D 127 11.22 -16.87 -7.37
C THR D 127 10.16 -17.85 -6.98
N TYR D 128 9.31 -18.13 -7.96
CA TYR D 128 8.14 -19.00 -7.83
C TYR D 128 7.50 -19.16 -9.22
N ARG D 129 6.67 -20.18 -9.35
CA ARG D 129 6.08 -20.51 -10.65
C ARG D 129 7.08 -20.38 -11.80
N GLU D 130 6.81 -19.51 -12.76
CA GLU D 130 7.72 -19.39 -13.94
C GLU D 130 8.91 -18.45 -13.68
N PHE D 131 9.00 -17.89 -12.47
CA PHE D 131 10.03 -16.87 -12.16
C PHE D 131 11.20 -17.40 -11.36
N TYR D 132 12.42 -17.09 -11.80
CA TYR D 132 13.64 -17.57 -11.11
C TYR D 132 14.61 -16.43 -10.78
N GLU D 133 14.10 -15.22 -10.63
CA GLU D 133 14.98 -14.00 -10.57
C GLU D 133 16.05 -13.98 -9.46
N ARG D 134 15.75 -14.51 -8.27
CA ARG D 134 16.78 -14.54 -7.20
C ARG D 134 18.01 -15.32 -7.60
N ARG D 135 17.84 -16.34 -8.46
CA ARG D 135 18.97 -17.16 -8.89
C ARG D 135 20.09 -16.32 -9.49
N GLN D 136 19.76 -15.36 -10.36
CA GLN D 136 20.77 -14.52 -11.00
C GLN D 136 20.94 -13.14 -10.36
N MET D 137 19.95 -12.66 -9.63
CA MET D 137 19.97 -11.24 -9.33
C MET D 137 19.69 -10.95 -7.86
N ALA D 138 20.30 -9.88 -7.38
CA ALA D 138 20.07 -9.46 -5.98
C ALA D 138 18.89 -8.52 -5.82
N PRO D 139 18.17 -8.65 -4.68
CA PRO D 139 17.12 -7.71 -4.29
C PRO D 139 17.72 -6.34 -4.06
N GLY D 140 16.99 -5.29 -4.42
CA GLY D 140 17.43 -3.92 -4.25
C GLY D 140 16.84 -3.22 -3.02
N ASP D 141 15.90 -3.85 -2.32
CA ASP D 141 15.22 -3.16 -1.24
C ASP D 141 16.20 -2.77 -0.17
N GLY D 142 16.25 -1.48 0.15
CA GLY D 142 17.19 -1.02 1.17
C GLY D 142 18.63 -0.78 0.72
N GLU D 143 18.91 -0.92 -0.56
CA GLU D 143 20.18 -0.40 -1.14
C GLU D 143 20.13 1.13 -1.27
N ARG D 144 21.22 1.75 -0.89
CA ARG D 144 21.38 3.19 -1.00
C ARG D 144 22.74 3.52 -1.56
N GLY D 145 23.14 4.77 -1.44
CA GLY D 145 24.48 5.11 -1.88
C GLY D 145 24.57 5.41 -3.36
N THR D 146 25.73 5.16 -3.94
CA THR D 146 25.96 5.42 -5.36
C THR D 146 26.52 4.21 -6.02
N ILE D 147 26.60 4.27 -7.34
CA ILE D 147 27.12 3.20 -8.20
C ILE D 147 27.92 3.85 -9.29
N ARG D 148 28.86 3.12 -9.86
CA ARG D 148 29.80 3.73 -10.80
C ARG D 148 29.38 3.34 -12.19
N ILE D 149 29.03 4.33 -13.01
CA ILE D 149 28.59 4.10 -14.37
C ILE D 149 29.36 5.10 -15.19
N GLY D 150 30.23 4.60 -16.05
CA GLY D 150 31.01 5.44 -16.94
C GLY D 150 31.68 6.60 -16.23
N GLY D 151 32.52 6.26 -15.26
CA GLY D 151 33.34 7.27 -14.61
C GLY D 151 32.58 8.34 -13.85
N ALA D 152 31.34 8.06 -13.47
CA ALA D 152 30.61 8.95 -12.56
C ALA D 152 30.00 8.16 -11.43
N ASP D 153 29.87 8.80 -10.28
CA ASP D 153 29.18 8.15 -9.17
C ASP D 153 27.76 8.67 -9.18
N VAL D 154 26.80 7.77 -9.34
CA VAL D 154 25.44 8.24 -9.45
C VAL D 154 24.57 7.58 -8.40
N ALA D 155 23.54 8.29 -8.00
CA ALA D 155 22.61 7.78 -7.01
C ALA D 155 22.10 6.36 -7.33
N PHE D 156 22.05 5.54 -6.31
CA PHE D 156 21.61 4.17 -6.47
C PHE D 156 20.66 3.86 -5.34
N GLY D 157 19.48 3.35 -5.66
CA GLY D 157 18.64 2.76 -4.64
C GLY D 157 17.15 2.93 -4.86
N THR D 158 16.38 2.47 -3.88
CA THR D 158 14.95 2.38 -4.04
C THR D 158 14.27 3.69 -3.74
N ASP D 159 14.97 4.52 -2.97
CA ASP D 159 14.52 5.82 -2.45
C ASP D 159 14.73 7.07 -3.34
N LEU D 160 14.66 6.94 -4.66
CA LEU D 160 14.99 8.06 -5.53
C LEU D 160 13.79 8.81 -6.12
N LEU D 161 13.92 10.11 -6.26
CA LEU D 161 12.90 10.91 -6.91
C LEU D 161 13.58 11.80 -7.90
N PHE D 162 13.04 11.87 -9.12
CA PHE D 162 13.61 12.74 -10.11
C PHE D 162 12.67 13.91 -10.39
N ALA D 163 13.12 15.10 -10.06
CA ALA D 163 12.23 16.27 -10.09
C ALA D 163 12.64 17.26 -11.15
N ALA D 164 11.66 17.59 -12.00
CA ALA D 164 11.88 18.61 -13.01
C ALA D 164 11.82 19.96 -12.36
N SER D 165 12.97 20.64 -12.39
CA SER D 165 13.17 21.90 -11.68
C SER D 165 12.40 23.04 -12.36
N ASP D 166 12.09 22.88 -13.66
CA ASP D 166 11.28 23.84 -14.39
C ASP D 166 9.88 23.32 -14.70
N LEU D 167 9.39 22.38 -13.90
CA LEU D 167 8.11 21.74 -14.20
C LEU D 167 7.70 20.90 -12.99
N PRO D 168 7.43 21.59 -11.88
CA PRO D 168 7.30 21.06 -10.50
C PRO D 168 6.18 20.05 -10.31
N GLY D 169 5.29 19.96 -11.29
CA GLY D 169 4.19 19.01 -11.24
C GLY D 169 4.63 17.63 -11.66
N PHE D 170 5.79 17.57 -12.31
CA PHE D 170 6.46 16.34 -12.74
C PHE D 170 7.55 15.86 -11.74
N VAL D 171 7.19 14.88 -10.91
CA VAL D 171 8.16 14.28 -10.01
C VAL D 171 8.09 12.79 -10.21
N LEU D 172 9.15 12.23 -10.81
CA LEU D 172 9.24 10.84 -11.28
C LEU D 172 9.79 9.88 -10.27
N HIS D 173 9.12 8.75 -10.12
CA HIS D 173 9.63 7.62 -9.33
C HIS D 173 9.60 6.41 -10.24
N VAL D 174 10.54 5.51 -10.04
CA VAL D 174 10.58 4.28 -10.85
C VAL D 174 10.56 3.03 -9.99
N GLU D 175 9.73 2.07 -10.37
CA GLU D 175 9.85 0.72 -9.76
C GLU D 175 9.84 -0.32 -10.88
N ILE D 176 9.85 -1.60 -10.51
CA ILE D 176 10.01 -2.61 -11.53
C ILE D 176 9.11 -3.84 -11.35
N ALA D 177 8.25 -4.04 -12.35
CA ALA D 177 7.43 -5.22 -12.42
C ALA D 177 6.81 -5.60 -11.07
N GLU D 178 7.25 -6.73 -10.54
CA GLU D 178 6.78 -7.29 -9.23
C GLU D 178 6.69 -6.22 -8.13
N ASP D 179 7.49 -5.17 -8.22
CA ASP D 179 7.41 -4.13 -7.21
C ASP D 179 5.96 -3.65 -6.93
N MET D 180 5.16 -3.55 -7.97
CA MET D 180 3.83 -3.00 -7.79
C MET D 180 2.78 -4.01 -7.33
N PHE D 181 3.19 -5.25 -7.09
CA PHE D 181 2.24 -6.31 -6.78
C PHE D 181 2.24 -6.68 -5.33
N VAL D 182 3.13 -6.06 -4.54
CA VAL D 182 3.23 -6.42 -3.12
C VAL D 182 2.37 -5.51 -2.24
N PRO D 183 1.97 -6.02 -1.09
CA PRO D 183 1.06 -5.20 -0.29
C PRO D 183 1.56 -3.73 -0.13
N MET D 184 2.84 -3.54 0.07
CA MET D 184 3.35 -2.19 0.26
C MET D 184 4.40 -1.89 -0.79
N PRO D 185 3.98 -1.45 -1.95
CA PRO D 185 4.92 -1.17 -3.05
C PRO D 185 5.75 0.06 -2.76
N PRO D 186 6.95 0.09 -3.32
CA PRO D 186 7.85 1.27 -3.25
C PRO D 186 7.18 2.48 -3.84
N SER D 187 6.39 2.31 -4.90
CA SER D 187 5.70 3.45 -5.49
C SER D 187 4.72 4.20 -4.52
N ALA D 188 4.08 3.47 -3.63
CA ALA D 188 3.12 4.11 -2.74
C ALA D 188 3.87 5.02 -1.73
N GLU D 189 5.04 4.58 -1.25
CA GLU D 189 5.84 5.50 -0.38
C GLU D 189 6.35 6.70 -1.18
N ALA D 190 6.74 6.44 -2.41
CA ALA D 190 7.22 7.51 -3.28
C ALA D 190 6.18 8.59 -3.53
N ALA D 191 4.94 8.19 -3.82
CA ALA D 191 3.89 9.19 -4.05
C ALA D 191 3.73 10.04 -2.79
N LEU D 192 3.64 9.40 -1.62
CA LEU D 192 3.58 10.15 -0.36
C LEU D 192 4.73 11.14 -0.22
N ALA D 193 5.88 10.79 -0.79
CA ALA D 193 7.05 11.67 -0.67
C ALA D 193 7.07 12.77 -1.71
N GLY D 194 6.17 12.68 -2.67
CA GLY D 194 6.11 13.70 -3.69
C GLY D 194 6.15 13.24 -5.11
N ALA D 195 6.29 11.96 -5.36
CA ALA D 195 6.27 11.49 -6.73
C ALA D 195 4.86 11.65 -7.30
N THR D 196 4.76 12.19 -8.52
CA THR D 196 3.46 12.35 -9.20
C THR D 196 3.35 11.44 -10.44
N VAL D 197 4.48 11.14 -11.06
CA VAL D 197 4.49 10.20 -12.16
C VAL D 197 5.23 8.88 -11.79
N LEU D 198 4.51 7.78 -11.72
CA LEU D 198 5.11 6.53 -11.28
C LEU D 198 5.37 5.59 -12.47
N ALA D 199 6.63 5.40 -12.83
CA ALA D 199 6.99 4.46 -13.91
C ALA D 199 7.21 2.99 -13.45
N ASN D 200 6.89 2.06 -14.35
CA ASN D 200 7.08 0.65 -14.10
C ASN D 200 7.64 -0.02 -15.35
N LEU D 201 8.83 -0.60 -15.25
CA LEU D 201 9.35 -1.37 -16.36
C LEU D 201 9.11 -2.83 -16.01
N SER D 202 8.55 -3.57 -16.98
CA SER D 202 8.02 -4.91 -16.74
C SER D 202 8.49 -5.89 -17.84
N GLY D 203 8.72 -7.15 -17.47
CA GLY D 203 9.00 -8.21 -18.42
C GLY D 203 7.67 -8.88 -18.67
N SER D 204 7.24 -9.60 -17.64
CA SER D 204 5.84 -10.00 -17.52
C SER D 204 5.40 -10.98 -18.59
N PRO D 205 5.87 -12.22 -18.47
CA PRO D 205 5.44 -13.21 -19.45
C PRO D 205 3.92 -13.24 -19.43
N ILE D 206 3.30 -13.40 -20.59
CA ILE D 206 1.86 -13.29 -20.68
C ILE D 206 1.18 -14.61 -20.44
N THR D 207 -0.04 -14.54 -19.93
CA THR D 207 -0.75 -15.69 -19.44
C THR D 207 -2.23 -15.29 -19.45
N ILE D 208 -3.09 -16.29 -19.56
CA ILE D 208 -4.52 -16.02 -19.50
C ILE D 208 -4.83 -15.25 -18.24
N GLY D 209 -5.49 -14.10 -18.45
CA GLY D 209 -5.95 -13.25 -17.36
C GLY D 209 -4.89 -12.36 -16.75
N ARG D 210 -3.64 -12.44 -17.22
CA ARG D 210 -2.59 -11.61 -16.65
C ARG D 210 -2.71 -10.11 -16.96
N ALA D 211 -3.21 -9.77 -18.14
CA ALA D 211 -3.34 -8.39 -18.53
C ALA D 211 -4.33 -7.71 -17.62
N GLU D 212 -5.30 -8.48 -17.14
CA GLU D 212 -6.26 -7.95 -16.15
C GLU D 212 -5.56 -7.64 -14.84
N ASP D 213 -4.72 -8.57 -14.38
CA ASP D 213 -3.95 -8.33 -13.17
C ASP D 213 -3.08 -7.07 -13.28
N ARG D 214 -2.35 -6.95 -14.39
CA ARG D 214 -1.58 -5.76 -14.62
C ARG D 214 -2.45 -4.53 -14.50
N ARG D 215 -3.59 -4.54 -15.19
CA ARG D 215 -4.48 -3.40 -15.12
C ARG D 215 -5.04 -3.09 -13.74
N LEU D 216 -5.53 -4.11 -13.04
CA LEU D 216 -6.10 -3.92 -11.73
C LEU D 216 -5.10 -3.19 -10.85
N LEU D 217 -3.85 -3.62 -10.90
CA LEU D 217 -2.84 -3.03 -10.06
C LEU D 217 -2.28 -1.68 -10.53
N ALA D 218 -2.12 -1.48 -11.83
CA ALA D 218 -1.62 -0.19 -12.29
C ALA D 218 -2.72 0.88 -12.09
N ARG D 219 -3.95 0.46 -12.31
CA ARG D 219 -5.05 1.38 -12.18
C ARG D 219 -5.25 1.71 -10.69
N SER D 220 -5.32 0.70 -9.83
CA SER D 220 -5.57 1.04 -8.42
C SER D 220 -4.44 1.88 -7.91
N ALA D 221 -3.23 1.64 -8.39
CA ALA D 221 -2.07 2.39 -7.93
C ALA D 221 -2.23 3.86 -8.28
N SER D 222 -2.62 4.11 -9.53
CA SER D 222 -2.74 5.48 -10.02
C SER D 222 -3.86 6.17 -9.23
N ALA D 223 -4.86 5.40 -8.82
CA ALA D 223 -5.99 5.98 -8.09
C ALA D 223 -5.61 6.23 -6.62
N ARG D 224 -5.21 5.19 -5.91
CA ARG D 224 -4.83 5.32 -4.52
C ARG D 224 -3.69 6.34 -4.34
N CYS D 225 -2.86 6.56 -5.35
CA CYS D 225 -1.68 7.39 -5.16
C CYS D 225 -1.81 8.73 -5.84
N LEU D 226 -3.02 9.00 -6.32
CA LEU D 226 -3.29 10.25 -7.00
C LEU D 226 -2.15 10.55 -7.97
N ALA D 227 -1.88 9.60 -8.86
CA ALA D 227 -0.74 9.76 -9.77
C ALA D 227 -1.02 9.22 -11.16
N ALA D 228 -0.12 9.58 -12.07
CA ALA D 228 0.02 8.89 -13.34
C ALA D 228 0.86 7.65 -13.09
N TYR D 229 0.49 6.55 -13.74
CA TYR D 229 1.23 5.30 -13.65
C TYR D 229 1.56 4.89 -15.08
N VAL D 230 2.85 4.81 -15.42
CA VAL D 230 3.31 4.57 -16.78
C VAL D 230 3.93 3.19 -16.89
N TYR D 231 3.34 2.32 -17.69
CA TYR D 231 3.73 0.88 -17.68
C TYR D 231 4.10 0.27 -19.04
N ALA D 232 5.19 -0.48 -19.07
CA ALA D 232 5.75 -0.96 -20.31
C ALA D 232 6.21 -2.41 -20.15
N ALA D 233 5.62 -3.34 -20.90
CA ALA D 233 6.01 -4.75 -20.82
C ALA D 233 6.75 -5.25 -22.06
N ALA D 234 7.47 -6.34 -21.87
CA ALA D 234 8.28 -6.85 -22.93
C ALA D 234 7.42 -7.56 -24.01
N GLY D 235 7.83 -7.46 -25.28
CA GLY D 235 7.11 -8.10 -26.38
C GLY D 235 7.89 -9.11 -27.23
N GLU D 236 7.74 -8.99 -28.54
CA GLU D 236 8.47 -9.82 -29.55
C GLU D 236 9.95 -9.78 -29.31
N GLY D 237 10.61 -10.95 -29.45
CA GLY D 237 12.06 -11.00 -29.31
C GLY D 237 12.56 -11.74 -28.08
N GLU D 238 11.85 -11.56 -26.96
CA GLU D 238 12.05 -12.39 -25.73
C GLU D 238 11.91 -13.86 -26.09
N SER D 239 12.66 -14.70 -25.36
CA SER D 239 12.70 -16.13 -25.58
C SER D 239 11.38 -16.81 -25.31
N THR D 240 10.98 -17.69 -26.24
CA THR D 240 9.75 -18.46 -26.02
C THR D 240 10.06 -19.92 -25.71
N THR D 241 11.19 -20.12 -25.03
CA THR D 241 11.55 -21.40 -24.43
C THR D 241 10.46 -21.97 -23.50
N ASP D 242 9.91 -21.13 -22.62
CA ASP D 242 8.80 -21.57 -21.79
C ASP D 242 7.67 -20.57 -21.67
N LEU D 243 7.80 -19.45 -22.36
CA LEU D 243 6.89 -18.34 -22.15
C LEU D 243 6.65 -17.53 -23.41
N ALA D 244 5.50 -16.82 -23.40
CA ALA D 244 5.10 -15.92 -24.47
C ALA D 244 4.98 -14.53 -23.89
N TRP D 245 5.03 -13.53 -24.77
CA TRP D 245 5.06 -12.14 -24.36
C TRP D 245 4.11 -11.28 -25.20
N ASP D 246 3.46 -10.29 -24.58
CA ASP D 246 2.43 -9.56 -25.31
C ASP D 246 2.68 -8.06 -25.57
N GLY D 247 3.77 -7.52 -25.06
CA GLY D 247 4.17 -6.19 -25.46
C GLY D 247 3.29 -5.08 -24.95
N GLN D 248 2.48 -5.37 -23.94
CA GLN D 248 1.48 -4.40 -23.49
C GLN D 248 2.05 -3.10 -22.91
N THR D 249 1.51 -1.97 -23.33
CA THR D 249 1.89 -0.74 -22.67
C THR D 249 0.62 0.04 -22.33
N MET D 250 0.67 0.79 -21.23
CA MET D 250 -0.46 1.57 -20.80
C MET D 250 -0.02 2.72 -19.92
N ILE D 251 -0.86 3.74 -19.81
CA ILE D 251 -0.63 4.94 -19.02
C ILE D 251 -1.92 5.25 -18.29
N TRP D 252 -1.86 5.35 -16.97
CA TRP D 252 -3.04 5.58 -16.16
C TRP D 252 -2.91 6.92 -15.49
N GLU D 253 -4.04 7.54 -15.16
CA GLU D 253 -4.02 8.82 -14.42
C GLU D 253 -5.18 8.81 -13.46
N ASN D 254 -4.84 8.73 -12.18
CA ASN D 254 -5.82 8.76 -11.12
C ASN D 254 -7.04 7.84 -11.40
N GLY D 255 -6.76 6.67 -11.94
CA GLY D 255 -7.75 5.63 -12.10
C GLY D 255 -8.27 5.51 -13.52
N ALA D 256 -7.81 6.40 -14.38
CA ALA D 256 -8.41 6.57 -15.68
C ALA D 256 -7.37 6.24 -16.71
N LEU D 257 -7.75 5.47 -17.73
CA LEU D 257 -6.84 5.06 -18.79
C LEU D 257 -6.59 6.21 -19.72
N LEU D 258 -5.36 6.64 -19.87
CA LEU D 258 -5.06 7.68 -20.83
C LEU D 258 -4.78 7.10 -22.21
N ALA D 259 -4.20 5.91 -22.24
CA ALA D 259 -3.70 5.34 -23.48
C ALA D 259 -3.25 3.91 -23.22
N GLU D 260 -3.27 3.09 -24.26
CA GLU D 260 -2.69 1.73 -24.18
C GLU D 260 -2.39 1.28 -25.58
N SER D 261 -1.62 0.24 -25.72
CA SER D 261 -1.21 -0.14 -27.05
C SER D 261 -1.71 -1.52 -27.36
N GLU D 262 -1.61 -1.87 -28.63
CA GLU D 262 -2.06 -3.18 -29.16
C GLU D 262 -1.33 -4.34 -28.49
N ARG D 263 -2.06 -5.31 -27.98
CA ARG D 263 -1.44 -6.53 -27.43
C ARG D 263 -0.93 -7.52 -28.52
N PHE D 264 0.18 -8.19 -28.27
CA PHE D 264 0.84 -9.07 -29.26
C PHE D 264 1.06 -8.35 -30.57
N PRO D 265 1.60 -7.14 -30.53
CA PRO D 265 1.79 -6.42 -31.79
C PRO D 265 2.84 -7.09 -32.66
N LYS D 266 2.79 -6.82 -33.95
CA LYS D 266 3.92 -7.05 -34.84
C LYS D 266 4.63 -5.71 -34.96
N GLY D 267 5.80 -5.63 -34.38
CA GLY D 267 6.56 -4.41 -34.44
C GLY D 267 6.46 -3.72 -33.09
N VAL D 268 7.09 -2.54 -33.00
CA VAL D 268 7.19 -1.83 -31.74
C VAL D 268 5.97 -0.97 -31.60
N ARG D 269 5.60 -0.67 -30.36
CA ARG D 269 4.43 0.14 -30.07
C ARG D 269 4.78 1.10 -28.96
N ARG D 270 4.08 2.24 -28.93
CA ARG D 270 4.18 3.24 -27.85
C ARG D 270 2.79 3.67 -27.40
N SER D 271 2.61 3.85 -26.11
CA SER D 271 1.49 4.62 -25.66
C SER D 271 2.04 6.02 -25.35
N VAL D 272 1.41 7.06 -25.87
CA VAL D 272 1.86 8.41 -25.59
C VAL D 272 0.65 9.22 -25.16
N ALA D 273 0.76 9.89 -24.02
CA ALA D 273 -0.37 10.70 -23.51
C ALA D 273 0.09 11.95 -22.86
N ASP D 274 -0.81 12.93 -22.79
CA ASP D 274 -0.55 14.10 -21.97
C ASP D 274 -1.17 13.90 -20.58
N VAL D 275 -0.29 13.79 -19.59
CA VAL D 275 -0.68 13.79 -18.16
C VAL D 275 -0.97 15.21 -17.66
N ASP D 276 -2.10 15.35 -16.97
CA ASP D 276 -2.46 16.65 -16.41
C ASP D 276 -1.89 16.77 -14.98
N THR D 277 -0.77 17.47 -14.83
CA THR D 277 -0.16 17.52 -13.52
C THR D 277 -1.02 18.35 -12.61
N GLU D 278 -1.74 19.31 -13.17
CA GLU D 278 -2.61 20.19 -12.33
C GLU D 278 -3.76 19.39 -11.76
N LEU D 279 -4.20 18.38 -12.50
CA LEU D 279 -5.28 17.51 -12.00
C LEU D 279 -4.82 16.78 -10.75
N LEU D 280 -3.63 16.18 -10.84
CA LEU D 280 -3.02 15.48 -9.72
C LEU D 280 -2.74 16.47 -8.58
N ARG D 281 -2.17 17.62 -8.94
CA ARG D 281 -1.96 18.67 -7.95
C ARG D 281 -3.26 18.93 -7.24
N SER D 282 -4.38 19.03 -8.00
CA SER D 282 -5.63 19.53 -7.40
C SER D 282 -6.23 18.48 -6.51
N GLU D 283 -6.09 17.25 -6.93
CA GLU D 283 -6.68 16.12 -6.16
C GLU D 283 -6.01 16.02 -4.78
N ARG D 284 -4.69 16.07 -4.82
CA ARG D 284 -3.88 16.09 -3.58
C ARG D 284 -4.14 17.30 -2.64
N LEU D 285 -4.33 18.50 -3.20
CA LEU D 285 -4.62 19.69 -2.40
C LEU D 285 -5.85 19.50 -1.54
N ARG D 286 -6.77 18.67 -2.04
CA ARG D 286 -8.11 18.57 -1.48
C ARG D 286 -8.27 17.34 -0.57
N MET D 287 -7.56 16.27 -0.91
CA MET D 287 -7.67 15.07 -0.10
C MET D 287 -6.60 15.07 1.04
N GLY D 288 -6.92 15.75 2.13
CA GLY D 288 -5.97 15.89 3.22
C GLY D 288 -5.53 14.57 3.81
N THR D 289 -6.38 13.55 3.72
CA THR D 289 -6.04 12.28 4.30
C THR D 289 -4.81 11.66 3.62
N PHE D 290 -4.52 12.13 2.40
CA PHE D 290 -3.33 11.68 1.67
C PHE D 290 -2.08 12.25 2.36
N ASP D 291 -2.02 13.56 2.58
CA ASP D 291 -0.95 14.13 3.40
C ASP D 291 -0.90 13.56 4.81
N ASP D 292 -2.06 13.30 5.42
CA ASP D 292 -2.12 12.64 6.74
C ASP D 292 -1.35 11.33 6.74
N ASN D 293 -1.55 10.52 5.68
CA ASN D 293 -0.88 9.23 5.53
C ASN D 293 0.65 9.44 5.50
N ARG D 294 1.11 10.35 4.65
CA ARG D 294 2.52 10.77 4.65
C ARG D 294 3.02 11.10 6.06
N ARG D 295 2.38 12.04 6.75
CA ARG D 295 2.89 12.38 8.08
C ARG D 295 3.03 11.15 8.96
N HIS D 296 2.15 10.19 8.79
CA HIS D 296 2.13 9.04 9.67
C HIS D 296 3.33 8.09 9.36
N HIS D 297 3.80 8.12 8.11
CA HIS D 297 5.03 7.47 7.65
C HIS D 297 6.08 8.56 7.37
N ARG D 298 6.19 9.55 8.25
CA ARG D 298 7.16 10.65 8.07
C ARG D 298 8.57 10.13 7.78
N GLU D 299 9.08 9.24 8.62
CA GLU D 299 10.50 8.86 8.51
C GLU D 299 10.71 8.13 7.20
N LEU D 300 9.86 7.15 6.94
CA LEU D 300 9.80 6.51 5.61
C LEU D 300 9.79 7.48 4.43
N THR D 301 9.05 8.59 4.56
CA THR D 301 8.83 9.46 3.41
C THR D 301 9.76 10.65 3.26
N GLU D 302 10.51 11.01 4.30
CA GLU D 302 11.39 12.19 4.09
C GLU D 302 12.79 11.77 3.74
N SER D 303 13.02 10.48 3.79
CA SER D 303 14.33 9.95 3.49
C SER D 303 14.61 9.87 1.98
N PHE D 304 13.61 10.10 1.13
CA PHE D 304 13.86 10.02 -0.30
C PHE D 304 14.88 11.08 -0.69
N ARG D 305 15.56 10.88 -1.80
CA ARG D 305 16.57 11.81 -2.26
C ARG D 305 16.02 12.35 -3.56
N ARG D 306 16.19 13.65 -3.75
CA ARG D 306 15.55 14.33 -4.85
C ARG D 306 16.65 14.72 -5.82
N ILE D 307 16.68 14.09 -6.99
CA ILE D 307 17.62 14.46 -8.03
C ILE D 307 16.97 15.45 -9.00
N ASP D 308 17.59 16.60 -9.19
CA ASP D 308 16.99 17.59 -10.07
C ASP D 308 17.48 17.49 -11.49
N PHE D 309 16.62 17.86 -12.42
CA PHE D 309 16.99 18.04 -13.82
C PHE D 309 16.11 19.13 -14.41
N ALA D 310 16.58 19.73 -15.49
CA ALA D 310 15.81 20.74 -16.20
C ALA D 310 15.37 20.15 -17.53
N LEU D 311 14.05 20.01 -17.67
CA LEU D 311 13.41 19.41 -18.84
C LEU D 311 13.54 20.30 -20.05
N ASP D 312 13.20 21.57 -19.85
CA ASP D 312 13.16 22.55 -20.94
C ASP D 312 12.26 22.07 -22.11
N PRO D 313 10.98 21.85 -21.82
CA PRO D 313 10.07 21.26 -22.81
C PRO D 313 9.78 22.25 -23.91
N PRO D 314 9.21 21.75 -25.02
CA PRO D 314 8.93 22.60 -26.16
C PRO D 314 7.84 23.61 -25.78
N ALA D 315 8.02 24.85 -26.24
CA ALA D 315 7.14 25.94 -25.86
C ALA D 315 5.87 26.11 -26.73
N GLY D 316 5.90 25.52 -27.92
CA GLY D 316 4.87 25.78 -28.90
C GLY D 316 3.66 24.87 -28.91
N ASP D 317 2.93 24.90 -30.02
CA ASP D 317 1.74 24.09 -30.17
C ASP D 317 2.12 22.65 -30.59
N ILE D 318 1.86 21.69 -29.74
CA ILE D 318 2.15 20.30 -30.07
C ILE D 318 0.90 19.50 -29.83
N GLY D 319 -0.24 20.15 -29.96
CA GLY D 319 -1.50 19.47 -29.75
C GLY D 319 -1.71 19.05 -28.32
N LEU D 320 -2.70 18.21 -28.08
CA LEU D 320 -3.00 17.75 -26.74
C LEU D 320 -3.34 16.29 -26.90
N LEU D 321 -2.42 15.42 -26.54
CA LEU D 321 -2.65 14.02 -26.68
C LEU D 321 -3.52 13.54 -25.54
N ARG D 322 -4.76 13.94 -25.57
CA ARG D 322 -5.61 13.71 -24.41
C ARG D 322 -7.04 13.84 -24.86
N GLU D 323 -7.87 12.93 -24.41
CA GLU D 323 -9.33 13.01 -24.70
C GLU D 323 -10.01 13.91 -23.68
N VAL D 324 -10.64 14.98 -24.15
CA VAL D 324 -11.42 15.87 -23.29
C VAL D 324 -12.89 15.74 -23.63
N GLU D 325 -13.66 15.09 -22.76
CA GLU D 325 -15.15 15.00 -22.91
C GLU D 325 -15.78 16.39 -23.01
N ARG D 326 -16.75 16.57 -23.91
CA ARG D 326 -17.53 17.82 -24.00
C ARG D 326 -18.42 17.97 -22.79
N PHE D 327 -18.83 16.85 -22.22
CA PHE D 327 -19.76 16.86 -21.10
C PHE D 327 -19.22 16.16 -19.88
N PRO D 328 -18.46 16.89 -19.06
CA PRO D 328 -17.87 16.33 -17.85
C PRO D 328 -18.92 15.57 -17.04
N PHE D 329 -20.15 16.08 -17.04
CA PHE D 329 -21.23 15.45 -16.30
C PHE D 329 -21.99 14.37 -17.10
N VAL D 330 -21.73 14.26 -18.41
CA VAL D 330 -22.44 13.32 -19.27
C VAL D 330 -21.49 12.50 -20.12
N PRO D 331 -21.11 11.31 -19.63
CA PRO D 331 -20.19 10.43 -20.37
C PRO D 331 -20.71 10.09 -21.77
N ALA D 332 -19.83 10.14 -22.76
CA ALA D 332 -20.19 9.79 -24.13
C ALA D 332 -20.38 8.27 -24.34
N ASP D 333 -19.66 7.46 -23.56
CA ASP D 333 -19.86 6.03 -23.61
C ASP D 333 -21.22 5.61 -23.09
N PRO D 334 -22.03 5.00 -23.96
CA PRO D 334 -23.40 4.63 -23.62
C PRO D 334 -23.54 3.68 -22.41
N GLN D 335 -22.63 2.71 -22.22
CA GLN D 335 -22.72 1.83 -21.04
C GLN D 335 -22.58 2.71 -19.80
N ARG D 336 -21.57 3.58 -19.82
CA ARG D 336 -21.29 4.42 -18.66
C ARG D 336 -22.41 5.43 -18.43
N LEU D 337 -22.91 6.07 -19.49
CA LEU D 337 -23.97 7.08 -19.35
C LEU D 337 -25.15 6.43 -18.69
N GLN D 338 -25.50 5.25 -19.18
CA GLN D 338 -26.53 4.43 -18.55
C GLN D 338 -26.28 4.20 -17.04
N GLN D 339 -25.08 3.73 -16.68
CA GLN D 339 -24.75 3.56 -15.26
C GLN D 339 -24.96 4.84 -14.47
N ASP D 340 -24.50 5.96 -15.04
CA ASP D 340 -24.61 7.26 -14.36
C ASP D 340 -26.08 7.67 -14.10
N CYS D 341 -26.93 7.46 -15.11
CA CYS D 341 -28.34 7.79 -15.01
C CYS D 341 -29.03 6.94 -13.96
N TYR D 342 -28.84 5.63 -14.05
CA TYR D 342 -29.28 4.73 -12.99
C TYR D 342 -28.94 5.29 -11.60
N GLU D 343 -27.67 5.64 -11.39
CA GLU D 343 -27.23 6.12 -10.06
C GLU D 343 -27.86 7.47 -9.69
N ALA D 344 -27.77 8.47 -10.58
CA ALA D 344 -28.42 9.77 -10.36
C ALA D 344 -29.87 9.61 -9.93
N TYR D 345 -30.64 8.84 -10.67
CA TYR D 345 -32.05 8.69 -10.41
C TYR D 345 -32.29 8.10 -9.05
N ASN D 346 -31.57 7.02 -8.74
CA ASN D 346 -31.75 6.34 -7.45
C ASN D 346 -31.34 7.16 -6.26
N ILE D 347 -30.35 8.03 -6.49
CA ILE D 347 -29.86 8.96 -5.50
C ILE D 347 -30.98 9.97 -5.18
N GLN D 348 -31.47 10.62 -6.24
CA GLN D 348 -32.59 11.53 -6.13
C GLN D 348 -33.77 10.92 -5.38
N VAL D 349 -34.22 9.75 -5.82
CA VAL D 349 -35.35 9.09 -5.16
C VAL D 349 -35.10 8.74 -3.68
N SER D 350 -34.02 8.03 -3.39
CA SER D 350 -33.78 7.62 -2.01
C SER D 350 -33.51 8.80 -1.09
N GLY D 351 -32.98 9.87 -1.65
CA GLY D 351 -32.90 11.12 -0.93
C GLY D 351 -34.27 11.63 -0.50
N LEU D 352 -35.21 11.59 -1.42
CA LEU D 352 -36.54 12.09 -1.17
C LEU D 352 -37.30 11.12 -0.27
N GLU D 353 -37.10 9.82 -0.49
CA GLU D 353 -37.78 8.80 0.36
C GLU D 353 -37.54 9.03 1.87
N GLN D 354 -36.29 9.35 2.20
CA GLN D 354 -35.89 9.44 3.59
C GLN D 354 -36.52 10.68 4.21
N ARG D 355 -36.56 11.74 3.42
CA ARG D 355 -37.26 12.93 3.86
C ARG D 355 -38.71 12.64 4.21
N LEU D 356 -39.42 11.98 3.29
CA LEU D 356 -40.82 11.63 3.50
C LEU D 356 -41.00 10.70 4.69
N ARG D 357 -40.09 9.76 4.87
CA ARG D 357 -40.23 8.81 5.96
C ARG D 357 -40.19 9.57 7.24
N ALA D 358 -39.32 10.58 7.29
CA ALA D 358 -39.03 11.29 8.54
C ALA D 358 -40.16 12.24 8.86
N LEU D 359 -40.85 12.70 7.81
CA LEU D 359 -41.96 13.63 8.00
C LEU D 359 -43.27 12.85 8.10
N ASP D 360 -43.17 11.58 8.45
CA ASP D 360 -44.35 10.71 8.49
C ASP D 360 -45.27 10.79 7.22
N TYR D 361 -44.67 10.91 6.05
CA TYR D 361 -45.35 10.86 4.73
C TYR D 361 -46.30 12.02 4.48
N PRO D 362 -45.75 13.24 4.40
CA PRO D 362 -46.56 14.40 4.04
C PRO D 362 -46.96 14.26 2.59
N LYS D 363 -47.87 15.13 2.11
CA LYS D 363 -48.14 15.22 0.69
C LYS D 363 -46.99 15.95 0.03
N VAL D 364 -46.83 15.77 -1.28
CA VAL D 364 -45.77 16.41 -2.01
C VAL D 364 -46.39 17.49 -2.90
N VAL D 365 -46.03 18.75 -2.63
CA VAL D 365 -46.50 19.86 -3.46
C VAL D 365 -45.43 20.25 -4.46
N ILE D 366 -45.79 20.30 -5.75
CA ILE D 366 -44.83 20.64 -6.79
C ILE D 366 -45.47 21.45 -7.91
N GLY D 367 -44.79 22.53 -8.29
CA GLY D 367 -45.22 23.35 -9.40
C GLY D 367 -44.73 22.76 -10.70
N VAL D 368 -45.65 22.38 -11.60
CA VAL D 368 -45.29 21.77 -12.90
C VAL D 368 -45.55 22.70 -14.06
N SER D 369 -44.48 23.06 -14.78
CA SER D 369 -44.57 24.06 -15.82
C SER D 369 -44.45 23.40 -17.17
N GLY D 370 -44.26 22.08 -17.19
CA GLY D 370 -43.98 21.39 -18.42
C GLY D 370 -42.53 21.50 -18.87
N GLY D 371 -41.69 22.14 -18.06
CA GLY D 371 -40.28 22.26 -18.39
C GLY D 371 -39.48 21.01 -18.03
N LEU D 372 -38.23 20.94 -18.47
CA LEU D 372 -37.42 19.76 -18.16
C LEU D 372 -37.30 19.52 -16.65
N ASP D 373 -36.90 20.55 -15.90
CA ASP D 373 -36.64 20.35 -14.48
C ASP D 373 -37.84 19.82 -13.70
N SER D 374 -38.97 20.49 -13.88
CA SER D 374 -40.19 20.16 -13.12
C SER D 374 -40.75 18.80 -13.52
N THR D 375 -40.63 18.45 -14.80
CA THR D 375 -41.03 17.15 -15.28
C THR D 375 -40.23 16.06 -14.57
N HIS D 376 -38.91 16.13 -14.68
CA HIS D 376 -38.08 15.13 -14.04
C HIS D 376 -38.40 14.99 -12.55
N ALA D 377 -38.57 16.12 -11.86
CA ALA D 377 -38.87 16.12 -10.43
C ALA D 377 -40.15 15.36 -10.12
N LEU D 378 -41.20 15.63 -10.89
CA LEU D 378 -42.48 14.90 -10.79
C LEU D 378 -42.28 13.40 -10.84
N ILE D 379 -41.50 12.94 -11.84
CA ILE D 379 -41.19 11.53 -12.01
C ILE D 379 -40.46 11.00 -10.76
N VAL D 380 -39.48 11.76 -10.30
CA VAL D 380 -38.74 11.37 -9.11
C VAL D 380 -39.68 11.21 -7.92
N ALA D 381 -40.53 12.20 -7.74
CA ALA D 381 -41.51 12.17 -6.67
C ALA D 381 -42.44 10.93 -6.76
N THR D 382 -42.83 10.56 -7.98
CA THR D 382 -43.75 9.47 -8.17
C THR D 382 -43.08 8.17 -7.76
N HIS D 383 -41.85 7.98 -8.21
CA HIS D 383 -41.14 6.77 -7.87
C HIS D 383 -40.92 6.64 -6.38
N ALA D 384 -40.61 7.76 -5.72
CA ALA D 384 -40.44 7.79 -4.28
C ALA D 384 -41.68 7.26 -3.60
N MET D 385 -42.80 7.85 -3.98
CA MET D 385 -44.10 7.48 -3.44
C MET D 385 -44.46 6.03 -3.71
N ASP D 386 -44.21 5.56 -4.92
CA ASP D 386 -44.35 4.15 -5.23
C ASP D 386 -43.53 3.25 -4.27
N ARG D 387 -42.22 3.42 -4.26
CA ARG D 387 -41.35 2.64 -3.39
C ARG D 387 -41.78 2.66 -1.93
N GLU D 388 -42.35 3.77 -1.48
CA GLU D 388 -42.78 3.88 -0.04
C GLU D 388 -44.23 3.45 0.19
N GLY D 389 -44.84 2.85 -0.83
CA GLY D 389 -46.21 2.40 -0.72
C GLY D 389 -47.19 3.52 -0.42
N ARG D 390 -46.97 4.67 -1.04
CA ARG D 390 -47.86 5.82 -0.89
C ARG D 390 -48.74 6.03 -2.13
N PRO D 391 -50.00 6.41 -1.92
CA PRO D 391 -50.90 6.66 -3.05
C PRO D 391 -50.35 7.82 -3.89
N ARG D 392 -50.36 7.69 -5.22
CA ARG D 392 -49.90 8.80 -6.05
C ARG D 392 -50.74 10.08 -5.91
N SER D 393 -51.98 9.91 -5.46
CA SER D 393 -52.88 11.03 -5.27
C SER D 393 -52.41 11.93 -4.11
N ASP D 394 -51.31 11.57 -3.47
CA ASP D 394 -50.76 12.39 -2.38
C ASP D 394 -49.72 13.37 -2.91
N ILE D 395 -49.33 13.18 -4.16
CA ILE D 395 -48.54 14.15 -4.89
C ILE D 395 -49.50 15.18 -5.43
N LEU D 396 -49.31 16.44 -5.05
CA LEU D 396 -50.20 17.53 -5.49
C LEU D 396 -49.54 18.45 -6.51
N ALA D 397 -49.76 18.17 -7.80
CA ALA D 397 -49.14 18.95 -8.86
C ALA D 397 -49.95 20.21 -9.21
N PHE D 398 -49.25 21.30 -9.51
CA PHE D 398 -49.94 22.56 -9.83
C PHE D 398 -49.39 23.28 -11.03
N ALA D 399 -50.30 23.65 -11.92
CA ALA D 399 -49.99 24.58 -12.98
C ALA D 399 -50.34 25.93 -12.42
N LEU D 400 -49.44 26.89 -12.60
CA LEU D 400 -49.59 28.23 -12.00
C LEU D 400 -49.44 29.31 -13.06
N PRO D 401 -50.39 29.38 -14.00
CA PRO D 401 -50.38 30.30 -15.14
C PRO D 401 -50.24 31.78 -14.73
N GLY D 402 -49.39 32.50 -15.47
CA GLY D 402 -49.13 33.89 -15.15
C GLY D 402 -49.73 34.94 -16.08
N PHE D 403 -48.83 35.77 -16.63
CA PHE D 403 -49.23 37.02 -17.28
C PHE D 403 -50.17 37.85 -16.34
N LYS D 410 -46.28 22.42 -21.34
CA LYS D 410 -47.32 23.23 -20.69
C LYS D 410 -48.62 22.42 -20.54
N ASN D 411 -49.19 22.00 -21.68
CA ASN D 411 -50.19 20.95 -21.66
C ASN D 411 -49.49 19.63 -21.43
N ASN D 412 -48.21 19.59 -21.80
CA ASN D 412 -47.34 18.49 -21.40
C ASN D 412 -47.49 18.27 -19.91
N ALA D 413 -47.60 19.38 -19.16
CA ALA D 413 -47.67 19.31 -17.72
C ALA D 413 -48.92 18.58 -17.22
N ILE D 414 -50.11 19.06 -17.60
CA ILE D 414 -51.34 18.36 -17.21
C ILE D 414 -51.44 16.93 -17.78
N LYS D 415 -50.94 16.76 -19.01
CA LYS D 415 -50.92 15.44 -19.66
C LYS D 415 -50.11 14.45 -18.84
N LEU D 416 -48.96 14.92 -18.33
CA LEU D 416 -48.05 14.06 -17.60
C LEU D 416 -48.69 13.69 -16.29
N ALA D 417 -49.23 14.70 -15.62
CA ALA D 417 -49.78 14.54 -14.28
C ALA D 417 -50.96 13.58 -14.35
N ARG D 418 -51.68 13.68 -15.45
CA ARG D 418 -52.86 12.88 -15.64
C ARG D 418 -52.52 11.42 -15.95
N ALA D 419 -51.56 11.22 -16.87
CA ALA D 419 -51.03 9.88 -17.19
C ALA D 419 -50.43 9.19 -15.97
N LEU D 420 -49.72 9.97 -15.13
CA LEU D 420 -49.11 9.50 -13.90
C LEU D 420 -50.18 9.18 -12.88
N GLY D 421 -51.26 9.96 -12.88
CA GLY D 421 -52.36 9.77 -11.95
C GLY D 421 -52.19 10.39 -10.58
N VAL D 422 -51.40 11.48 -10.52
CA VAL D 422 -51.26 12.32 -9.33
C VAL D 422 -52.43 13.31 -9.27
N THR D 423 -52.58 14.04 -8.19
CA THR D 423 -53.63 15.04 -8.12
C THR D 423 -53.21 16.34 -8.81
N PHE D 424 -53.95 16.74 -9.85
CA PHE D 424 -53.59 17.93 -10.62
C PHE D 424 -54.57 19.04 -10.43
N SER D 425 -54.05 20.25 -10.44
CA SER D 425 -54.86 21.41 -10.14
C SER D 425 -54.29 22.66 -10.80
N GLU D 426 -55.17 23.55 -11.22
CA GLU D 426 -54.67 24.84 -11.77
C GLU D 426 -55.01 26.00 -10.85
N ILE D 427 -54.09 26.96 -10.76
CA ILE D 427 -54.32 28.17 -10.00
C ILE D 427 -53.67 29.32 -10.74
N ASP D 428 -54.52 30.23 -11.20
CA ASP D 428 -54.05 31.39 -11.94
C ASP D 428 -53.57 32.40 -10.92
N ILE D 429 -52.30 32.77 -11.00
CA ILE D 429 -51.71 33.73 -10.06
C ILE D 429 -51.80 35.16 -10.58
N GLY D 430 -52.33 35.33 -11.78
CA GLY D 430 -52.31 36.60 -12.46
C GLY D 430 -52.96 37.73 -11.68
N ASP D 431 -54.12 37.47 -11.07
CA ASP D 431 -54.84 38.55 -10.37
C ASP D 431 -54.10 38.93 -9.13
N THR D 432 -53.52 37.94 -8.46
CA THR D 432 -52.81 38.21 -7.23
C THR D 432 -51.56 39.01 -7.56
N ALA D 433 -50.92 38.67 -8.68
CA ALA D 433 -49.82 39.46 -9.20
C ALA D 433 -50.23 40.91 -9.48
N ARG D 434 -51.30 41.12 -10.23
CA ARG D 434 -51.77 42.46 -10.57
C ARG D 434 -51.94 43.24 -9.28
N LEU D 435 -52.61 42.60 -8.33
CA LEU D 435 -52.91 43.25 -7.04
C LEU D 435 -51.62 43.65 -6.36
N MET D 436 -50.68 42.75 -6.37
CA MET D 436 -49.35 43.05 -5.83
C MET D 436 -48.62 44.16 -6.61
N LEU D 437 -48.56 44.05 -7.94
CA LEU D 437 -47.87 45.07 -8.74
C LEU D 437 -48.46 46.45 -8.48
N HIS D 438 -49.78 46.49 -8.30
CA HIS D 438 -50.41 47.77 -8.11
C HIS D 438 -50.11 48.32 -6.71
N THR D 439 -50.15 47.45 -5.72
CA THR D 439 -49.93 47.88 -4.34
C THR D 439 -48.51 48.45 -4.14
N ILE D 440 -47.58 48.03 -4.99
CA ILE D 440 -46.18 48.45 -4.93
C ILE D 440 -45.89 49.62 -5.86
N GLY D 441 -46.90 50.02 -6.62
CA GLY D 441 -46.72 51.12 -7.55
C GLY D 441 -45.90 50.82 -8.79
N HIS D 442 -46.00 49.60 -9.33
CA HIS D 442 -45.25 49.28 -10.55
C HIS D 442 -45.95 49.77 -11.83
N VAL D 453 -38.08 42.91 -14.57
CA VAL D 453 -37.45 42.09 -13.52
C VAL D 453 -38.32 41.96 -12.22
N THR D 454 -38.72 43.10 -11.66
CA THR D 454 -39.65 43.13 -10.53
C THR D 454 -40.94 42.42 -10.96
N PHE D 455 -41.41 42.82 -12.14
CA PHE D 455 -42.58 42.22 -12.75
C PHE D 455 -42.45 40.69 -13.04
N GLU D 456 -41.26 40.25 -13.41
CA GLU D 456 -41.02 38.80 -13.53
C GLU D 456 -40.91 38.13 -12.14
N ASN D 457 -40.32 38.86 -11.18
CA ASN D 457 -40.12 38.32 -9.84
C ASN D 457 -41.43 38.23 -9.05
N VAL D 458 -42.30 39.22 -9.24
CA VAL D 458 -43.63 39.14 -8.64
C VAL D 458 -44.36 37.83 -8.96
N GLN D 459 -44.38 37.45 -10.23
CA GLN D 459 -44.93 36.15 -10.62
C GLN D 459 -44.17 34.96 -10.07
N ALA D 460 -42.84 35.02 -10.14
CA ALA D 460 -42.03 33.89 -9.69
C ALA D 460 -42.21 33.72 -8.19
N GLY D 461 -42.16 34.82 -7.48
CA GLY D 461 -42.37 34.80 -6.05
C GLY D 461 -43.74 34.28 -5.68
N LEU D 462 -44.78 34.78 -6.35
CA LEU D 462 -46.13 34.35 -6.04
C LEU D 462 -46.36 32.85 -6.23
N ARG D 463 -45.76 32.27 -7.26
CA ARG D 463 -45.81 30.83 -7.41
C ARG D 463 -45.33 30.11 -6.15
N THR D 464 -44.17 30.52 -5.63
CA THR D 464 -43.58 29.84 -4.48
C THR D 464 -44.41 30.15 -3.26
N ASP D 465 -44.84 31.39 -3.16
CA ASP D 465 -45.66 31.79 -2.03
C ASP D 465 -46.89 30.87 -1.98
N TYR D 466 -47.61 30.76 -3.10
CA TYR D 466 -48.80 29.91 -3.16
C TYR D 466 -48.46 28.50 -2.78
N LEU D 467 -47.46 27.91 -3.43
CA LEU D 467 -47.09 26.54 -3.15
C LEU D 467 -46.82 26.31 -1.65
N PHE D 468 -46.15 27.26 -0.99
CA PHE D 468 -45.81 27.09 0.42
C PHE D 468 -47.06 27.11 1.25
N ARG D 469 -47.98 28.02 0.92
CA ARG D 469 -49.25 28.13 1.64
C ARG D 469 -50.14 26.92 1.45
N ILE D 470 -50.15 26.37 0.24
CA ILE D 470 -50.89 25.15 -0.03
C ILE D 470 -50.31 24.03 0.82
N ALA D 471 -48.98 23.95 0.85
CA ALA D 471 -48.29 22.94 1.65
C ALA D 471 -48.66 23.07 3.13
N ASN D 472 -48.68 24.29 3.65
CA ASN D 472 -49.15 24.51 5.02
C ASN D 472 -50.59 24.00 5.19
N GLN D 473 -51.41 24.24 4.18
CA GLN D 473 -52.82 23.99 4.27
C GLN D 473 -53.12 22.50 4.14
N ARG D 474 -52.45 21.87 3.20
CA ARG D 474 -52.84 20.53 2.82
C ARG D 474 -51.94 19.45 3.43
N GLY D 475 -51.07 19.87 4.34
CA GLY D 475 -50.15 19.00 5.06
C GLY D 475 -49.09 18.37 4.19
N GLY D 476 -48.39 19.19 3.40
CA GLY D 476 -47.37 18.70 2.48
C GLY D 476 -46.10 19.51 2.58
N ILE D 477 -45.07 19.12 1.82
CA ILE D 477 -43.85 19.91 1.69
C ILE D 477 -43.72 20.35 0.23
N VAL D 478 -43.04 21.46 -0.02
CA VAL D 478 -42.86 21.89 -1.40
C VAL D 478 -41.58 21.34 -1.99
N LEU D 479 -41.72 20.60 -3.08
CA LEU D 479 -40.56 20.04 -3.77
C LEU D 479 -39.83 21.10 -4.57
N GLY D 480 -38.53 21.20 -4.36
CA GLY D 480 -37.76 22.16 -5.11
C GLY D 480 -37.52 21.54 -6.45
N THR D 481 -37.11 22.38 -7.39
CA THR D 481 -37.10 21.96 -8.75
C THR D 481 -35.85 22.38 -9.50
N GLY D 482 -35.20 23.43 -9.03
CA GLY D 482 -34.01 23.98 -9.67
C GLY D 482 -32.80 23.05 -9.70
N ASP D 483 -32.05 23.13 -10.80
CA ASP D 483 -30.95 22.22 -11.03
C ASP D 483 -29.59 22.85 -10.67
N LEU D 484 -28.54 22.02 -10.65
CA LEU D 484 -27.21 22.45 -10.21
C LEU D 484 -26.65 23.58 -11.05
N SER D 485 -27.00 23.62 -12.32
CA SER D 485 -26.45 24.61 -13.23
C SER D 485 -27.00 25.96 -12.89
N GLU D 486 -28.27 25.95 -12.52
CA GLU D 486 -28.96 27.20 -12.08
C GLU D 486 -28.40 27.67 -10.73
N LEU D 487 -28.11 26.75 -9.83
CA LEU D 487 -27.46 27.06 -8.58
C LEU D 487 -26.09 27.68 -8.82
N ALA D 488 -25.40 27.18 -9.82
CA ALA D 488 -24.08 27.67 -10.13
C ALA D 488 -24.08 29.10 -10.63
N LEU D 489 -25.05 29.46 -11.47
CA LEU D 489 -25.02 30.78 -12.10
C LEU D 489 -25.88 31.78 -11.35
N GLY D 490 -26.56 31.31 -10.31
CA GLY D 490 -27.52 32.13 -9.59
C GLY D 490 -28.68 32.54 -10.48
N TRP D 491 -29.09 31.63 -11.36
CA TRP D 491 -30.22 31.82 -12.25
C TRP D 491 -31.46 31.25 -11.59
N SER D 492 -32.10 32.06 -10.75
CA SER D 492 -33.23 31.66 -9.95
C SER D 492 -33.66 32.87 -9.15
N THR D 493 -34.89 32.87 -8.67
CA THR D 493 -35.38 33.96 -7.87
C THR D 493 -35.18 33.60 -6.40
N TYR D 494 -34.40 34.42 -5.69
CA TYR D 494 -33.94 34.06 -4.36
C TYR D 494 -34.96 34.46 -3.31
N GLY D 495 -35.17 33.55 -2.35
CA GLY D 495 -35.96 33.84 -1.16
C GLY D 495 -37.40 33.42 -1.28
N VAL D 496 -38.25 34.34 -1.69
CA VAL D 496 -39.55 33.96 -2.19
C VAL D 496 -39.36 33.85 -3.71
N GLY D 497 -39.38 32.61 -4.20
CA GLY D 497 -38.99 32.34 -5.57
C GLY D 497 -38.55 30.92 -5.65
N ASP D 498 -38.31 30.46 -6.87
CA ASP D 498 -38.00 29.05 -7.18
C ASP D 498 -36.71 28.55 -6.54
N GLN D 499 -35.90 29.45 -5.98
CA GLN D 499 -34.75 29.00 -5.26
C GLN D 499 -35.14 28.28 -3.97
N MET D 500 -36.32 28.61 -3.42
CA MET D 500 -36.66 28.19 -2.05
C MET D 500 -37.58 26.98 -2.07
N SER D 501 -37.46 26.03 -1.14
CA SER D 501 -38.37 24.89 -1.08
C SER D 501 -38.14 24.12 0.21
N HIS D 502 -38.78 22.98 0.38
CA HIS D 502 -38.54 22.16 1.58
C HIS D 502 -37.57 21.02 1.35
N TYR D 503 -37.45 20.62 0.08
CA TYR D 503 -36.53 19.58 -0.36
C TYR D 503 -36.33 19.69 -1.87
N ASN D 504 -35.09 19.85 -2.32
CA ASN D 504 -34.82 19.97 -3.75
C ASN D 504 -34.11 18.73 -4.33
N VAL D 505 -34.86 17.87 -5.00
CA VAL D 505 -34.25 16.67 -5.58
C VAL D 505 -33.34 16.96 -6.77
N ASN D 506 -33.44 18.16 -7.35
CA ASN D 506 -32.65 18.49 -8.54
C ASN D 506 -31.37 19.27 -8.25
N ALA D 507 -31.19 19.68 -7.01
CA ALA D 507 -30.09 20.55 -6.63
C ALA D 507 -28.67 20.06 -7.09
N GLY D 508 -28.48 18.74 -7.14
CA GLY D 508 -27.18 18.19 -7.48
C GLY D 508 -27.07 17.74 -8.90
N VAL D 509 -28.15 17.88 -9.66
CA VAL D 509 -28.15 17.42 -11.06
C VAL D 509 -27.93 18.58 -12.01
N PRO D 510 -26.85 18.56 -12.75
CA PRO D 510 -26.66 19.68 -13.67
C PRO D 510 -27.58 19.57 -14.87
N LYS D 511 -27.84 20.70 -15.49
CA LYS D 511 -28.78 20.73 -16.61
C LYS D 511 -28.43 19.78 -17.76
N THR D 512 -27.15 19.69 -18.12
CA THR D 512 -26.74 18.80 -19.21
C THR D 512 -27.14 17.34 -18.96
N LEU D 513 -27.19 16.91 -17.70
CA LEU D 513 -27.55 15.53 -17.36
C LEU D 513 -29.05 15.30 -17.32
N ILE D 514 -29.83 16.34 -16.99
CA ILE D 514 -31.29 16.20 -16.83
C ILE D 514 -31.96 15.57 -18.05
N GLN D 515 -31.74 16.14 -19.23
CA GLN D 515 -32.34 15.55 -20.43
C GLN D 515 -32.02 14.04 -20.56
N HIS D 516 -30.85 13.62 -20.04
CA HIS D 516 -30.43 12.23 -20.17
C HIS D 516 -31.10 11.32 -19.15
N LEU D 517 -31.42 11.88 -18.00
CA LEU D 517 -32.20 11.14 -17.01
C LEU D 517 -33.61 10.92 -17.53
N ILE D 518 -34.15 11.94 -18.19
CA ILE D 518 -35.50 11.80 -18.72
C ILE D 518 -35.54 10.65 -19.75
N ARG D 519 -34.59 10.60 -20.68
CA ARG D 519 -34.53 9.47 -21.61
C ARG D 519 -34.35 8.15 -20.89
N TRP D 520 -33.42 8.11 -19.94
CA TRP D 520 -33.21 6.89 -19.18
C TRP D 520 -34.55 6.35 -18.66
N VAL D 521 -35.38 7.25 -18.13
CA VAL D 521 -36.65 6.86 -17.54
C VAL D 521 -37.66 6.41 -18.61
N ILE D 522 -37.60 7.05 -19.77
CA ILE D 522 -38.32 6.56 -20.93
C ILE D 522 -37.84 5.17 -21.33
N SER D 523 -36.54 5.06 -21.63
CA SER D 523 -35.94 3.83 -22.16
C SER D 523 -36.19 2.66 -21.25
N ALA D 524 -36.17 2.88 -19.94
CA ALA D 524 -36.44 1.79 -19.00
C ALA D 524 -37.91 1.40 -19.07
N GLY D 525 -38.77 2.40 -19.25
CA GLY D 525 -40.19 2.20 -19.48
C GLY D 525 -41.03 1.72 -18.30
N GLU D 526 -40.55 1.96 -17.07
CA GLU D 526 -41.19 1.40 -15.84
C GLU D 526 -42.55 2.05 -15.61
N PHE D 527 -42.69 3.32 -15.99
CA PHE D 527 -43.98 4.00 -15.97
C PHE D 527 -44.50 3.69 -17.34
N GLY D 528 -45.80 3.52 -17.47
CA GLY D 528 -46.33 2.97 -18.71
C GLY D 528 -45.84 3.56 -20.03
N GLU D 529 -46.38 3.02 -21.10
CA GLU D 529 -46.18 3.53 -22.48
C GLU D 529 -46.77 4.94 -22.66
N LYS D 530 -47.92 5.17 -22.02
CA LYS D 530 -48.55 6.48 -22.08
C LYS D 530 -47.69 7.59 -21.41
N VAL D 531 -47.14 7.29 -20.24
CA VAL D 531 -46.22 8.24 -19.59
C VAL D 531 -45.00 8.53 -20.46
N GLY D 532 -44.38 7.48 -21.00
CA GLY D 532 -43.23 7.68 -21.88
C GLY D 532 -43.51 8.63 -23.02
N GLU D 533 -44.68 8.49 -23.64
CA GLU D 533 -45.07 9.41 -24.74
C GLU D 533 -45.10 10.88 -24.30
N VAL D 534 -45.66 11.17 -23.14
CA VAL D 534 -45.64 12.56 -22.69
C VAL D 534 -44.22 13.03 -22.42
N LEU D 535 -43.42 12.16 -21.78
CA LEU D 535 -42.07 12.51 -21.41
C LEU D 535 -41.30 12.81 -22.67
N GLN D 536 -41.54 11.97 -23.68
CA GLN D 536 -40.90 12.09 -24.98
C GLN D 536 -41.31 13.42 -25.56
N SER D 537 -42.57 13.77 -25.37
CA SER D 537 -43.08 15.05 -25.81
C SER D 537 -42.37 16.20 -25.12
N VAL D 538 -42.23 16.09 -23.80
CA VAL D 538 -41.54 17.14 -23.04
C VAL D 538 -40.17 17.36 -23.63
N LEU D 539 -39.46 16.26 -23.91
CA LEU D 539 -38.13 16.32 -24.50
C LEU D 539 -38.13 17.03 -25.82
N ASP D 540 -38.96 16.55 -26.72
CA ASP D 540 -39.03 17.07 -28.08
C ASP D 540 -39.40 18.55 -28.09
N THR D 541 -40.26 18.94 -27.16
CA THR D 541 -40.71 20.33 -27.04
C THR D 541 -39.64 21.24 -26.42
N GLU D 542 -39.02 20.79 -25.35
CA GLU D 542 -38.05 21.66 -24.61
C GLU D 542 -36.67 21.85 -25.27
N ILE D 543 -36.30 20.99 -26.23
CA ILE D 543 -35.09 21.24 -26.98
C ILE D 543 -35.35 21.68 -28.42
N SER D 558 -33.04 32.25 -21.42
CA SER D 558 -32.14 31.83 -20.33
C SER D 558 -30.68 31.64 -20.78
N GLU D 559 -30.44 30.59 -21.55
CA GLU D 559 -29.15 30.47 -22.28
C GLU D 559 -28.90 31.79 -23.05
N ALA D 560 -29.93 32.62 -23.12
CA ALA D 560 -29.79 33.91 -23.75
C ALA D 560 -28.74 34.83 -23.05
N LYS D 561 -28.89 35.03 -21.73
CA LYS D 561 -28.05 35.95 -20.93
C LYS D 561 -26.92 35.28 -20.15
N VAL D 562 -27.02 33.98 -19.89
CA VAL D 562 -25.96 33.24 -19.18
C VAL D 562 -25.15 32.27 -20.05
N GLY D 563 -25.49 32.17 -21.33
CA GLY D 563 -24.77 31.32 -22.28
C GLY D 563 -25.27 29.89 -22.30
N PRO D 564 -24.74 29.09 -23.23
CA PRO D 564 -25.09 27.67 -23.42
C PRO D 564 -24.73 26.86 -22.19
N PHE D 565 -25.66 26.13 -21.60
CA PHE D 565 -25.38 25.33 -20.44
C PHE D 565 -24.29 24.24 -20.63
N ALA D 566 -24.06 23.86 -21.89
CA ALA D 566 -23.05 22.85 -22.17
C ALA D 566 -21.70 23.47 -21.82
N LEU D 567 -21.55 24.75 -22.07
CA LEU D 567 -20.30 25.43 -21.80
C LEU D 567 -20.17 25.75 -20.33
N GLN D 568 -21.23 26.24 -19.71
CA GLN D 568 -21.18 26.56 -18.27
C GLN D 568 -21.11 25.34 -17.38
N ASP D 569 -21.68 24.21 -17.80
CA ASP D 569 -21.52 22.98 -17.04
C ASP D 569 -20.07 22.45 -17.18
N PHE D 570 -19.48 22.72 -18.33
CA PHE D 570 -18.07 22.37 -18.53
C PHE D 570 -17.22 23.14 -17.54
N SER D 571 -17.38 24.46 -17.52
CA SER D 571 -16.64 25.31 -16.59
C SER D 571 -16.92 24.95 -15.14
N LEU D 572 -18.17 24.69 -14.84
CA LEU D 572 -18.56 24.33 -13.48
C LEU D 572 -17.74 23.14 -12.95
N PHE D 573 -17.63 22.08 -13.75
CA PHE D 573 -16.91 20.89 -13.36
C PHE D 573 -15.42 21.20 -13.07
N GLN D 574 -14.76 21.86 -14.01
CA GLN D 574 -13.38 22.26 -13.81
C GLN D 574 -13.18 23.08 -12.53
N VAL D 575 -14.03 24.08 -12.31
CA VAL D 575 -13.88 24.93 -11.11
C VAL D 575 -14.19 24.18 -9.81
N LEU D 576 -15.32 23.49 -9.79
CA LEU D 576 -15.80 22.87 -8.59
C LEU D 576 -14.99 21.64 -8.20
N ARG D 577 -14.48 20.90 -9.17
CA ARG D 577 -13.72 19.69 -8.82
C ARG D 577 -12.24 19.98 -8.58
N TYR D 578 -11.66 20.84 -9.43
CA TYR D 578 -10.21 21.03 -9.49
C TYR D 578 -9.74 22.42 -9.17
N GLY D 579 -10.63 23.40 -9.24
CA GLY D 579 -10.28 24.78 -9.00
C GLY D 579 -9.32 25.31 -10.05
N PHE D 580 -9.34 24.73 -11.24
CA PHE D 580 -8.47 25.16 -12.34
C PHE D 580 -8.63 26.64 -12.67
N ARG D 581 -7.54 27.32 -12.97
CA ARG D 581 -7.61 28.72 -13.38
C ARG D 581 -8.32 28.87 -14.71
N PRO D 582 -8.89 30.07 -14.96
CA PRO D 582 -9.69 30.30 -16.18
C PRO D 582 -9.02 29.91 -17.52
N SER D 583 -7.76 30.32 -17.73
CA SER D 583 -7.10 29.97 -18.99
C SER D 583 -6.96 28.45 -19.20
N LYS D 584 -6.82 27.70 -18.11
CA LYS D 584 -6.76 26.25 -18.17
C LYS D 584 -8.10 25.69 -18.60
N ILE D 585 -9.16 26.27 -18.02
CA ILE D 585 -10.52 25.88 -18.40
C ILE D 585 -10.80 26.21 -19.88
N ALA D 586 -10.42 27.41 -20.32
CA ALA D 586 -10.57 27.78 -21.72
C ALA D 586 -9.80 26.85 -22.67
N PHE D 587 -8.55 26.52 -22.33
CA PHE D 587 -7.80 25.55 -23.13
C PHE D 587 -8.54 24.22 -23.25
N LEU D 588 -8.97 23.66 -22.13
CA LEU D 588 -9.66 22.39 -22.14
C LEU D 588 -10.96 22.47 -22.97
N ALA D 589 -11.77 23.47 -22.71
CA ALA D 589 -13.06 23.59 -23.36
C ALA D 589 -12.88 23.73 -24.87
N TRP D 590 -11.82 24.45 -25.26
CA TRP D 590 -11.52 24.65 -26.67
C TRP D 590 -11.09 23.36 -27.34
N HIS D 591 -10.23 22.59 -26.68
CA HIS D 591 -9.93 21.27 -27.25
C HIS D 591 -11.16 20.35 -27.34
N ALA D 592 -12.10 20.44 -26.43
CA ALA D 592 -13.26 19.59 -26.49
C ALA D 592 -14.31 20.03 -27.53
N TRP D 593 -14.46 21.34 -27.72
CA TRP D 593 -15.65 21.90 -28.34
C TRP D 593 -15.47 22.64 -29.68
N ASN D 594 -14.25 22.99 -30.03
CA ASN D 594 -14.07 23.85 -31.20
C ASN D 594 -14.41 23.16 -32.51
N ASP D 595 -14.35 21.83 -32.53
CA ASP D 595 -14.53 21.05 -33.75
C ASP D 595 -15.53 19.91 -33.55
N ALA D 596 -16.70 20.06 -34.18
CA ALA D 596 -17.83 19.19 -33.90
C ALA D 596 -17.62 17.76 -34.38
N GLU D 597 -16.75 17.61 -35.36
CA GLU D 597 -16.41 16.26 -35.93
C GLU D 597 -15.43 15.50 -35.04
N ARG D 598 -14.75 16.22 -34.16
CA ARG D 598 -13.77 15.60 -33.28
C ARG D 598 -14.41 15.06 -32.01
N GLY D 599 -13.81 14.01 -31.48
CA GLY D 599 -14.27 13.41 -30.23
C GLY D 599 -15.67 12.83 -30.35
N ASN D 600 -16.23 12.45 -29.22
CA ASN D 600 -17.53 11.82 -29.20
C ASN D 600 -18.63 12.64 -28.57
N TRP D 601 -19.85 12.36 -29.03
CA TRP D 601 -21.03 12.96 -28.47
C TRP D 601 -21.76 11.89 -27.70
N PRO D 602 -22.34 12.26 -26.55
CA PRO D 602 -23.09 11.25 -25.80
C PRO D 602 -24.17 10.85 -26.73
N PRO D 603 -24.91 9.77 -26.43
CA PRO D 603 -26.04 9.42 -27.31
C PRO D 603 -27.13 10.48 -27.26
N GLY D 604 -27.83 10.71 -28.36
CA GLY D 604 -29.00 11.59 -28.35
C GLY D 604 -28.80 12.98 -28.92
N PHE D 605 -27.73 13.15 -29.69
CA PHE D 605 -27.52 14.42 -30.35
C PHE D 605 -27.65 14.30 -31.84
N PRO D 606 -28.85 14.61 -32.37
CA PRO D 606 -28.94 14.58 -33.82
C PRO D 606 -27.98 15.61 -34.42
N LYS D 607 -27.60 15.41 -35.68
CA LYS D 607 -26.52 16.13 -36.30
C LYS D 607 -26.68 17.64 -36.35
N SER D 608 -27.89 18.13 -36.13
CA SER D 608 -28.09 19.60 -36.09
C SER D 608 -27.97 20.19 -34.68
N GLU D 609 -27.89 19.32 -33.69
CA GLU D 609 -27.63 19.78 -32.31
C GLU D 609 -26.17 19.57 -31.91
N ARG D 610 -25.28 19.57 -32.89
CA ARG D 610 -23.88 19.41 -32.58
C ARG D 610 -23.08 20.65 -32.94
N PRO D 611 -23.20 21.69 -32.09
CA PRO D 611 -22.54 22.99 -32.29
C PRO D 611 -21.07 22.87 -32.04
N SER D 612 -20.29 23.73 -32.67
CA SER D 612 -18.92 23.90 -32.26
C SER D 612 -18.75 25.33 -31.76
N TYR D 613 -17.87 25.54 -30.77
CA TYR D 613 -17.66 26.87 -30.21
C TYR D 613 -16.27 27.37 -30.55
N SER D 614 -16.15 28.65 -30.90
CA SER D 614 -14.85 29.26 -31.13
C SER D 614 -14.20 29.65 -29.80
N LEU D 615 -12.94 30.07 -29.83
CA LEU D 615 -12.30 30.51 -28.61
C LEU D 615 -12.99 31.77 -28.16
N ALA D 616 -13.32 32.64 -29.12
CA ALA D 616 -14.00 33.87 -28.75
C ALA D 616 -15.25 33.60 -27.92
N GLU D 617 -16.00 32.58 -28.31
CA GLU D 617 -17.28 32.26 -27.57
C GLU D 617 -17.02 31.65 -26.22
N ILE D 618 -16.04 30.77 -26.17
CA ILE D 618 -15.70 30.08 -24.94
C ILE D 618 -15.18 31.07 -23.92
N ARG D 619 -14.36 32.00 -24.40
CA ARG D 619 -13.83 33.11 -23.59
C ARG D 619 -14.95 33.98 -23.04
N HIS D 620 -15.87 34.36 -23.93
CA HIS D 620 -16.97 35.23 -23.57
C HIS D 620 -17.81 34.67 -22.45
N TRP D 621 -18.21 33.42 -22.61
CA TRP D 621 -19.04 32.74 -21.62
C TRP D 621 -18.32 32.45 -20.33
N LEU D 622 -17.02 32.17 -20.43
CA LEU D 622 -16.17 31.97 -19.26
C LEU D 622 -16.11 33.25 -18.39
N GLN D 623 -15.96 34.43 -19.02
CA GLN D 623 -16.05 35.68 -18.29
C GLN D 623 -17.37 35.78 -17.54
N ILE D 624 -18.48 35.49 -18.21
CA ILE D 624 -19.77 35.51 -17.54
C ILE D 624 -19.74 34.51 -16.39
N PHE D 625 -19.22 33.32 -16.65
CA PHE D 625 -19.17 32.28 -15.61
C PHE D 625 -18.43 32.68 -14.34
N VAL D 626 -17.24 33.22 -14.47
CA VAL D 626 -16.43 33.40 -13.28
C VAL D 626 -17.05 34.53 -12.47
N GLN D 627 -17.53 35.54 -13.19
CA GLN D 627 -18.24 36.63 -12.54
C GLN D 627 -19.44 36.10 -11.79
N ARG D 628 -20.30 35.35 -12.46
CA ARG D 628 -21.50 34.89 -11.79
C ARG D 628 -21.22 33.87 -10.68
N PHE D 629 -20.25 33.01 -10.90
CA PHE D 629 -20.05 31.90 -9.99
C PHE D 629 -19.29 32.32 -8.72
N TYR D 630 -18.25 33.14 -8.87
CA TYR D 630 -17.41 33.45 -7.72
C TYR D 630 -17.94 34.63 -6.90
N SER D 631 -18.67 35.51 -7.58
CA SER D 631 -19.09 36.79 -7.00
C SER D 631 -20.60 36.92 -6.79
N PHE D 632 -21.37 36.96 -7.86
CA PHE D 632 -22.80 37.28 -7.73
C PHE D 632 -23.65 36.23 -7.03
N SER D 633 -23.41 34.96 -7.30
CA SER D 633 -24.43 33.94 -7.04
C SER D 633 -24.32 33.20 -5.72
N GLN D 634 -23.23 33.39 -5.01
CA GLN D 634 -23.06 32.60 -3.81
C GLN D 634 -24.20 32.77 -2.75
N PHE D 635 -24.61 34.01 -2.47
CA PHE D 635 -25.63 34.24 -1.45
C PHE D 635 -26.90 33.40 -1.71
N LYS D 636 -27.22 33.14 -2.97
CA LYS D 636 -28.34 32.25 -3.30
C LYS D 636 -28.12 30.81 -2.85
N ARG D 637 -26.92 30.29 -3.07
CA ARG D 637 -26.54 28.96 -2.60
C ARG D 637 -26.41 28.93 -1.09
N SER D 638 -26.08 30.08 -0.50
CA SER D 638 -25.75 30.14 0.92
C SER D 638 -26.90 29.69 1.82
N ALA D 639 -28.13 29.99 1.39
CA ALA D 639 -29.31 29.57 2.13
C ALA D 639 -30.08 28.56 1.26
N LEU D 640 -29.58 27.32 1.26
CA LEU D 640 -30.08 26.33 0.32
C LEU D 640 -30.83 25.21 1.02
N PRO D 641 -31.99 24.86 0.50
CA PRO D 641 -32.78 23.80 1.13
C PRO D 641 -32.02 22.50 1.02
N ASN D 642 -32.41 21.50 1.82
CA ASN D 642 -31.79 20.18 1.70
C ASN D 642 -32.04 19.45 0.35
N GLY D 643 -31.15 18.52 0.03
CA GLY D 643 -31.19 17.71 -1.19
C GLY D 643 -29.88 16.94 -1.33
N PRO D 644 -29.88 15.83 -2.08
CA PRO D 644 -28.70 14.94 -2.20
C PRO D 644 -27.60 15.32 -3.24
N LYS D 645 -26.32 15.25 -2.83
CA LYS D 645 -25.21 15.26 -3.78
C LYS D 645 -25.41 14.13 -4.82
N VAL D 646 -25.11 14.40 -6.08
CA VAL D 646 -25.28 13.39 -7.10
C VAL D 646 -23.98 13.06 -7.84
N SER D 647 -23.31 14.10 -8.33
CA SER D 647 -22.15 13.95 -9.20
C SER D 647 -20.82 13.89 -8.44
N HIS D 648 -19.95 12.97 -8.83
CA HIS D 648 -18.61 12.98 -8.27
C HIS D 648 -17.95 14.33 -8.56
N GLY D 649 -18.47 15.10 -9.52
CA GLY D 649 -17.91 16.42 -9.79
C GLY D 649 -18.15 17.37 -8.62
N GLY D 650 -19.13 17.04 -7.80
CA GLY D 650 -19.52 17.92 -6.72
C GLY D 650 -20.94 18.42 -6.79
N ALA D 651 -21.45 18.82 -5.65
CA ALA D 651 -22.69 19.57 -5.61
C ALA D 651 -22.37 20.96 -5.05
N LEU D 652 -23.39 21.80 -4.84
CA LEU D 652 -23.10 23.15 -4.45
C LEU D 652 -23.69 23.58 -3.10
N SER D 653 -23.87 22.61 -2.20
CA SER D 653 -24.35 22.86 -0.85
C SER D 653 -23.32 23.59 0.01
N PRO D 654 -23.75 24.66 0.68
CA PRO D 654 -22.80 25.41 1.52
C PRO D 654 -22.50 24.60 2.76
N ARG D 655 -23.21 23.48 2.92
CA ARG D 655 -22.97 22.57 4.03
C ARG D 655 -22.12 21.37 3.59
N GLY D 656 -21.79 21.30 2.29
CA GLY D 656 -20.97 20.22 1.77
C GLY D 656 -19.79 20.70 0.92
N ASP D 657 -19.91 20.59 -0.39
CA ASP D 657 -18.77 20.80 -1.30
C ASP D 657 -18.33 22.22 -1.50
N TRP D 658 -19.20 23.18 -1.29
CA TRP D 658 -18.76 24.50 -1.66
C TRP D 658 -19.00 25.51 -0.55
N ARG D 659 -17.94 25.77 0.24
CA ARG D 659 -17.94 26.80 1.30
C ARG D 659 -17.23 28.03 0.76
N ALA D 660 -17.98 29.13 0.56
CA ALA D 660 -17.37 30.34 0.03
C ALA D 660 -18.13 31.55 0.47
N PRO D 661 -17.48 32.72 0.35
CA PRO D 661 -18.03 34.02 0.78
C PRO D 661 -19.15 34.51 -0.13
N SER D 662 -20.18 35.13 0.46
CA SER D 662 -21.23 35.76 -0.33
C SER D 662 -20.88 37.19 -0.74
N ASP D 663 -19.75 37.71 -0.26
CA ASP D 663 -19.44 39.13 -0.47
C ASP D 663 -18.09 39.42 -1.09
N MET D 664 -17.70 38.57 -2.02
CA MET D 664 -16.38 38.60 -2.66
C MET D 664 -16.50 38.99 -4.13
N SER D 665 -15.59 39.83 -4.60
CA SER D 665 -15.51 40.09 -6.04
C SER D 665 -14.74 39.00 -6.81
N ALA D 666 -14.95 38.93 -8.12
CA ALA D 666 -14.26 38.00 -8.99
C ALA D 666 -13.17 38.67 -9.79
N ARG D 667 -12.69 39.83 -9.35
CA ARG D 667 -11.67 40.54 -10.13
C ARG D 667 -10.51 39.70 -10.65
N ILE D 668 -9.86 38.92 -9.77
CA ILE D 668 -8.63 38.22 -10.20
C ILE D 668 -8.90 37.18 -11.29
N TRP D 669 -10.07 36.55 -11.28
CA TRP D 669 -10.38 35.57 -12.32
C TRP D 669 -10.59 36.26 -13.67
N LEU D 670 -11.36 37.33 -13.66
CA LEU D 670 -11.54 38.16 -14.85
C LEU D 670 -10.19 38.68 -15.34
N ASP D 671 -9.28 39.02 -14.44
CA ASP D 671 -8.03 39.59 -14.90
C ASP D 671 -7.17 38.52 -15.54
N GLN D 672 -7.27 37.30 -15.00
CA GLN D 672 -6.53 36.18 -15.53
C GLN D 672 -6.97 35.91 -16.97
N ILE D 673 -8.26 35.98 -17.22
CA ILE D 673 -8.79 35.72 -18.56
C ILE D 673 -8.26 36.79 -19.50
N ASP D 674 -8.24 38.03 -19.03
CA ASP D 674 -7.71 39.14 -19.81
C ASP D 674 -6.27 38.92 -20.22
N ARG D 675 -5.45 38.54 -19.25
CA ARG D 675 -4.01 38.47 -19.45
C ARG D 675 -3.58 37.21 -20.22
N GLU D 676 -4.35 36.15 -20.08
CA GLU D 676 -3.92 34.79 -20.53
C GLU D 676 -4.66 34.19 -21.74
N VAL D 677 -5.96 34.42 -21.85
CA VAL D 677 -6.74 33.87 -22.94
C VAL D 677 -6.86 34.84 -24.10
N PRO D 678 -6.34 34.44 -25.26
CA PRO D 678 -6.38 35.24 -26.50
C PRO D 678 -7.81 35.67 -26.86
N LYS D 679 -7.92 36.81 -27.53
CA LYS D 679 -9.22 37.42 -27.81
C LYS D 679 -10.18 36.56 -28.64
N GLY D 680 -9.63 35.77 -29.55
CA GLY D 680 -10.40 34.91 -30.42
C GLY D 680 -9.53 33.86 -31.11
#